data_8GPR
#
_entry.id   8GPR
#
_cell.length_a   1.00
_cell.length_b   1.00
_cell.length_c   1.00
_cell.angle_alpha   90.00
_cell.angle_beta   90.00
_cell.angle_gamma   90.00
#
_symmetry.space_group_name_H-M   'P 1'
#
_entity_poly.entity_id   1
_entity_poly.type   'polypeptide(L)'
_entity_poly.pdbx_seq_one_letter_code
;QVLRIGGIFETVENEPVNVEELAFKFAVTSINRNRTLMPNTTLTYDIQRINLFDSFEASRRACDQLALGVAALFGPSHSS
SVSAVQSICNALEVPHIQTRWKHPSVDSRDLFYINLYPDYAAISRAVLDLVLYYNWKTVTVVYEDSTGLIRLQELIKAPS
RYNIKIKIRQLPPANKDAKPLLKEMKKSKEFYVIFDCSHETAAEILKQILFMGMMTEYYHYFFTTLDLFALDLELYRYSG
VNMTGFRLLNIDNPHVSSIIEKWSMERLQAPPRPETGLLDGMMTTEAALMYDAVYMVAIASHRASQLTVSSLQCHRHKPW
RLGPRFMNLIKEARWDGLTGRITFNKTDGLRKDFDLDIISLKEEGTEKASGEVSKHLYKVWKKIGIWNSNSGLNMTDGNR
DRSNNITDSLANRTLIVTTILEEPYVMYRKSDKPLYGNDRFEGYCLDLLKELSNILGFLYDVKLVPDGKYGAQNDKGEWN
GMVKELIDHRADLAVAPLTITYVREKVIDFSKPFMTLGISILYRKPNGTNPGVFSFLNPLSPDIWMYVLLAYLGVSVVLF
VIARFTPYEWYNPHPCNPDSDVVENNFTLLNSFWFGVGALMQQGSELMPKALSTRIVGGIWWFFTLIIISSYTANLAAFL
TVERMESPIDSADDLAKQTKIEYGAVRDGSTMTFFKKSKISTYEKMWAFMSSRQQSALVKNSDEGIQRVLTTDYALLMES
TSIEYVTQRNCNLTQIGGLIDSKGYGVGTPIGSPYRDKITIAILQLQEEGKLHMMKEKWWRGNGCPEEDSKEASALGVEN
IGGIFIVLAAGLVLSVFVAIGEFLYKSRKNNDVEQHYLVPR
;
_entity_poly.pdbx_strand_id   A,B,C,D
#
# COMPACT_ATOMS: atom_id res chain seq x y z
N GLN A 1 -58.33 -44.70 -53.82
CA GLN A 1 -57.94 -45.20 -52.51
C GLN A 1 -57.88 -44.05 -51.50
N VAL A 2 -57.70 -44.40 -50.22
CA VAL A 2 -57.64 -43.44 -49.13
C VAL A 2 -56.41 -43.72 -48.29
N LEU A 3 -55.96 -42.69 -47.58
CA LEU A 3 -54.78 -42.78 -46.73
C LEU A 3 -55.22 -42.90 -45.27
N ARG A 4 -54.43 -43.64 -44.48
CA ARG A 4 -54.73 -43.89 -43.09
C ARG A 4 -53.69 -43.20 -42.20
N ILE A 5 -54.17 -42.41 -41.24
CA ILE A 5 -53.33 -41.72 -40.28
C ILE A 5 -53.88 -41.96 -38.88
N GLY A 6 -53.00 -42.23 -37.94
CA GLY A 6 -53.40 -42.50 -36.57
C GLY A 6 -52.86 -41.44 -35.63
N GLY A 7 -53.66 -41.09 -34.62
CA GLY A 7 -53.25 -40.14 -33.61
C GLY A 7 -53.82 -40.44 -32.25
N ILE A 8 -52.96 -40.52 -31.24
CA ILE A 8 -53.37 -40.83 -29.87
C ILE A 8 -52.88 -39.72 -28.95
N PHE A 9 -53.77 -39.23 -28.08
CA PHE A 9 -53.49 -38.14 -27.16
C PHE A 9 -53.79 -38.59 -25.75
N GLU A 10 -52.92 -38.23 -24.81
CA GLU A 10 -53.10 -38.52 -23.40
C GLU A 10 -53.42 -37.20 -22.69
N THR A 11 -54.65 -37.08 -22.19
CA THR A 11 -55.10 -35.86 -21.56
C THR A 11 -56.14 -36.20 -20.50
N VAL A 12 -56.22 -35.35 -19.47
CA VAL A 12 -57.25 -35.52 -18.45
C VAL A 12 -58.63 -35.35 -19.09
N GLU A 13 -59.58 -36.16 -18.63
CA GLU A 13 -60.90 -36.26 -19.25
C GLU A 13 -62.01 -35.64 -18.42
N ASN A 14 -61.69 -35.01 -17.29
CA ASN A 14 -62.71 -34.45 -16.42
C ASN A 14 -63.10 -33.03 -16.78
N GLU A 15 -62.53 -32.48 -17.86
CA GLU A 15 -62.93 -31.19 -18.42
C GLU A 15 -63.14 -31.39 -19.91
N PRO A 16 -63.63 -30.36 -20.62
CA PRO A 16 -63.70 -30.46 -22.07
C PRO A 16 -62.33 -30.77 -22.68
N VAL A 17 -62.35 -31.61 -23.72
CA VAL A 17 -61.14 -32.20 -24.25
C VAL A 17 -60.25 -31.16 -24.91
N ASN A 18 -59.02 -31.54 -25.23
CA ASN A 18 -58.06 -30.65 -25.85
C ASN A 18 -58.58 -30.15 -27.19
N VAL A 19 -58.17 -28.93 -27.55
CA VAL A 19 -58.67 -28.29 -28.76
C VAL A 19 -57.90 -28.70 -30.01
N GLU A 20 -56.69 -29.25 -29.86
CA GLU A 20 -55.91 -29.63 -31.05
C GLU A 20 -56.51 -30.82 -31.78
N GLU A 21 -57.36 -31.62 -31.14
CA GLU A 21 -58.12 -32.61 -31.87
C GLU A 21 -59.06 -31.93 -32.86
N LEU A 22 -59.72 -30.87 -32.42
CA LEU A 22 -60.58 -30.09 -33.30
C LEU A 22 -59.78 -29.48 -34.45
N ALA A 23 -58.60 -28.93 -34.15
CA ALA A 23 -57.78 -28.33 -35.19
C ALA A 23 -57.30 -29.38 -36.19
N PHE A 24 -56.95 -30.57 -35.70
CA PHE A 24 -56.56 -31.65 -36.60
C PHE A 24 -57.72 -32.06 -37.51
N LYS A 25 -58.91 -32.18 -36.95
CA LYS A 25 -60.07 -32.54 -37.76
C LYS A 25 -60.36 -31.47 -38.81
N PHE A 26 -60.27 -30.20 -38.44
CA PHE A 26 -60.49 -29.15 -39.44
C PHE A 26 -59.39 -29.11 -40.48
N ALA A 27 -58.15 -29.38 -40.10
CA ALA A 27 -57.07 -29.42 -41.06
C ALA A 27 -57.29 -30.54 -42.09
N VAL A 28 -57.64 -31.73 -41.61
CA VAL A 28 -57.85 -32.84 -42.53
C VAL A 28 -59.07 -32.60 -43.40
N THR A 29 -60.14 -32.02 -42.84
CA THR A 29 -61.30 -31.70 -43.66
C THR A 29 -60.95 -30.66 -44.73
N SER A 30 -60.17 -29.65 -44.36
CA SER A 30 -59.79 -28.61 -45.30
C SER A 30 -58.95 -29.18 -46.43
N ILE A 31 -57.99 -30.05 -46.11
CA ILE A 31 -57.19 -30.62 -47.18
C ILE A 31 -58.04 -31.57 -48.02
N ASN A 32 -59.07 -32.18 -47.43
CA ASN A 32 -60.01 -32.97 -48.22
C ASN A 32 -60.81 -32.11 -49.19
N ARG A 33 -61.22 -30.91 -48.75
CA ARG A 33 -61.96 -30.02 -49.65
C ARG A 33 -61.11 -29.60 -50.83
N ASN A 34 -59.85 -29.27 -50.57
CA ASN A 34 -58.95 -28.79 -51.62
C ASN A 34 -58.43 -29.97 -52.44
N ARG A 35 -58.79 -30.00 -53.72
CA ARG A 35 -58.27 -30.98 -54.66
C ARG A 35 -57.09 -30.46 -55.46
N THR A 36 -56.67 -29.21 -55.22
CA THR A 36 -55.49 -28.66 -55.88
C THR A 36 -54.20 -29.30 -55.40
N LEU A 37 -54.25 -30.07 -54.32
CA LEU A 37 -53.08 -30.74 -53.76
C LEU A 37 -52.94 -32.14 -54.35
N MET A 38 -53.95 -32.99 -54.13
CA MET A 38 -53.96 -34.36 -54.61
C MET A 38 -55.40 -34.85 -54.76
N PRO A 39 -55.85 -35.07 -55.99
CA PRO A 39 -57.28 -35.25 -56.23
C PRO A 39 -57.78 -36.68 -56.11
N ASN A 40 -56.94 -37.68 -56.42
CA ASN A 40 -57.39 -39.05 -56.51
C ASN A 40 -57.42 -39.77 -55.18
N THR A 41 -57.01 -39.11 -54.10
CA THR A 41 -57.00 -39.72 -52.77
C THR A 41 -57.54 -38.71 -51.76
N THR A 42 -58.31 -39.22 -50.80
CA THR A 42 -58.84 -38.40 -49.72
C THR A 42 -58.37 -38.97 -48.39
N LEU A 43 -57.89 -38.09 -47.52
CA LEU A 43 -57.32 -38.52 -46.26
C LEU A 43 -58.39 -39.12 -45.35
N THR A 44 -58.02 -40.19 -44.66
CA THR A 44 -58.89 -40.84 -43.68
C THR A 44 -58.10 -41.08 -42.40
N TYR A 45 -58.80 -41.08 -41.28
CA TYR A 45 -58.13 -41.21 -39.99
C TYR A 45 -59.04 -41.94 -39.00
N ASP A 46 -58.42 -42.54 -38.01
CA ASP A 46 -59.11 -43.09 -36.84
C ASP A 46 -58.60 -42.36 -35.61
N ILE A 47 -59.50 -41.67 -34.91
CA ILE A 47 -59.14 -40.88 -33.74
C ILE A 47 -59.43 -41.70 -32.50
N GLN A 48 -58.48 -41.71 -31.57
CA GLN A 48 -58.59 -42.49 -30.35
C GLN A 48 -58.29 -41.59 -29.16
N ARG A 49 -59.13 -41.68 -28.14
CA ARG A 49 -59.00 -40.86 -26.93
C ARG A 49 -58.70 -41.77 -25.75
N ILE A 50 -57.61 -41.50 -25.03
CA ILE A 50 -57.23 -42.29 -23.87
C ILE A 50 -56.87 -41.36 -22.72
N ASN A 51 -57.02 -41.87 -21.51
CA ASN A 51 -56.65 -41.12 -20.31
C ASN A 51 -55.12 -40.99 -20.24
N LEU A 52 -54.68 -39.90 -19.62
CA LEU A 52 -53.25 -39.64 -19.49
C LEU A 52 -52.61 -40.66 -18.56
N PHE A 53 -51.27 -40.62 -18.51
CA PHE A 53 -50.46 -41.56 -17.74
C PHE A 53 -50.65 -42.98 -18.25
N ASP A 54 -50.09 -43.95 -17.51
CA ASP A 54 -50.29 -45.37 -17.77
C ASP A 54 -49.84 -45.74 -19.19
N SER A 55 -48.53 -45.62 -19.40
CA SER A 55 -47.95 -45.93 -20.69
C SER A 55 -48.27 -47.35 -21.17
N PHE A 56 -48.73 -48.22 -20.27
CA PHE A 56 -49.10 -49.57 -20.67
C PHE A 56 -50.32 -49.58 -21.59
N GLU A 57 -51.36 -48.82 -21.23
CA GLU A 57 -52.51 -48.74 -22.13
C GLU A 57 -52.16 -47.99 -23.40
N ALA A 58 -51.21 -47.06 -23.34
CA ALA A 58 -50.72 -46.43 -24.55
C ALA A 58 -50.05 -47.46 -25.45
N SER A 59 -49.29 -48.38 -24.86
CA SER A 59 -48.69 -49.47 -25.63
C SER A 59 -49.77 -50.36 -26.23
N ARG A 60 -50.82 -50.65 -25.47
CA ARG A 60 -51.93 -51.43 -26.01
C ARG A 60 -52.55 -50.73 -27.21
N ARG A 61 -52.76 -49.42 -27.09
CA ARG A 61 -53.32 -48.64 -28.20
C ARG A 61 -52.40 -48.65 -29.41
N ALA A 62 -51.09 -48.54 -29.18
CA ALA A 62 -50.15 -48.57 -30.29
C ALA A 62 -50.17 -49.92 -30.99
N CYS A 63 -50.21 -51.01 -30.22
CA CYS A 63 -50.30 -52.33 -30.82
C CYS A 63 -51.58 -52.46 -31.63
N ASP A 64 -52.69 -51.98 -31.09
CA ASP A 64 -53.96 -52.05 -31.79
C ASP A 64 -53.92 -51.24 -33.09
N GLN A 65 -53.28 -50.07 -33.05
CA GLN A 65 -53.19 -49.23 -34.24
C GLN A 65 -52.32 -49.86 -35.31
N LEU A 66 -51.16 -50.42 -34.92
CA LEU A 66 -50.30 -51.07 -35.89
C LEU A 66 -50.89 -52.37 -36.41
N ALA A 67 -51.82 -52.97 -35.67
CA ALA A 67 -52.60 -54.06 -36.23
C ALA A 67 -53.31 -53.61 -37.50
N LEU A 68 -53.78 -52.37 -37.52
CA LEU A 68 -54.28 -51.76 -38.75
C LEU A 68 -53.14 -51.25 -39.62
N GLY A 69 -52.31 -50.37 -39.04
CA GLY A 69 -51.17 -49.83 -39.77
C GLY A 69 -51.48 -48.54 -40.47
N VAL A 70 -50.76 -47.47 -40.14
CA VAL A 70 -50.99 -46.14 -40.69
C VAL A 70 -49.65 -45.56 -41.15
N ALA A 71 -49.70 -44.32 -41.66
CA ALA A 71 -48.54 -43.69 -42.25
C ALA A 71 -47.73 -42.86 -41.26
N ALA A 72 -48.34 -42.41 -40.17
CA ALA A 72 -47.62 -41.70 -39.11
C ALA A 72 -48.45 -41.75 -37.84
N LEU A 73 -47.82 -41.39 -36.73
CA LEU A 73 -48.46 -41.41 -35.43
C LEU A 73 -48.39 -40.03 -34.78
N PHE A 74 -49.46 -39.65 -34.10
CA PHE A 74 -49.54 -38.40 -33.37
C PHE A 74 -49.62 -38.69 -31.87
N GLY A 75 -48.86 -37.93 -31.09
CA GLY A 75 -48.84 -38.10 -29.65
C GLY A 75 -48.03 -39.31 -29.26
N PRO A 76 -48.06 -39.69 -27.96
CA PRO A 76 -48.75 -39.06 -26.84
C PRO A 76 -48.11 -37.75 -26.38
N SER A 77 -48.77 -37.03 -25.48
CA SER A 77 -48.31 -35.71 -25.04
C SER A 77 -47.45 -35.77 -23.80
N HIS A 78 -47.10 -36.95 -23.30
CA HIS A 78 -46.28 -37.08 -22.10
C HIS A 78 -45.02 -37.87 -22.43
N SER A 79 -43.91 -37.45 -21.82
CA SER A 79 -42.60 -37.95 -22.22
C SER A 79 -42.41 -39.43 -21.92
N SER A 80 -43.11 -39.96 -20.91
CA SER A 80 -42.91 -41.35 -20.52
C SER A 80 -43.29 -42.30 -21.65
N SER A 81 -44.42 -42.03 -22.32
CA SER A 81 -44.88 -42.92 -23.36
C SER A 81 -44.06 -42.76 -24.64
N VAL A 82 -43.67 -41.52 -24.98
CA VAL A 82 -43.03 -41.27 -26.27
C VAL A 82 -41.70 -42.00 -26.38
N SER A 83 -41.03 -42.26 -25.25
CA SER A 83 -39.78 -43.02 -25.31
C SER A 83 -40.01 -44.41 -25.88
N ALA A 84 -40.96 -45.15 -25.30
CA ALA A 84 -41.27 -46.47 -25.81
C ALA A 84 -41.87 -46.41 -27.20
N VAL A 85 -42.63 -45.35 -27.49
CA VAL A 85 -43.23 -45.20 -28.81
C VAL A 85 -42.14 -45.08 -29.87
N GLN A 86 -41.15 -44.24 -29.61
CA GLN A 86 -40.04 -44.09 -30.56
C GLN A 86 -39.22 -45.37 -30.63
N SER A 87 -39.03 -46.05 -29.50
CA SER A 87 -38.28 -47.29 -29.51
C SER A 87 -38.94 -48.33 -30.40
N ILE A 88 -40.26 -48.48 -30.29
CA ILE A 88 -40.95 -49.46 -31.11
C ILE A 88 -41.08 -48.98 -32.55
N CYS A 89 -41.22 -47.67 -32.77
CA CYS A 89 -41.24 -47.15 -34.13
C CYS A 89 -39.94 -47.44 -34.85
N ASN A 90 -38.82 -47.32 -34.14
CA ASN A 90 -37.54 -47.73 -34.70
C ASN A 90 -37.47 -49.24 -34.86
N ALA A 91 -38.02 -49.98 -33.89
CA ALA A 91 -37.93 -51.44 -33.91
C ALA A 91 -38.66 -52.03 -35.11
N LEU A 92 -39.84 -51.51 -35.43
CA LEU A 92 -40.56 -51.91 -36.64
C LEU A 92 -40.23 -51.00 -37.80
N GLU A 93 -39.32 -50.05 -37.60
CA GLU A 93 -38.93 -49.06 -38.60
C GLU A 93 -40.18 -48.30 -39.06
N VAL A 94 -40.70 -47.48 -38.15
CA VAL A 94 -42.02 -46.86 -38.28
C VAL A 94 -41.86 -45.34 -38.18
N PRO A 95 -42.44 -44.58 -39.11
CA PRO A 95 -42.49 -43.13 -38.96
C PRO A 95 -43.26 -42.69 -37.73
N HIS A 96 -42.72 -41.68 -37.06
CA HIS A 96 -43.42 -41.00 -35.97
C HIS A 96 -43.12 -39.50 -36.00
N ILE A 97 -44.16 -38.69 -35.84
CA ILE A 97 -44.06 -37.24 -35.79
C ILE A 97 -44.67 -36.75 -34.50
N GLN A 98 -44.05 -35.75 -33.89
CA GLN A 98 -44.50 -35.19 -32.62
C GLN A 98 -44.60 -33.67 -32.73
N THR A 99 -45.50 -33.10 -31.93
CA THR A 99 -45.82 -31.68 -32.00
C THR A 99 -45.54 -30.96 -30.68
N ARG A 100 -44.63 -31.49 -29.88
CA ARG A 100 -44.28 -30.88 -28.61
C ARG A 100 -42.84 -31.23 -28.28
N TRP A 101 -42.19 -30.35 -27.53
CA TRP A 101 -40.79 -30.56 -27.18
C TRP A 101 -40.67 -31.67 -26.14
N LYS A 102 -39.63 -32.49 -26.28
CA LYS A 102 -39.30 -33.52 -25.31
C LYS A 102 -37.83 -33.43 -24.97
N HIS A 103 -37.44 -34.14 -23.93
CA HIS A 103 -36.02 -34.18 -23.56
C HIS A 103 -35.23 -34.83 -24.68
N PRO A 104 -34.15 -34.20 -25.15
CA PRO A 104 -33.46 -34.70 -26.34
C PRO A 104 -32.72 -35.99 -26.06
N SER A 105 -32.68 -36.86 -27.07
CA SER A 105 -31.93 -38.13 -27.00
C SER A 105 -30.54 -37.88 -27.56
N VAL A 106 -29.66 -37.30 -26.74
CA VAL A 106 -28.30 -37.05 -27.18
C VAL A 106 -27.42 -38.29 -27.04
N ASP A 107 -27.83 -39.27 -26.22
CA ASP A 107 -27.10 -40.52 -26.14
C ASP A 107 -27.16 -41.27 -27.46
N SER A 108 -28.32 -41.28 -28.10
CA SER A 108 -28.48 -41.84 -29.44
C SER A 108 -29.70 -41.20 -30.07
N ARG A 109 -29.48 -40.42 -31.13
CA ARG A 109 -30.57 -39.75 -31.84
C ARG A 109 -31.30 -40.76 -32.72
N ASP A 110 -32.62 -40.86 -32.52
CA ASP A 110 -33.43 -41.73 -33.35
C ASP A 110 -33.61 -41.13 -34.74
N LEU A 111 -33.47 -41.97 -35.76
CA LEU A 111 -33.67 -41.54 -37.14
C LEU A 111 -35.12 -41.22 -37.46
N PHE A 112 -36.06 -41.64 -36.61
CA PHE A 112 -37.48 -41.56 -36.90
C PHE A 112 -38.20 -40.59 -35.98
N TYR A 113 -37.47 -39.65 -35.39
CA TYR A 113 -38.01 -38.75 -34.37
C TYR A 113 -37.97 -37.33 -34.92
N ILE A 114 -39.13 -36.83 -35.36
CA ILE A 114 -39.23 -35.55 -36.04
C ILE A 114 -40.17 -34.65 -35.25
N ASN A 115 -39.61 -33.58 -34.69
CA ASN A 115 -40.36 -32.61 -33.92
C ASN A 115 -40.29 -31.25 -34.59
N LEU A 116 -41.41 -30.53 -34.56
CA LEU A 116 -41.51 -29.18 -35.11
C LEU A 116 -41.75 -28.25 -33.93
N TYR A 117 -40.66 -27.82 -33.30
CA TYR A 117 -40.75 -26.93 -32.16
C TYR A 117 -39.40 -26.27 -31.94
N PRO A 118 -39.36 -24.97 -31.69
CA PRO A 118 -38.07 -24.27 -31.54
C PRO A 118 -37.27 -24.78 -30.36
N ASP A 119 -35.95 -24.78 -30.53
CA ASP A 119 -35.07 -25.26 -29.48
C ASP A 119 -35.01 -24.27 -28.33
N TYR A 120 -34.76 -24.79 -27.13
CA TYR A 120 -34.63 -23.93 -25.96
C TYR A 120 -33.36 -23.12 -26.02
N ALA A 121 -32.26 -23.73 -26.46
CA ALA A 121 -31.04 -22.97 -26.71
C ALA A 121 -31.26 -21.96 -27.83
N ALA A 122 -32.17 -22.24 -28.75
CA ALA A 122 -32.50 -21.26 -29.78
C ALA A 122 -33.08 -20.01 -29.15
N ILE A 123 -34.02 -20.18 -28.22
CA ILE A 123 -34.51 -19.06 -27.44
C ILE A 123 -33.37 -18.42 -26.69
N SER A 124 -32.43 -19.23 -26.20
CA SER A 124 -31.35 -18.67 -25.40
C SER A 124 -30.54 -17.66 -26.18
N ARG A 125 -30.04 -18.04 -27.36
CA ARG A 125 -29.26 -17.07 -28.12
C ARG A 125 -30.12 -16.02 -28.83
N ALA A 126 -31.40 -16.26 -29.07
CA ALA A 126 -32.26 -15.17 -29.52
C ALA A 126 -32.33 -14.07 -28.46
N VAL A 127 -32.56 -14.47 -27.20
CA VAL A 127 -32.66 -13.45 -26.16
C VAL A 127 -31.29 -12.88 -25.83
N LEU A 128 -30.22 -13.67 -26.01
CA LEU A 128 -28.87 -13.09 -25.97
C LEU A 128 -28.74 -11.96 -26.97
N ASP A 129 -29.21 -12.19 -28.20
CA ASP A 129 -29.12 -11.17 -29.23
C ASP A 129 -29.88 -9.91 -28.81
N LEU A 130 -31.09 -10.09 -28.29
CA LEU A 130 -31.89 -8.91 -27.96
C LEU A 130 -31.31 -8.16 -26.75
N VAL A 131 -30.80 -8.88 -25.75
CA VAL A 131 -30.25 -8.19 -24.58
C VAL A 131 -28.96 -7.47 -24.95
N LEU A 132 -28.13 -8.07 -25.82
CA LEU A 132 -26.93 -7.36 -26.24
C LEU A 132 -27.29 -6.16 -27.10
N TYR A 133 -28.39 -6.24 -27.86
CA TYR A 133 -28.90 -5.06 -28.54
C TYR A 133 -29.29 -3.99 -27.54
N TYR A 134 -29.89 -4.39 -26.42
CA TYR A 134 -30.25 -3.47 -25.36
C TYR A 134 -29.10 -3.12 -24.45
N ASN A 135 -27.94 -3.76 -24.62
CA ASN A 135 -26.68 -3.41 -23.96
C ASN A 135 -26.88 -3.11 -22.47
N TRP A 136 -27.31 -4.14 -21.75
CA TRP A 136 -27.54 -4.06 -20.32
C TRP A 136 -26.56 -5.00 -19.61
N LYS A 137 -25.91 -4.48 -18.56
CA LYS A 137 -24.91 -5.24 -17.82
C LYS A 137 -25.42 -5.77 -16.48
N THR A 138 -26.71 -5.61 -16.18
CA THR A 138 -27.27 -6.09 -14.93
C THR A 138 -28.74 -6.41 -15.14
N VAL A 139 -29.07 -7.70 -15.22
CA VAL A 139 -30.43 -8.15 -15.42
C VAL A 139 -30.70 -9.30 -14.45
N THR A 140 -31.96 -9.42 -14.04
CA THR A 140 -32.42 -10.46 -13.14
C THR A 140 -33.39 -11.36 -13.89
N VAL A 141 -33.24 -12.67 -13.71
CA VAL A 141 -34.05 -13.65 -14.42
C VAL A 141 -34.62 -14.64 -13.42
N VAL A 142 -35.82 -15.15 -13.73
CA VAL A 142 -36.50 -16.11 -12.86
C VAL A 142 -37.20 -17.15 -13.73
N TYR A 143 -37.15 -18.41 -13.29
CA TYR A 143 -37.89 -19.50 -13.90
C TYR A 143 -38.64 -20.25 -12.81
N GLU A 144 -39.29 -21.35 -13.20
CA GLU A 144 -40.10 -22.13 -12.29
C GLU A 144 -39.77 -23.62 -12.30
N ASP A 145 -39.07 -24.12 -13.30
CA ASP A 145 -38.90 -25.56 -13.46
C ASP A 145 -37.45 -25.86 -13.80
N SER A 146 -37.04 -27.09 -13.49
CA SER A 146 -35.67 -27.50 -13.73
C SER A 146 -35.27 -27.38 -15.20
N THR A 147 -36.24 -27.44 -16.12
CA THR A 147 -35.98 -27.22 -17.53
C THR A 147 -35.93 -25.74 -17.90
N GLY A 148 -36.17 -24.83 -16.95
CA GLY A 148 -36.10 -23.42 -17.26
C GLY A 148 -34.71 -23.00 -17.69
N LEU A 149 -33.69 -23.56 -17.04
CA LEU A 149 -32.32 -23.28 -17.43
C LEU A 149 -32.03 -23.74 -18.86
N ILE A 150 -32.78 -24.72 -19.35
CA ILE A 150 -32.55 -25.21 -20.69
C ILE A 150 -32.88 -24.15 -21.74
N ARG A 151 -33.88 -23.31 -21.49
CA ARG A 151 -34.08 -22.17 -22.38
C ARG A 151 -33.07 -21.06 -22.14
N LEU A 152 -32.43 -21.02 -20.97
CA LEU A 152 -31.58 -19.91 -20.59
C LEU A 152 -30.15 -20.34 -20.25
N GLN A 153 -29.71 -21.48 -20.77
CA GLN A 153 -28.36 -21.94 -20.45
C GLN A 153 -27.29 -20.99 -20.98
N GLU A 154 -27.46 -20.51 -22.21
CA GLU A 154 -26.44 -19.63 -22.77
C GLU A 154 -26.44 -18.27 -22.08
N LEU A 155 -27.59 -17.87 -21.54
CA LEU A 155 -27.60 -16.71 -20.65
C LEU A 155 -26.74 -16.96 -19.43
N ILE A 156 -26.72 -18.22 -18.97
CA ILE A 156 -25.83 -18.59 -17.88
C ILE A 156 -24.38 -18.52 -18.34
N LYS A 157 -24.12 -18.89 -19.59
CA LYS A 157 -22.77 -18.77 -20.14
C LYS A 157 -22.34 -17.32 -20.35
N ALA A 158 -23.29 -16.41 -20.45
CA ALA A 158 -22.97 -15.02 -20.82
C ALA A 158 -21.85 -14.39 -19.98
N PRO A 159 -21.80 -14.53 -18.66
CA PRO A 159 -20.66 -13.97 -17.92
C PRO A 159 -19.33 -14.56 -18.32
N SER A 160 -19.32 -15.77 -18.89
CA SER A 160 -18.06 -16.44 -19.22
C SER A 160 -17.23 -15.67 -20.25
N ARG A 161 -17.86 -14.81 -21.06
CA ARG A 161 -17.11 -13.96 -21.96
C ARG A 161 -17.57 -12.51 -21.95
N TYR A 162 -18.52 -12.14 -21.08
CA TYR A 162 -19.08 -10.80 -21.06
C TYR A 162 -19.02 -10.25 -19.64
N ASN A 163 -19.31 -8.95 -19.52
CA ASN A 163 -19.31 -8.25 -18.25
C ASN A 163 -20.70 -8.29 -17.60
N ILE A 164 -21.59 -9.13 -18.13
CA ILE A 164 -22.93 -9.24 -17.59
C ILE A 164 -22.89 -9.79 -16.16
N LYS A 165 -23.78 -9.27 -15.32
CA LYS A 165 -24.06 -9.83 -14.01
C LYS A 165 -25.51 -10.31 -14.00
N ILE A 166 -25.72 -11.56 -13.59
CA ILE A 166 -27.01 -12.22 -13.71
C ILE A 166 -27.53 -12.54 -12.31
N LYS A 167 -28.84 -12.38 -12.14
CA LYS A 167 -29.55 -12.66 -10.90
C LYS A 167 -30.62 -13.68 -11.20
N ILE A 168 -30.33 -14.95 -10.94
CA ILE A 168 -31.23 -16.05 -11.23
C ILE A 168 -32.11 -16.28 -10.01
N ARG A 169 -33.42 -16.36 -10.25
CA ARG A 169 -34.39 -16.67 -9.21
C ARG A 169 -35.22 -17.86 -9.67
N GLN A 170 -35.81 -18.57 -8.72
CA GLN A 170 -36.59 -19.76 -9.03
C GLN A 170 -37.98 -19.64 -8.45
N LEU A 171 -38.97 -20.16 -9.19
CA LEU A 171 -40.35 -20.12 -8.74
C LEU A 171 -40.74 -21.50 -8.25
N PRO A 172 -41.00 -21.69 -6.95
CA PRO A 172 -41.46 -22.99 -6.47
C PRO A 172 -42.85 -23.30 -7.02
N PRO A 173 -43.21 -24.58 -7.11
CA PRO A 173 -44.49 -24.93 -7.73
C PRO A 173 -45.67 -24.34 -6.97
N ALA A 174 -46.72 -24.00 -7.73
CA ALA A 174 -47.95 -23.34 -7.30
C ALA A 174 -47.73 -21.83 -7.35
N ASN A 175 -48.79 -21.07 -7.65
CA ASN A 175 -48.67 -19.64 -7.89
C ASN A 175 -48.66 -18.82 -6.61
N LYS A 176 -48.78 -19.46 -5.44
CA LYS A 176 -48.77 -18.75 -4.18
C LYS A 176 -47.37 -18.45 -3.67
N ASP A 177 -46.34 -19.04 -4.28
CA ASP A 177 -44.96 -18.86 -3.82
C ASP A 177 -44.27 -17.66 -4.44
N ALA A 178 -44.93 -16.96 -5.38
CA ALA A 178 -44.33 -15.78 -5.99
C ALA A 178 -44.32 -14.57 -5.06
N LYS A 179 -45.14 -14.59 -4.01
CA LYS A 179 -45.20 -13.44 -3.10
C LYS A 179 -43.88 -13.17 -2.40
N PRO A 180 -43.19 -14.15 -1.79
CA PRO A 180 -41.88 -13.85 -1.19
C PRO A 180 -40.88 -13.32 -2.20
N LEU A 181 -40.91 -13.85 -3.44
CA LEU A 181 -39.96 -13.39 -4.45
C LEU A 181 -40.25 -11.95 -4.85
N LEU A 182 -41.52 -11.60 -4.97
CA LEU A 182 -41.83 -10.21 -5.31
C LEU A 182 -41.51 -9.28 -4.13
N LYS A 183 -41.69 -9.73 -2.90
CA LYS A 183 -41.30 -8.89 -1.77
C LYS A 183 -39.79 -8.68 -1.72
N GLU A 184 -39.01 -9.72 -1.98
CA GLU A 184 -37.56 -9.53 -2.04
C GLU A 184 -37.16 -8.66 -3.22
N MET A 185 -37.95 -8.69 -4.30
CA MET A 185 -37.76 -7.73 -5.37
C MET A 185 -38.02 -6.31 -4.87
N LYS A 186 -38.98 -6.15 -3.96
CA LYS A 186 -39.18 -4.85 -3.32
C LYS A 186 -37.94 -4.45 -2.52
N LYS A 187 -37.43 -5.38 -1.71
CA LYS A 187 -36.28 -5.06 -0.85
C LYS A 187 -35.03 -4.79 -1.68
N SER A 188 -34.77 -5.63 -2.68
CA SER A 188 -33.62 -5.47 -3.54
C SER A 188 -34.07 -4.76 -4.82
N LYS A 189 -33.51 -3.58 -5.07
CA LYS A 189 -34.02 -2.71 -6.13
C LYS A 189 -33.42 -3.13 -7.46
N GLU A 190 -34.25 -3.68 -8.35
CA GLU A 190 -33.89 -3.95 -9.73
C GLU A 190 -35.06 -3.60 -10.63
N PHE A 191 -34.74 -3.29 -11.89
CA PHE A 191 -35.76 -2.93 -12.88
C PHE A 191 -35.67 -3.78 -14.15
N TYR A 192 -34.72 -4.69 -14.23
CA TYR A 192 -34.47 -5.48 -15.44
C TYR A 192 -34.74 -6.94 -15.09
N VAL A 193 -35.96 -7.38 -15.33
CA VAL A 193 -36.40 -8.72 -14.93
C VAL A 193 -36.95 -9.45 -16.15
N ILE A 194 -36.69 -10.75 -16.20
CA ILE A 194 -37.15 -11.62 -17.28
C ILE A 194 -37.89 -12.78 -16.66
N PHE A 195 -39.06 -13.10 -17.21
CA PHE A 195 -39.85 -14.22 -16.73
C PHE A 195 -39.75 -15.37 -17.72
N ASP A 196 -39.04 -16.43 -17.33
CA ASP A 196 -38.94 -17.65 -18.13
C ASP A 196 -39.96 -18.64 -17.57
N CYS A 197 -41.13 -18.69 -18.20
CA CYS A 197 -42.20 -19.57 -17.74
C CYS A 197 -43.14 -19.84 -18.90
N SER A 198 -43.97 -20.85 -18.74
CA SER A 198 -44.97 -21.17 -19.74
C SER A 198 -46.00 -20.06 -19.83
N HIS A 199 -46.60 -19.93 -21.01
CA HIS A 199 -47.62 -18.91 -21.23
C HIS A 199 -48.83 -19.08 -20.33
N GLU A 200 -49.09 -20.29 -19.85
CA GLU A 200 -50.23 -20.50 -18.95
C GLU A 200 -50.05 -19.76 -17.64
N THR A 201 -48.84 -19.72 -17.11
CA THR A 201 -48.61 -19.06 -15.83
C THR A 201 -48.59 -17.55 -15.97
N ALA A 202 -48.20 -17.05 -17.15
CA ALA A 202 -48.00 -15.62 -17.33
C ALA A 202 -49.27 -14.83 -17.09
N ALA A 203 -50.45 -15.42 -17.35
CA ALA A 203 -51.69 -14.70 -17.15
C ALA A 203 -51.88 -14.31 -15.68
N GLU A 204 -51.79 -15.29 -14.78
CA GLU A 204 -51.92 -14.95 -13.37
C GLU A 204 -50.70 -14.21 -12.84
N ILE A 205 -49.52 -14.41 -13.43
CA ILE A 205 -48.36 -13.63 -13.03
C ILE A 205 -48.59 -12.15 -13.29
N LEU A 206 -49.06 -11.82 -14.50
CA LEU A 206 -49.32 -10.42 -14.82
C LEU A 206 -50.48 -9.89 -14.00
N LYS A 207 -51.49 -10.73 -13.75
CA LYS A 207 -52.60 -10.30 -12.89
C LYS A 207 -52.09 -9.91 -11.51
N GLN A 208 -51.21 -10.71 -10.92
CA GLN A 208 -50.66 -10.39 -9.62
C GLN A 208 -49.83 -9.11 -9.67
N ILE A 209 -48.93 -9.00 -10.64
CA ILE A 209 -48.01 -7.88 -10.66
C ILE A 209 -48.76 -6.57 -10.91
N LEU A 210 -49.89 -6.64 -11.63
CA LEU A 210 -50.75 -5.46 -11.70
C LEU A 210 -51.57 -5.30 -10.43
N PHE A 211 -51.81 -6.40 -9.70
CA PHE A 211 -52.55 -6.31 -8.45
C PHE A 211 -51.81 -5.43 -7.45
N MET A 212 -50.50 -5.60 -7.30
CA MET A 212 -49.79 -4.62 -6.48
C MET A 212 -49.25 -3.48 -7.33
N GLY A 213 -49.14 -3.68 -8.63
CA GLY A 213 -48.87 -2.57 -9.53
C GLY A 213 -47.41 -2.24 -9.75
N MET A 214 -46.58 -3.25 -10.02
CA MET A 214 -45.16 -2.99 -10.20
C MET A 214 -44.80 -2.46 -11.59
N MET A 215 -45.71 -2.56 -12.56
CA MET A 215 -45.43 -2.05 -13.89
C MET A 215 -45.43 -0.52 -13.91
N THR A 216 -44.26 0.06 -14.14
CA THR A 216 -44.10 1.49 -14.32
C THR A 216 -43.16 1.73 -15.50
N GLU A 217 -42.98 3.00 -15.86
CA GLU A 217 -41.93 3.33 -16.80
C GLU A 217 -40.53 3.04 -16.25
N TYR A 218 -40.43 2.83 -14.94
CA TYR A 218 -39.14 2.49 -14.33
C TYR A 218 -38.70 1.09 -14.72
N TYR A 219 -39.65 0.19 -14.96
CA TYR A 219 -39.36 -1.22 -15.17
C TYR A 219 -39.48 -1.59 -16.64
N HIS A 220 -38.64 -2.51 -17.09
CA HIS A 220 -38.72 -3.06 -18.44
C HIS A 220 -39.04 -4.55 -18.32
N TYR A 221 -40.10 -4.98 -18.98
CA TYR A 221 -40.62 -6.33 -18.82
C TYR A 221 -40.50 -7.12 -20.11
N PHE A 222 -39.94 -8.32 -20.00
CA PHE A 222 -39.81 -9.24 -21.11
C PHE A 222 -39.97 -10.68 -20.63
N PHE A 223 -40.67 -11.48 -21.44
CA PHE A 223 -40.90 -12.89 -21.13
C PHE A 223 -40.40 -13.75 -22.28
N THR A 224 -40.07 -15.00 -21.96
CA THR A 224 -39.59 -15.94 -22.96
C THR A 224 -40.71 -16.54 -23.81
N THR A 225 -41.96 -16.27 -23.48
CA THR A 225 -43.07 -16.82 -24.26
C THR A 225 -43.04 -16.28 -25.69
N LEU A 226 -43.46 -17.11 -26.62
CA LEU A 226 -43.34 -16.81 -28.05
C LEU A 226 -44.58 -16.16 -28.63
N ASP A 227 -45.59 -15.88 -27.81
CA ASP A 227 -46.82 -15.26 -28.28
C ASP A 227 -47.37 -14.33 -27.21
N LEU A 228 -47.37 -13.02 -27.48
CA LEU A 228 -47.91 -12.05 -26.56
C LEU A 228 -49.41 -11.82 -26.76
N PHE A 229 -49.89 -12.00 -27.98
CA PHE A 229 -51.32 -11.82 -28.26
C PHE A 229 -52.17 -12.83 -27.50
N ALA A 230 -51.70 -14.08 -27.42
CA ALA A 230 -52.50 -15.13 -26.79
C ALA A 230 -52.80 -14.82 -25.33
N LEU A 231 -51.87 -14.18 -24.63
CA LEU A 231 -52.09 -13.84 -23.23
C LEU A 231 -53.19 -12.81 -23.10
N ASP A 232 -53.74 -12.74 -21.88
CA ASP A 232 -54.79 -11.76 -21.60
C ASP A 232 -54.27 -10.36 -21.86
N LEU A 233 -55.07 -9.57 -22.57
CA LEU A 233 -54.67 -8.23 -22.99
C LEU A 233 -55.46 -7.22 -22.17
N GLU A 234 -54.92 -6.91 -20.99
CA GLU A 234 -55.42 -5.83 -20.14
C GLU A 234 -54.46 -4.65 -20.08
N LEU A 235 -53.24 -4.80 -20.58
CA LEU A 235 -52.20 -3.78 -20.51
C LEU A 235 -52.49 -2.70 -21.53
N TYR A 236 -53.25 -1.69 -21.11
CA TYR A 236 -53.43 -0.46 -21.86
C TYR A 236 -53.12 0.74 -20.97
N ARG A 237 -52.05 0.62 -20.19
CA ARG A 237 -51.78 1.59 -19.13
C ARG A 237 -51.42 2.95 -19.72
N TYR A 238 -52.04 4.00 -19.19
CA TYR A 238 -51.59 5.36 -19.43
C TYR A 238 -50.50 5.77 -18.47
N SER A 239 -50.02 4.86 -17.63
CA SER A 239 -48.92 5.10 -16.71
C SER A 239 -47.56 4.83 -17.35
N GLY A 240 -47.52 4.15 -18.49
CA GLY A 240 -46.26 3.84 -19.13
C GLY A 240 -45.71 2.50 -18.69
N VAL A 241 -45.66 1.53 -19.60
CA VAL A 241 -45.20 0.18 -19.29
C VAL A 241 -44.31 -0.30 -20.44
N ASN A 242 -43.16 -0.88 -20.10
CA ASN A 242 -42.24 -1.43 -21.10
C ASN A 242 -42.53 -2.92 -21.26
N MET A 243 -43.22 -3.25 -22.34
CA MET A 243 -43.61 -4.63 -22.65
C MET A 243 -42.90 -5.08 -23.91
N THR A 244 -42.25 -6.25 -23.84
CA THR A 244 -41.56 -6.85 -24.96
C THR A 244 -41.79 -8.35 -24.96
N GLY A 245 -41.70 -8.95 -26.14
CA GLY A 245 -41.88 -10.38 -26.26
C GLY A 245 -41.65 -10.82 -27.69
N PHE A 246 -41.76 -12.14 -27.90
CA PHE A 246 -41.60 -12.71 -29.22
C PHE A 246 -42.92 -12.82 -29.97
N ARG A 247 -42.80 -12.94 -31.29
CA ARG A 247 -43.90 -13.39 -32.13
C ARG A 247 -43.31 -14.19 -33.28
N LEU A 248 -43.85 -15.39 -33.49
CA LEU A 248 -43.58 -16.17 -34.68
C LEU A 248 -44.83 -16.45 -35.50
N LEU A 249 -46.00 -16.21 -34.94
CA LEU A 249 -47.25 -16.44 -35.66
C LEU A 249 -47.45 -15.33 -36.70
N ASN A 250 -47.67 -15.72 -37.94
CA ASN A 250 -47.84 -14.75 -39.02
C ASN A 250 -49.25 -14.18 -39.02
N ILE A 251 -49.34 -12.87 -39.23
CA ILE A 251 -50.64 -12.21 -39.33
C ILE A 251 -50.92 -11.65 -40.72
N ASP A 252 -49.89 -11.25 -41.46
CA ASP A 252 -50.09 -10.73 -42.81
C ASP A 252 -50.32 -11.89 -43.77
N ASN A 253 -50.21 -11.63 -45.08
CA ASN A 253 -50.58 -12.61 -46.09
C ASN A 253 -52.04 -12.98 -45.89
N PRO A 254 -52.98 -12.10 -46.31
CA PRO A 254 -54.39 -12.23 -45.90
C PRO A 254 -54.98 -13.62 -45.97
N HIS A 255 -54.32 -14.55 -46.67
CA HIS A 255 -54.73 -15.95 -46.58
C HIS A 255 -54.56 -16.48 -45.17
N VAL A 256 -53.44 -16.13 -44.52
CA VAL A 256 -53.23 -16.52 -43.12
C VAL A 256 -54.26 -15.87 -42.22
N SER A 257 -54.57 -14.60 -42.48
CA SER A 257 -55.61 -13.91 -41.73
C SER A 257 -56.96 -14.60 -41.90
N SER A 258 -57.26 -15.05 -43.13
CA SER A 258 -58.49 -15.79 -43.37
C SER A 258 -58.51 -17.09 -42.57
N ILE A 259 -57.37 -17.78 -42.52
CA ILE A 259 -57.30 -19.02 -41.74
C ILE A 259 -57.60 -18.73 -40.28
N ILE A 260 -56.95 -17.71 -39.72
CA ILE A 260 -57.10 -17.45 -38.29
C ILE A 260 -58.51 -16.97 -37.98
N GLU A 261 -59.12 -16.18 -38.87
CA GLU A 261 -60.48 -15.71 -38.61
C GLU A 261 -61.51 -16.80 -38.79
N LYS A 262 -61.34 -17.72 -39.74
CA LYS A 262 -62.28 -18.83 -39.83
C LYS A 262 -62.15 -19.76 -38.64
N TRP A 263 -60.93 -19.94 -38.15
CA TRP A 263 -60.77 -20.68 -36.89
C TRP A 263 -61.46 -19.95 -35.75
N SER A 264 -61.36 -18.62 -35.73
CA SER A 264 -62.05 -17.84 -34.70
C SER A 264 -63.55 -18.02 -34.76
N MET A 265 -64.13 -17.98 -35.96
CA MET A 265 -65.58 -18.06 -36.08
C MET A 265 -66.08 -19.47 -35.82
N GLU A 266 -65.26 -20.50 -36.09
CA GLU A 266 -65.65 -21.84 -35.66
C GLU A 266 -65.47 -22.05 -34.16
N ARG A 267 -64.55 -21.31 -33.53
CA ARG A 267 -64.42 -21.42 -32.07
C ARG A 267 -65.59 -20.74 -31.37
N LEU A 268 -66.03 -19.58 -31.87
CA LEU A 268 -67.12 -18.88 -31.20
C LEU A 268 -68.47 -19.54 -31.43
N GLN A 269 -68.65 -20.25 -32.55
CA GLN A 269 -69.93 -20.91 -32.81
C GLN A 269 -70.20 -22.04 -31.83
N ALA A 270 -69.16 -22.58 -31.21
CA ALA A 270 -69.31 -23.56 -30.14
C ALA A 270 -69.70 -22.86 -28.84
N PRO A 271 -70.33 -23.58 -27.91
CA PRO A 271 -70.68 -22.95 -26.65
C PRO A 271 -69.43 -22.48 -25.92
N PRO A 272 -69.53 -21.42 -25.14
CA PRO A 272 -68.32 -20.83 -24.54
C PRO A 272 -67.59 -21.81 -23.62
N ARG A 273 -66.27 -21.69 -23.63
CA ARG A 273 -65.38 -22.52 -22.82
C ARG A 273 -64.82 -21.69 -21.68
N PRO A 274 -65.04 -22.07 -20.43
CA PRO A 274 -64.41 -21.34 -19.32
C PRO A 274 -62.90 -21.40 -19.42
N GLU A 275 -62.25 -20.28 -19.08
CA GLU A 275 -60.81 -20.16 -19.20
C GLU A 275 -60.23 -19.60 -17.91
N THR A 276 -58.90 -19.63 -17.83
CA THR A 276 -58.17 -19.06 -16.71
C THR A 276 -57.96 -17.56 -16.86
N GLY A 277 -58.13 -17.03 -18.07
CA GLY A 277 -57.86 -15.64 -18.34
C GLY A 277 -57.31 -15.45 -19.73
N LEU A 278 -56.80 -16.54 -20.31
CA LEU A 278 -56.35 -16.52 -21.68
C LEU A 278 -57.54 -16.29 -22.61
N LEU A 279 -57.37 -15.37 -23.56
CA LEU A 279 -58.47 -15.04 -24.47
C LEU A 279 -58.67 -16.14 -25.49
N ASP A 280 -59.93 -16.55 -25.66
CA ASP A 280 -60.27 -17.65 -26.56
C ASP A 280 -60.78 -17.12 -27.88
N GLY A 281 -60.32 -17.72 -28.97
CA GLY A 281 -60.79 -17.34 -30.29
C GLY A 281 -59.69 -17.10 -31.29
N MET A 282 -58.43 -17.28 -30.87
CA MET A 282 -57.28 -17.00 -31.71
C MET A 282 -56.22 -18.09 -31.54
N MET A 283 -55.23 -18.05 -32.42
CA MET A 283 -54.27 -19.14 -32.57
C MET A 283 -53.52 -19.41 -31.27
N THR A 284 -53.27 -20.68 -31.00
CA THR A 284 -52.26 -21.09 -30.03
C THR A 284 -51.12 -21.79 -30.75
N THR A 285 -49.91 -21.67 -30.20
CA THR A 285 -48.71 -22.08 -30.91
C THR A 285 -48.71 -23.57 -31.21
N GLU A 286 -49.10 -24.40 -30.24
CA GLU A 286 -49.07 -25.85 -30.44
C GLU A 286 -50.04 -26.26 -31.55
N ALA A 287 -51.23 -25.65 -31.58
CA ALA A 287 -52.18 -25.96 -32.65
C ALA A 287 -51.66 -25.52 -34.01
N ALA A 288 -51.01 -24.35 -34.06
CA ALA A 288 -50.47 -23.87 -35.34
C ALA A 288 -49.37 -24.78 -35.86
N LEU A 289 -48.46 -25.22 -34.98
CA LEU A 289 -47.40 -26.09 -35.45
C LEU A 289 -47.92 -27.48 -35.77
N MET A 290 -48.97 -27.93 -35.07
CA MET A 290 -49.61 -29.20 -35.45
C MET A 290 -50.29 -29.07 -36.81
N TYR A 291 -50.90 -27.92 -37.10
CA TYR A 291 -51.44 -27.64 -38.42
C TYR A 291 -50.35 -27.73 -39.48
N ASP A 292 -49.22 -27.08 -39.24
CA ASP A 292 -48.10 -27.20 -40.15
C ASP A 292 -47.62 -28.64 -40.29
N ALA A 293 -47.71 -29.42 -39.23
CA ALA A 293 -47.34 -30.84 -39.30
C ALA A 293 -48.34 -31.63 -40.14
N VAL A 294 -49.62 -31.28 -40.07
CA VAL A 294 -50.61 -31.92 -40.92
C VAL A 294 -50.30 -31.65 -42.38
N TYR A 295 -49.93 -30.40 -42.70
CA TYR A 295 -49.52 -30.12 -44.08
C TYR A 295 -48.19 -30.77 -44.43
N MET A 296 -47.32 -31.01 -43.43
CA MET A 296 -46.15 -31.84 -43.67
C MET A 296 -46.56 -33.24 -44.12
N VAL A 297 -47.55 -33.80 -43.43
CA VAL A 297 -48.06 -35.12 -43.81
C VAL A 297 -48.62 -35.08 -45.23
N ALA A 298 -49.35 -34.01 -45.56
CA ALA A 298 -49.94 -33.90 -46.89
C ALA A 298 -48.85 -33.82 -47.97
N ILE A 299 -47.83 -33.00 -47.74
CA ILE A 299 -46.77 -32.84 -48.74
C ILE A 299 -45.94 -34.12 -48.84
N ALA A 300 -45.80 -34.86 -47.73
CA ALA A 300 -45.19 -36.18 -47.81
C ALA A 300 -46.03 -37.14 -48.63
N SER A 301 -47.36 -37.04 -48.48
CA SER A 301 -48.25 -38.03 -49.08
C SER A 301 -48.39 -37.83 -50.58
N HIS A 302 -48.45 -36.57 -51.05
CA HIS A 302 -48.81 -36.36 -52.45
C HIS A 302 -47.80 -36.99 -53.39
N ARG A 303 -46.52 -37.00 -53.01
CA ARG A 303 -45.47 -37.60 -53.84
C ARG A 303 -45.30 -39.08 -53.57
N ALA A 304 -45.84 -39.60 -52.47
CA ALA A 304 -45.68 -41.00 -52.13
C ALA A 304 -46.55 -41.88 -53.03
N SER A 305 -46.25 -43.18 -53.03
CA SER A 305 -46.99 -44.14 -53.81
C SER A 305 -48.30 -44.48 -53.09
N GLN A 306 -49.06 -45.43 -53.65
CA GLN A 306 -50.31 -45.83 -53.04
C GLN A 306 -50.06 -46.52 -51.71
N LEU A 307 -50.91 -46.21 -50.73
CA LEU A 307 -50.77 -46.80 -49.40
C LEU A 307 -51.10 -48.29 -49.43
N THR A 308 -50.31 -49.06 -48.69
CA THR A 308 -50.52 -50.50 -48.55
C THR A 308 -50.75 -50.80 -47.08
N VAL A 309 -51.93 -51.35 -46.76
CA VAL A 309 -52.24 -51.71 -45.38
C VAL A 309 -51.34 -52.86 -44.94
N SER A 310 -50.91 -52.82 -43.68
CA SER A 310 -50.03 -53.85 -43.15
C SER A 310 -50.53 -54.29 -41.78
N SER A 311 -50.49 -55.59 -41.56
CA SER A 311 -50.83 -56.18 -40.26
C SER A 311 -49.54 -56.70 -39.64
N LEU A 312 -49.21 -56.18 -38.46
CA LEU A 312 -47.95 -56.50 -37.79
C LEU A 312 -48.24 -56.77 -36.33
N GLN A 313 -47.20 -57.20 -35.62
CA GLN A 313 -47.26 -57.40 -34.18
C GLN A 313 -46.27 -56.47 -33.50
N CYS A 314 -46.74 -55.77 -32.46
CA CYS A 314 -45.85 -54.92 -31.68
C CYS A 314 -44.80 -55.73 -30.93
N HIS A 315 -45.03 -57.02 -30.73
CA HIS A 315 -44.01 -57.92 -30.22
C HIS A 315 -43.14 -58.50 -31.33
N ARG A 316 -43.50 -58.24 -32.58
CA ARG A 316 -42.72 -58.68 -33.73
C ARG A 316 -41.73 -57.59 -34.12
N HIS A 317 -40.67 -57.98 -34.82
CA HIS A 317 -39.64 -57.03 -35.22
C HIS A 317 -39.30 -57.16 -36.71
N LYS A 318 -40.30 -57.42 -37.55
CA LYS A 318 -40.05 -57.46 -39.00
C LYS A 318 -40.37 -56.10 -39.59
N PRO A 319 -39.40 -55.46 -40.24
CA PRO A 319 -39.64 -54.10 -40.77
C PRO A 319 -40.64 -54.11 -41.92
N TRP A 320 -41.22 -52.93 -42.15
CA TRP A 320 -42.21 -52.74 -43.19
C TRP A 320 -41.61 -51.88 -44.31
N ARG A 321 -41.98 -52.20 -45.55
CA ARG A 321 -41.17 -51.82 -46.70
C ARG A 321 -41.21 -50.33 -47.00
N LEU A 322 -42.37 -49.69 -46.80
CA LEU A 322 -42.50 -48.29 -47.22
C LEU A 322 -42.00 -47.29 -46.18
N GLY A 323 -41.69 -47.73 -44.98
CA GLY A 323 -41.14 -46.85 -43.96
C GLY A 323 -39.87 -46.12 -44.38
N PRO A 324 -38.89 -46.85 -44.95
CA PRO A 324 -37.68 -46.16 -45.40
C PRO A 324 -37.95 -45.10 -46.45
N ARG A 325 -38.83 -45.38 -47.41
CA ARG A 325 -39.08 -44.36 -48.43
C ARG A 325 -39.80 -43.17 -47.84
N PHE A 326 -40.70 -43.39 -46.87
CA PHE A 326 -41.35 -42.24 -46.23
C PHE A 326 -40.34 -41.39 -45.46
N MET A 327 -39.44 -42.01 -44.71
CA MET A 327 -38.38 -41.20 -44.08
C MET A 327 -37.53 -40.47 -45.10
N ASN A 328 -37.18 -41.15 -46.20
CA ASN A 328 -36.36 -40.51 -47.22
C ASN A 328 -37.05 -39.29 -47.80
N LEU A 329 -38.33 -39.40 -48.13
CA LEU A 329 -39.04 -38.27 -48.75
C LEU A 329 -39.36 -37.18 -47.73
N ILE A 330 -39.68 -37.57 -46.49
CA ILE A 330 -39.99 -36.59 -45.46
C ILE A 330 -38.76 -35.78 -45.07
N LYS A 331 -37.57 -36.37 -45.20
CA LYS A 331 -36.36 -35.69 -44.76
C LYS A 331 -36.19 -34.34 -45.45
N GLU A 332 -36.57 -34.24 -46.72
CA GLU A 332 -36.56 -32.95 -47.43
C GLU A 332 -37.96 -32.37 -47.57
N ALA A 333 -38.81 -32.54 -46.56
CA ALA A 333 -40.12 -31.90 -46.57
C ALA A 333 -39.95 -30.41 -46.33
N ARG A 334 -40.42 -29.60 -47.28
CA ARG A 334 -40.20 -28.17 -47.27
C ARG A 334 -41.50 -27.45 -47.60
N TRP A 335 -41.92 -26.54 -46.72
CA TRP A 335 -43.16 -25.82 -46.90
C TRP A 335 -43.16 -24.61 -45.96
N ASP A 336 -44.01 -23.65 -46.27
CA ASP A 336 -44.20 -22.45 -45.46
C ASP A 336 -45.50 -22.60 -44.68
N GLY A 337 -45.38 -22.64 -43.35
CA GLY A 337 -46.52 -22.83 -42.49
C GLY A 337 -46.85 -21.59 -41.68
N LEU A 338 -47.74 -21.77 -40.71
CA LEU A 338 -48.12 -20.68 -39.82
C LEU A 338 -46.90 -20.18 -39.03
N THR A 339 -46.04 -21.10 -38.60
CA THR A 339 -44.81 -20.72 -37.94
C THR A 339 -43.83 -20.02 -38.86
N GLY A 340 -44.03 -20.09 -40.18
CA GLY A 340 -43.15 -19.43 -41.12
C GLY A 340 -42.44 -20.39 -42.06
N ARG A 341 -41.11 -20.33 -42.05
CA ARG A 341 -40.28 -21.12 -42.95
C ARG A 341 -39.86 -22.41 -42.26
N ILE A 342 -40.06 -23.55 -42.94
CA ILE A 342 -39.76 -24.87 -42.39
C ILE A 342 -38.76 -25.58 -43.28
N THR A 343 -37.66 -26.04 -42.68
CA THR A 343 -36.77 -27.01 -43.30
C THR A 343 -36.05 -27.77 -42.20
N PHE A 344 -35.45 -28.90 -42.58
CA PHE A 344 -34.81 -29.79 -41.63
C PHE A 344 -33.34 -29.97 -41.98
N ASN A 345 -32.48 -29.88 -40.98
CA ASN A 345 -31.07 -30.16 -41.18
C ASN A 345 -30.89 -31.64 -41.52
N LYS A 346 -29.87 -31.92 -42.33
CA LYS A 346 -29.61 -33.28 -42.78
C LYS A 346 -28.93 -34.14 -41.72
N THR A 347 -28.95 -33.69 -40.47
CA THR A 347 -28.37 -34.44 -39.37
C THR A 347 -29.40 -34.80 -38.29
N ASP A 348 -30.61 -34.22 -38.34
CA ASP A 348 -31.60 -34.46 -37.32
C ASP A 348 -32.98 -34.13 -37.88
N GLY A 349 -34.01 -34.63 -37.21
CA GLY A 349 -35.38 -34.37 -37.57
C GLY A 349 -35.97 -33.13 -36.96
N LEU A 350 -35.18 -32.38 -36.19
CA LEU A 350 -35.68 -31.18 -35.54
C LEU A 350 -35.93 -30.07 -36.56
N ARG A 351 -36.87 -29.19 -36.24
CA ARG A 351 -37.13 -28.03 -37.07
C ARG A 351 -35.92 -27.11 -37.08
N LYS A 352 -35.83 -26.29 -38.13
CA LYS A 352 -34.71 -25.38 -38.32
C LYS A 352 -35.26 -24.02 -38.74
N ASP A 353 -34.37 -23.17 -39.27
CA ASP A 353 -34.65 -21.84 -39.81
C ASP A 353 -35.85 -21.18 -39.13
N PHE A 354 -35.72 -20.99 -37.82
CA PHE A 354 -36.80 -20.45 -37.02
C PHE A 354 -36.94 -18.94 -37.24
N ASP A 355 -38.18 -18.48 -37.21
CA ASP A 355 -38.51 -17.07 -37.40
C ASP A 355 -38.92 -16.48 -36.07
N LEU A 356 -38.27 -15.38 -35.68
CA LEU A 356 -38.46 -14.79 -34.35
C LEU A 356 -38.56 -13.28 -34.50
N ASP A 357 -39.79 -12.76 -34.41
CA ASP A 357 -40.04 -11.33 -34.52
C ASP A 357 -40.25 -10.77 -33.11
N ILE A 358 -39.46 -9.76 -32.76
CA ILE A 358 -39.64 -9.06 -31.49
C ILE A 358 -40.79 -8.07 -31.64
N ILE A 359 -41.68 -8.07 -30.64
CA ILE A 359 -42.87 -7.23 -30.67
C ILE A 359 -42.97 -6.51 -29.34
N SER A 360 -43.23 -5.21 -29.39
CA SER A 360 -43.36 -4.39 -28.19
C SER A 360 -44.69 -3.65 -28.23
N LEU A 361 -45.19 -3.32 -27.05
CA LEU A 361 -46.44 -2.57 -26.89
C LEU A 361 -46.13 -1.11 -26.57
N LYS A 362 -46.57 -0.21 -27.47
CA LYS A 362 -46.65 1.21 -27.15
C LYS A 362 -47.98 1.79 -27.63
N GLU A 363 -48.98 0.95 -27.87
CA GLU A 363 -50.30 1.36 -28.35
C GLU A 363 -51.32 1.28 -27.22
N GLU A 364 -50.89 1.58 -25.99
CA GLU A 364 -51.78 1.56 -24.85
C GLU A 364 -52.82 2.66 -24.93
N TRP A 381 -47.36 -5.27 -32.27
CA TRP A 381 -47.90 -3.95 -32.58
C TRP A 381 -47.03 -3.23 -33.60
N LYS A 382 -45.78 -3.00 -33.26
CA LYS A 382 -44.84 -2.29 -34.13
C LYS A 382 -43.62 -3.15 -34.41
N LYS A 383 -43.02 -2.91 -35.58
CA LYS A 383 -41.89 -3.68 -36.06
C LYS A 383 -40.59 -3.03 -35.59
N ILE A 384 -39.66 -3.86 -35.11
CA ILE A 384 -38.35 -3.37 -34.71
C ILE A 384 -37.28 -4.12 -35.49
N GLY A 385 -37.25 -5.44 -35.30
CA GLY A 385 -36.28 -6.28 -35.98
C GLY A 385 -36.76 -7.71 -35.96
N ILE A 386 -36.03 -8.55 -36.70
CA ILE A 386 -36.29 -9.97 -36.76
C ILE A 386 -35.00 -10.72 -36.52
N TRP A 387 -35.13 -12.03 -36.30
CA TRP A 387 -33.98 -12.91 -36.22
C TRP A 387 -34.22 -14.05 -37.21
N ASN A 388 -33.15 -14.61 -37.75
CA ASN A 388 -33.25 -15.81 -38.55
C ASN A 388 -32.04 -16.70 -38.28
N SER A 389 -32.20 -18.00 -38.51
CA SER A 389 -31.16 -18.94 -38.12
C SER A 389 -29.90 -18.76 -38.94
N ASN A 390 -30.04 -18.45 -40.22
CA ASN A 390 -28.91 -18.37 -41.14
C ASN A 390 -28.09 -17.09 -40.96
N SER A 391 -28.49 -16.20 -40.07
CA SER A 391 -27.74 -14.99 -39.79
C SER A 391 -27.96 -14.62 -38.32
N GLY A 392 -27.66 -13.38 -37.98
CA GLY A 392 -27.87 -12.87 -36.64
C GLY A 392 -29.18 -12.12 -36.52
N LEU A 393 -29.19 -11.11 -35.65
CA LEU A 393 -30.39 -10.31 -35.40
C LEU A 393 -30.55 -9.32 -36.54
N ASN A 394 -31.53 -9.55 -37.41
CA ASN A 394 -31.78 -8.68 -38.54
C ASN A 394 -32.58 -7.48 -38.04
N MET A 395 -31.89 -6.38 -37.75
CA MET A 395 -32.52 -5.16 -37.25
C MET A 395 -33.21 -4.50 -38.43
N THR A 396 -34.48 -4.87 -38.67
CA THR A 396 -35.15 -4.43 -39.89
C THR A 396 -35.61 -2.98 -39.79
N ASP A 397 -36.27 -2.60 -38.71
CA ASP A 397 -36.81 -1.26 -38.55
C ASP A 397 -35.90 -0.44 -37.65
N GLY A 398 -35.47 0.72 -38.14
CA GLY A 398 -34.69 1.65 -37.37
C GLY A 398 -35.50 2.57 -36.49
N ASN A 399 -36.82 2.42 -36.50
CA ASN A 399 -37.75 3.14 -35.63
C ASN A 399 -37.84 4.62 -35.98
N ARG A 400 -39.02 5.21 -35.78
CA ARG A 400 -39.27 6.59 -36.18
C ARG A 400 -38.71 7.61 -35.19
N ASP A 401 -38.54 7.23 -33.92
CA ASP A 401 -37.99 8.10 -32.88
C ASP A 401 -38.80 9.39 -32.76
N ARG A 402 -40.05 9.23 -32.36
CA ARG A 402 -40.95 10.35 -32.19
C ARG A 402 -40.50 11.23 -31.03
N SER A 403 -40.64 12.53 -31.20
CA SER A 403 -40.43 13.51 -30.14
C SER A 403 -41.62 14.44 -30.09
N ASN A 404 -42.19 14.64 -28.91
CA ASN A 404 -43.42 15.39 -28.73
C ASN A 404 -43.14 16.72 -28.04
N ASN A 405 -43.96 17.72 -28.36
CA ASN A 405 -43.86 19.02 -27.69
C ASN A 405 -44.17 18.91 -26.21
N ILE A 406 -45.23 18.17 -25.87
CA ILE A 406 -45.60 17.92 -24.48
C ILE A 406 -45.48 16.42 -24.24
N THR A 407 -44.61 16.05 -23.31
CA THR A 407 -44.30 14.64 -23.05
C THR A 407 -45.00 14.23 -21.75
N ASP A 408 -46.27 13.84 -21.89
CA ASP A 408 -47.01 13.25 -20.79
C ASP A 408 -48.04 12.28 -21.37
N SER A 409 -48.27 11.19 -20.63
CA SER A 409 -49.19 10.14 -21.08
C SER A 409 -50.58 10.42 -20.51
N LEU A 410 -51.16 11.51 -21.01
CA LEU A 410 -52.50 11.99 -20.66
C LEU A 410 -52.65 12.35 -19.19
N ALA A 411 -51.54 12.42 -18.44
CA ALA A 411 -51.54 12.88 -17.05
C ALA A 411 -52.50 12.07 -16.19
N ASN A 412 -52.22 10.77 -16.10
CA ASN A 412 -53.08 9.84 -15.37
C ASN A 412 -52.36 9.27 -14.17
N ARG A 413 -51.45 10.04 -13.57
CA ARG A 413 -50.63 9.58 -12.48
C ARG A 413 -50.57 10.65 -11.42
N THR A 414 -50.67 10.25 -10.15
CA THR A 414 -50.57 11.18 -9.02
C THR A 414 -49.11 11.24 -8.59
N LEU A 415 -48.48 12.39 -8.80
CA LEU A 415 -47.09 12.56 -8.41
C LEU A 415 -46.96 12.50 -6.89
N ILE A 416 -45.95 11.78 -6.42
CA ILE A 416 -45.70 11.66 -4.99
C ILE A 416 -44.60 12.66 -4.63
N VAL A 417 -44.94 13.63 -3.80
CA VAL A 417 -44.01 14.69 -3.39
C VAL A 417 -43.95 14.72 -1.87
N THR A 418 -42.74 14.82 -1.34
CA THR A 418 -42.51 15.01 0.09
C THR A 418 -41.93 16.40 0.32
N THR A 419 -42.42 17.06 1.37
CA THR A 419 -42.06 18.46 1.63
C THR A 419 -41.82 18.64 3.12
N ILE A 420 -41.21 19.79 3.45
CA ILE A 420 -40.96 20.20 4.81
C ILE A 420 -41.48 21.63 4.98
N LEU A 421 -41.58 22.07 6.23
CA LEU A 421 -42.09 23.40 6.54
C LEU A 421 -40.95 24.40 6.56
N GLU A 422 -41.00 25.38 5.67
CA GLU A 422 -40.05 26.48 5.69
C GLU A 422 -40.66 27.69 4.99
N GLU A 423 -40.43 28.86 5.57
CA GLU A 423 -40.87 30.14 5.03
C GLU A 423 -39.92 30.59 3.92
N PRO A 424 -40.45 31.16 2.82
CA PRO A 424 -41.87 31.29 2.49
C PRO A 424 -42.34 30.14 1.62
N TYR A 425 -41.59 29.05 1.63
CA TYR A 425 -41.86 27.95 0.71
C TYR A 425 -43.11 27.17 1.12
N VAL A 426 -43.23 26.84 2.40
CA VAL A 426 -44.35 26.03 2.88
C VAL A 426 -44.86 26.62 4.19
N MET A 427 -46.17 26.78 4.29
CA MET A 427 -46.81 27.15 5.55
C MET A 427 -48.30 26.88 5.44
N TYR A 428 -48.96 26.86 6.60
CA TYR A 428 -50.41 26.77 6.64
C TYR A 428 -51.03 28.07 6.13
N ARG A 429 -52.17 27.94 5.46
CA ARG A 429 -52.93 29.13 5.08
C ARG A 429 -53.63 29.71 6.29
N LYS A 430 -53.77 31.03 6.29
CA LYS A 430 -54.37 31.74 7.42
C LYS A 430 -55.88 31.55 7.36
N SER A 431 -56.39 30.63 8.17
CA SER A 431 -57.82 30.37 8.23
C SER A 431 -58.16 29.83 9.61
N ASP A 432 -59.42 29.98 9.99
CA ASP A 432 -59.92 29.48 11.26
C ASP A 432 -60.79 28.24 11.10
N LYS A 433 -60.83 27.66 9.89
CA LYS A 433 -61.58 26.45 9.60
C LYS A 433 -60.64 25.26 9.45
N PRO A 434 -61.10 24.04 9.70
CA PRO A 434 -60.21 22.88 9.54
C PRO A 434 -59.71 22.74 8.12
N LEU A 435 -58.48 22.28 7.99
CA LEU A 435 -57.82 22.15 6.69
C LEU A 435 -57.92 20.72 6.19
N TYR A 436 -58.03 20.57 4.87
CA TYR A 436 -58.24 19.27 4.26
C TYR A 436 -57.65 19.27 2.86
N GLY A 437 -57.50 18.06 2.30
CA GLY A 437 -57.05 17.92 0.93
C GLY A 437 -55.60 18.33 0.73
N ASN A 438 -55.30 18.65 -0.53
CA ASN A 438 -53.95 19.05 -0.91
C ASN A 438 -53.73 20.54 -0.79
N ASP A 439 -54.73 21.29 -0.33
CA ASP A 439 -54.66 22.74 -0.23
C ASP A 439 -54.65 23.19 1.23
N ARG A 440 -53.99 22.43 2.08
CA ARG A 440 -53.71 22.87 3.45
C ARG A 440 -52.49 23.77 3.53
N PHE A 441 -51.80 24.00 2.40
CA PHE A 441 -50.55 24.72 2.39
C PHE A 441 -50.59 25.80 1.32
N GLU A 442 -49.54 26.60 1.29
CA GLU A 442 -49.31 27.54 0.20
C GLU A 442 -47.81 27.86 0.19
N GLY A 443 -47.37 28.49 -0.89
CA GLY A 443 -46.00 28.92 -0.96
C GLY A 443 -45.41 28.69 -2.33
N TYR A 444 -44.10 28.91 -2.41
CA TYR A 444 -43.39 28.85 -3.69
C TYR A 444 -43.42 27.44 -4.30
N CYS A 445 -43.30 26.40 -3.47
CA CYS A 445 -43.30 25.04 -4.01
C CYS A 445 -44.65 24.70 -4.60
N LEU A 446 -45.74 25.05 -3.90
CA LEU A 446 -47.06 24.81 -4.46
C LEU A 446 -47.24 25.55 -5.76
N ASP A 447 -46.69 26.78 -5.84
CA ASP A 447 -46.65 27.51 -7.08
C ASP A 447 -46.03 26.64 -8.17
N LEU A 448 -44.75 26.30 -7.98
CA LEU A 448 -43.98 25.47 -8.90
C LEU A 448 -44.80 24.30 -9.42
N LEU A 449 -45.41 23.57 -8.49
CA LEU A 449 -46.29 22.47 -8.89
C LEU A 449 -47.40 22.95 -9.80
N LYS A 450 -48.01 24.10 -9.46
CA LYS A 450 -49.14 24.56 -10.25
C LYS A 450 -48.73 24.85 -11.70
N GLU A 451 -47.68 25.64 -11.91
CA GLU A 451 -47.33 25.93 -13.30
C GLU A 451 -46.74 24.71 -14.00
N LEU A 452 -46.02 23.83 -13.30
CA LEU A 452 -45.50 22.66 -14.01
C LEU A 452 -46.65 21.75 -14.45
N SER A 453 -47.67 21.61 -13.61
CA SER A 453 -48.85 20.83 -14.00
C SER A 453 -49.60 21.50 -15.15
N ASN A 454 -49.70 22.83 -15.13
CA ASN A 454 -50.39 23.52 -16.21
C ASN A 454 -49.66 23.34 -17.54
N ILE A 455 -48.36 23.62 -17.56
CA ILE A 455 -47.60 23.50 -18.80
C ILE A 455 -47.45 22.03 -19.19
N LEU A 456 -47.12 21.17 -18.24
CA LEU A 456 -47.01 19.74 -18.46
C LEU A 456 -48.05 19.06 -17.59
N GLY A 457 -49.14 18.61 -18.21
CA GLY A 457 -50.23 18.02 -17.46
C GLY A 457 -49.79 16.86 -16.60
N PHE A 458 -50.13 16.91 -15.31
CA PHE A 458 -49.81 15.83 -14.39
C PHE A 458 -50.58 16.06 -13.10
N LEU A 459 -50.78 14.97 -12.35
CA LEU A 459 -51.53 14.99 -11.10
C LEU A 459 -50.60 14.71 -9.93
N TYR A 460 -50.95 15.27 -8.77
CA TYR A 460 -50.11 15.14 -7.59
C TYR A 460 -50.93 15.42 -6.35
N ASP A 461 -50.37 15.01 -5.20
CA ASP A 461 -50.92 15.33 -3.90
C ASP A 461 -49.78 15.52 -2.90
N VAL A 462 -50.06 16.27 -1.85
CA VAL A 462 -49.04 16.70 -0.89
C VAL A 462 -48.86 15.64 0.19
N LYS A 463 -47.61 15.33 0.50
CA LYS A 463 -47.26 14.43 1.59
C LYS A 463 -46.22 15.08 2.47
N LEU A 464 -46.42 14.99 3.78
CA LEU A 464 -45.46 15.51 4.74
C LEU A 464 -44.37 14.49 5.02
N VAL A 465 -43.15 14.97 5.17
CA VAL A 465 -42.05 14.07 5.51
C VAL A 465 -42.26 13.55 6.93
N PRO A 466 -42.21 12.23 7.15
CA PRO A 466 -42.33 11.71 8.51
C PRO A 466 -41.07 11.91 9.33
N ASP A 467 -39.99 12.37 8.71
CA ASP A 467 -38.71 12.58 9.38
C ASP A 467 -38.57 14.02 9.87
N GLY A 468 -38.81 14.99 9.00
CA GLY A 468 -38.63 16.38 9.36
C GLY A 468 -37.19 16.85 9.33
N LYS A 469 -36.39 16.35 8.40
CA LYS A 469 -35.02 16.85 8.25
C LYS A 469 -34.59 16.68 6.80
N TYR A 470 -33.57 17.44 6.41
CA TYR A 470 -33.08 17.41 5.04
C TYR A 470 -32.49 16.05 4.69
N GLY A 471 -31.71 15.47 5.59
CA GLY A 471 -31.04 14.20 5.32
C GLY A 471 -29.54 14.35 5.43
N ALA A 472 -28.92 13.41 6.15
CA ALA A 472 -27.48 13.40 6.32
C ALA A 472 -27.04 11.99 6.67
N GLN A 473 -25.74 11.76 6.55
CA GLN A 473 -25.16 10.49 6.96
C GLN A 473 -25.04 10.41 8.48
N ASN A 474 -24.90 9.18 8.97
CA ASN A 474 -24.73 8.93 10.40
C ASN A 474 -23.53 8.05 10.70
N ASP A 475 -22.51 8.08 9.85
CA ASP A 475 -21.24 7.36 9.97
C ASP A 475 -21.44 5.86 9.70
N LYS A 476 -22.68 5.39 9.60
CA LYS A 476 -22.93 4.00 9.29
C LYS A 476 -23.09 3.74 7.80
N GLY A 477 -22.87 4.75 6.96
CA GLY A 477 -23.05 4.60 5.53
C GLY A 477 -24.48 4.63 5.05
N GLU A 478 -25.42 4.97 5.92
CA GLU A 478 -26.84 5.01 5.58
C GLU A 478 -27.30 6.47 5.61
N TRP A 479 -27.91 6.91 4.52
CA TRP A 479 -28.40 8.28 4.43
C TRP A 479 -29.69 8.43 5.22
N ASN A 480 -30.21 9.65 5.25
CA ASN A 480 -31.45 9.90 5.97
C ASN A 480 -32.25 10.98 5.24
N GLY A 481 -33.32 11.47 5.86
CA GLY A 481 -34.11 12.54 5.29
C GLY A 481 -34.86 12.10 4.05
N MET A 482 -35.07 13.06 3.14
CA MET A 482 -35.81 12.77 1.93
C MET A 482 -35.12 11.74 1.07
N VAL A 483 -33.80 11.59 1.23
CA VAL A 483 -33.02 10.68 0.40
C VAL A 483 -33.54 9.26 0.52
N LYS A 484 -33.99 8.85 1.70
CA LYS A 484 -34.42 7.47 1.87
C LYS A 484 -35.62 7.15 1.00
N GLU A 485 -36.69 7.94 1.10
CA GLU A 485 -37.87 7.64 0.30
C GLU A 485 -37.66 8.00 -1.17
N LEU A 486 -36.74 8.91 -1.47
CA LEU A 486 -36.42 9.18 -2.87
C LEU A 486 -35.74 7.96 -3.50
N ILE A 487 -34.69 7.44 -2.87
CA ILE A 487 -34.01 6.27 -3.41
C ILE A 487 -34.88 5.04 -3.30
N ASP A 488 -35.69 4.94 -2.24
CA ASP A 488 -36.67 3.87 -2.15
C ASP A 488 -37.79 4.03 -3.16
N HIS A 489 -37.84 5.17 -3.85
CA HIS A 489 -38.81 5.44 -4.90
C HIS A 489 -40.23 5.44 -4.35
N ARG A 490 -40.36 5.65 -3.04
CA ARG A 490 -41.68 5.87 -2.44
C ARG A 490 -42.12 7.32 -2.57
N ALA A 491 -41.18 8.26 -2.73
CA ALA A 491 -41.49 9.62 -3.14
C ALA A 491 -41.01 9.80 -4.57
N ASP A 492 -41.94 10.13 -5.47
CA ASP A 492 -41.58 10.23 -6.88
C ASP A 492 -40.68 11.42 -7.17
N LEU A 493 -40.83 12.52 -6.42
CA LEU A 493 -39.99 13.68 -6.64
C LEU A 493 -40.13 14.62 -5.45
N ALA A 494 -39.05 15.32 -5.14
CA ALA A 494 -39.02 16.29 -4.06
C ALA A 494 -38.81 17.68 -4.65
N VAL A 495 -39.65 18.63 -4.27
CA VAL A 495 -39.60 19.98 -4.81
C VAL A 495 -38.96 20.97 -3.85
N ALA A 496 -38.44 20.50 -2.72
CA ALA A 496 -37.76 21.38 -1.78
C ALA A 496 -36.45 21.87 -2.39
N PRO A 497 -35.87 22.93 -1.82
CA PRO A 497 -34.51 23.31 -2.26
C PRO A 497 -33.48 22.31 -1.75
N LEU A 498 -33.01 21.43 -2.63
CA LEU A 498 -31.99 20.45 -2.26
C LEU A 498 -30.61 20.98 -2.63
N THR A 499 -29.69 20.88 -1.68
CA THR A 499 -28.33 21.35 -1.90
C THR A 499 -27.59 20.41 -2.84
N ILE A 500 -26.93 20.99 -3.84
CA ILE A 500 -26.17 20.24 -4.83
C ILE A 500 -24.72 20.17 -4.36
N THR A 501 -24.30 19.00 -3.88
CA THR A 501 -22.96 18.80 -3.35
C THR A 501 -22.43 17.44 -3.78
N TYR A 502 -21.11 17.38 -3.98
CA TYR A 502 -20.49 16.23 -4.64
C TYR A 502 -20.80 14.93 -3.93
N VAL A 503 -20.71 14.93 -2.59
CA VAL A 503 -20.97 13.71 -1.83
C VAL A 503 -22.41 13.24 -2.07
N ARG A 504 -23.34 14.18 -2.19
CA ARG A 504 -24.73 13.83 -2.40
C ARG A 504 -25.08 13.68 -3.88
N GLU A 505 -24.18 14.07 -4.78
CA GLU A 505 -24.45 13.88 -6.20
C GLU A 505 -24.37 12.41 -6.59
N LYS A 506 -23.46 11.67 -5.95
CA LYS A 506 -23.24 10.29 -6.33
C LYS A 506 -24.37 9.39 -5.87
N VAL A 507 -25.21 9.84 -4.93
CA VAL A 507 -26.29 9.02 -4.42
C VAL A 507 -27.66 9.51 -4.87
N ILE A 508 -27.80 10.78 -5.26
CA ILE A 508 -29.07 11.29 -5.77
C ILE A 508 -28.76 12.30 -6.87
N ASP A 509 -29.57 12.27 -7.92
CA ASP A 509 -29.26 12.97 -9.15
C ASP A 509 -30.05 14.26 -9.29
N PHE A 510 -29.57 15.14 -10.16
CA PHE A 510 -30.12 16.48 -10.31
C PHE A 510 -30.14 16.86 -11.79
N SER A 511 -30.82 17.97 -12.09
CA SER A 511 -30.87 18.47 -13.47
C SER A 511 -31.18 19.95 -13.45
N LYS A 512 -30.25 20.77 -13.96
CA LYS A 512 -30.39 22.21 -14.15
C LYS A 512 -30.92 22.92 -12.90
N PRO A 513 -30.07 23.13 -11.88
CA PRO A 513 -30.51 23.87 -10.70
C PRO A 513 -31.35 25.09 -11.02
N PHE A 514 -32.58 25.11 -10.48
CA PHE A 514 -33.55 26.14 -10.86
C PHE A 514 -33.08 27.53 -10.47
N MET A 515 -32.37 27.67 -9.34
CA MET A 515 -31.78 28.95 -8.99
C MET A 515 -30.60 28.72 -8.06
N THR A 516 -29.76 29.76 -7.96
CA THR A 516 -28.58 29.75 -7.12
C THR A 516 -28.64 30.92 -6.15
N LEU A 517 -28.35 30.66 -4.87
CA LEU A 517 -28.40 31.67 -3.83
C LEU A 517 -27.17 31.56 -2.94
N GLY A 518 -26.86 32.67 -2.26
CA GLY A 518 -25.71 32.73 -1.38
C GLY A 518 -26.04 32.39 0.06
N ILE A 519 -25.01 32.43 0.90
CA ILE A 519 -25.10 32.16 2.33
C ILE A 519 -24.56 33.36 3.08
N SER A 520 -25.32 33.84 4.06
CA SER A 520 -24.95 35.01 4.85
C SER A 520 -25.05 34.69 6.33
N ILE A 521 -24.76 35.69 7.16
CA ILE A 521 -24.82 35.58 8.61
C ILE A 521 -25.95 36.45 9.11
N LEU A 522 -26.71 35.93 10.08
CA LEU A 522 -27.93 36.60 10.54
C LEU A 522 -27.82 36.89 12.03
N TYR A 523 -28.12 38.14 12.40
CA TYR A 523 -28.14 38.57 13.79
C TYR A 523 -28.81 39.93 13.89
N ARG A 524 -29.58 40.13 14.96
CA ARG A 524 -30.35 41.36 15.09
C ARG A 524 -29.43 42.56 15.37
N LYS A 525 -29.92 43.75 15.05
CA LYS A 525 -29.14 44.95 15.25
C LYS A 525 -28.99 45.23 16.75
N PRO A 526 -27.85 45.76 17.20
CA PRO A 526 -27.71 46.12 18.62
C PRO A 526 -28.49 47.36 19.01
N GLY A 532 -26.94 59.90 27.11
CA GLY A 532 -26.06 61.02 27.39
C GLY A 532 -25.93 61.36 28.86
N VAL A 533 -26.78 60.77 29.69
CA VAL A 533 -26.79 61.11 31.11
C VAL A 533 -25.88 60.18 31.92
N PHE A 534 -25.83 58.89 31.59
CA PHE A 534 -25.02 57.94 32.33
C PHE A 534 -23.65 57.71 31.70
N SER A 535 -23.40 58.27 30.52
CA SER A 535 -22.07 58.29 29.94
C SER A 535 -21.22 59.43 30.50
N PHE A 536 -21.84 60.34 31.24
CA PHE A 536 -21.13 61.46 31.86
C PHE A 536 -20.45 61.05 33.15
N LEU A 537 -20.74 59.86 33.67
CA LEU A 537 -20.11 59.31 34.86
C LEU A 537 -19.15 58.18 34.56
N ASN A 538 -18.87 57.90 33.29
CA ASN A 538 -18.02 56.78 32.92
C ASN A 538 -16.53 57.08 33.12
N PRO A 539 -15.99 58.21 32.64
CA PRO A 539 -14.54 58.42 32.78
C PRO A 539 -14.06 58.46 34.23
N LEU A 540 -14.80 59.12 35.11
CA LEU A 540 -14.41 59.26 36.50
C LEU A 540 -15.55 58.82 37.41
N SER A 541 -15.23 58.68 38.69
CA SER A 541 -16.23 58.25 39.66
C SER A 541 -17.30 59.33 39.81
N PRO A 542 -18.57 58.95 39.94
CA PRO A 542 -19.63 59.95 40.14
C PRO A 542 -19.42 60.79 41.39
N ASP A 543 -18.81 60.22 42.43
CA ASP A 543 -18.47 60.98 43.62
C ASP A 543 -17.56 62.15 43.27
N ILE A 544 -16.60 61.92 42.37
CA ILE A 544 -15.72 62.99 41.91
C ILE A 544 -16.53 64.07 41.22
N TRP A 545 -17.49 63.67 40.39
CA TRP A 545 -18.33 64.64 39.68
C TRP A 545 -19.14 65.48 40.65
N MET A 546 -19.69 64.87 41.69
CA MET A 546 -20.42 65.63 42.70
C MET A 546 -19.47 66.54 43.48
N TYR A 547 -18.23 66.11 43.67
CA TYR A 547 -17.25 66.89 44.43
C TYR A 547 -16.74 68.09 43.65
N VAL A 548 -16.75 68.01 42.31
CA VAL A 548 -16.11 69.05 41.50
C VAL A 548 -16.76 70.41 41.74
N LEU A 549 -18.09 70.47 41.66
CA LEU A 549 -18.78 71.74 41.80
C LEU A 549 -18.59 72.32 43.21
N LEU A 550 -18.67 71.47 44.23
CA LEU A 550 -18.50 71.93 45.61
C LEU A 550 -17.10 72.48 45.82
N ALA A 551 -16.08 71.77 45.33
CA ALA A 551 -14.72 72.30 45.46
C ALA A 551 -14.59 73.63 44.71
N TYR A 552 -15.17 73.71 43.51
CA TYR A 552 -15.07 74.92 42.70
C TYR A 552 -15.68 76.12 43.43
N LEU A 553 -16.83 75.92 44.08
CA LEU A 553 -17.49 77.00 44.81
C LEU A 553 -16.85 77.27 46.19
N GLY A 554 -16.05 76.33 46.69
CA GLY A 554 -15.51 76.48 48.04
C GLY A 554 -14.65 77.72 48.21
N VAL A 555 -13.49 77.77 47.54
CA VAL A 555 -12.65 78.97 47.60
C VAL A 555 -13.33 80.18 47.00
N SER A 556 -14.39 79.97 46.22
CA SER A 556 -15.20 81.12 45.82
C SER A 556 -15.76 81.83 47.04
N VAL A 557 -16.44 81.09 47.91
CA VAL A 557 -16.96 81.73 49.12
C VAL A 557 -15.83 82.05 50.09
N VAL A 558 -14.70 81.35 49.99
CA VAL A 558 -13.55 81.64 50.85
C VAL A 558 -12.96 83.00 50.51
N LEU A 559 -12.75 83.28 49.22
CA LEU A 559 -12.28 84.60 48.80
C LEU A 559 -13.31 85.66 49.08
N PHE A 560 -14.60 85.30 49.04
CA PHE A 560 -15.62 86.24 49.50
C PHE A 560 -15.34 86.72 50.92
N VAL A 561 -14.72 85.88 51.74
CA VAL A 561 -14.37 86.27 53.10
C VAL A 561 -12.97 86.88 53.18
N ILE A 562 -12.02 86.37 52.40
CA ILE A 562 -10.64 86.85 52.46
C ILE A 562 -10.58 88.30 51.98
N ALA A 563 -11.26 88.59 50.86
CA ALA A 563 -11.25 89.95 50.33
C ALA A 563 -11.92 90.93 51.29
N ARG A 564 -13.02 90.52 51.91
CA ARG A 564 -13.77 91.39 52.80
C ARG A 564 -13.04 91.59 54.12
N ALA A 611 -3.42 90.44 47.97
CA ALA A 611 -2.57 90.32 46.79
C ALA A 611 -1.76 89.03 46.82
N LEU A 612 -0.95 88.88 47.87
CA LEU A 612 -0.14 87.68 48.02
C LEU A 612 -1.03 86.44 48.14
N SER A 613 -2.06 86.53 48.98
CA SER A 613 -2.96 85.40 49.21
C SER A 613 -3.68 84.99 47.94
N THR A 614 -4.20 85.98 47.20
CA THR A 614 -4.93 85.68 45.97
C THR A 614 -4.03 84.98 44.96
N ARG A 615 -2.80 85.48 44.78
CA ARG A 615 -1.89 84.86 43.82
C ARG A 615 -1.53 83.44 44.24
N ILE A 616 -1.28 83.22 45.53
CA ILE A 616 -0.83 81.89 45.97
C ILE A 616 -1.98 80.89 46.03
N VAL A 617 -3.22 81.35 46.04
CA VAL A 617 -4.33 80.42 45.87
C VAL A 617 -4.61 80.16 44.39
N GLY A 618 -4.48 81.20 43.56
CA GLY A 618 -4.71 81.04 42.13
C GLY A 618 -3.73 80.10 41.46
N GLY A 619 -2.46 80.15 41.85
CA GLY A 619 -1.50 79.23 41.26
C GLY A 619 -1.85 77.78 41.51
N ILE A 620 -2.25 77.47 42.76
CA ILE A 620 -2.53 76.09 43.15
C ILE A 620 -3.85 75.58 42.59
N TRP A 621 -4.88 76.43 42.45
CA TRP A 621 -6.00 76.03 41.61
C TRP A 621 -5.61 75.85 40.15
N TRP A 622 -4.65 76.64 39.66
CA TRP A 622 -4.33 76.56 38.25
C TRP A 622 -3.75 75.20 37.91
N PHE A 623 -2.72 74.80 38.67
CA PHE A 623 -2.22 73.43 38.54
C PHE A 623 -3.30 72.42 38.84
N PHE A 624 -4.21 72.75 39.75
CA PHE A 624 -5.22 71.80 40.21
C PHE A 624 -6.13 71.37 39.05
N THR A 625 -6.73 72.35 38.37
CA THR A 625 -7.63 71.93 37.30
C THR A 625 -6.84 71.57 36.06
N LEU A 626 -5.56 71.94 35.98
CA LEU A 626 -4.73 71.37 34.94
C LEU A 626 -4.64 69.85 35.08
N ILE A 627 -4.47 69.39 36.33
CA ILE A 627 -4.53 67.96 36.60
C ILE A 627 -5.91 67.40 36.27
N ILE A 628 -6.96 68.13 36.65
CA ILE A 628 -8.32 67.66 36.40
C ILE A 628 -8.56 67.45 34.90
N ILE A 629 -8.22 68.45 34.09
CA ILE A 629 -8.47 68.37 32.66
C ILE A 629 -7.66 67.24 32.04
N SER A 630 -6.40 67.09 32.46
CA SER A 630 -5.60 65.99 31.94
C SER A 630 -6.27 64.66 32.22
N SER A 631 -6.67 64.44 33.48
CA SER A 631 -7.27 63.16 33.85
C SER A 631 -8.56 62.91 33.09
N TYR A 632 -9.47 63.88 33.09
CA TYR A 632 -10.73 63.75 32.37
C TYR A 632 -10.52 63.41 30.92
N THR A 633 -9.72 64.20 30.21
CA THR A 633 -9.69 64.05 28.77
C THR A 633 -8.94 62.80 28.36
N ALA A 634 -7.86 62.48 29.09
CA ALA A 634 -7.19 61.20 28.85
C ALA A 634 -8.17 60.05 28.99
N ASN A 635 -8.97 60.05 30.06
CA ASN A 635 -9.89 58.93 30.25
C ASN A 635 -11.04 58.95 29.25
N LEU A 636 -11.49 60.13 28.84
CA LEU A 636 -12.57 60.21 27.86
C LEU A 636 -12.15 59.65 26.52
N ALA A 637 -10.99 60.09 26.01
CA ALA A 637 -10.49 59.52 24.77
C ALA A 637 -10.13 58.06 24.94
N ALA A 638 -9.73 57.67 26.16
CA ALA A 638 -9.51 56.24 26.44
C ALA A 638 -10.78 55.44 26.21
N PHE A 639 -11.91 55.93 26.73
CA PHE A 639 -13.18 55.24 26.52
C PHE A 639 -13.55 55.20 25.05
N LEU A 640 -13.45 56.35 24.37
CA LEU A 640 -13.89 56.42 22.97
C LEU A 640 -13.02 55.55 22.07
N THR A 641 -11.71 55.60 22.25
CA THR A 641 -10.79 54.82 21.42
C THR A 641 -11.07 53.32 21.56
N VAL A 642 -11.31 52.87 22.80
CA VAL A 642 -11.61 51.47 23.01
C VAL A 642 -12.97 51.12 22.38
N GLU A 643 -13.99 51.93 22.64
CA GLU A 643 -15.30 51.58 22.10
C GLU A 643 -15.35 51.64 20.58
N ARG A 644 -14.37 52.29 19.95
CA ARG A 644 -14.32 52.22 18.49
C ARG A 644 -13.39 51.12 17.96
N MET A 645 -12.35 50.73 18.70
CA MET A 645 -11.39 49.78 18.13
C MET A 645 -12.02 48.40 17.94
N GLU A 646 -12.83 47.94 18.88
CA GLU A 646 -13.60 46.72 18.64
C GLU A 646 -14.81 47.06 17.76
N SER A 651 -18.13 39.80 8.57
CA SER A 651 -18.07 38.42 8.08
C SER A 651 -17.43 37.57 9.18
N ALA A 652 -17.42 36.26 8.96
CA ALA A 652 -17.09 35.30 10.01
C ALA A 652 -15.64 35.39 10.48
N ASP A 653 -14.79 36.14 9.78
CA ASP A 653 -13.39 36.22 10.18
C ASP A 653 -13.19 37.03 11.44
N ASP A 654 -13.98 38.09 11.65
CA ASP A 654 -13.97 38.75 12.95
C ASP A 654 -14.59 37.88 14.03
N LEU A 655 -15.49 36.97 13.65
CA LEU A 655 -15.93 35.91 14.54
C LEU A 655 -14.90 34.78 14.61
N ALA A 656 -13.91 34.79 13.72
CA ALA A 656 -12.73 33.96 13.88
C ALA A 656 -11.59 34.72 14.55
N LYS A 657 -11.56 36.05 14.40
CA LYS A 657 -10.63 36.88 15.16
C LYS A 657 -10.91 36.75 16.66
N GLN A 658 -12.19 36.78 17.04
CA GLN A 658 -12.60 36.55 18.40
C GLN A 658 -13.71 35.51 18.41
N THR A 659 -13.64 34.58 19.37
CA THR A 659 -14.61 33.49 19.48
C THR A 659 -15.12 33.44 20.91
N LYS A 660 -16.13 34.26 21.19
CA LYS A 660 -16.92 34.14 22.41
C LYS A 660 -18.40 34.35 22.14
N ILE A 661 -18.79 34.67 20.92
CA ILE A 661 -20.18 34.78 20.52
C ILE A 661 -20.56 33.42 19.93
N GLU A 662 -21.27 32.61 20.72
CA GLU A 662 -21.57 31.26 20.29
C GLU A 662 -22.45 31.27 19.04
N TYR A 663 -22.11 30.40 18.09
CA TYR A 663 -22.67 30.44 16.75
C TYR A 663 -22.93 29.02 16.25
N GLY A 664 -23.83 28.93 15.27
CA GLY A 664 -24.17 27.65 14.70
C GLY A 664 -25.24 27.79 13.64
N ALA A 665 -25.99 26.72 13.42
CA ALA A 665 -27.10 26.72 12.48
C ALA A 665 -28.10 25.66 12.91
N VAL A 666 -28.94 25.23 11.97
CA VAL A 666 -29.89 24.14 12.17
C VAL A 666 -29.18 22.82 11.92
N ARG A 667 -29.52 21.81 12.73
CA ARG A 667 -29.00 20.46 12.49
C ARG A 667 -29.42 19.97 11.11
N ASP A 668 -28.65 19.04 10.57
CA ASP A 668 -28.86 18.52 9.23
C ASP A 668 -28.85 19.65 8.20
N GLY A 669 -27.93 20.59 8.37
CA GLY A 669 -27.81 21.72 7.47
C GLY A 669 -26.77 21.48 6.40
N SER A 670 -27.03 22.00 5.20
CA SER A 670 -26.03 21.94 4.15
C SER A 670 -24.83 22.83 4.48
N THR A 671 -25.05 23.90 5.24
CA THR A 671 -23.95 24.77 5.64
C THR A 671 -22.93 24.00 6.48
N MET A 672 -23.39 23.32 7.52
CA MET A 672 -22.49 22.54 8.37
C MET A 672 -21.87 21.38 7.60
N THR A 673 -22.60 20.84 6.62
CA THR A 673 -22.01 19.89 5.69
C THR A 673 -20.81 20.50 4.99
N PHE A 674 -20.96 21.73 4.49
CA PHE A 674 -19.84 22.39 3.83
C PHE A 674 -18.69 22.62 4.80
N PHE A 675 -18.99 23.05 6.03
CA PHE A 675 -17.93 23.25 7.03
C PHE A 675 -17.13 21.97 7.25
N LYS A 676 -17.81 20.84 7.43
CA LYS A 676 -17.08 19.63 7.74
C LYS A 676 -16.38 19.05 6.51
N LYS A 677 -16.95 19.22 5.32
CA LYS A 677 -16.28 18.76 4.11
C LYS A 677 -15.25 19.74 3.57
N SER A 678 -15.20 20.97 4.08
CA SER A 678 -14.19 21.92 3.63
C SER A 678 -12.93 21.76 4.46
N LYS A 679 -11.79 21.78 3.78
CA LYS A 679 -10.49 21.65 4.43
C LYS A 679 -9.89 23.01 4.80
N ILE A 680 -10.66 24.09 4.65
CA ILE A 680 -10.25 25.38 5.18
C ILE A 680 -10.16 25.30 6.70
N SER A 681 -9.02 25.73 7.23
CA SER A 681 -8.78 25.61 8.67
C SER A 681 -9.73 26.48 9.47
N THR A 682 -10.07 27.67 8.95
CA THR A 682 -10.96 28.56 9.67
C THR A 682 -12.35 27.94 9.85
N TYR A 683 -12.95 27.48 8.75
CA TYR A 683 -14.27 26.88 8.85
C TYR A 683 -14.22 25.56 9.59
N GLU A 684 -13.06 24.87 9.53
CA GLU A 684 -12.89 23.65 10.31
C GLU A 684 -12.89 23.95 11.81
N LYS A 685 -12.27 25.06 12.22
CA LYS A 685 -12.28 25.38 13.64
C LYS A 685 -13.65 25.88 14.10
N MET A 686 -14.39 26.60 13.25
CA MET A 686 -15.78 26.88 13.63
C MET A 686 -16.60 25.58 13.70
N TRP A 687 -16.31 24.62 12.81
CA TRP A 687 -16.96 23.32 12.91
C TRP A 687 -16.64 22.65 14.24
N ALA A 688 -15.38 22.74 14.67
CA ALA A 688 -15.01 22.18 15.97
C ALA A 688 -15.77 22.87 17.10
N PHE A 689 -15.86 24.20 17.03
CA PHE A 689 -16.55 24.96 18.07
C PHE A 689 -18.02 24.57 18.14
N MET A 690 -18.66 24.41 16.98
CA MET A 690 -20.08 24.07 16.98
C MET A 690 -20.32 22.61 17.35
N SER A 691 -19.44 21.70 16.94
CA SER A 691 -19.56 20.31 17.37
C SER A 691 -19.42 20.19 18.88
N SER A 692 -18.57 21.02 19.47
CA SER A 692 -18.44 21.08 20.92
C SER A 692 -19.80 21.32 21.57
N ARG A 693 -19.87 21.04 22.87
CA ARG A 693 -21.11 21.06 23.62
C ARG A 693 -22.16 20.15 23.00
N GLN A 694 -21.81 18.86 22.96
CA GLN A 694 -22.69 17.75 22.55
C GLN A 694 -23.41 18.09 21.24
N GLN A 695 -22.82 19.00 20.48
CA GLN A 695 -23.47 19.64 19.34
C GLN A 695 -24.72 20.40 19.79
N SER A 696 -24.50 21.40 20.65
CA SER A 696 -25.56 22.29 21.08
C SER A 696 -25.66 23.55 20.23
N ALA A 697 -24.75 23.73 19.28
CA ALA A 697 -24.83 24.85 18.36
C ALA A 697 -25.78 24.58 17.21
N LEU A 698 -26.28 23.36 17.10
CA LEU A 698 -27.31 23.03 16.12
C LEU A 698 -28.68 23.07 16.78
N VAL A 699 -29.63 23.66 16.07
CA VAL A 699 -31.00 23.80 16.52
C VAL A 699 -31.88 22.98 15.59
N LYS A 700 -33.06 22.57 16.08
CA LYS A 700 -33.90 21.67 15.31
C LYS A 700 -34.58 22.37 14.14
N ASN A 701 -34.68 23.70 14.15
CA ASN A 701 -35.38 24.41 13.08
C ASN A 701 -34.91 25.85 13.06
N SER A 702 -35.34 26.58 12.03
CA SER A 702 -34.91 27.96 11.86
C SER A 702 -35.55 28.89 12.88
N ASP A 703 -36.80 28.62 13.27
CA ASP A 703 -37.54 29.60 14.06
C ASP A 703 -36.98 29.75 15.46
N GLU A 704 -36.67 28.64 16.14
CA GLU A 704 -36.09 28.78 17.47
C GLU A 704 -34.72 29.45 17.39
N GLY A 705 -33.98 29.18 16.32
CA GLY A 705 -32.70 29.83 16.13
C GLY A 705 -32.82 31.33 15.97
N ILE A 706 -33.77 31.78 15.15
CA ILE A 706 -33.93 33.23 14.97
C ILE A 706 -34.47 33.88 16.24
N GLN A 707 -35.36 33.21 16.96
CA GLN A 707 -35.84 33.80 18.21
C GLN A 707 -34.75 33.87 19.28
N ARG A 708 -33.86 32.89 19.36
CA ARG A 708 -32.76 33.01 20.31
C ARG A 708 -31.70 33.97 19.81
N VAL A 709 -31.63 34.20 18.50
CA VAL A 709 -30.83 35.31 17.96
C VAL A 709 -31.40 36.62 18.46
N LEU A 710 -32.73 36.74 18.49
CA LEU A 710 -33.38 37.98 18.91
C LEU A 710 -32.96 38.37 20.33
N THR A 711 -32.71 37.39 21.20
CA THR A 711 -32.36 37.65 22.58
C THR A 711 -30.89 37.34 22.87
N THR A 712 -30.47 36.10 22.63
CA THR A 712 -29.08 35.73 22.88
C THR A 712 -28.19 36.16 21.73
N ASP A 713 -26.93 36.44 22.05
CA ASP A 713 -25.94 36.86 21.06
C ASP A 713 -25.45 35.62 20.31
N TYR A 714 -26.21 35.24 19.29
CA TYR A 714 -25.99 34.02 18.52
C TYR A 714 -25.82 34.40 17.05
N ALA A 715 -24.65 34.07 16.50
CA ALA A 715 -24.39 34.28 15.08
C ALA A 715 -24.91 33.08 14.31
N LEU A 716 -26.01 33.26 13.61
CA LEU A 716 -26.72 32.16 12.95
C LEU A 716 -26.43 32.19 11.45
N LEU A 717 -26.19 31.01 10.88
CA LEU A 717 -25.83 30.87 9.48
C LEU A 717 -27.03 30.33 8.71
N MET A 718 -27.54 31.12 7.77
CA MET A 718 -28.69 30.74 6.95
C MET A 718 -28.38 31.05 5.49
N GLU A 719 -29.32 30.68 4.63
CA GLU A 719 -29.26 31.00 3.22
C GLU A 719 -29.81 32.39 2.96
N SER A 720 -29.62 32.87 1.72
CA SER A 720 -29.87 34.28 1.43
C SER A 720 -31.35 34.62 1.50
N THR A 721 -32.21 33.84 0.84
CA THR A 721 -33.58 34.26 0.61
C THR A 721 -34.36 34.39 1.91
N SER A 722 -34.15 33.45 2.84
CA SER A 722 -34.82 33.56 4.14
C SER A 722 -34.40 34.81 4.87
N ILE A 723 -33.10 35.14 4.82
CA ILE A 723 -32.61 36.35 5.46
C ILE A 723 -33.26 37.58 4.85
N GLU A 724 -33.32 37.63 3.52
CA GLU A 724 -33.96 38.77 2.86
C GLU A 724 -35.42 38.88 3.26
N TYR A 725 -36.14 37.76 3.29
CA TYR A 725 -37.55 37.79 3.62
C TYR A 725 -37.77 38.27 5.06
N VAL A 726 -36.98 37.75 6.00
CA VAL A 726 -37.17 38.13 7.40
C VAL A 726 -36.79 39.60 7.62
N THR A 727 -35.76 40.08 6.92
CA THR A 727 -35.42 41.49 7.03
C THR A 727 -36.51 42.37 6.44
N GLN A 728 -37.12 41.95 5.33
CA GLN A 728 -38.23 42.71 4.79
C GLN A 728 -39.46 42.66 5.70
N ARG A 729 -39.65 41.56 6.42
CA ARG A 729 -40.79 41.39 7.30
C ARG A 729 -40.49 41.83 8.73
N ASN A 730 -39.28 42.28 9.02
CA ASN A 730 -38.92 42.69 10.38
C ASN A 730 -37.81 43.72 10.29
N CYS A 731 -38.09 44.94 10.75
CA CYS A 731 -37.08 45.99 10.83
C CYS A 731 -36.39 46.04 12.19
N ASN A 732 -36.76 45.16 13.11
CA ASN A 732 -36.02 45.01 14.35
C ASN A 732 -34.81 44.10 14.21
N LEU A 733 -34.64 43.48 13.04
CA LEU A 733 -33.52 42.60 12.76
C LEU A 733 -32.95 42.94 11.40
N THR A 734 -31.63 43.10 11.32
CA THR A 734 -30.93 43.35 10.07
C THR A 734 -29.73 42.43 9.97
N GLN A 735 -29.54 41.83 8.80
CA GLN A 735 -28.47 40.86 8.60
C GLN A 735 -27.10 41.46 8.88
N ILE A 736 -26.14 40.59 9.15
CA ILE A 736 -24.76 40.98 9.39
C ILE A 736 -23.87 40.30 8.35
N GLY A 737 -23.08 41.09 7.64
CA GLY A 737 -22.15 40.56 6.67
C GLY A 737 -22.79 40.30 5.32
N GLY A 738 -21.94 40.21 4.30
CA GLY A 738 -22.41 39.95 2.96
C GLY A 738 -22.65 38.48 2.70
N LEU A 739 -22.32 38.00 1.51
CA LEU A 739 -22.51 36.60 1.13
C LEU A 739 -21.25 35.84 1.50
N ILE A 740 -21.37 34.90 2.44
CA ILE A 740 -20.21 34.15 2.89
C ILE A 740 -19.89 33.01 1.93
N ASP A 741 -20.91 32.45 1.27
CA ASP A 741 -20.73 31.42 0.26
C ASP A 741 -22.00 31.32 -0.58
N SER A 742 -21.84 30.90 -1.82
CA SER A 742 -22.96 30.73 -2.74
C SER A 742 -22.99 29.30 -3.26
N LYS A 743 -24.18 28.70 -3.27
CA LYS A 743 -24.41 27.39 -3.85
C LYS A 743 -25.69 27.41 -4.66
N GLY A 744 -25.72 26.63 -5.75
CA GLY A 744 -26.95 26.47 -6.50
C GLY A 744 -27.82 25.36 -5.93
N TYR A 745 -29.13 25.56 -6.02
CA TYR A 745 -30.11 24.59 -5.57
C TYR A 745 -30.85 24.01 -6.76
N GLY A 746 -30.91 22.67 -6.82
CA GLY A 746 -31.59 21.98 -7.89
C GLY A 746 -32.85 21.29 -7.39
N VAL A 747 -33.51 20.63 -8.33
CA VAL A 747 -34.75 19.91 -8.04
C VAL A 747 -34.42 18.46 -7.74
N GLY A 748 -34.92 17.96 -6.61
CA GLY A 748 -34.67 16.58 -6.22
C GLY A 748 -35.27 15.61 -7.23
N THR A 749 -34.42 14.78 -7.83
CA THR A 749 -34.85 13.79 -8.79
C THR A 749 -34.27 12.43 -8.41
N PRO A 750 -35.09 11.38 -8.39
CA PRO A 750 -34.57 10.05 -8.02
C PRO A 750 -33.49 9.60 -9.00
N ILE A 751 -32.52 8.86 -8.47
CA ILE A 751 -31.49 8.29 -9.32
C ILE A 751 -32.09 7.18 -10.18
N GLY A 752 -31.98 7.33 -11.50
CA GLY A 752 -32.61 6.43 -12.44
C GLY A 752 -34.03 6.80 -12.83
N SER A 753 -34.51 7.97 -12.43
CA SER A 753 -35.87 8.36 -12.76
C SER A 753 -35.99 8.70 -14.25
N PRO A 754 -36.94 8.09 -14.97
CA PRO A 754 -37.16 8.45 -16.37
C PRO A 754 -37.86 9.78 -16.60
N TYR A 755 -38.20 10.50 -15.52
CA TYR A 755 -38.96 11.73 -15.62
C TYR A 755 -38.07 12.93 -15.88
N ARG A 756 -36.77 12.69 -16.03
CA ARG A 756 -35.79 13.76 -16.10
C ARG A 756 -36.04 14.66 -17.31
N ASP A 757 -36.30 14.06 -18.48
CA ASP A 757 -36.41 14.83 -19.70
C ASP A 757 -37.61 15.77 -19.68
N LYS A 758 -38.77 15.26 -19.26
CA LYS A 758 -39.98 16.07 -19.28
C LYS A 758 -39.91 17.22 -18.27
N ILE A 759 -39.42 16.94 -17.06
CA ILE A 759 -39.28 18.02 -16.09
C ILE A 759 -38.22 19.02 -16.56
N THR A 760 -37.16 18.53 -17.20
CA THR A 760 -36.11 19.41 -17.68
C THR A 760 -36.62 20.34 -18.78
N ILE A 761 -37.39 19.81 -19.72
CA ILE A 761 -37.93 20.66 -20.78
C ILE A 761 -38.98 21.61 -20.21
N ALA A 762 -39.74 21.16 -19.20
CA ALA A 762 -40.70 22.06 -18.56
C ALA A 762 -40.00 23.23 -17.90
N ILE A 763 -38.91 22.97 -17.16
CA ILE A 763 -38.23 24.06 -16.50
C ILE A 763 -37.43 24.90 -17.49
N LEU A 764 -37.04 24.32 -18.62
CA LEU A 764 -36.49 25.12 -19.71
C LEU A 764 -37.54 26.09 -20.26
N GLN A 765 -38.77 25.61 -20.42
CA GLN A 765 -39.86 26.49 -20.81
C GLN A 765 -40.07 27.60 -19.78
N LEU A 766 -40.02 27.25 -18.50
CA LEU A 766 -40.16 28.24 -17.44
C LEU A 766 -39.07 29.30 -17.51
N GLN A 767 -37.81 28.87 -17.68
CA GLN A 767 -36.71 29.82 -17.69
C GLN A 767 -36.71 30.66 -18.96
N GLU A 768 -37.13 30.11 -20.09
CA GLU A 768 -37.18 30.92 -21.31
C GLU A 768 -38.35 31.88 -21.28
N GLU A 769 -39.46 31.52 -20.63
CA GLU A 769 -40.57 32.45 -20.49
C GLU A 769 -40.37 33.42 -19.33
N GLY A 770 -39.52 33.08 -18.38
CA GLY A 770 -39.17 34.00 -17.30
C GLY A 770 -40.30 34.36 -16.37
N LYS A 771 -41.21 33.42 -16.08
CA LYS A 771 -42.20 33.64 -15.05
C LYS A 771 -41.55 33.64 -13.66
N LEU A 772 -40.35 33.09 -13.56
CA LEU A 772 -39.69 32.94 -12.26
C LEU A 772 -39.35 34.28 -11.64
N HIS A 773 -39.10 35.30 -12.46
CA HIS A 773 -38.76 36.60 -11.90
C HIS A 773 -39.94 37.20 -11.13
N MET A 774 -41.12 37.23 -11.75
CA MET A 774 -42.32 37.66 -11.04
C MET A 774 -42.65 36.71 -9.90
N MET A 775 -42.38 35.41 -10.09
CA MET A 775 -42.66 34.43 -9.05
C MET A 775 -41.84 34.70 -7.80
N LYS A 776 -40.57 35.10 -7.97
CA LYS A 776 -39.78 35.61 -6.86
C LYS A 776 -40.39 36.89 -6.31
N GLU A 777 -40.76 37.81 -7.20
CA GLU A 777 -41.18 39.12 -6.74
C GLU A 777 -42.41 39.04 -5.84
N LYS A 778 -43.33 38.13 -6.13
CA LYS A 778 -44.63 38.19 -5.47
C LYS A 778 -44.51 37.90 -3.98
N TRP A 779 -43.59 37.02 -3.57
CA TRP A 779 -43.42 36.67 -2.17
C TRP A 779 -42.18 37.27 -1.52
N TRP A 780 -41.11 37.52 -2.26
CA TRP A 780 -39.95 38.22 -1.71
C TRP A 780 -40.08 39.74 -1.76
N ARG A 781 -41.27 40.26 -2.05
CA ARG A 781 -41.49 41.68 -1.98
C ARG A 781 -41.45 42.15 -0.53
N GLY A 782 -40.99 43.38 -0.32
CA GLY A 782 -40.96 43.95 1.01
C GLY A 782 -41.27 45.43 1.02
N ASN A 783 -41.15 46.05 2.18
CA ASN A 783 -41.35 47.49 2.31
C ASN A 783 -40.07 48.19 2.78
N GLY A 784 -38.93 47.51 2.73
CA GLY A 784 -37.69 48.09 3.16
C GLY A 784 -37.66 48.30 4.67
N CYS A 785 -36.71 49.11 5.11
CA CYS A 785 -36.57 49.47 6.50
C CYS A 785 -35.97 50.86 6.58
N PRO A 786 -36.50 51.73 7.46
CA PRO A 786 -36.00 53.11 7.58
C PRO A 786 -34.63 53.18 8.26
N GLU A 799 -24.84 59.81 22.36
CA GLU A 799 -23.58 60.03 23.05
C GLU A 799 -23.75 61.02 24.19
N ASN A 800 -22.65 61.36 24.85
CA ASN A 800 -22.66 62.33 25.93
C ASN A 800 -22.98 63.74 25.44
N ILE A 801 -22.98 63.96 24.14
CA ILE A 801 -23.27 65.29 23.59
C ILE A 801 -24.66 65.74 23.99
N GLY A 802 -25.65 64.84 23.91
CA GLY A 802 -27.00 65.17 24.27
C GLY A 802 -27.30 65.20 25.75
N GLY A 803 -26.35 64.79 26.59
CA GLY A 803 -26.52 64.81 28.03
C GLY A 803 -26.05 66.05 28.73
N ILE A 804 -25.55 67.04 28.00
CA ILE A 804 -25.03 68.26 28.61
C ILE A 804 -25.79 69.52 28.19
N PHE A 805 -26.42 69.54 27.01
CA PHE A 805 -27.13 70.72 26.54
C PHE A 805 -28.27 71.13 27.47
N ILE A 806 -28.92 70.16 28.12
CA ILE A 806 -29.99 70.49 29.05
C ILE A 806 -29.43 71.23 30.26
N VAL A 807 -28.25 70.84 30.73
CA VAL A 807 -27.61 71.56 31.82
C VAL A 807 -27.27 72.98 31.39
N LEU A 808 -26.81 73.15 30.14
CA LEU A 808 -26.52 74.48 29.63
C LEU A 808 -27.77 75.34 29.58
N ALA A 809 -28.90 74.76 29.15
CA ALA A 809 -30.14 75.50 29.10
C ALA A 809 -30.72 75.78 30.49
N ALA A 810 -30.40 74.94 31.49
CA ALA A 810 -30.91 75.16 32.83
C ALA A 810 -30.08 76.17 33.60
N GLY A 811 -28.78 76.26 33.29
CA GLY A 811 -27.93 77.22 33.97
C GLY A 811 -28.34 78.66 33.72
N LEU A 812 -28.84 78.95 32.52
CA LEU A 812 -29.30 80.31 32.22
C LEU A 812 -30.46 80.71 33.11
N VAL A 813 -31.41 79.80 33.31
CA VAL A 813 -32.53 80.08 34.20
C VAL A 813 -32.08 80.14 35.65
N LEU A 814 -31.13 79.27 36.03
CA LEU A 814 -30.63 79.27 37.39
C LEU A 814 -29.94 80.58 37.75
N SER A 815 -29.17 81.15 36.82
CA SER A 815 -28.51 82.42 37.07
C SER A 815 -29.52 83.54 37.33
N VAL A 816 -30.69 83.46 36.69
CA VAL A 816 -31.74 84.45 36.93
C VAL A 816 -32.26 84.35 38.35
N PHE A 817 -32.32 83.13 38.90
CA PHE A 817 -32.90 82.88 40.21
C PHE A 817 -31.96 83.23 41.35
N VAL A 818 -30.76 83.76 41.07
CA VAL A 818 -29.78 83.99 42.12
C VAL A 818 -29.51 85.48 42.30
N ALA A 819 -28.96 86.13 41.27
CA ALA A 819 -28.55 87.52 41.43
C ALA A 819 -28.93 88.45 40.28
N ILE A 820 -29.35 87.94 39.13
CA ILE A 820 -29.67 88.80 38.00
C ILE A 820 -31.19 88.98 37.87
N GLN B 1 -38.85 -72.36 1.79
CA GLN B 1 -39.08 -71.33 0.80
C GLN B 1 -37.76 -70.86 0.18
N VAL B 2 -37.82 -70.43 -1.07
CA VAL B 2 -36.65 -69.97 -1.81
C VAL B 2 -36.99 -68.63 -2.47
N LEU B 3 -36.08 -67.67 -2.35
CA LEU B 3 -36.31 -66.32 -2.86
C LEU B 3 -35.83 -66.21 -4.30
N ARG B 4 -36.73 -65.78 -5.18
CA ARG B 4 -36.38 -65.50 -6.58
C ARG B 4 -36.29 -64.00 -6.78
N ILE B 5 -35.13 -63.53 -7.23
CA ILE B 5 -34.88 -62.13 -7.49
C ILE B 5 -34.29 -62.00 -8.90
N GLY B 6 -34.53 -60.84 -9.51
CA GLY B 6 -34.08 -60.61 -10.86
C GLY B 6 -33.48 -59.23 -11.00
N GLY B 7 -32.51 -59.12 -11.91
CA GLY B 7 -31.85 -57.85 -12.16
C GLY B 7 -31.33 -57.71 -13.58
N ILE B 8 -31.68 -56.62 -14.23
CA ILE B 8 -31.20 -56.31 -15.57
C ILE B 8 -30.04 -55.33 -15.45
N PHE B 9 -28.87 -55.72 -15.96
CA PHE B 9 -27.66 -54.93 -15.88
C PHE B 9 -27.22 -54.58 -17.31
N GLU B 10 -27.29 -53.30 -17.66
CA GLU B 10 -26.73 -52.83 -18.91
C GLU B 10 -25.33 -52.30 -18.67
N THR B 11 -24.35 -52.86 -19.38
CA THR B 11 -22.97 -52.46 -19.19
C THR B 11 -22.20 -52.79 -20.47
N VAL B 12 -20.95 -52.33 -20.52
CA VAL B 12 -20.11 -52.57 -21.68
C VAL B 12 -19.56 -53.99 -21.63
N GLU B 13 -19.55 -54.66 -22.79
CA GLU B 13 -18.98 -55.99 -22.90
C GLU B 13 -17.70 -56.03 -23.73
N ASN B 14 -17.45 -55.03 -24.55
CA ASN B 14 -16.14 -54.87 -25.19
C ASN B 14 -15.09 -54.36 -24.22
N GLU B 15 -15.50 -53.99 -23.02
CA GLU B 15 -14.64 -53.61 -21.91
C GLU B 15 -15.05 -54.43 -20.70
N PRO B 16 -14.17 -54.55 -19.71
CA PRO B 16 -14.51 -55.36 -18.52
C PRO B 16 -15.77 -54.86 -17.84
N VAL B 17 -16.53 -55.80 -17.28
CA VAL B 17 -17.86 -55.50 -16.75
C VAL B 17 -17.76 -54.56 -15.56
N ASN B 18 -18.81 -53.77 -15.36
CA ASN B 18 -18.89 -52.84 -14.25
C ASN B 18 -19.08 -53.59 -12.93
N VAL B 19 -18.84 -52.87 -11.83
CA VAL B 19 -18.84 -53.44 -10.49
C VAL B 19 -20.22 -53.88 -10.02
N GLU B 20 -21.27 -53.48 -10.73
CA GLU B 20 -22.64 -53.72 -10.29
C GLU B 20 -22.91 -55.21 -10.09
N GLU B 21 -22.62 -56.01 -11.12
CA GLU B 21 -22.95 -57.44 -11.06
C GLU B 21 -22.12 -58.15 -9.99
N LEU B 22 -20.83 -57.81 -9.88
CA LEU B 22 -19.99 -58.46 -8.89
C LEU B 22 -20.45 -58.13 -7.47
N ALA B 23 -20.81 -56.87 -7.22
CA ALA B 23 -21.33 -56.50 -5.91
C ALA B 23 -22.62 -57.24 -5.61
N PHE B 24 -23.50 -57.36 -6.61
CA PHE B 24 -24.75 -58.08 -6.41
C PHE B 24 -24.50 -59.53 -6.02
N LYS B 25 -23.68 -60.23 -6.80
CA LYS B 25 -23.40 -61.63 -6.49
C LYS B 25 -22.67 -61.79 -5.17
N PHE B 26 -21.81 -60.84 -4.81
CA PHE B 26 -21.09 -60.94 -3.56
C PHE B 26 -22.03 -60.79 -2.37
N ALA B 27 -22.98 -59.85 -2.46
CA ALA B 27 -23.99 -59.74 -1.41
C ALA B 27 -24.84 -61.00 -1.33
N VAL B 28 -25.20 -61.57 -2.49
CA VAL B 28 -25.97 -62.81 -2.48
C VAL B 28 -25.20 -63.92 -1.79
N THR B 29 -23.90 -64.03 -2.09
CA THR B 29 -23.06 -65.03 -1.44
C THR B 29 -22.95 -64.78 0.05
N SER B 30 -22.86 -63.51 0.46
CA SER B 30 -22.78 -63.19 1.89
C SER B 30 -24.04 -63.67 2.61
N ILE B 31 -25.20 -63.44 2.02
CA ILE B 31 -26.44 -63.93 2.63
C ILE B 31 -26.47 -65.45 2.64
N ASN B 32 -26.07 -66.07 1.53
CA ASN B 32 -26.14 -67.53 1.43
C ASN B 32 -25.23 -68.20 2.46
N ARG B 33 -24.05 -67.64 2.69
CA ARG B 33 -23.12 -68.23 3.65
C ARG B 33 -23.57 -67.95 5.09
N ASN B 34 -24.23 -66.83 5.32
CA ASN B 34 -24.67 -66.46 6.67
C ASN B 34 -26.02 -67.11 6.94
N ARG B 35 -26.03 -68.14 7.79
CA ARG B 35 -27.26 -68.78 8.20
C ARG B 35 -27.64 -68.43 9.64
N THR B 36 -26.90 -67.51 10.27
CA THR B 36 -27.37 -66.94 11.52
C THR B 36 -28.68 -66.20 11.33
N LEU B 37 -28.90 -65.68 10.12
CA LEU B 37 -30.17 -65.10 9.71
C LEU B 37 -31.13 -66.23 9.32
N MET B 38 -32.25 -65.87 8.70
CA MET B 38 -33.29 -66.81 8.25
C MET B 38 -32.70 -68.06 7.58
N PRO B 39 -32.85 -69.21 8.23
CA PRO B 39 -32.21 -70.45 7.72
C PRO B 39 -33.08 -71.25 6.77
N ASN B 40 -34.40 -71.12 6.84
CA ASN B 40 -35.30 -71.88 5.98
C ASN B 40 -35.36 -71.34 4.57
N THR B 41 -34.84 -70.13 4.33
CA THR B 41 -34.95 -69.47 3.03
C THR B 41 -33.57 -69.36 2.41
N THR B 42 -33.46 -69.76 1.14
CA THR B 42 -32.25 -69.61 0.35
C THR B 42 -32.52 -68.62 -0.77
N LEU B 43 -31.60 -67.67 -0.96
CA LEU B 43 -31.75 -66.63 -1.95
C LEU B 43 -31.20 -67.09 -3.29
N THR B 44 -31.98 -66.88 -4.35
CA THR B 44 -31.60 -67.26 -5.70
C THR B 44 -31.80 -66.07 -6.63
N TYR B 45 -31.02 -66.03 -7.70
CA TYR B 45 -31.00 -64.88 -8.59
C TYR B 45 -30.73 -65.34 -10.02
N ASP B 46 -31.12 -64.49 -10.97
CA ASP B 46 -30.72 -64.62 -12.36
C ASP B 46 -30.16 -63.28 -12.81
N ILE B 47 -29.12 -63.33 -13.65
CA ILE B 47 -28.43 -62.13 -14.10
C ILE B 47 -28.76 -61.91 -15.57
N GLN B 48 -29.32 -60.75 -15.89
CA GLN B 48 -29.69 -60.40 -17.25
C GLN B 48 -28.76 -59.30 -17.74
N ARG B 49 -28.14 -59.51 -18.88
CA ARG B 49 -27.08 -58.64 -19.38
C ARG B 49 -27.38 -58.21 -20.81
N ILE B 50 -27.05 -56.96 -21.10
CA ILE B 50 -27.27 -56.39 -22.43
C ILE B 50 -26.23 -55.30 -22.63
N ASN B 51 -25.79 -55.14 -23.89
CA ASN B 51 -24.79 -54.14 -24.22
C ASN B 51 -25.36 -52.73 -24.04
N LEU B 52 -24.46 -51.75 -24.05
CA LEU B 52 -24.87 -50.36 -23.99
C LEU B 52 -25.71 -50.01 -25.21
N PHE B 53 -27.00 -49.76 -24.99
CA PHE B 53 -27.91 -49.53 -26.10
C PHE B 53 -28.97 -48.53 -25.66
N ASP B 54 -29.50 -47.80 -26.64
CA ASP B 54 -30.49 -46.76 -26.40
C ASP B 54 -31.80 -47.08 -27.12
N SER B 55 -32.16 -48.36 -27.19
CA SER B 55 -33.25 -48.79 -28.06
C SER B 55 -34.23 -49.72 -27.37
N PHE B 56 -35.10 -50.33 -28.18
CA PHE B 56 -36.13 -51.25 -27.71
C PHE B 56 -35.48 -52.56 -27.25
N GLU B 57 -36.33 -53.54 -26.94
CA GLU B 57 -36.03 -54.87 -26.42
C GLU B 57 -35.75 -54.84 -24.92
N ALA B 58 -35.65 -53.65 -24.30
CA ALA B 58 -35.62 -53.60 -22.85
C ALA B 58 -36.93 -54.09 -22.26
N SER B 59 -38.05 -53.67 -22.86
CA SER B 59 -39.34 -54.21 -22.47
C SER B 59 -39.42 -55.71 -22.71
N ARG B 60 -38.71 -56.21 -23.73
CA ARG B 60 -38.67 -57.64 -23.95
C ARG B 60 -37.96 -58.36 -22.81
N ARG B 61 -36.86 -57.78 -22.31
CA ARG B 61 -36.20 -58.34 -21.14
C ARG B 61 -37.11 -58.30 -19.93
N ALA B 62 -37.86 -57.21 -19.77
CA ALA B 62 -38.83 -57.11 -18.68
C ALA B 62 -39.90 -58.19 -18.79
N CYS B 63 -40.39 -58.43 -20.02
CA CYS B 63 -41.36 -59.50 -20.24
C CYS B 63 -40.76 -60.85 -19.86
N ASP B 64 -39.50 -61.08 -20.23
CA ASP B 64 -38.84 -62.33 -19.87
C ASP B 64 -38.78 -62.51 -18.36
N GLN B 65 -38.39 -61.45 -17.64
CA GLN B 65 -38.31 -61.54 -16.19
C GLN B 65 -39.68 -61.77 -15.58
N LEU B 66 -40.71 -61.09 -16.09
CA LEU B 66 -42.06 -61.28 -15.58
C LEU B 66 -42.55 -62.71 -15.81
N ALA B 67 -42.29 -63.26 -17.00
CA ALA B 67 -42.67 -64.64 -17.27
C ALA B 67 -41.93 -65.60 -16.35
N LEU B 68 -40.64 -65.34 -16.10
CA LEU B 68 -39.88 -66.17 -15.19
C LEU B 68 -40.43 -66.07 -13.77
N GLY B 69 -40.58 -64.84 -13.27
CA GLY B 69 -41.10 -64.64 -11.93
C GLY B 69 -40.04 -64.44 -10.88
N VAL B 70 -39.87 -63.18 -10.45
CA VAL B 70 -38.92 -62.83 -9.41
C VAL B 70 -39.63 -61.91 -8.42
N ALA B 71 -38.87 -61.45 -7.42
CA ALA B 71 -39.44 -60.57 -6.40
C ALA B 71 -39.34 -59.09 -6.77
N ALA B 72 -38.29 -58.70 -7.48
CA ALA B 72 -38.09 -57.31 -7.86
C ALA B 72 -37.08 -57.27 -9.01
N LEU B 73 -36.88 -56.08 -9.55
CA LEU B 73 -35.94 -55.85 -10.64
C LEU B 73 -34.90 -54.83 -10.23
N PHE B 74 -33.65 -55.10 -10.60
CA PHE B 74 -32.53 -54.22 -10.29
C PHE B 74 -32.15 -53.43 -11.53
N GLY B 75 -31.93 -52.13 -11.35
CA GLY B 75 -31.57 -51.26 -12.44
C GLY B 75 -32.73 -51.00 -13.37
N PRO B 76 -32.43 -50.68 -14.64
CA PRO B 76 -31.09 -50.55 -15.21
C PRO B 76 -30.39 -49.24 -14.83
N SER B 77 -29.12 -49.12 -15.21
CA SER B 77 -28.36 -47.91 -14.89
C SER B 77 -28.91 -46.70 -15.64
N HIS B 78 -29.20 -46.86 -16.93
CA HIS B 78 -29.62 -45.74 -17.76
C HIS B 78 -31.10 -45.49 -17.57
N SER B 79 -31.45 -44.23 -17.28
CA SER B 79 -32.84 -43.88 -16.99
C SER B 79 -33.75 -44.01 -18.21
N SER B 80 -33.19 -44.02 -19.42
CA SER B 80 -34.01 -44.15 -20.62
C SER B 80 -34.80 -45.45 -20.59
N SER B 81 -34.14 -46.55 -20.23
CA SER B 81 -34.84 -47.81 -20.03
C SER B 81 -35.55 -47.88 -18.68
N VAL B 82 -35.10 -47.08 -17.70
CA VAL B 82 -35.74 -47.08 -16.39
C VAL B 82 -37.17 -46.57 -16.50
N SER B 83 -37.42 -45.61 -17.38
CA SER B 83 -38.78 -45.11 -17.57
C SER B 83 -39.71 -46.24 -18.02
N ALA B 84 -39.31 -47.00 -19.03
CA ALA B 84 -40.12 -48.13 -19.47
C ALA B 84 -40.24 -49.18 -18.38
N VAL B 85 -39.15 -49.47 -17.67
CA VAL B 85 -39.19 -50.45 -16.59
C VAL B 85 -40.22 -50.04 -15.55
N GLN B 86 -40.26 -48.75 -15.23
CA GLN B 86 -41.25 -48.25 -14.28
C GLN B 86 -42.66 -48.38 -14.86
N SER B 87 -42.82 -48.13 -16.16
CA SER B 87 -44.12 -48.27 -16.79
C SER B 87 -44.66 -49.69 -16.64
N ILE B 88 -43.83 -50.68 -16.95
CA ILE B 88 -44.30 -52.06 -16.76
C ILE B 88 -44.51 -52.39 -15.29
N CYS B 89 -43.58 -52.00 -14.41
CA CYS B 89 -43.69 -52.46 -13.02
C CYS B 89 -44.92 -51.87 -12.34
N ASN B 90 -45.24 -50.60 -12.61
CA ASN B 90 -46.46 -50.05 -12.06
C ASN B 90 -47.69 -50.39 -12.90
N ALA B 91 -47.50 -51.00 -14.07
CA ALA B 91 -48.65 -51.53 -14.80
C ALA B 91 -49.35 -52.63 -14.00
N LEU B 92 -48.58 -53.52 -13.37
CA LEU B 92 -49.12 -54.53 -12.46
C LEU B 92 -48.76 -54.25 -11.01
N GLU B 93 -48.41 -53.01 -10.69
CA GLU B 93 -48.07 -52.53 -9.35
C GLU B 93 -47.18 -53.52 -8.59
N VAL B 94 -46.02 -53.78 -9.18
CA VAL B 94 -44.95 -54.56 -8.55
C VAL B 94 -43.79 -53.61 -8.27
N PRO B 95 -43.24 -53.59 -7.06
CA PRO B 95 -42.21 -52.60 -6.73
C PRO B 95 -40.92 -52.83 -7.50
N HIS B 96 -40.24 -51.73 -7.81
CA HIS B 96 -38.95 -51.74 -8.49
C HIS B 96 -38.07 -50.64 -7.90
N ILE B 97 -36.78 -50.95 -7.71
CA ILE B 97 -35.84 -50.05 -7.06
C ILE B 97 -34.87 -49.51 -8.10
N GLN B 98 -34.54 -48.22 -7.99
CA GLN B 98 -33.64 -47.56 -8.91
C GLN B 98 -32.26 -47.40 -8.27
N THR B 99 -31.22 -47.50 -9.11
CA THR B 99 -29.85 -47.53 -8.63
C THR B 99 -29.25 -46.15 -8.42
N ARG B 100 -29.61 -45.17 -9.25
CA ARG B 100 -29.02 -43.84 -9.18
C ARG B 100 -30.11 -42.82 -9.48
N TRP B 101 -29.70 -41.56 -9.70
CA TRP B 101 -30.66 -40.48 -9.87
C TRP B 101 -31.55 -40.70 -11.08
N LYS B 102 -32.83 -40.39 -10.91
CA LYS B 102 -33.81 -40.44 -11.98
C LYS B 102 -34.63 -39.16 -11.92
N HIS B 103 -34.99 -38.64 -13.09
CA HIS B 103 -35.76 -37.40 -13.14
C HIS B 103 -37.12 -37.63 -12.48
N PRO B 104 -37.48 -36.86 -11.47
CA PRO B 104 -38.77 -37.07 -10.80
C PRO B 104 -39.93 -36.80 -11.73
N SER B 105 -41.00 -37.57 -11.56
CA SER B 105 -42.23 -37.35 -12.31
C SER B 105 -42.91 -36.11 -11.74
N VAL B 106 -42.76 -34.97 -12.41
CA VAL B 106 -43.29 -33.71 -11.93
C VAL B 106 -44.73 -33.48 -12.38
N ASP B 107 -45.36 -34.49 -12.99
CA ASP B 107 -46.74 -34.41 -13.44
C ASP B 107 -47.61 -35.53 -12.90
N SER B 108 -47.06 -36.71 -12.68
CA SER B 108 -47.78 -37.83 -12.08
C SER B 108 -47.14 -38.18 -10.75
N ARG B 109 -47.95 -38.73 -9.85
CA ARG B 109 -47.48 -39.14 -8.54
C ARG B 109 -47.42 -40.67 -8.50
N ASP B 110 -46.24 -41.19 -8.18
CA ASP B 110 -45.99 -42.62 -8.12
C ASP B 110 -45.28 -42.95 -6.82
N LEU B 111 -45.78 -43.96 -6.11
CA LEU B 111 -45.20 -44.37 -4.83
C LEU B 111 -44.10 -45.42 -4.99
N PHE B 112 -43.88 -45.93 -6.20
CA PHE B 112 -42.94 -47.01 -6.44
C PHE B 112 -41.53 -46.50 -6.68
N TYR B 113 -41.23 -45.27 -6.28
CA TYR B 113 -39.91 -44.67 -6.50
C TYR B 113 -39.02 -45.04 -5.33
N ILE B 114 -38.20 -46.06 -5.52
CA ILE B 114 -37.21 -46.43 -4.51
C ILE B 114 -35.83 -46.13 -5.07
N ASN B 115 -35.34 -44.92 -4.81
CA ASN B 115 -34.01 -44.50 -5.22
C ASN B 115 -33.19 -44.22 -3.98
N LEU B 116 -32.04 -44.89 -3.88
CA LEU B 116 -31.13 -44.66 -2.77
C LEU B 116 -30.15 -43.54 -3.07
N TYR B 117 -30.20 -42.97 -4.27
CA TYR B 117 -29.27 -41.92 -4.64
C TYR B 117 -29.56 -40.67 -3.81
N PRO B 118 -28.51 -39.99 -3.33
CA PRO B 118 -28.73 -38.83 -2.46
C PRO B 118 -29.48 -37.71 -3.16
N ASP B 119 -30.28 -36.98 -2.39
CA ASP B 119 -31.03 -35.86 -2.93
C ASP B 119 -30.10 -34.73 -3.34
N TYR B 120 -30.48 -34.05 -4.43
CA TYR B 120 -29.75 -32.85 -4.84
C TYR B 120 -29.90 -31.75 -3.81
N ALA B 121 -31.07 -31.67 -3.18
CA ALA B 121 -31.32 -30.60 -2.21
C ALA B 121 -30.39 -30.70 -1.02
N ALA B 122 -30.17 -31.92 -0.50
CA ALA B 122 -29.35 -32.08 0.70
C ALA B 122 -27.90 -31.70 0.43
N ILE B 123 -27.33 -32.17 -0.66
CA ILE B 123 -25.95 -31.83 -0.97
C ILE B 123 -25.83 -30.35 -1.31
N SER B 124 -26.85 -29.80 -1.97
CA SER B 124 -26.81 -28.38 -2.31
C SER B 124 -26.83 -27.53 -1.04
N ARG B 125 -27.67 -27.87 -0.08
CA ARG B 125 -27.68 -27.11 1.17
C ARG B 125 -26.42 -27.39 1.98
N ALA B 126 -25.82 -28.56 1.83
CA ALA B 126 -24.53 -28.82 2.49
C ALA B 126 -23.46 -27.89 1.96
N VAL B 127 -23.40 -27.70 0.64
CA VAL B 127 -22.38 -26.81 0.10
C VAL B 127 -22.71 -25.35 0.43
N LEU B 128 -24.00 -24.99 0.45
CA LEU B 128 -24.36 -23.68 1.00
C LEU B 128 -23.81 -23.51 2.40
N ASP B 129 -23.99 -24.53 3.25
CA ASP B 129 -23.56 -24.45 4.63
C ASP B 129 -22.05 -24.24 4.72
N LEU B 130 -21.30 -25.04 3.97
CA LEU B 130 -19.84 -24.92 4.06
C LEU B 130 -19.37 -23.56 3.55
N VAL B 131 -19.94 -23.07 2.45
CA VAL B 131 -19.46 -21.81 1.90
C VAL B 131 -19.84 -20.65 2.79
N LEU B 132 -21.04 -20.68 3.39
CA LEU B 132 -21.43 -19.59 4.28
C LEU B 132 -20.62 -19.65 5.58
N TYR B 133 -20.29 -20.86 6.03
CA TYR B 133 -19.39 -20.99 7.17
C TYR B 133 -18.03 -20.41 6.85
N TYR B 134 -17.54 -20.63 5.63
CA TYR B 134 -16.24 -20.14 5.22
C TYR B 134 -16.27 -18.65 4.85
N ASN B 135 -17.46 -18.06 4.73
CA ASN B 135 -17.63 -16.62 4.62
C ASN B 135 -16.79 -16.03 3.49
N TRP B 136 -16.72 -16.72 2.36
CA TRP B 136 -16.04 -16.17 1.21
C TRP B 136 -17.03 -15.41 0.36
N LYS B 137 -16.84 -14.09 0.29
CA LYS B 137 -17.74 -13.21 -0.44
C LYS B 137 -17.36 -13.14 -1.92
N THR B 138 -16.25 -13.77 -2.31
CA THR B 138 -15.75 -13.74 -3.68
C THR B 138 -15.56 -15.19 -4.11
N VAL B 139 -16.52 -15.74 -4.85
CA VAL B 139 -16.49 -17.13 -5.28
C VAL B 139 -16.94 -17.24 -6.74
N THR B 140 -16.51 -18.32 -7.37
CA THR B 140 -16.95 -18.70 -8.71
C THR B 140 -17.22 -20.19 -8.73
N VAL B 141 -18.01 -20.62 -9.71
CA VAL B 141 -18.31 -22.04 -9.90
C VAL B 141 -18.28 -22.35 -11.39
N VAL B 142 -17.85 -23.56 -11.71
CA VAL B 142 -17.81 -24.06 -13.08
C VAL B 142 -18.60 -25.37 -13.13
N TYR B 143 -19.34 -25.56 -14.22
CA TYR B 143 -20.23 -26.69 -14.36
C TYR B 143 -20.05 -27.33 -15.73
N GLU B 144 -20.32 -28.64 -15.79
CA GLU B 144 -20.04 -29.38 -17.02
C GLU B 144 -21.07 -29.10 -18.10
N ASP B 145 -22.35 -29.05 -17.74
CA ASP B 145 -23.39 -28.71 -18.71
C ASP B 145 -24.59 -28.16 -17.95
N SER B 146 -25.60 -27.74 -18.71
CA SER B 146 -26.85 -27.28 -18.11
C SER B 146 -27.46 -28.35 -17.22
N THR B 147 -27.22 -29.63 -17.53
CA THR B 147 -27.61 -30.71 -16.64
C THR B 147 -26.95 -30.57 -15.27
N GLY B 148 -25.80 -29.89 -15.19
CA GLY B 148 -25.15 -29.70 -13.91
C GLY B 148 -25.94 -28.84 -12.95
N LEU B 149 -26.59 -27.78 -13.46
CA LEU B 149 -27.19 -26.78 -12.60
C LEU B 149 -28.35 -27.30 -11.76
N ILE B 150 -28.97 -28.42 -12.15
CA ILE B 150 -30.12 -28.92 -11.41
C ILE B 150 -29.74 -29.31 -9.98
N ARG B 151 -28.44 -29.45 -9.70
CA ARG B 151 -28.00 -29.78 -8.35
C ARG B 151 -27.83 -28.54 -7.49
N LEU B 152 -27.28 -27.46 -8.04
CA LEU B 152 -26.75 -26.35 -7.27
C LEU B 152 -27.48 -25.04 -7.53
N GLN B 153 -28.77 -25.12 -7.86
CA GLN B 153 -29.54 -23.92 -8.17
C GLN B 153 -29.53 -22.90 -7.04
N GLU B 154 -29.81 -23.32 -5.81
CA GLU B 154 -29.87 -22.32 -4.76
C GLU B 154 -28.49 -21.84 -4.32
N LEU B 155 -27.41 -22.47 -4.75
CA LEU B 155 -26.10 -21.85 -4.60
C LEU B 155 -26.07 -20.48 -5.28
N ILE B 156 -26.73 -20.36 -6.44
CA ILE B 156 -26.77 -19.08 -7.12
C ILE B 156 -28.04 -18.30 -6.76
N LYS B 157 -29.04 -18.94 -6.18
CA LYS B 157 -30.14 -18.18 -5.59
C LYS B 157 -29.75 -17.50 -4.27
N ALA B 158 -28.72 -18.00 -3.60
CA ALA B 158 -28.32 -17.45 -2.29
C ALA B 158 -28.05 -15.94 -2.31
N PRO B 159 -27.38 -15.36 -3.33
CA PRO B 159 -27.21 -13.90 -3.31
C PRO B 159 -28.51 -13.12 -3.40
N SER B 160 -29.66 -13.81 -3.40
CA SER B 160 -30.91 -13.12 -3.14
C SER B 160 -31.01 -12.72 -1.68
N ARG B 161 -30.69 -13.64 -0.76
CA ARG B 161 -30.68 -13.35 0.66
C ARG B 161 -29.40 -12.68 1.12
N TYR B 162 -28.37 -12.65 0.28
CA TYR B 162 -27.06 -12.15 0.65
C TYR B 162 -26.56 -11.30 -0.51
N ASN B 163 -25.27 -10.97 -0.50
CA ASN B 163 -24.69 -10.19 -1.58
C ASN B 163 -23.36 -10.79 -2.04
N ILE B 164 -23.29 -12.11 -2.14
CA ILE B 164 -22.11 -12.74 -2.70
C ILE B 164 -22.11 -12.54 -4.21
N LYS B 165 -21.01 -11.98 -4.74
CA LYS B 165 -20.85 -11.87 -6.19
C LYS B 165 -20.28 -13.20 -6.68
N ILE B 166 -21.12 -13.99 -7.32
CA ILE B 166 -20.76 -15.30 -7.81
C ILE B 166 -20.51 -15.21 -9.31
N LYS B 167 -19.47 -15.90 -9.78
CA LYS B 167 -19.17 -16.01 -11.20
C LYS B 167 -19.50 -17.42 -11.67
N ILE B 168 -20.16 -17.50 -12.83
CA ILE B 168 -20.78 -18.73 -13.31
C ILE B 168 -20.20 -19.01 -14.68
N ARG B 169 -19.68 -20.22 -14.91
CA ARG B 169 -19.09 -20.56 -16.20
C ARG B 169 -19.15 -22.06 -16.44
N GLN B 170 -18.98 -22.44 -17.71
CA GLN B 170 -19.35 -23.74 -18.28
C GLN B 170 -18.15 -24.41 -18.93
N LEU B 171 -18.11 -25.74 -18.87
CA LEU B 171 -17.19 -26.77 -19.37
C LEU B 171 -17.65 -27.30 -20.73
N PRO B 172 -16.81 -27.24 -21.76
CA PRO B 172 -17.24 -27.62 -23.12
C PRO B 172 -17.36 -29.13 -23.25
N PRO B 173 -18.02 -29.61 -24.32
CA PRO B 173 -18.07 -31.06 -24.55
C PRO B 173 -16.72 -31.70 -24.80
N ALA B 174 -15.73 -30.94 -25.25
CA ALA B 174 -14.35 -31.40 -25.33
C ALA B 174 -13.64 -30.82 -24.10
N ASN B 175 -13.56 -31.62 -23.04
CA ASN B 175 -12.89 -31.22 -21.82
C ASN B 175 -11.40 -31.50 -21.85
N LYS B 176 -10.91 -32.23 -22.85
CA LYS B 176 -9.49 -32.52 -22.97
C LYS B 176 -8.67 -31.27 -23.29
N ASP B 177 -9.31 -30.23 -23.80
CA ASP B 177 -8.66 -28.98 -24.19
C ASP B 177 -9.29 -27.81 -23.45
N ALA B 178 -9.47 -27.97 -22.14
CA ALA B 178 -9.98 -26.91 -21.28
C ALA B 178 -8.91 -25.89 -20.90
N LYS B 179 -7.74 -25.97 -21.53
CA LYS B 179 -6.68 -25.00 -21.25
C LYS B 179 -7.12 -23.55 -21.43
N PRO B 180 -7.84 -23.17 -22.50
CA PRO B 180 -8.32 -21.78 -22.57
C PRO B 180 -9.07 -21.37 -21.33
N LEU B 181 -10.24 -21.98 -21.09
CA LEU B 181 -11.13 -21.47 -20.06
C LEU B 181 -10.39 -21.26 -18.75
N LEU B 182 -9.52 -22.21 -18.39
CA LEU B 182 -8.73 -22.05 -17.18
C LEU B 182 -7.78 -20.86 -17.29
N LYS B 183 -7.12 -20.68 -18.44
CA LYS B 183 -6.17 -19.59 -18.50
C LYS B 183 -6.86 -18.24 -18.40
N GLU B 184 -7.97 -18.03 -19.11
CA GLU B 184 -8.55 -16.69 -18.95
C GLU B 184 -9.32 -16.54 -17.65
N MET B 185 -9.85 -17.61 -17.05
CA MET B 185 -10.47 -17.41 -15.74
C MET B 185 -9.43 -17.01 -14.70
N LYS B 186 -8.27 -17.67 -14.70
CA LYS B 186 -7.24 -17.22 -13.76
C LYS B 186 -6.67 -15.87 -14.15
N LYS B 187 -6.75 -15.49 -15.43
CA LYS B 187 -6.42 -14.12 -15.80
C LYS B 187 -7.38 -13.11 -15.17
N SER B 188 -8.58 -13.55 -14.80
CA SER B 188 -9.53 -12.67 -14.14
C SER B 188 -9.29 -12.56 -12.64
N LYS B 189 -8.28 -13.26 -12.11
CA LYS B 189 -7.86 -13.13 -10.72
C LYS B 189 -8.95 -13.53 -9.74
N GLU B 190 -9.43 -14.77 -9.89
CA GLU B 190 -10.28 -15.38 -8.87
C GLU B 190 -9.64 -16.69 -8.42
N PHE B 191 -9.85 -17.04 -7.15
CA PHE B 191 -9.14 -18.13 -6.52
C PHE B 191 -10.04 -19.20 -5.95
N TYR B 192 -11.33 -18.91 -5.74
CA TYR B 192 -12.25 -19.79 -5.05
C TYR B 192 -13.24 -20.33 -6.06
N VAL B 193 -13.15 -21.63 -6.34
CA VAL B 193 -13.90 -22.24 -7.43
C VAL B 193 -14.51 -23.56 -6.96
N ILE B 194 -15.65 -23.91 -7.53
CA ILE B 194 -16.37 -25.14 -7.23
C ILE B 194 -16.49 -25.92 -8.52
N PHE B 195 -16.14 -27.19 -8.48
CA PHE B 195 -16.10 -28.03 -9.69
C PHE B 195 -17.36 -28.87 -9.75
N ASP B 196 -18.34 -28.44 -10.53
CA ASP B 196 -19.49 -29.28 -10.86
C ASP B 196 -19.05 -30.24 -11.94
N CYS B 197 -18.61 -31.43 -11.53
CA CYS B 197 -17.99 -32.37 -12.45
C CYS B 197 -18.39 -33.78 -12.07
N SER B 198 -18.30 -34.68 -13.05
CA SER B 198 -18.64 -36.08 -12.84
C SER B 198 -17.40 -36.88 -12.47
N HIS B 199 -17.60 -38.16 -12.17
CA HIS B 199 -16.48 -39.03 -11.82
C HIS B 199 -15.53 -39.20 -12.99
N GLU B 200 -16.06 -39.37 -14.20
CA GLU B 200 -15.22 -39.52 -15.37
C GLU B 200 -14.42 -38.26 -15.64
N THR B 201 -15.07 -37.10 -15.56
CA THR B 201 -14.37 -35.84 -15.75
C THR B 201 -13.42 -35.52 -14.61
N ALA B 202 -13.64 -36.10 -13.43
CA ALA B 202 -12.71 -35.89 -12.33
C ALA B 202 -11.32 -36.41 -12.67
N ALA B 203 -11.25 -37.59 -13.29
CA ALA B 203 -9.97 -38.19 -13.62
C ALA B 203 -9.15 -37.28 -14.52
N GLU B 204 -9.80 -36.61 -15.46
CA GLU B 204 -9.07 -35.72 -16.35
C GLU B 204 -8.80 -34.36 -15.74
N ILE B 205 -9.76 -33.77 -15.02
CA ILE B 205 -9.48 -32.47 -14.42
C ILE B 205 -8.32 -32.59 -13.44
N LEU B 206 -8.17 -33.75 -12.80
CA LEU B 206 -7.05 -33.95 -11.90
C LEU B 206 -5.72 -33.89 -12.63
N LYS B 207 -5.69 -34.15 -13.94
CA LYS B 207 -4.44 -34.03 -14.67
C LYS B 207 -4.25 -32.68 -15.35
N GLN B 208 -5.30 -32.09 -15.92
CA GLN B 208 -5.11 -30.70 -16.40
C GLN B 208 -4.80 -29.74 -15.27
N ILE B 209 -5.33 -29.95 -14.06
CA ILE B 209 -4.99 -29.05 -12.95
C ILE B 209 -3.50 -29.11 -12.67
N LEU B 210 -2.83 -30.19 -13.07
CA LEU B 210 -1.38 -30.22 -13.04
C LEU B 210 -0.78 -29.62 -14.30
N PHE B 211 -1.45 -29.79 -15.44
CA PHE B 211 -0.80 -29.52 -16.73
C PHE B 211 -0.52 -28.03 -16.93
N MET B 212 -1.46 -27.15 -16.55
CA MET B 212 -1.22 -25.75 -16.85
C MET B 212 -0.04 -25.18 -16.07
N GLY B 213 0.27 -25.73 -14.91
CA GLY B 213 1.38 -25.25 -14.10
C GLY B 213 1.00 -24.21 -13.08
N MET B 214 -0.28 -23.87 -12.98
CA MET B 214 -0.77 -22.93 -11.98
C MET B 214 -1.51 -23.73 -10.91
N MET B 215 -0.85 -23.94 -9.76
CA MET B 215 -1.38 -24.75 -8.68
C MET B 215 -1.21 -24.08 -7.33
N THR B 216 -1.28 -22.75 -7.27
CA THR B 216 -0.87 -22.04 -6.07
C THR B 216 -1.80 -22.34 -4.90
N GLU B 217 -1.28 -22.11 -3.69
CA GLU B 217 -2.05 -22.30 -2.47
C GLU B 217 -3.19 -21.30 -2.35
N TYR B 218 -3.15 -20.22 -3.14
CA TYR B 218 -4.22 -19.23 -3.12
C TYR B 218 -5.53 -19.81 -3.64
N TYR B 219 -5.46 -20.86 -4.45
CA TYR B 219 -6.66 -21.46 -5.03
C TYR B 219 -7.36 -22.36 -4.02
N HIS B 220 -8.68 -22.45 -4.17
CA HIS B 220 -9.52 -23.35 -3.40
C HIS B 220 -10.32 -24.21 -4.37
N TYR B 221 -10.33 -25.51 -4.15
CA TYR B 221 -10.96 -26.45 -5.05
C TYR B 221 -12.01 -27.27 -4.30
N PHE B 222 -13.02 -27.70 -5.04
CA PHE B 222 -14.08 -28.54 -4.51
C PHE B 222 -14.68 -29.39 -5.62
N PHE B 223 -14.95 -30.65 -5.31
CA PHE B 223 -15.57 -31.58 -6.24
C PHE B 223 -16.94 -31.99 -5.73
N THR B 224 -17.90 -32.10 -6.65
CA THR B 224 -19.27 -32.44 -6.28
C THR B 224 -19.50 -33.93 -6.16
N THR B 225 -18.69 -34.76 -6.82
CA THR B 225 -18.89 -36.20 -6.75
C THR B 225 -18.60 -36.72 -5.34
N LEU B 226 -19.10 -37.92 -5.06
CA LEU B 226 -18.93 -38.54 -3.76
C LEU B 226 -17.77 -39.51 -3.72
N ASP B 227 -17.01 -39.63 -4.80
CA ASP B 227 -15.89 -40.56 -4.88
C ASP B 227 -14.58 -39.77 -4.84
N LEU B 228 -13.77 -40.02 -3.82
CA LEU B 228 -12.48 -39.36 -3.68
C LEU B 228 -11.33 -40.32 -3.36
N PHE B 229 -11.62 -41.46 -2.73
CA PHE B 229 -10.60 -42.45 -2.42
C PHE B 229 -10.35 -43.42 -3.59
N ALA B 230 -11.18 -43.36 -4.63
CA ALA B 230 -10.95 -44.13 -5.83
C ALA B 230 -10.03 -43.42 -6.81
N LEU B 231 -9.64 -42.18 -6.52
CA LEU B 231 -8.80 -41.37 -7.39
C LEU B 231 -7.45 -41.12 -6.73
N ASP B 232 -6.43 -40.96 -7.57
CA ASP B 232 -5.07 -40.79 -7.06
C ASP B 232 -4.94 -39.50 -6.29
N LEU B 233 -4.58 -39.61 -5.02
CA LEU B 233 -4.28 -38.47 -4.16
C LEU B 233 -2.93 -38.71 -3.52
N GLU B 234 -1.96 -37.84 -3.81
CA GLU B 234 -0.62 -37.96 -3.25
C GLU B 234 -0.32 -36.72 -2.43
N LEU B 235 0.19 -36.93 -1.22
CA LEU B 235 0.22 -35.86 -0.22
C LEU B 235 1.16 -34.74 -0.62
N TYR B 236 2.29 -35.07 -1.23
CA TYR B 236 3.31 -34.08 -1.52
C TYR B 236 3.28 -33.54 -2.94
N ARG B 237 2.38 -34.01 -3.81
CA ARG B 237 2.26 -33.36 -5.12
C ARG B 237 1.78 -31.92 -4.96
N TYR B 238 0.79 -31.70 -4.12
CA TYR B 238 0.33 -30.37 -3.81
C TYR B 238 1.18 -29.76 -2.70
N SER B 239 1.39 -28.44 -2.79
CA SER B 239 2.17 -27.71 -1.82
C SER B 239 1.30 -27.01 -0.78
N GLY B 240 0.11 -27.55 -0.52
CA GLY B 240 -0.78 -27.00 0.48
C GLY B 240 -2.04 -26.34 -0.03
N VAL B 241 -2.49 -26.67 -1.25
CA VAL B 241 -3.73 -26.09 -1.74
C VAL B 241 -4.90 -26.59 -0.91
N ASN B 242 -5.90 -25.73 -0.75
CA ASN B 242 -7.08 -26.07 0.04
C ASN B 242 -8.00 -26.93 -0.81
N MET B 243 -7.96 -28.24 -0.57
CA MET B 243 -8.76 -29.21 -1.32
C MET B 243 -9.83 -29.77 -0.39
N THR B 244 -11.09 -29.68 -0.82
CA THR B 244 -12.22 -30.09 -0.02
C THR B 244 -13.19 -30.92 -0.85
N GLY B 245 -13.97 -31.75 -0.16
CA GLY B 245 -14.97 -32.56 -0.85
C GLY B 245 -15.84 -33.32 0.13
N PHE B 246 -16.82 -34.02 -0.44
CA PHE B 246 -17.77 -34.82 0.32
C PHE B 246 -17.48 -36.30 0.17
N ARG B 247 -18.07 -37.08 1.09
CA ARG B 247 -18.02 -38.52 1.04
C ARG B 247 -19.20 -39.07 1.82
N LEU B 248 -19.78 -40.16 1.31
CA LEU B 248 -20.92 -40.81 1.96
C LEU B 248 -20.51 -41.95 2.87
N LEU B 249 -19.53 -42.75 2.46
CA LEU B 249 -19.11 -43.89 3.25
C LEU B 249 -18.33 -43.41 4.47
N ASN B 250 -18.01 -44.34 5.36
CA ASN B 250 -17.35 -44.02 6.62
C ASN B 250 -16.27 -45.05 6.92
N ILE B 251 -15.40 -44.69 7.86
CA ILE B 251 -14.35 -45.59 8.32
C ILE B 251 -14.39 -45.82 9.83
N ASP B 252 -15.01 -44.92 10.60
CA ASP B 252 -14.88 -44.96 12.06
C ASP B 252 -15.40 -46.28 12.62
N ASN B 253 -16.52 -46.78 12.10
CA ASN B 253 -16.83 -48.09 12.68
C ASN B 253 -15.99 -49.17 11.99
N PRO B 254 -15.52 -50.15 12.76
CA PRO B 254 -14.67 -51.18 12.17
C PRO B 254 -15.37 -52.30 11.43
N HIS B 255 -16.69 -52.46 11.54
CA HIS B 255 -17.41 -53.36 10.64
C HIS B 255 -17.33 -52.86 9.21
N VAL B 256 -17.57 -51.57 9.01
CA VAL B 256 -17.48 -51.00 7.67
C VAL B 256 -16.04 -51.08 7.17
N SER B 257 -15.07 -50.84 8.05
CA SER B 257 -13.68 -50.98 7.68
C SER B 257 -13.35 -52.40 7.26
N SER B 258 -13.87 -53.38 7.99
CA SER B 258 -13.66 -54.78 7.64
C SER B 258 -14.28 -55.10 6.29
N ILE B 259 -15.48 -54.58 6.04
CA ILE B 259 -16.13 -54.80 4.75
C ILE B 259 -15.32 -54.16 3.63
N ILE B 260 -14.76 -52.97 3.88
CA ILE B 260 -13.96 -52.30 2.87
C ILE B 260 -12.69 -53.09 2.57
N GLU B 261 -12.02 -53.60 3.60
CA GLU B 261 -10.78 -54.34 3.37
C GLU B 261 -11.05 -55.68 2.70
N LYS B 262 -12.16 -56.36 3.07
CA LYS B 262 -12.51 -57.59 2.37
C LYS B 262 -12.88 -57.31 0.91
N TRP B 263 -13.57 -56.18 0.67
CA TRP B 263 -13.83 -55.76 -0.69
C TRP B 263 -12.55 -55.58 -1.47
N SER B 264 -11.58 -54.89 -0.87
CA SER B 264 -10.31 -54.62 -1.55
C SER B 264 -9.57 -55.91 -1.86
N MET B 265 -9.50 -56.84 -0.90
CA MET B 265 -8.77 -58.08 -1.14
C MET B 265 -9.48 -58.95 -2.16
N GLU B 266 -10.81 -59.04 -2.09
CA GLU B 266 -11.56 -59.83 -3.05
C GLU B 266 -11.54 -59.22 -4.44
N ARG B 267 -11.28 -57.92 -4.56
CA ARG B 267 -11.02 -57.34 -5.87
C ARG B 267 -9.56 -57.49 -6.29
N LEU B 268 -8.66 -57.72 -5.32
CA LEU B 268 -7.25 -57.88 -5.65
C LEU B 268 -7.03 -59.09 -6.55
N GLN B 269 -7.66 -60.21 -6.24
CA GLN B 269 -7.51 -61.39 -7.09
C GLN B 269 -8.20 -61.21 -8.43
N ALA B 270 -9.19 -60.32 -8.51
CA ALA B 270 -9.81 -60.01 -9.78
C ALA B 270 -8.82 -59.28 -10.69
N PRO B 271 -8.88 -59.52 -11.99
CA PRO B 271 -7.97 -58.83 -12.91
C PRO B 271 -8.18 -57.34 -12.86
N PRO B 272 -7.11 -56.55 -13.00
CA PRO B 272 -7.25 -55.10 -12.92
C PRO B 272 -7.78 -54.50 -14.21
N ARG B 273 -8.67 -53.53 -14.08
CA ARG B 273 -9.25 -52.84 -15.21
C ARG B 273 -8.32 -51.72 -15.66
N PRO B 274 -8.47 -51.24 -16.90
CA PRO B 274 -7.65 -50.11 -17.36
C PRO B 274 -7.78 -48.91 -16.43
N GLU B 275 -6.65 -48.27 -16.14
CA GLU B 275 -6.58 -47.21 -15.15
C GLU B 275 -6.30 -45.88 -15.82
N THR B 276 -7.03 -44.86 -15.39
CA THR B 276 -6.78 -43.47 -15.78
C THR B 276 -6.61 -42.60 -14.54
N GLY B 277 -6.01 -43.16 -13.49
CA GLY B 277 -5.92 -42.51 -12.20
C GLY B 277 -6.71 -43.20 -11.11
N LEU B 278 -7.45 -44.25 -11.43
CA LEU B 278 -8.25 -44.95 -10.43
C LEU B 278 -7.34 -45.73 -9.48
N LEU B 279 -7.72 -45.77 -8.21
CA LEU B 279 -6.97 -46.50 -7.21
C LEU B 279 -7.50 -47.92 -7.09
N ASP B 280 -6.62 -48.89 -7.26
CA ASP B 280 -7.02 -50.29 -7.23
C ASP B 280 -7.43 -50.72 -5.82
N GLY B 281 -8.47 -51.53 -5.74
CA GLY B 281 -8.90 -52.10 -4.48
C GLY B 281 -10.10 -51.40 -3.88
N MET B 282 -10.09 -50.07 -3.90
CA MET B 282 -11.18 -49.26 -3.37
C MET B 282 -11.74 -48.41 -4.49
N MET B 283 -13.07 -48.46 -4.67
CA MET B 283 -13.70 -47.82 -5.82
C MET B 283 -14.96 -47.07 -5.43
N THR B 284 -15.77 -46.71 -6.43
CA THR B 284 -17.03 -46.01 -6.27
C THR B 284 -18.03 -46.75 -5.37
N THR B 285 -19.02 -46.02 -4.86
CA THR B 285 -19.88 -46.51 -3.78
C THR B 285 -21.25 -47.01 -4.22
N GLU B 286 -21.56 -47.01 -5.52
CA GLU B 286 -22.83 -47.60 -5.91
C GLU B 286 -22.86 -49.09 -5.60
N ALA B 287 -21.71 -49.74 -5.60
CA ALA B 287 -21.64 -51.10 -5.09
C ALA B 287 -22.12 -51.17 -3.65
N ALA B 288 -21.74 -50.19 -2.83
CA ALA B 288 -22.21 -50.13 -1.46
C ALA B 288 -23.71 -49.92 -1.40
N LEU B 289 -24.26 -49.06 -2.26
CA LEU B 289 -25.70 -48.83 -2.18
C LEU B 289 -26.47 -50.08 -2.59
N MET B 290 -26.01 -50.82 -3.60
CA MET B 290 -26.71 -52.05 -3.95
C MET B 290 -26.52 -53.12 -2.89
N TYR B 291 -25.36 -53.12 -2.22
CA TYR B 291 -25.15 -53.99 -1.06
C TYR B 291 -26.22 -53.74 -0.01
N ASP B 292 -26.44 -52.47 0.32
CA ASP B 292 -27.47 -52.11 1.28
C ASP B 292 -28.87 -52.47 0.77
N ALA B 293 -29.11 -52.30 -0.53
CA ALA B 293 -30.43 -52.59 -1.10
C ALA B 293 -30.73 -54.09 -1.08
N VAL B 294 -29.72 -54.92 -1.37
CA VAL B 294 -29.89 -56.36 -1.24
C VAL B 294 -30.17 -56.73 0.20
N TYR B 295 -29.51 -56.06 1.14
CA TYR B 295 -29.89 -56.28 2.54
C TYR B 295 -31.32 -55.83 2.82
N MET B 296 -31.77 -54.75 2.16
CA MET B 296 -33.17 -54.34 2.28
C MET B 296 -34.12 -55.43 1.86
N VAL B 297 -33.90 -56.01 0.66
CA VAL B 297 -34.81 -57.04 0.19
C VAL B 297 -34.72 -58.27 1.09
N ALA B 298 -33.52 -58.61 1.58
CA ALA B 298 -33.38 -59.78 2.43
C ALA B 298 -34.11 -59.61 3.75
N ILE B 299 -33.96 -58.45 4.40
CA ILE B 299 -34.64 -58.25 5.68
C ILE B 299 -36.13 -58.06 5.51
N ALA B 300 -36.58 -57.52 4.37
CA ALA B 300 -38.03 -57.47 4.12
C ALA B 300 -38.60 -58.87 3.94
N SER B 301 -37.84 -59.76 3.30
CA SER B 301 -38.30 -61.14 3.15
C SER B 301 -38.42 -61.87 4.49
N HIS B 302 -37.70 -61.40 5.53
CA HIS B 302 -37.76 -62.07 6.83
C HIS B 302 -39.16 -62.01 7.42
N ARG B 303 -39.74 -60.81 7.50
CA ARG B 303 -40.95 -60.61 8.27
C ARG B 303 -42.21 -61.08 7.55
N ALA B 304 -42.13 -61.37 6.26
CA ALA B 304 -43.30 -61.82 5.52
C ALA B 304 -43.40 -63.34 5.54
N SER B 305 -44.55 -63.83 5.09
CA SER B 305 -44.78 -65.26 4.97
C SER B 305 -44.25 -65.74 3.61
N GLN B 306 -44.52 -67.00 3.29
CA GLN B 306 -44.05 -67.56 2.03
C GLN B 306 -44.79 -66.93 0.86
N LEU B 307 -44.12 -66.89 -0.30
CA LEU B 307 -44.67 -66.27 -1.48
C LEU B 307 -44.40 -67.14 -2.69
N THR B 308 -45.03 -66.80 -3.81
CA THR B 308 -44.84 -67.48 -5.07
C THR B 308 -44.29 -66.51 -6.11
N VAL B 309 -43.72 -67.06 -7.17
CA VAL B 309 -43.15 -66.27 -8.23
C VAL B 309 -44.20 -66.04 -9.31
N SER B 310 -43.99 -65.01 -10.11
CA SER B 310 -44.95 -64.63 -11.13
C SER B 310 -44.78 -65.48 -12.39
N SER B 311 -45.87 -65.59 -13.15
CA SER B 311 -45.84 -66.21 -14.46
C SER B 311 -46.72 -65.43 -15.44
N LEU B 312 -46.86 -64.13 -15.22
CA LEU B 312 -47.80 -63.30 -15.96
C LEU B 312 -47.20 -62.85 -17.29
N GLN B 313 -48.07 -62.66 -18.27
CA GLN B 313 -47.66 -62.08 -19.54
C GLN B 313 -47.50 -60.57 -19.40
N CYS B 314 -46.90 -59.96 -20.42
CA CYS B 314 -46.78 -58.51 -20.49
C CYS B 314 -47.69 -57.89 -21.53
N HIS B 315 -48.42 -58.70 -22.30
CA HIS B 315 -49.39 -58.15 -23.25
C HIS B 315 -50.55 -57.50 -22.51
N ARG B 316 -51.06 -58.15 -21.47
CA ARG B 316 -52.09 -57.61 -20.60
C ARG B 316 -51.66 -57.81 -19.15
N HIS B 317 -51.88 -56.78 -18.33
CA HIS B 317 -51.39 -56.77 -16.96
C HIS B 317 -52.47 -57.32 -16.02
N LYS B 318 -52.02 -57.99 -14.97
CA LYS B 318 -52.89 -58.48 -13.91
C LYS B 318 -52.37 -58.00 -12.56
N PRO B 319 -53.26 -57.68 -11.62
CA PRO B 319 -52.81 -57.17 -10.33
C PRO B 319 -52.01 -58.20 -9.54
N TRP B 320 -51.06 -57.70 -8.75
CA TRP B 320 -50.24 -58.54 -7.89
C TRP B 320 -50.45 -58.08 -6.45
N ARG B 321 -51.05 -58.95 -5.63
CA ARG B 321 -51.46 -58.55 -4.28
C ARG B 321 -50.28 -58.48 -3.31
N LEU B 322 -49.23 -59.27 -3.53
CA LEU B 322 -48.10 -59.26 -2.60
C LEU B 322 -47.22 -58.03 -2.76
N GLY B 323 -47.33 -57.32 -3.88
CA GLY B 323 -46.55 -56.14 -4.12
C GLY B 323 -46.79 -55.04 -3.09
N PRO B 324 -48.05 -54.70 -2.81
CA PRO B 324 -48.31 -53.69 -1.76
C PRO B 324 -47.80 -54.08 -0.39
N ARG B 325 -47.95 -55.34 0.02
CA ARG B 325 -47.46 -55.72 1.35
C ARG B 325 -45.94 -55.70 1.38
N PHE B 326 -45.29 -56.11 0.28
CA PHE B 326 -43.84 -55.97 0.18
C PHE B 326 -43.43 -54.51 0.29
N MET B 327 -44.22 -53.63 -0.32
CA MET B 327 -43.98 -52.20 -0.27
C MET B 327 -44.03 -51.71 1.18
N ASN B 328 -45.05 -52.13 1.92
CA ASN B 328 -45.14 -51.78 3.33
C ASN B 328 -43.95 -52.33 4.11
N LEU B 329 -43.53 -53.55 3.79
CA LEU B 329 -42.38 -54.14 4.48
C LEU B 329 -41.14 -53.29 4.30
N ILE B 330 -40.84 -52.91 3.06
CA ILE B 330 -39.59 -52.22 2.79
C ILE B 330 -39.61 -50.80 3.34
N LYS B 331 -40.73 -50.08 3.15
CA LYS B 331 -40.69 -48.64 3.45
C LYS B 331 -40.69 -48.35 4.95
N GLU B 332 -41.08 -49.30 5.80
CA GLU B 332 -41.11 -49.06 7.24
C GLU B 332 -40.01 -49.83 7.98
N ALA B 333 -39.11 -50.47 7.23
CA ALA B 333 -38.02 -51.25 7.81
C ALA B 333 -36.79 -50.37 7.97
N ARG B 334 -36.28 -50.27 9.20
CA ARG B 334 -35.14 -49.42 9.51
C ARG B 334 -33.92 -50.29 9.74
N TRP B 335 -32.77 -49.86 9.24
CA TRP B 335 -31.57 -50.69 9.31
C TRP B 335 -30.34 -49.80 9.43
N ASP B 336 -29.28 -50.39 9.99
CA ASP B 336 -27.99 -49.74 10.15
C ASP B 336 -27.02 -50.29 9.12
N GLY B 337 -26.45 -49.40 8.31
CA GLY B 337 -25.63 -49.88 7.21
C GLY B 337 -24.34 -49.12 6.96
N LEU B 338 -23.78 -49.30 5.76
CA LEU B 338 -22.50 -48.66 5.43
C LEU B 338 -22.62 -47.15 5.42
N THR B 339 -23.74 -46.62 4.91
CA THR B 339 -23.99 -45.19 4.83
C THR B 339 -24.66 -44.65 6.08
N GLY B 340 -24.51 -45.33 7.21
CA GLY B 340 -25.13 -44.86 8.44
C GLY B 340 -26.55 -45.35 8.55
N ARG B 341 -27.44 -44.49 9.01
CA ARG B 341 -28.85 -44.84 9.13
C ARG B 341 -29.54 -44.73 7.77
N ILE B 342 -30.43 -45.68 7.49
CA ILE B 342 -31.21 -45.69 6.26
C ILE B 342 -32.68 -45.61 6.64
N THR B 343 -33.38 -44.63 6.10
CA THR B 343 -34.80 -44.46 6.36
C THR B 343 -35.54 -44.24 5.06
N PHE B 344 -36.81 -44.67 5.04
CA PHE B 344 -37.67 -44.58 3.87
C PHE B 344 -38.92 -43.79 4.24
N ASN B 345 -39.34 -42.91 3.34
CA ASN B 345 -40.48 -42.05 3.60
C ASN B 345 -41.77 -42.70 3.10
N LYS B 346 -42.88 -42.03 3.37
CA LYS B 346 -44.18 -42.44 2.86
C LYS B 346 -44.71 -41.49 1.79
N THR B 347 -43.95 -40.45 1.44
CA THR B 347 -44.38 -39.53 0.39
C THR B 347 -44.19 -40.14 -0.98
N ASP B 348 -42.95 -40.48 -1.34
CA ASP B 348 -42.67 -41.12 -2.61
C ASP B 348 -41.61 -42.21 -2.55
N GLY B 349 -41.03 -42.47 -1.37
CA GLY B 349 -40.06 -43.54 -1.23
C GLY B 349 -38.61 -43.13 -1.23
N LEU B 350 -38.29 -41.84 -1.29
CA LEU B 350 -36.91 -41.41 -1.28
C LEU B 350 -36.31 -41.53 0.12
N ARG B 351 -35.01 -41.76 0.17
CA ARG B 351 -34.32 -41.89 1.44
C ARG B 351 -34.01 -40.54 2.06
N LYS B 352 -34.07 -40.49 3.39
CA LYS B 352 -33.61 -39.34 4.16
C LYS B 352 -32.58 -39.78 5.19
N ASP B 353 -32.25 -38.88 6.12
CA ASP B 353 -31.41 -39.18 7.29
C ASP B 353 -30.08 -39.80 6.88
N PHE B 354 -29.36 -39.06 6.05
CA PHE B 354 -28.03 -39.45 5.61
C PHE B 354 -27.10 -38.26 5.77
N ASP B 355 -25.94 -38.50 6.38
CA ASP B 355 -25.00 -37.45 6.75
C ASP B 355 -23.69 -37.65 6.02
N LEU B 356 -23.09 -36.55 5.59
CA LEU B 356 -21.84 -36.56 4.84
C LEU B 356 -20.72 -36.01 5.72
N ASP B 357 -19.56 -36.65 5.65
CA ASP B 357 -18.39 -36.18 6.38
C ASP B 357 -17.58 -35.21 5.52
N ILE B 358 -16.92 -34.28 6.18
CA ILE B 358 -16.13 -33.27 5.50
C ILE B 358 -14.73 -33.81 5.27
N ILE B 359 -14.26 -33.71 4.03
CA ILE B 359 -12.97 -34.25 3.64
C ILE B 359 -12.11 -33.10 3.14
N SER B 360 -10.96 -32.89 3.79
CA SER B 360 -10.04 -31.83 3.40
C SER B 360 -8.64 -32.40 3.34
N LEU B 361 -7.94 -32.12 2.25
CA LEU B 361 -6.60 -32.66 2.06
C LEU B 361 -5.58 -31.81 2.81
N LYS B 362 -4.75 -32.47 3.62
CA LYS B 362 -3.68 -31.81 4.34
C LYS B 362 -2.54 -32.81 4.51
N GLU B 363 -1.38 -32.31 4.90
CA GLU B 363 -0.20 -33.15 5.03
C GLU B 363 -0.30 -33.98 6.30
N GLU B 364 0.06 -35.27 6.20
CA GLU B 364 0.14 -36.13 7.35
C GLU B 364 1.59 -36.33 7.78
N TRP B 381 -5.66 -36.42 3.87
CA TRP B 381 -7.01 -36.02 4.28
C TRP B 381 -7.39 -36.63 5.62
N LYS B 382 -8.19 -35.89 6.39
CA LYS B 382 -8.64 -36.34 7.70
C LYS B 382 -10.10 -35.96 7.90
N LYS B 383 -10.72 -36.58 8.89
CA LYS B 383 -12.07 -36.22 9.30
C LYS B 383 -12.04 -35.10 10.34
N ILE B 384 -12.84 -34.05 10.11
CA ILE B 384 -12.88 -32.93 11.03
C ILE B 384 -14.28 -32.74 11.60
N GLY B 385 -15.29 -33.08 10.82
CA GLY B 385 -16.65 -32.84 11.27
C GLY B 385 -17.65 -33.48 10.34
N ILE B 386 -18.93 -33.40 10.73
CA ILE B 386 -20.02 -34.07 10.03
C ILE B 386 -21.08 -33.04 9.67
N TRP B 387 -21.80 -33.32 8.59
CA TRP B 387 -22.93 -32.51 8.16
C TRP B 387 -24.19 -33.36 8.30
N ASN B 388 -25.07 -32.96 9.22
CA ASN B 388 -26.30 -33.69 9.44
C ASN B 388 -27.36 -33.24 8.45
N SER B 389 -28.10 -34.21 7.90
CA SER B 389 -29.19 -33.89 7.00
C SER B 389 -30.34 -33.22 7.74
N ASN B 390 -30.58 -33.61 8.99
CA ASN B 390 -31.73 -33.13 9.75
C ASN B 390 -31.45 -31.84 10.52
N SER B 391 -30.17 -31.51 10.75
CA SER B 391 -29.85 -30.33 11.55
C SER B 391 -28.72 -29.50 10.92
N GLY B 392 -28.45 -29.69 9.63
CA GLY B 392 -27.43 -28.89 9.00
C GLY B 392 -26.02 -29.30 9.41
N LEU B 393 -25.13 -28.32 9.38
CA LEU B 393 -23.71 -28.57 9.62
C LEU B 393 -23.45 -28.80 11.11
N ASN B 394 -22.30 -29.42 11.38
CA ASN B 394 -21.74 -29.54 12.73
C ASN B 394 -20.24 -29.28 12.60
N MET B 395 -19.85 -28.01 12.73
CA MET B 395 -18.49 -27.60 12.45
C MET B 395 -17.91 -26.60 13.44
N THR B 396 -18.73 -25.95 14.28
CA THR B 396 -18.25 -24.87 15.12
C THR B 396 -17.17 -25.37 16.08
N ASP B 397 -16.06 -24.64 16.12
CA ASP B 397 -14.94 -24.94 17.01
C ASP B 397 -14.88 -23.82 18.05
N GLY B 398 -15.44 -24.08 19.22
CA GLY B 398 -15.57 -23.06 20.25
C GLY B 398 -14.47 -23.07 21.29
N ASN B 399 -13.49 -22.17 21.15
CA ASN B 399 -12.43 -22.04 22.14
C ASN B 399 -12.08 -20.59 22.43
N ARG B 400 -12.87 -19.63 21.95
CA ARG B 400 -12.58 -18.21 22.13
C ARG B 400 -13.14 -17.73 23.46
N ASP B 401 -12.41 -16.82 24.10
CA ASP B 401 -12.82 -16.26 25.38
C ASP B 401 -12.21 -14.88 25.55
N ARG B 402 -12.97 -13.97 26.15
CA ARG B 402 -12.54 -12.59 26.38
C ARG B 402 -12.81 -12.07 27.78
N SER B 403 -13.80 -12.61 28.50
CA SER B 403 -14.12 -12.10 29.82
C SER B 403 -12.98 -12.37 30.80
N ASN B 404 -12.75 -11.42 31.70
CA ASN B 404 -11.68 -11.53 32.68
C ASN B 404 -12.13 -12.19 33.98
N ASN B 405 -13.39 -12.63 34.07
CA ASN B 405 -13.86 -13.29 35.28
C ASN B 405 -15.00 -14.24 34.95
N ILE B 406 -14.88 -15.48 35.45
CA ILE B 406 -15.93 -16.48 35.37
C ILE B 406 -16.07 -17.13 36.74
N THR B 407 -17.30 -17.50 37.07
CA THR B 407 -17.61 -18.04 38.39
C THR B 407 -17.22 -19.52 38.44
N ASP B 408 -16.14 -19.81 39.15
CA ASP B 408 -15.68 -21.18 39.32
C ASP B 408 -15.14 -21.47 40.72
N SER B 409 -15.05 -20.47 41.60
CA SER B 409 -14.56 -20.65 42.95
C SER B 409 -15.50 -19.96 43.93
N LEU B 410 -15.82 -20.65 45.03
CA LEU B 410 -16.75 -20.17 46.04
C LEU B 410 -18.09 -19.83 45.40
N ALA B 411 -18.89 -18.99 46.08
CA ALA B 411 -20.11 -18.49 45.46
C ALA B 411 -19.80 -17.44 44.41
N ASN B 412 -18.86 -16.53 44.71
CA ASN B 412 -18.37 -15.55 43.76
C ASN B 412 -16.86 -15.49 43.86
N ARG B 413 -16.19 -15.41 42.71
CA ARG B 413 -14.75 -15.37 42.70
C ARG B 413 -14.26 -14.04 43.27
N THR B 414 -13.13 -14.07 43.96
CA THR B 414 -12.54 -12.85 44.50
C THR B 414 -11.98 -12.01 43.36
N LEU B 415 -12.53 -10.82 43.18
CA LEU B 415 -12.14 -9.94 42.08
C LEU B 415 -11.02 -9.02 42.54
N ILE B 416 -9.95 -8.96 41.75
CA ILE B 416 -8.85 -8.04 42.03
C ILE B 416 -9.21 -6.68 41.44
N VAL B 417 -9.35 -5.68 42.31
CA VAL B 417 -9.83 -4.37 41.93
C VAL B 417 -8.63 -3.44 41.75
N THR B 418 -8.48 -2.89 40.55
CA THR B 418 -7.44 -1.91 40.27
C THR B 418 -7.98 -0.51 40.49
N THR B 419 -7.16 0.34 41.12
CA THR B 419 -7.55 1.69 41.47
C THR B 419 -6.42 2.66 41.16
N ILE B 420 -6.80 3.92 40.91
CA ILE B 420 -5.86 5.01 40.72
C ILE B 420 -6.25 6.14 41.66
N LEU B 421 -5.24 6.80 42.24
CA LEU B 421 -5.46 7.77 43.29
C LEU B 421 -5.68 9.16 42.68
N GLU B 422 -6.87 9.70 42.87
CA GLU B 422 -7.15 11.08 42.48
C GLU B 422 -8.37 11.55 43.25
N GLU B 423 -8.39 12.85 43.55
CA GLU B 423 -9.54 13.43 44.24
C GLU B 423 -10.76 13.47 43.33
N PRO B 424 -11.95 13.28 43.89
CA PRO B 424 -12.06 12.75 45.26
C PRO B 424 -12.53 11.31 45.21
N TYR B 425 -12.36 10.69 44.03
CA TYR B 425 -12.83 9.33 43.82
C TYR B 425 -12.15 8.36 44.78
N VAL B 426 -10.82 8.40 44.84
CA VAL B 426 -10.03 7.53 45.70
C VAL B 426 -9.04 8.39 46.47
N MET B 427 -9.10 8.30 47.80
CA MET B 427 -8.20 9.00 48.72
C MET B 427 -7.90 8.12 49.92
N TYR B 428 -6.80 8.43 50.58
CA TYR B 428 -6.26 7.61 51.64
C TYR B 428 -7.16 7.62 52.87
N ARG B 429 -6.96 6.63 53.74
CA ARG B 429 -7.54 6.62 55.07
C ARG B 429 -6.39 6.72 56.05
N LYS B 430 -6.30 7.85 56.76
CA LYS B 430 -5.21 8.05 57.70
C LYS B 430 -5.43 7.19 58.95
N SER B 431 -4.38 6.47 59.36
CA SER B 431 -4.47 5.54 60.47
C SER B 431 -3.11 5.46 61.15
N ASP B 432 -3.12 4.88 62.36
CA ASP B 432 -1.91 4.67 63.14
C ASP B 432 -1.22 3.35 62.83
N LYS B 433 -1.73 2.60 61.86
CA LYS B 433 -1.19 1.31 61.44
C LYS B 433 -0.87 1.35 59.95
N PRO B 434 0.04 0.49 59.49
CA PRO B 434 0.38 0.48 58.06
C PRO B 434 -0.84 0.19 57.19
N LEU B 435 -0.87 0.84 56.03
CA LEU B 435 -2.03 0.77 55.15
C LEU B 435 -2.09 -0.59 54.47
N TYR B 436 -3.13 -1.36 54.77
CA TYR B 436 -3.33 -2.66 54.12
C TYR B 436 -4.82 -2.93 54.01
N GLY B 437 -5.17 -3.82 53.08
CA GLY B 437 -6.55 -4.18 52.86
C GLY B 437 -7.30 -3.18 52.00
N ASN B 438 -8.61 -3.38 51.93
CA ASN B 438 -9.48 -2.51 51.15
C ASN B 438 -9.84 -1.23 51.89
N ASP B 439 -9.45 -1.11 53.15
CA ASP B 439 -9.71 0.10 53.94
C ASP B 439 -8.63 1.15 53.76
N ARG B 440 -7.62 0.88 52.93
CA ARG B 440 -6.59 1.88 52.67
C ARG B 440 -7.18 3.13 52.07
N PHE B 441 -8.18 2.98 51.21
CA PHE B 441 -8.73 4.07 50.44
C PHE B 441 -10.18 4.34 50.83
N GLU B 442 -10.66 5.53 50.50
CA GLU B 442 -12.04 5.90 50.77
C GLU B 442 -12.47 6.93 49.73
N GLY B 443 -13.78 7.13 49.62
CA GLY B 443 -14.32 8.05 48.66
C GLY B 443 -15.45 7.46 47.82
N TYR B 444 -15.67 8.02 46.63
CA TYR B 444 -16.75 7.55 45.78
C TYR B 444 -16.58 6.09 45.40
N CYS B 445 -15.41 5.76 44.82
CA CYS B 445 -15.19 4.43 44.28
C CYS B 445 -15.24 3.36 45.37
N LEU B 446 -14.65 3.66 46.54
CA LEU B 446 -14.48 2.62 47.55
C LEU B 446 -15.82 2.20 48.16
N ASP B 447 -16.61 3.15 48.67
CA ASP B 447 -17.88 2.77 49.25
C ASP B 447 -18.91 2.43 48.19
N LEU B 448 -18.76 2.93 46.96
CA LEU B 448 -19.59 2.43 45.87
C LEU B 448 -19.31 0.96 45.60
N LEU B 449 -18.03 0.57 45.60
CA LEU B 449 -17.67 -0.84 45.46
C LEU B 449 -18.19 -1.65 46.63
N LYS B 450 -18.18 -1.07 47.83
CA LYS B 450 -18.78 -1.75 48.98
C LYS B 450 -20.26 -1.99 48.76
N GLU B 451 -20.97 -1.00 48.24
CA GLU B 451 -22.40 -1.16 47.98
C GLU B 451 -22.65 -2.22 46.92
N LEU B 452 -21.86 -2.22 45.85
CA LEU B 452 -21.97 -3.26 44.83
C LEU B 452 -21.65 -4.64 45.41
N SER B 453 -20.67 -4.72 46.31
CA SER B 453 -20.37 -5.99 46.96
C SER B 453 -21.53 -6.47 47.82
N ASN B 454 -22.19 -5.55 48.53
CA ASN B 454 -23.37 -5.92 49.31
C ASN B 454 -24.50 -6.39 48.40
N ILE B 455 -24.68 -5.73 47.25
CA ILE B 455 -25.74 -6.11 46.33
C ILE B 455 -25.48 -7.49 45.73
N LEU B 456 -24.24 -7.72 45.29
CA LEU B 456 -23.89 -8.94 44.57
C LEU B 456 -23.38 -10.05 45.48
N GLY B 457 -22.49 -9.70 46.41
CA GLY B 457 -21.88 -10.68 47.29
C GLY B 457 -20.46 -11.05 46.94
N PHE B 458 -19.85 -10.41 45.93
CA PHE B 458 -18.51 -10.76 45.53
C PHE B 458 -17.49 -10.25 46.55
N LEU B 459 -16.32 -10.88 46.55
CA LEU B 459 -15.19 -10.45 47.34
C LEU B 459 -14.21 -9.69 46.45
N TYR B 460 -13.63 -8.62 46.98
CA TYR B 460 -12.77 -7.77 46.19
C TYR B 460 -11.52 -7.41 46.98
N ASP B 461 -10.44 -7.13 46.26
CA ASP B 461 -9.18 -6.68 46.84
C ASP B 461 -8.77 -5.40 46.16
N VAL B 462 -8.52 -4.35 46.95
CA VAL B 462 -8.19 -3.03 46.42
C VAL B 462 -6.67 -2.91 46.36
N LYS B 463 -6.15 -2.73 45.15
CA LYS B 463 -4.71 -2.65 44.89
C LYS B 463 -4.42 -1.46 43.98
N LEU B 464 -3.39 -0.69 44.35
CA LEU B 464 -3.16 0.61 43.74
C LEU B 464 -2.49 0.48 42.38
N VAL B 465 -2.64 1.53 41.58
CA VAL B 465 -1.99 1.57 40.26
C VAL B 465 -0.48 1.67 40.44
N PRO B 466 0.31 0.89 39.70
CA PRO B 466 1.77 0.96 39.89
C PRO B 466 2.40 2.25 39.40
N ASP B 467 1.76 2.99 38.48
CA ASP B 467 2.42 4.16 37.91
C ASP B 467 1.50 5.38 37.77
N GLY B 468 0.25 5.29 38.19
CA GLY B 468 -0.65 6.44 38.09
C GLY B 468 -0.92 6.90 36.68
N LYS B 469 -1.18 5.98 35.77
CA LYS B 469 -1.37 6.29 34.36
C LYS B 469 -2.60 5.54 33.86
N TYR B 470 -3.15 6.02 32.74
CA TYR B 470 -4.34 5.42 32.15
C TYR B 470 -4.04 4.53 30.96
N GLY B 471 -2.78 4.46 30.52
CA GLY B 471 -2.45 3.69 29.33
C GLY B 471 -2.54 4.51 28.06
N ALA B 472 -1.59 4.30 27.15
CA ALA B 472 -1.49 5.09 25.93
C ALA B 472 -1.57 4.19 24.71
N GLN B 473 -2.38 4.60 23.73
CA GLN B 473 -2.42 3.91 22.45
C GLN B 473 -1.18 4.25 21.64
N ASN B 474 -0.52 3.23 21.12
CA ASN B 474 0.64 3.41 20.25
C ASN B 474 0.63 2.33 19.19
N ASP B 475 1.45 2.52 18.16
CA ASP B 475 1.59 1.53 17.11
C ASP B 475 2.37 0.30 17.54
N LYS B 476 2.96 0.34 18.74
CA LYS B 476 3.68 -0.80 19.28
C LYS B 476 2.76 -1.78 20.00
N GLY B 477 1.49 -1.46 20.14
CA GLY B 477 0.57 -2.31 20.90
C GLY B 477 0.94 -2.42 22.36
N GLU B 478 1.36 -1.31 22.98
CA GLU B 478 1.82 -1.30 24.36
C GLU B 478 0.85 -0.50 25.21
N TRP B 479 0.56 -1.01 26.40
CA TRP B 479 -0.36 -0.37 27.32
C TRP B 479 0.22 -0.43 28.72
N ASN B 480 -0.24 0.50 29.57
CA ASN B 480 0.31 0.63 30.91
C ASN B 480 -0.78 1.16 31.84
N GLY B 481 -0.48 1.13 33.14
CA GLY B 481 -1.47 1.51 34.13
C GLY B 481 -2.55 0.46 34.28
N MET B 482 -3.79 0.92 34.42
CA MET B 482 -4.90 0.00 34.67
C MET B 482 -5.18 -0.91 33.49
N VAL B 483 -5.02 -0.41 32.26
CA VAL B 483 -5.42 -1.18 31.09
C VAL B 483 -4.57 -2.44 30.95
N LYS B 484 -3.25 -2.33 31.12
CA LYS B 484 -2.41 -3.52 31.01
C LYS B 484 -2.70 -4.49 32.14
N GLU B 485 -2.97 -3.97 33.34
CA GLU B 485 -3.25 -4.83 34.48
C GLU B 485 -4.55 -5.61 34.27
N LEU B 486 -5.57 -4.94 33.74
CA LEU B 486 -6.82 -5.62 33.39
C LEU B 486 -6.59 -6.66 32.30
N ILE B 487 -5.79 -6.31 31.28
CA ILE B 487 -5.48 -7.24 30.20
C ILE B 487 -4.67 -8.43 30.72
N ASP B 488 -3.69 -8.16 31.59
CA ASP B 488 -2.86 -9.23 32.14
C ASP B 488 -3.60 -10.12 33.13
N HIS B 489 -4.89 -9.90 33.35
CA HIS B 489 -5.75 -10.71 34.21
C HIS B 489 -5.30 -10.66 35.67
N ARG B 490 -4.39 -9.75 36.01
CA ARG B 490 -4.04 -9.47 37.40
C ARG B 490 -4.91 -8.37 37.99
N ALA B 491 -5.88 -7.88 37.23
CA ALA B 491 -6.91 -6.96 37.72
C ALA B 491 -8.22 -7.44 37.09
N ASP B 492 -9.01 -8.19 37.85
CA ASP B 492 -10.21 -8.80 37.31
C ASP B 492 -11.37 -7.81 37.18
N LEU B 493 -11.30 -6.65 37.84
CA LEU B 493 -12.34 -5.66 37.75
C LEU B 493 -11.72 -4.28 37.83
N ALA B 494 -12.36 -3.32 37.16
CA ALA B 494 -11.94 -1.92 37.20
C ALA B 494 -13.02 -1.10 37.88
N VAL B 495 -12.63 -0.36 38.91
CA VAL B 495 -13.55 0.51 39.64
C VAL B 495 -13.25 1.98 39.42
N ALA B 496 -12.07 2.31 38.90
CA ALA B 496 -11.69 3.70 38.69
C ALA B 496 -12.15 4.15 37.31
N PRO B 497 -13.06 5.11 37.21
CA PRO B 497 -13.52 5.56 35.88
C PRO B 497 -12.44 6.34 35.14
N LEU B 498 -12.60 6.39 33.82
CA LEU B 498 -11.63 7.05 32.96
C LEU B 498 -12.33 7.52 31.69
N THR B 499 -11.54 8.10 30.79
CA THR B 499 -12.07 8.69 29.57
C THR B 499 -12.65 7.62 28.65
N ILE B 500 -13.81 7.92 28.07
CA ILE B 500 -14.47 7.01 27.15
C ILE B 500 -14.04 7.35 25.72
N THR B 501 -13.57 6.33 24.99
CA THR B 501 -13.32 6.46 23.56
C THR B 501 -13.63 5.12 22.91
N TYR B 502 -13.85 5.16 21.61
CA TYR B 502 -14.34 4.00 20.85
C TYR B 502 -13.31 2.90 20.68
N VAL B 503 -12.07 3.08 21.14
CA VAL B 503 -11.05 2.06 20.94
C VAL B 503 -10.71 1.26 22.20
N ARG B 504 -11.19 1.67 23.37
CA ARG B 504 -11.04 0.86 24.58
C ARG B 504 -12.33 0.14 24.95
N GLU B 505 -13.01 -0.45 23.96
CA GLU B 505 -14.08 -1.39 24.21
C GLU B 505 -13.67 -2.82 23.81
N LYS B 506 -12.37 -3.11 23.86
CA LYS B 506 -11.86 -4.43 23.53
C LYS B 506 -11.67 -5.31 24.75
N VAL B 507 -11.30 -4.74 25.89
CA VAL B 507 -11.18 -5.51 27.13
C VAL B 507 -12.09 -4.98 28.23
N ILE B 508 -12.57 -3.75 28.14
CA ILE B 508 -13.47 -3.17 29.12
C ILE B 508 -14.63 -2.49 28.39
N ASP B 509 -15.73 -2.30 29.11
CA ASP B 509 -16.90 -1.61 28.60
C ASP B 509 -17.18 -0.40 29.47
N PHE B 510 -17.38 0.76 28.85
CA PHE B 510 -17.63 1.97 29.60
C PHE B 510 -19.10 2.10 29.94
N SER B 511 -19.39 2.78 31.04
CA SER B 511 -20.75 3.02 31.49
C SER B 511 -21.21 4.40 31.04
N LYS B 512 -22.51 4.65 31.17
CA LYS B 512 -23.05 5.94 30.78
C LYS B 512 -22.55 7.03 31.72
N PRO B 513 -22.43 8.27 31.24
CA PRO B 513 -22.07 9.38 32.13
C PRO B 513 -23.13 9.57 33.20
N PHE B 514 -22.67 9.93 34.41
CA PHE B 514 -23.56 10.07 35.55
C PHE B 514 -23.99 11.51 35.80
N MET B 515 -23.15 12.49 35.47
CA MET B 515 -23.52 13.90 35.44
C MET B 515 -22.66 14.59 34.39
N THR B 516 -22.84 15.91 34.30
CA THR B 516 -22.18 16.74 33.30
C THR B 516 -20.76 17.04 33.74
N LEU B 517 -19.77 16.68 32.91
CA LEU B 517 -18.38 17.02 33.14
C LEU B 517 -17.61 16.81 31.85
N GLY B 518 -16.52 17.55 31.71
CA GLY B 518 -15.76 17.53 30.47
C GLY B 518 -14.47 18.31 30.60
N ILE B 519 -13.81 18.49 29.46
CA ILE B 519 -12.51 19.14 29.43
C ILE B 519 -12.67 20.61 29.84
N SER B 520 -11.83 21.05 30.77
CA SER B 520 -11.76 22.44 31.18
C SER B 520 -10.33 22.78 31.53
N ILE B 521 -10.03 24.07 31.54
CA ILE B 521 -8.70 24.58 31.82
C ILE B 521 -8.71 25.32 33.15
N LEU B 522 -7.68 25.09 33.96
CA LEU B 522 -7.44 25.86 35.17
C LEU B 522 -6.08 26.53 35.06
N TYR B 523 -6.04 27.82 35.34
CA TYR B 523 -4.80 28.55 35.48
C TYR B 523 -5.07 29.78 36.34
N ARG B 524 -4.26 29.98 37.37
CA ARG B 524 -4.51 31.10 38.25
C ARG B 524 -4.31 32.42 37.52
N LYS B 525 -4.90 33.47 38.08
CA LYS B 525 -4.78 34.79 37.51
C LYS B 525 -3.31 35.23 37.54
N PRO B 526 -2.88 36.04 36.57
CA PRO B 526 -1.50 36.54 36.58
C PRO B 526 -1.24 37.62 37.61
N GLY B 532 -3.05 54.73 45.82
CA GLY B 532 -3.06 56.12 46.25
C GLY B 532 -3.05 57.09 45.08
N VAL B 533 -3.55 58.30 45.35
CA VAL B 533 -3.50 59.37 44.36
C VAL B 533 -2.06 59.79 44.09
N PHE B 534 -1.17 59.59 45.07
CA PHE B 534 0.23 59.97 44.90
C PHE B 534 0.86 59.25 43.71
N SER B 535 0.46 58.00 43.46
CA SER B 535 0.93 57.27 42.29
C SER B 535 0.14 57.60 41.03
N PHE B 536 -0.97 58.31 41.15
CA PHE B 536 -1.76 58.68 39.99
C PHE B 536 -1.11 59.80 39.19
N LEU B 537 -0.28 60.62 39.84
CA LEU B 537 0.50 61.64 39.14
C LEU B 537 1.80 61.09 38.56
N ASN B 538 2.13 59.84 38.88
CA ASN B 538 3.39 59.27 38.41
C ASN B 538 3.49 59.07 36.90
N PRO B 539 2.39 58.88 36.11
CA PRO B 539 2.53 58.77 34.66
C PRO B 539 3.47 59.77 34.00
N LEU B 540 3.60 60.96 34.56
CA LEU B 540 4.61 61.92 34.13
C LEU B 540 5.64 62.08 35.23
N SER B 541 6.88 62.33 34.83
CA SER B 541 7.98 62.36 35.79
C SER B 541 7.73 63.46 36.83
N PRO B 542 7.97 63.16 38.12
CA PRO B 542 7.70 64.16 39.17
C PRO B 542 8.76 65.25 39.24
N ASP B 543 9.78 65.14 38.39
CA ASP B 543 10.83 66.14 38.31
C ASP B 543 10.48 67.27 37.36
N ILE B 544 9.27 67.27 36.80
CA ILE B 544 8.83 68.30 35.89
C ILE B 544 7.81 69.24 36.53
N TRP B 545 6.99 68.76 37.47
CA TRP B 545 6.04 69.62 38.14
C TRP B 545 6.73 70.69 39.00
N MET B 546 7.92 70.38 39.51
CA MET B 546 8.71 71.40 40.22
C MET B 546 9.16 72.50 39.27
N TYR B 547 9.52 72.14 38.03
CA TYR B 547 9.84 73.15 37.04
C TYR B 547 8.67 74.05 36.73
N VAL B 548 7.44 73.57 36.97
CA VAL B 548 6.26 74.41 36.79
C VAL B 548 6.31 75.60 37.74
N LEU B 549 6.53 75.34 39.03
CA LEU B 549 6.65 76.43 39.99
C LEU B 549 7.90 77.27 39.74
N LEU B 550 8.99 76.62 39.31
CA LEU B 550 10.20 77.35 38.98
C LEU B 550 9.93 78.39 37.90
N ALA B 551 9.29 77.99 36.80
CA ALA B 551 8.98 78.90 35.72
C ALA B 551 7.94 79.93 36.14
N TYR B 552 6.97 79.52 36.97
CA TYR B 552 5.97 80.46 37.46
C TYR B 552 6.60 81.60 38.25
N LEU B 553 7.63 81.30 39.04
CA LEU B 553 8.34 82.36 39.75
C LEU B 553 9.27 83.13 38.81
N GLY B 554 9.93 82.43 37.89
CA GLY B 554 10.94 83.05 37.04
C GLY B 554 10.39 83.95 35.96
N VAL B 555 9.12 83.76 35.58
CA VAL B 555 8.50 84.67 34.62
C VAL B 555 7.83 85.83 35.32
N SER B 556 7.34 85.61 36.55
CA SER B 556 6.78 86.70 37.32
C SER B 556 7.85 87.67 37.79
N VAL B 557 9.07 87.19 38.05
CA VAL B 557 10.15 88.08 38.48
C VAL B 557 10.62 88.99 37.34
N VAL B 558 10.26 88.67 36.09
CA VAL B 558 10.73 89.47 34.95
C VAL B 558 10.19 90.89 35.02
N LEU B 559 9.01 91.08 35.61
CA LEU B 559 8.42 92.41 35.69
C LEU B 559 9.28 93.35 36.53
N PHE B 560 9.93 92.84 37.57
CA PHE B 560 10.78 93.69 38.41
C PHE B 560 12.02 94.16 37.69
N VAL B 561 12.47 93.43 36.66
CA VAL B 561 13.59 93.91 35.85
C VAL B 561 13.10 94.77 34.69
N ILE B 562 11.88 94.51 34.20
CA ILE B 562 11.30 95.35 33.16
C ILE B 562 11.05 96.76 33.68
N ALA B 563 10.49 96.88 34.89
CA ALA B 563 10.15 98.19 35.43
C ALA B 563 11.40 98.99 35.77
N ARG B 564 12.35 98.37 36.47
CA ARG B 564 13.56 99.06 36.91
C ARG B 564 14.61 99.12 35.81
N ALA B 611 3.08 96.94 26.58
CA ALA B 611 3.12 96.73 25.13
C ALA B 611 3.59 95.31 24.81
N LEU B 612 4.57 95.21 23.92
CA LEU B 612 5.08 93.89 23.54
C LEU B 612 5.89 93.26 24.66
N SER B 613 6.42 94.07 25.58
CA SER B 613 7.37 93.56 26.58
C SER B 613 6.73 92.51 27.47
N THR B 614 5.59 92.84 28.09
CA THR B 614 4.87 91.85 28.87
C THR B 614 4.17 90.83 27.98
N ARG B 615 3.92 91.21 26.74
CA ARG B 615 3.13 90.39 25.82
C ARG B 615 3.88 89.14 25.39
N ILE B 616 5.13 89.29 24.97
CA ILE B 616 5.93 88.12 24.62
C ILE B 616 6.12 87.23 25.83
N VAL B 617 6.31 87.83 27.01
CA VAL B 617 6.47 87.05 28.23
C VAL B 617 5.23 86.21 28.49
N GLY B 618 4.04 86.82 28.40
CA GLY B 618 2.82 86.07 28.63
C GLY B 618 2.57 85.00 27.59
N GLY B 619 2.83 85.32 26.32
CA GLY B 619 2.64 84.33 25.27
C GLY B 619 3.56 83.14 25.43
N ILE B 620 4.84 83.39 25.70
CA ILE B 620 5.79 82.31 25.90
C ILE B 620 5.45 81.51 27.15
N TRP B 621 5.00 82.19 28.21
CA TRP B 621 4.62 81.48 29.43
C TRP B 621 3.46 80.54 29.16
N TRP B 622 2.42 81.03 28.49
CA TRP B 622 1.27 80.17 28.19
C TRP B 622 1.68 79.03 27.27
N PHE B 623 2.48 79.33 26.24
CA PHE B 623 2.90 78.31 25.29
C PHE B 623 3.75 77.23 25.95
N PHE B 624 4.64 77.63 26.87
CA PHE B 624 5.45 76.64 27.58
C PHE B 624 4.60 75.80 28.53
N THR B 625 3.70 76.45 29.29
CA THR B 625 2.94 75.69 30.27
C THR B 625 1.88 74.81 29.63
N LEU B 626 1.51 75.07 28.38
CA LEU B 626 0.65 74.11 27.68
C LEU B 626 1.43 72.96 27.06
N ILE B 627 2.76 72.93 27.21
CA ILE B 627 3.54 71.77 26.81
C ILE B 627 3.41 70.64 27.83
N ILE B 628 3.60 70.97 29.11
CA ILE B 628 3.69 69.96 30.15
C ILE B 628 2.36 69.24 30.33
N ILE B 629 1.25 69.99 30.33
CA ILE B 629 -0.04 69.36 30.56
C ILE B 629 -0.45 68.50 29.38
N SER B 630 -0.13 68.94 28.15
CA SER B 630 -0.38 68.10 26.99
C SER B 630 0.42 66.81 27.06
N SER B 631 1.69 66.91 27.44
CA SER B 631 2.52 65.71 27.57
C SER B 631 1.98 64.78 28.65
N TYR B 632 1.55 65.35 29.78
CA TYR B 632 1.02 64.55 30.87
C TYR B 632 -0.27 63.85 30.47
N THR B 633 -1.15 64.55 29.75
CA THR B 633 -2.37 63.93 29.25
C THR B 633 -2.05 62.79 28.31
N ALA B 634 -1.08 63.01 27.40
CA ALA B 634 -0.68 61.96 26.46
C ALA B 634 -0.16 60.74 27.20
N ASN B 635 0.74 60.94 28.17
CA ASN B 635 1.32 59.83 28.90
C ASN B 635 0.26 59.11 29.73
N LEU B 636 -0.67 59.85 30.33
CA LEU B 636 -1.73 59.24 31.12
C LEU B 636 -2.65 58.39 30.25
N ALA B 637 -2.99 58.88 29.06
CA ALA B 637 -3.80 58.07 28.14
C ALA B 637 -3.06 56.81 27.73
N ALA B 638 -1.76 56.93 27.43
CA ALA B 638 -0.98 55.76 27.04
C ALA B 638 -0.92 54.74 28.16
N PHE B 639 -0.73 55.19 29.40
CA PHE B 639 -0.67 54.25 30.53
C PHE B 639 -2.05 53.68 30.87
N LEU B 640 -3.12 54.43 30.65
CA LEU B 640 -4.45 53.86 30.78
C LEU B 640 -4.66 52.77 29.74
N THR B 641 -4.06 52.93 28.56
CA THR B 641 -4.26 51.97 27.47
C THR B 641 -3.79 50.57 27.85
N VAL B 642 -2.61 50.46 28.48
CA VAL B 642 -2.02 49.15 28.73
C VAL B 642 -2.91 48.34 29.67
N GLU B 643 -3.53 48.99 30.65
CA GLU B 643 -4.36 48.32 31.64
C GLU B 643 -5.78 48.06 31.15
N ARG B 644 -6.13 48.50 29.94
CA ARG B 644 -7.45 48.24 29.39
C ARG B 644 -7.42 47.38 28.14
N MET B 645 -6.27 47.25 27.46
CA MET B 645 -6.19 46.39 26.30
C MET B 645 -6.42 44.92 26.68
N GLU B 646 -5.83 44.48 27.79
CA GLU B 646 -5.92 43.08 28.24
C GLU B 646 -6.29 43.00 29.72
N SER B 651 -6.45 34.69 25.15
CA SER B 651 -7.15 35.23 26.28
C SER B 651 -7.68 34.18 27.14
N ALA B 652 -8.98 34.25 27.31
CA ALA B 652 -9.61 33.24 28.07
C ALA B 652 -9.30 32.09 27.22
N ASP B 653 -9.39 32.27 25.92
CA ASP B 653 -8.97 31.20 25.12
C ASP B 653 -7.68 31.40 24.48
N ASP B 654 -6.94 30.34 24.36
CA ASP B 654 -5.70 30.26 23.60
C ASP B 654 -4.53 30.88 24.35
N LEU B 655 -4.79 31.86 25.22
CA LEU B 655 -3.73 32.43 26.04
C LEU B 655 -3.26 31.43 27.09
N ALA B 656 -4.17 30.60 27.59
CA ALA B 656 -3.77 29.49 28.43
C ALA B 656 -3.06 28.41 27.62
N LYS B 657 -3.26 28.40 26.30
CA LYS B 657 -2.62 27.43 25.41
C LYS B 657 -1.37 27.98 24.74
N GLN B 658 -0.85 29.12 25.21
CA GLN B 658 0.39 29.66 24.67
C GLN B 658 1.56 28.75 24.99
N THR B 659 2.53 28.69 24.08
CA THR B 659 3.67 27.81 24.26
C THR B 659 4.55 28.23 25.43
N LYS B 660 4.44 29.48 25.88
CA LYS B 660 5.21 29.93 27.03
C LYS B 660 4.53 29.60 28.35
N ILE B 661 3.33 29.05 28.33
CA ILE B 661 2.62 28.64 29.54
C ILE B 661 2.45 27.13 29.50
N GLU B 662 2.82 26.47 30.59
CA GLU B 662 2.81 25.01 30.64
C GLU B 662 1.42 24.53 31.03
N TYR B 663 0.74 23.91 30.07
CA TYR B 663 -0.54 23.23 30.32
C TYR B 663 -0.32 21.73 30.15
N GLY B 664 -0.77 20.96 31.14
CA GLY B 664 -0.43 19.55 31.18
C GLY B 664 -1.57 18.59 31.04
N ALA B 665 -1.29 17.31 31.28
CA ALA B 665 -2.25 16.23 31.16
C ALA B 665 -1.76 15.09 32.06
N VAL B 666 -2.34 13.91 31.89
CA VAL B 666 -1.91 12.73 32.64
C VAL B 666 -0.92 11.95 31.79
N ARG B 667 0.23 11.62 32.37
CA ARG B 667 1.25 10.86 31.65
C ARG B 667 0.74 9.46 31.31
N ASP B 668 1.06 9.01 30.10
CA ASP B 668 0.70 7.68 29.62
C ASP B 668 -0.79 7.39 29.84
N GLY B 669 -1.63 8.34 29.42
CA GLY B 669 -3.06 8.19 29.51
C GLY B 669 -3.72 8.19 28.14
N SER B 670 -5.02 7.92 28.16
CA SER B 670 -5.82 8.02 26.93
C SER B 670 -5.98 9.46 26.49
N THR B 671 -5.59 10.43 27.33
CA THR B 671 -5.68 11.82 26.95
C THR B 671 -4.74 12.14 25.78
N MET B 672 -3.55 11.52 25.76
CA MET B 672 -2.66 11.71 24.62
C MET B 672 -3.17 10.97 23.38
N THR B 673 -3.89 9.86 23.58
CA THR B 673 -4.57 9.22 22.46
C THR B 673 -5.60 10.16 21.84
N PHE B 674 -6.37 10.85 22.68
CA PHE B 674 -7.27 11.90 22.20
C PHE B 674 -6.51 12.99 21.49
N PHE B 675 -5.36 13.39 22.04
CA PHE B 675 -4.60 14.51 21.50
C PHE B 675 -4.08 14.21 20.10
N LYS B 676 -3.58 13.00 19.88
CA LYS B 676 -2.93 12.69 18.61
C LYS B 676 -3.89 12.09 17.58
N LYS B 677 -4.88 11.31 18.01
CA LYS B 677 -5.79 10.69 17.06
C LYS B 677 -6.82 11.67 16.49
N SER B 678 -6.90 12.88 17.03
CA SER B 678 -7.85 13.88 16.57
C SER B 678 -7.08 15.08 16.02
N LYS B 679 -7.42 15.50 14.80
CA LYS B 679 -6.69 16.54 14.08
C LYS B 679 -7.62 17.71 13.75
N ILE B 680 -7.69 18.66 14.67
CA ILE B 680 -8.23 19.98 14.41
C ILE B 680 -7.21 20.99 14.91
N SER B 681 -7.25 22.20 14.34
CA SER B 681 -6.21 23.19 14.54
C SER B 681 -5.67 23.24 15.96
N THR B 682 -6.57 23.40 16.94
CA THR B 682 -6.14 23.46 18.34
C THR B 682 -5.49 22.15 18.77
N TYR B 683 -6.04 21.00 18.37
CA TYR B 683 -5.52 19.72 18.83
C TYR B 683 -4.09 19.50 18.37
N GLU B 684 -3.82 19.66 17.06
CA GLU B 684 -2.45 19.47 16.61
C GLU B 684 -1.54 20.59 17.11
N LYS B 685 -2.06 21.80 17.33
CA LYS B 685 -1.24 22.85 17.93
C LYS B 685 -0.71 22.44 19.30
N MET B 686 -1.61 22.03 20.19
CA MET B 686 -1.18 21.65 21.53
C MET B 686 -0.48 20.29 21.59
N TRP B 687 -0.83 19.37 20.69
CA TRP B 687 -0.07 18.13 20.57
C TRP B 687 1.37 18.39 20.16
N ALA B 688 1.57 19.29 19.19
CA ALA B 688 2.92 19.68 18.81
C ALA B 688 3.63 20.38 19.97
N PHE B 689 2.87 21.12 20.79
CA PHE B 689 3.46 21.71 21.99
C PHE B 689 4.02 20.67 22.94
N MET B 690 3.28 19.59 23.22
CA MET B 690 3.72 18.68 24.28
C MET B 690 4.98 17.91 23.90
N SER B 691 5.12 17.52 22.64
CA SER B 691 6.23 16.68 22.22
C SER B 691 7.58 17.39 22.32
N SER B 692 7.59 18.69 22.64
CA SER B 692 8.83 19.35 23.02
C SER B 692 9.26 18.87 24.40
N ARG B 693 10.55 19.09 24.72
CA ARG B 693 11.14 18.66 25.99
C ARG B 693 11.00 17.14 26.18
N GLN B 694 11.25 16.41 25.10
CA GLN B 694 11.16 14.94 25.10
C GLN B 694 9.81 14.47 25.60
N GLN B 695 8.75 15.10 25.06
CA GLN B 695 7.35 14.91 25.46
C GLN B 695 7.20 14.85 26.97
N SER B 696 8.06 15.58 27.69
CA SER B 696 8.05 15.62 29.15
C SER B 696 8.11 17.08 29.58
N ALA B 697 6.93 17.71 29.65
CA ALA B 697 6.78 19.05 30.21
C ALA B 697 5.46 19.14 30.97
N LEU B 698 4.96 18.01 31.47
CA LEU B 698 3.61 17.93 31.99
C LEU B 698 3.58 17.31 33.38
N VAL B 699 2.38 17.03 33.87
CA VAL B 699 2.20 16.37 35.16
C VAL B 699 1.76 14.93 34.91
N LYS B 700 1.72 14.14 35.99
CA LYS B 700 1.36 12.73 35.89
C LYS B 700 0.02 12.38 36.52
N ASN B 701 -0.36 13.00 37.63
CA ASN B 701 -1.61 12.64 38.29
C ASN B 701 -2.12 13.85 39.07
N SER B 702 -3.15 13.63 39.89
CA SER B 702 -3.87 14.75 40.49
C SER B 702 -3.04 15.45 41.56
N ASP B 703 -2.46 14.69 42.50
CA ASP B 703 -1.84 15.30 43.67
C ASP B 703 -0.65 16.16 43.29
N GLU B 704 0.32 15.59 42.57
CA GLU B 704 1.51 16.34 42.22
C GLU B 704 1.19 17.44 41.23
N GLY B 705 0.19 17.26 40.38
CA GLY B 705 -0.26 18.34 39.53
C GLY B 705 -0.82 19.52 40.32
N ILE B 706 -1.62 19.23 41.35
CA ILE B 706 -2.15 20.29 42.20
C ILE B 706 -1.02 21.03 42.88
N GLN B 707 -0.06 20.28 43.43
CA GLN B 707 1.08 20.95 44.06
C GLN B 707 1.87 21.78 43.06
N ARG B 708 2.03 21.29 41.82
CA ARG B 708 2.69 22.08 40.78
C ARG B 708 1.97 23.39 40.54
N VAL B 709 0.64 23.33 40.38
CA VAL B 709 -0.12 24.55 40.07
C VAL B 709 -0.08 25.53 41.24
N LEU B 710 -0.14 25.04 42.48
CA LEU B 710 0.01 25.94 43.61
C LEU B 710 1.40 26.56 43.67
N THR B 711 2.43 25.77 43.37
CA THR B 711 3.79 26.30 43.41
C THR B 711 4.11 27.15 42.18
N THR B 712 4.00 26.57 41.00
CA THR B 712 4.37 27.22 39.76
C THR B 712 3.13 27.50 38.92
N ASP B 713 3.09 28.67 38.29
CA ASP B 713 2.00 29.01 37.38
C ASP B 713 1.89 27.93 36.31
N TYR B 714 0.77 27.21 36.31
CA TYR B 714 0.65 26.00 35.52
C TYR B 714 -0.82 25.79 35.16
N ALA B 715 -1.05 25.03 34.09
CA ALA B 715 -2.39 24.80 33.60
C ALA B 715 -2.64 23.31 33.41
N LEU B 716 -3.90 22.91 33.51
CA LEU B 716 -4.28 21.51 33.42
C LEU B 716 -5.60 21.38 32.65
N LEU B 717 -5.76 20.26 31.96
CA LEU B 717 -6.96 19.98 31.17
C LEU B 717 -7.60 18.70 31.72
N MET B 718 -8.46 18.86 32.72
CA MET B 718 -9.14 17.74 33.37
C MET B 718 -10.63 18.06 33.44
N GLU B 719 -11.36 17.20 34.15
CA GLU B 719 -12.81 17.30 34.22
C GLU B 719 -13.23 18.53 35.03
N SER B 720 -14.39 19.09 34.67
CA SER B 720 -14.88 20.27 35.36
C SER B 720 -15.22 19.98 36.81
N THR B 721 -15.76 18.79 37.11
CA THR B 721 -16.12 18.47 38.48
C THR B 721 -14.90 18.42 39.39
N SER B 722 -13.81 17.81 38.91
CA SER B 722 -12.60 17.74 39.71
C SER B 722 -12.02 19.13 39.95
N ILE B 723 -12.01 19.97 38.92
CA ILE B 723 -11.50 21.33 39.07
C ILE B 723 -12.37 22.13 40.04
N GLU B 724 -13.69 21.96 39.96
CA GLU B 724 -14.58 22.62 40.91
C GLU B 724 -14.29 22.14 42.34
N TYR B 725 -14.13 20.83 42.52
CA TYR B 725 -13.88 20.29 43.85
C TYR B 725 -12.57 20.83 44.42
N VAL B 726 -11.52 20.84 43.61
CA VAL B 726 -10.21 21.30 44.12
C VAL B 726 -10.24 22.79 44.38
N THR B 727 -10.93 23.57 43.53
CA THR B 727 -10.99 25.01 43.74
C THR B 727 -11.70 25.37 45.03
N GLN B 728 -12.63 24.51 45.48
CA GLN B 728 -13.33 24.78 46.73
C GLN B 728 -12.39 24.81 47.92
N ARG B 729 -11.16 24.29 47.76
CA ARG B 729 -10.21 24.23 48.85
C ARG B 729 -9.09 25.26 48.74
N ASN B 730 -8.85 25.81 47.55
CA ASN B 730 -7.84 26.85 47.35
C ASN B 730 -8.40 27.94 46.46
N CYS B 731 -8.34 29.18 46.92
CA CYS B 731 -8.76 30.34 46.14
C CYS B 731 -7.59 31.16 45.61
N ASN B 732 -6.39 30.58 45.63
CA ASN B 732 -5.30 31.10 44.82
C ASN B 732 -5.34 30.57 43.40
N LEU B 733 -6.28 29.67 43.11
CA LEU B 733 -6.46 29.11 41.78
C LEU B 733 -7.87 29.44 41.31
N THR B 734 -8.02 29.60 39.99
CA THR B 734 -9.32 29.88 39.41
C THR B 734 -9.32 29.45 37.95
N GLN B 735 -10.51 29.30 37.38
CA GLN B 735 -10.66 28.95 35.98
C GLN B 735 -10.64 30.23 35.15
N ILE B 736 -9.52 30.50 34.48
CA ILE B 736 -9.41 31.62 33.56
C ILE B 736 -9.71 31.10 32.16
N GLY B 737 -10.85 31.52 31.61
CA GLY B 737 -11.38 30.96 30.39
C GLY B 737 -12.71 30.27 30.64
N GLY B 738 -12.79 29.00 30.27
CA GLY B 738 -13.96 28.23 30.60
C GLY B 738 -13.84 26.79 30.16
N LEU B 739 -14.93 26.06 30.35
CA LEU B 739 -15.03 24.68 29.89
C LEU B 739 -14.92 24.60 28.37
N ILE B 740 -14.13 23.64 27.89
CA ILE B 740 -13.81 23.53 26.47
C ILE B 740 -14.75 22.57 25.75
N ASP B 741 -14.83 21.34 26.25
CA ASP B 741 -15.48 20.26 25.53
C ASP B 741 -15.96 19.21 26.53
N SER B 742 -17.23 18.83 26.42
CA SER B 742 -17.80 17.85 27.35
C SER B 742 -17.68 16.45 26.77
N LYS B 743 -17.12 15.55 27.57
CA LYS B 743 -16.96 14.15 27.18
C LYS B 743 -17.52 13.26 28.28
N GLY B 744 -18.06 12.11 27.88
CA GLY B 744 -18.62 11.20 28.85
C GLY B 744 -17.56 10.57 29.73
N TYR B 745 -17.97 10.21 30.94
CA TYR B 745 -17.04 9.72 31.96
C TYR B 745 -17.63 8.50 32.64
N GLY B 746 -17.30 7.31 32.14
CA GLY B 746 -17.72 6.07 32.72
C GLY B 746 -16.55 5.26 33.25
N VAL B 747 -16.87 4.05 33.72
CA VAL B 747 -15.91 3.18 34.39
C VAL B 747 -15.76 1.90 33.57
N GLY B 748 -14.52 1.45 33.44
CA GLY B 748 -14.27 0.21 32.72
C GLY B 748 -14.67 -1.01 33.53
N THR B 749 -14.99 -2.09 32.81
CA THR B 749 -15.41 -3.36 33.39
C THR B 749 -15.36 -4.44 32.31
N PRO B 750 -14.99 -5.68 32.66
CA PRO B 750 -14.75 -6.70 31.64
C PRO B 750 -15.89 -6.85 30.65
N ILE B 751 -15.55 -6.81 29.37
CA ILE B 751 -16.52 -6.96 28.29
C ILE B 751 -16.87 -8.43 28.13
N GLY B 752 -18.15 -8.71 27.91
CA GLY B 752 -18.60 -10.08 27.75
C GLY B 752 -18.61 -10.89 29.03
N SER B 753 -18.39 -10.25 30.17
CA SER B 753 -18.34 -10.85 31.49
C SER B 753 -19.74 -11.15 32.00
N PRO B 754 -19.92 -12.25 32.72
CA PRO B 754 -21.20 -12.47 33.40
C PRO B 754 -21.50 -11.40 34.43
N TYR B 755 -20.46 -10.85 35.06
CA TYR B 755 -20.65 -9.78 36.03
C TYR B 755 -20.92 -8.43 35.36
N ARG B 756 -20.67 -8.32 34.06
CA ARG B 756 -20.89 -7.07 33.35
C ARG B 756 -22.33 -6.59 33.48
N ASP B 757 -23.28 -7.46 33.14
CA ASP B 757 -24.69 -7.08 33.17
C ASP B 757 -25.15 -6.80 34.60
N LYS B 758 -24.70 -7.62 35.56
CA LYS B 758 -25.09 -7.39 36.95
C LYS B 758 -24.60 -6.03 37.44
N ILE B 759 -23.34 -5.69 37.16
CA ILE B 759 -22.81 -4.39 37.55
C ILE B 759 -23.59 -3.28 36.86
N THR B 760 -23.86 -3.43 35.56
CA THR B 760 -24.58 -2.40 34.82
C THR B 760 -25.96 -2.17 35.42
N ILE B 761 -26.71 -3.24 35.68
CA ILE B 761 -28.07 -3.10 36.17
C ILE B 761 -28.09 -2.55 37.59
N ALA B 762 -27.14 -3.00 38.43
CA ALA B 762 -27.07 -2.46 39.79
C ALA B 762 -26.76 -0.97 39.78
N ILE B 763 -25.82 -0.55 38.93
CA ILE B 763 -25.53 0.88 38.80
C ILE B 763 -26.75 1.63 38.28
N LEU B 764 -27.51 1.01 37.38
CA LEU B 764 -28.74 1.62 36.90
C LEU B 764 -29.71 1.88 38.04
N GLN B 765 -29.93 0.88 38.90
CA GLN B 765 -30.82 1.09 40.04
C GLN B 765 -30.28 2.16 40.97
N LEU B 766 -28.97 2.11 41.27
CA LEU B 766 -28.40 3.09 42.20
C LEU B 766 -28.53 4.50 41.66
N GLN B 767 -28.42 4.68 40.34
CA GLN B 767 -28.64 5.99 39.75
C GLN B 767 -30.11 6.38 39.81
N GLU B 768 -31.02 5.44 39.56
CA GLU B 768 -32.43 5.77 39.54
C GLU B 768 -32.93 6.20 40.92
N GLU B 769 -32.53 5.48 41.97
CA GLU B 769 -32.93 5.87 43.31
C GLU B 769 -32.03 6.95 43.90
N GLY B 770 -31.00 7.36 43.19
CA GLY B 770 -30.29 8.58 43.53
C GLY B 770 -29.21 8.47 44.59
N LYS B 771 -28.82 7.25 44.98
CA LYS B 771 -27.69 7.12 45.91
C LYS B 771 -26.47 7.84 45.37
N LEU B 772 -26.31 7.84 44.04
CA LEU B 772 -25.19 8.58 43.44
C LEU B 772 -25.31 10.06 43.74
N HIS B 773 -26.54 10.60 43.73
CA HIS B 773 -26.71 12.04 43.96
C HIS B 773 -26.35 12.43 45.38
N MET B 774 -26.86 11.69 46.37
CA MET B 774 -26.50 11.99 47.75
C MET B 774 -25.00 11.80 47.98
N MET B 775 -24.41 10.82 47.30
CA MET B 775 -22.96 10.61 47.35
C MET B 775 -22.24 11.87 46.86
N LYS B 776 -22.70 12.41 45.72
CA LYS B 776 -22.19 13.67 45.22
C LYS B 776 -22.29 14.74 46.30
N GLU B 777 -23.47 14.83 46.93
CA GLU B 777 -23.73 15.84 47.95
C GLU B 777 -22.73 15.72 49.08
N LYS B 778 -22.40 14.49 49.47
CA LYS B 778 -21.50 14.26 50.60
C LYS B 778 -20.09 14.73 50.29
N TRP B 779 -19.61 14.48 49.07
CA TRP B 779 -18.20 14.71 48.84
C TRP B 779 -17.86 16.02 48.11
N TRP B 780 -18.41 16.24 46.92
CA TRP B 780 -17.82 17.25 46.04
C TRP B 780 -17.92 18.69 46.52
N ARG B 781 -18.95 19.09 47.26
CA ARG B 781 -18.84 20.46 47.75
C ARG B 781 -17.86 20.61 48.90
N GLY B 782 -17.34 21.83 49.03
CA GLY B 782 -16.58 22.33 50.16
C GLY B 782 -17.02 23.76 50.42
N ASN B 783 -16.33 24.48 51.30
CA ASN B 783 -16.77 25.83 51.65
C ASN B 783 -15.55 26.74 51.77
N GLY B 784 -15.81 28.03 51.54
CA GLY B 784 -14.77 29.04 51.57
C GLY B 784 -14.06 29.19 50.24
N CYS B 785 -13.86 30.43 49.78
CA CYS B 785 -13.21 30.76 48.51
C CYS B 785 -14.02 30.24 47.32
N PRO B 786 -13.76 30.73 46.10
CA PRO B 786 -14.44 30.22 44.89
C PRO B 786 -14.25 28.73 44.64
N GLU B 799 -9.34 55.85 44.69
CA GLU B 799 -9.39 57.29 44.61
C GLU B 799 -8.41 57.83 43.57
N ASN B 800 -8.91 58.69 42.68
CA ASN B 800 -8.09 59.33 41.67
C ASN B 800 -8.04 60.84 41.84
N ILE B 801 -9.18 61.48 42.06
CA ILE B 801 -9.24 62.92 42.31
C ILE B 801 -9.67 63.23 43.74
N GLY B 802 -10.10 62.24 44.51
CA GLY B 802 -10.53 62.49 45.88
C GLY B 802 -9.41 63.03 46.76
N GLY B 803 -8.17 62.60 46.51
CA GLY B 803 -7.06 62.97 47.37
C GLY B 803 -6.66 64.42 47.28
N ILE B 804 -6.90 65.08 46.15
CA ILE B 804 -6.48 66.47 45.99
C ILE B 804 -7.43 67.45 46.66
N PHE B 805 -8.68 67.05 46.92
CA PHE B 805 -9.58 67.87 47.72
C PHE B 805 -9.03 68.08 49.13
N ILE B 806 -8.23 67.15 49.63
CA ILE B 806 -7.54 67.33 50.90
C ILE B 806 -6.26 68.14 50.70
N VAL B 807 -5.69 68.08 49.49
CA VAL B 807 -4.49 68.85 49.19
C VAL B 807 -4.80 70.34 49.17
N LEU B 808 -6.00 70.72 48.72
CA LEU B 808 -6.43 72.12 48.78
C LEU B 808 -6.31 72.68 50.19
N ALA B 809 -6.56 71.84 51.21
CA ALA B 809 -6.51 72.30 52.59
C ALA B 809 -5.13 72.82 52.97
N ALA B 810 -4.07 72.28 52.35
CA ALA B 810 -2.73 72.82 52.58
C ALA B 810 -2.60 74.26 52.09
N GLY B 811 -3.38 74.63 51.07
CA GLY B 811 -3.38 76.00 50.58
C GLY B 811 -4.32 76.90 51.37
N LEU B 812 -5.42 76.31 51.87
CA LEU B 812 -6.40 77.08 52.61
C LEU B 812 -5.90 77.53 53.98
N VAL B 813 -4.87 76.88 54.51
CA VAL B 813 -4.41 77.18 55.86
C VAL B 813 -3.31 78.24 55.88
N LEU B 814 -2.59 78.41 54.77
CA LEU B 814 -1.37 79.22 54.76
C LEU B 814 -1.60 80.68 55.14
N SER B 815 -2.84 81.17 55.04
CA SER B 815 -3.08 82.59 55.23
C SER B 815 -2.93 83.03 56.69
N VAL B 816 -2.92 82.10 57.64
CA VAL B 816 -2.99 82.48 59.05
C VAL B 816 -1.69 83.12 59.53
N PHE B 817 -0.54 82.56 59.14
CA PHE B 817 0.73 82.93 59.77
C PHE B 817 1.75 83.51 58.81
N VAL B 818 1.35 84.47 57.98
CA VAL B 818 2.33 85.18 57.16
C VAL B 818 3.33 85.93 58.03
N ALA B 819 2.87 86.48 59.16
CA ALA B 819 3.72 87.14 60.13
C ALA B 819 3.61 86.42 61.46
N ILE B 820 4.76 86.13 62.07
CA ILE B 820 4.83 85.39 63.34
C ILE B 820 4.16 84.02 63.20
N GLN C 1 61.59 -61.59 10.61
CA GLN C 1 61.94 -61.35 9.22
C GLN C 1 62.45 -59.93 9.02
N VAL C 2 63.15 -59.71 7.90
CA VAL C 2 63.64 -58.39 7.54
C VAL C 2 62.86 -57.92 6.32
N LEU C 3 62.14 -56.81 6.46
CA LEU C 3 61.30 -56.28 5.42
C LEU C 3 61.96 -55.09 4.75
N ARG C 4 61.45 -54.74 3.57
CA ARG C 4 61.95 -53.62 2.80
C ARG C 4 60.80 -52.69 2.44
N ILE C 5 61.11 -51.41 2.29
CA ILE C 5 60.11 -50.39 2.00
C ILE C 5 60.64 -49.50 0.88
N GLY C 6 59.73 -49.07 0.01
CA GLY C 6 60.10 -48.26 -1.15
C GLY C 6 59.78 -46.80 -0.92
N GLY C 7 60.80 -45.95 -1.07
CA GLY C 7 60.62 -44.52 -0.91
C GLY C 7 60.60 -43.79 -2.23
N ILE C 8 59.42 -43.39 -2.68
CA ILE C 8 59.24 -42.71 -3.95
C ILE C 8 59.11 -41.22 -3.67
N PHE C 9 60.18 -40.47 -3.93
CA PHE C 9 60.17 -39.02 -3.77
C PHE C 9 60.52 -38.37 -5.09
N GLU C 10 59.76 -37.33 -5.45
CA GLU C 10 60.01 -36.57 -6.66
C GLU C 10 60.91 -35.38 -6.35
N THR C 11 62.08 -35.36 -6.97
CA THR C 11 63.05 -34.31 -6.70
C THR C 11 62.54 -32.96 -7.21
N VAL C 12 62.57 -31.96 -6.34
CA VAL C 12 62.14 -30.61 -6.69
C VAL C 12 63.39 -29.77 -6.97
N GLU C 13 63.34 -28.99 -8.04
CA GLU C 13 64.47 -28.17 -8.43
C GLU C 13 64.66 -27.00 -7.48
N ASN C 14 65.79 -26.31 -7.63
CA ASN C 14 66.18 -25.16 -6.83
C ASN C 14 66.37 -25.50 -5.35
N GLU C 15 66.37 -26.80 -5.01
CA GLU C 15 66.56 -27.24 -3.63
C GLU C 15 67.22 -28.60 -3.65
N PRO C 16 68.53 -28.67 -3.44
CA PRO C 16 69.18 -29.97 -3.23
C PRO C 16 69.06 -30.48 -1.82
N VAL C 17 68.55 -29.66 -0.89
CA VAL C 17 68.38 -30.10 0.49
C VAL C 17 67.30 -31.15 0.59
N ASN C 18 66.08 -30.81 0.18
CA ASN C 18 64.95 -31.73 0.14
C ASN C 18 64.71 -32.36 1.51
N VAL C 19 64.25 -31.51 2.44
CA VAL C 19 64.10 -31.89 3.83
C VAL C 19 63.18 -33.10 4.03
N GLU C 20 62.40 -33.48 3.01
CA GLU C 20 61.46 -34.57 3.16
C GLU C 20 62.18 -35.89 3.43
N GLU C 21 63.14 -36.25 2.59
CA GLU C 21 63.86 -37.49 2.84
C GLU C 21 64.80 -37.36 4.02
N LEU C 22 65.21 -36.15 4.39
CA LEU C 22 65.95 -35.98 5.64
C LEU C 22 65.08 -36.34 6.83
N ALA C 23 63.83 -35.90 6.82
CA ALA C 23 62.88 -36.29 7.85
C ALA C 23 62.67 -37.80 7.85
N PHE C 24 62.57 -38.39 6.66
CA PHE C 24 62.44 -39.85 6.58
C PHE C 24 63.66 -40.55 7.15
N LYS C 25 64.85 -40.02 6.88
CA LYS C 25 66.07 -40.61 7.42
C LYS C 25 66.07 -40.56 8.93
N PHE C 26 65.66 -39.42 9.52
CA PHE C 26 65.52 -39.41 10.97
C PHE C 26 64.48 -40.41 11.45
N ALA C 27 63.38 -40.53 10.74
CA ALA C 27 62.32 -41.44 11.18
C ALA C 27 62.85 -42.87 11.26
N VAL C 28 63.49 -43.34 10.19
CA VAL C 28 64.02 -44.69 10.19
C VAL C 28 65.15 -44.84 11.21
N THR C 29 66.00 -43.81 11.34
CA THR C 29 67.11 -43.87 12.28
C THR C 29 66.60 -43.99 13.71
N SER C 30 65.64 -43.15 14.09
CA SER C 30 65.12 -43.15 15.45
C SER C 30 64.36 -44.44 15.75
N ILE C 31 63.55 -44.91 14.79
CA ILE C 31 62.84 -46.16 15.04
C ILE C 31 63.83 -47.31 15.15
N ASN C 32 64.98 -47.21 14.49
CA ASN C 32 66.03 -48.20 14.68
C ASN C 32 66.82 -47.94 15.96
N ARG C 33 66.70 -46.75 16.55
CA ARG C 33 67.35 -46.44 17.82
C ARG C 33 66.49 -46.79 19.02
N ASN C 34 65.19 -47.03 18.82
CA ASN C 34 64.32 -47.46 19.90
C ASN C 34 64.39 -48.99 19.99
N ARG C 35 64.73 -49.50 21.17
CA ARG C 35 64.95 -50.92 21.37
C ARG C 35 63.83 -51.62 22.13
N THR C 36 62.97 -50.87 22.82
CA THR C 36 61.92 -51.51 23.61
C THR C 36 60.84 -52.13 22.73
N LEU C 37 60.82 -51.83 21.43
CA LEU C 37 59.92 -52.46 20.48
C LEU C 37 60.71 -53.02 19.30
N MET C 38 60.98 -54.32 19.32
CA MET C 38 61.53 -55.06 18.20
C MET C 38 60.43 -55.86 17.52
N PRO C 39 60.08 -55.59 16.26
CA PRO C 39 59.12 -56.45 15.57
C PRO C 39 59.65 -57.88 15.52
N ASN C 40 60.78 -58.04 14.83
CA ASN C 40 61.68 -59.18 15.02
C ASN C 40 63.14 -58.81 14.97
N THR C 41 63.49 -57.64 14.43
CA THR C 41 64.86 -57.18 14.23
C THR C 41 64.79 -55.74 13.76
N THR C 42 65.94 -55.19 13.38
CA THR C 42 65.95 -53.87 12.78
C THR C 42 65.37 -53.93 11.37
N LEU C 43 64.99 -52.75 10.86
CA LEU C 43 64.37 -52.63 9.55
C LEU C 43 65.23 -51.75 8.65
N THR C 44 65.17 -52.02 7.35
CA THR C 44 65.97 -51.31 6.36
C THR C 44 65.07 -50.79 5.24
N TYR C 45 65.52 -49.72 4.60
CA TYR C 45 64.74 -49.00 3.60
C TYR C 45 65.28 -49.25 2.20
N ASP C 46 64.48 -48.85 1.21
CA ASP C 46 64.88 -48.77 -0.19
C ASP C 46 64.42 -47.42 -0.73
N ILE C 47 65.33 -46.68 -1.35
CA ILE C 47 65.02 -45.35 -1.86
C ILE C 47 65.54 -45.24 -3.29
N GLN C 48 64.72 -44.70 -4.18
CA GLN C 48 65.12 -44.36 -5.53
C GLN C 48 64.67 -42.94 -5.83
N ARG C 49 65.46 -42.23 -6.62
CA ARG C 49 65.23 -40.81 -6.87
C ARG C 49 64.47 -40.62 -8.18
N ILE C 50 63.42 -39.81 -8.12
CA ILE C 50 62.56 -39.53 -9.26
C ILE C 50 62.51 -38.02 -9.45
N ASN C 51 62.50 -37.58 -10.70
CA ASN C 51 62.41 -36.16 -10.97
C ASN C 51 60.96 -35.69 -10.97
N LEU C 52 60.78 -34.39 -10.75
CA LEU C 52 59.44 -33.82 -10.74
C LEU C 52 58.91 -33.71 -12.17
N PHE C 53 57.60 -33.47 -12.27
CA PHE C 53 56.91 -33.19 -13.53
C PHE C 53 56.86 -34.41 -14.44
N ASP C 54 56.93 -35.61 -13.86
CA ASP C 54 56.73 -36.83 -14.64
C ASP C 54 56.36 -37.95 -13.68
N SER C 55 55.26 -38.62 -13.96
CA SER C 55 54.74 -39.66 -13.07
C SER C 55 55.09 -41.07 -13.51
N PHE C 56 55.22 -41.33 -14.81
CA PHE C 56 55.36 -42.71 -15.24
C PHE C 56 56.80 -43.20 -15.09
N GLU C 57 57.76 -42.27 -15.03
CA GLU C 57 59.09 -42.64 -14.59
C GLU C 57 59.05 -43.19 -13.17
N ALA C 58 58.34 -42.50 -12.27
CA ALA C 58 58.09 -43.03 -10.94
C ALA C 58 57.36 -44.36 -11.03
N SER C 59 56.55 -44.55 -12.07
CA SER C 59 55.85 -45.82 -12.23
C SER C 59 56.83 -46.96 -12.50
N ARG C 60 57.75 -46.80 -13.46
CA ARG C 60 58.69 -47.89 -13.68
C ARG C 60 59.52 -48.11 -12.45
N ARG C 61 59.95 -47.03 -11.80
CA ARG C 61 60.82 -47.18 -10.64
C ARG C 61 60.10 -47.87 -9.49
N ALA C 62 58.82 -47.59 -9.32
CA ALA C 62 58.05 -48.28 -8.29
C ALA C 62 57.95 -49.77 -8.59
N CYS C 63 57.69 -50.13 -9.86
CA CYS C 63 57.57 -51.55 -10.12
C CYS C 63 58.93 -52.26 -10.08
N ASP C 64 60.00 -51.55 -10.40
CA ASP C 64 61.34 -52.10 -10.26
C ASP C 64 61.67 -52.33 -8.79
N GLN C 65 61.30 -51.37 -7.93
CA GLN C 65 61.48 -51.56 -6.49
C GLN C 65 60.64 -52.73 -5.99
N LEU C 66 59.43 -52.89 -6.52
CA LEU C 66 58.60 -54.02 -6.15
C LEU C 66 59.24 -55.34 -6.57
N ALA C 67 59.84 -55.36 -7.77
CA ALA C 67 60.59 -56.53 -8.20
C ALA C 67 61.76 -56.80 -7.26
N LEU C 68 62.42 -55.73 -6.79
CA LEU C 68 63.40 -55.89 -5.72
C LEU C 68 62.74 -56.43 -4.45
N GLY C 69 61.52 -55.98 -4.18
CA GLY C 69 60.78 -56.49 -3.03
C GLY C 69 60.67 -55.47 -1.92
N VAL C 70 59.53 -54.81 -1.83
CA VAL C 70 59.27 -53.83 -0.78
C VAL C 70 57.91 -54.12 -0.17
N ALA C 71 57.76 -53.76 1.10
CA ALA C 71 56.51 -54.01 1.79
C ALA C 71 55.39 -53.12 1.26
N ALA C 72 55.68 -51.84 1.03
CA ALA C 72 54.69 -50.88 0.58
C ALA C 72 55.39 -49.75 -0.15
N LEU C 73 54.60 -48.77 -0.60
CA LEU C 73 55.10 -47.62 -1.35
C LEU C 73 54.81 -46.34 -0.59
N PHE C 74 55.81 -45.47 -0.50
CA PHE C 74 55.66 -44.16 0.10
C PHE C 74 55.58 -43.10 -0.97
N GLY C 75 54.68 -42.14 -0.80
CA GLY C 75 54.46 -41.11 -1.77
C GLY C 75 53.26 -41.44 -2.66
N PRO C 76 53.21 -40.84 -3.86
CA PRO C 76 54.17 -39.86 -4.39
C PRO C 76 53.99 -38.45 -3.81
N SER C 77 54.95 -37.57 -4.07
CA SER C 77 54.95 -36.23 -3.52
C SER C 77 54.23 -35.21 -4.40
N HIS C 78 53.76 -35.61 -5.58
CA HIS C 78 52.98 -34.72 -6.45
C HIS C 78 51.59 -35.30 -6.66
N SER C 79 50.62 -34.40 -6.79
CA SER C 79 49.23 -34.83 -6.96
C SER C 79 49.05 -35.64 -8.23
N SER C 80 49.67 -35.20 -9.34
CA SER C 80 49.53 -35.92 -10.60
C SER C 80 50.10 -37.33 -10.49
N SER C 81 51.25 -37.47 -9.82
CA SER C 81 51.89 -38.79 -9.71
C SER C 81 51.11 -39.74 -8.82
N VAL C 82 50.29 -39.21 -7.90
CA VAL C 82 49.49 -40.08 -7.04
C VAL C 82 48.52 -40.90 -7.88
N SER C 83 47.87 -40.26 -8.86
CA SER C 83 46.81 -40.92 -9.61
C SER C 83 47.31 -42.16 -10.35
N ALA C 84 48.49 -42.05 -10.97
CA ALA C 84 48.97 -43.13 -11.84
C ALA C 84 49.34 -44.38 -11.05
N VAL C 85 49.96 -44.21 -9.88
CA VAL C 85 50.56 -45.35 -9.19
C VAL C 85 49.51 -46.34 -8.69
N GLN C 86 48.30 -45.87 -8.38
CA GLN C 86 47.27 -46.82 -7.97
C GLN C 86 46.89 -47.80 -9.06
N SER C 87 47.22 -47.51 -10.32
CA SER C 87 47.00 -48.49 -11.38
C SER C 87 47.73 -49.80 -11.06
N ILE C 88 49.02 -49.71 -10.76
CA ILE C 88 49.76 -50.90 -10.37
C ILE C 88 49.44 -51.30 -8.94
N CYS C 89 49.09 -50.34 -8.08
CA CYS C 89 48.80 -50.65 -6.69
C CYS C 89 47.60 -51.58 -6.58
N ASN C 90 46.55 -51.31 -7.36
CA ASN C 90 45.36 -52.15 -7.33
C ASN C 90 45.70 -53.57 -7.76
N ALA C 91 46.50 -53.71 -8.81
CA ALA C 91 46.97 -55.02 -9.22
C ALA C 91 48.04 -55.53 -8.25
N LEU C 92 48.30 -56.83 -8.31
CA LEU C 92 49.32 -57.50 -7.51
C LEU C 92 49.10 -57.34 -6.01
N GLU C 93 47.90 -56.93 -5.60
CA GLU C 93 47.54 -56.77 -4.18
C GLU C 93 48.54 -55.86 -3.46
N VAL C 94 48.69 -54.64 -3.97
CA VAL C 94 49.68 -53.70 -3.48
C VAL C 94 48.95 -52.61 -2.69
N PRO C 95 49.02 -52.61 -1.36
CA PRO C 95 48.50 -51.48 -0.60
C PRO C 95 49.36 -50.24 -0.79
N HIS C 96 48.72 -49.07 -0.71
CA HIS C 96 49.40 -47.80 -0.92
C HIS C 96 49.01 -46.81 0.17
N ILE C 97 49.99 -46.03 0.60
CA ILE C 97 49.78 -44.92 1.53
C ILE C 97 50.19 -43.62 0.83
N GLN C 98 49.39 -42.58 1.00
CA GLN C 98 49.59 -41.32 0.30
C GLN C 98 49.98 -40.23 1.28
N THR C 99 50.98 -39.43 0.89
CA THR C 99 51.40 -38.25 1.64
C THR C 99 51.05 -36.96 0.92
N ARG C 100 50.25 -37.03 -0.14
CA ARG C 100 49.85 -35.87 -0.93
C ARG C 100 48.35 -35.90 -1.10
N TRP C 101 47.72 -34.73 -1.03
CA TRP C 101 46.26 -34.68 -1.10
C TRP C 101 45.76 -35.01 -2.49
N LYS C 102 44.61 -35.68 -2.54
CA LYS C 102 44.00 -36.07 -3.80
C LYS C 102 42.48 -36.02 -3.65
N HIS C 103 41.80 -35.64 -4.72
CA HIS C 103 40.34 -35.56 -4.70
C HIS C 103 39.75 -36.97 -4.63
N PRO C 104 38.89 -37.26 -3.65
CA PRO C 104 38.25 -38.58 -3.60
C PRO C 104 37.34 -38.80 -4.80
N SER C 105 37.39 -39.99 -5.38
CA SER C 105 36.59 -40.37 -6.53
C SER C 105 35.90 -41.70 -6.26
N VAL C 106 35.08 -42.12 -7.24
CA VAL C 106 34.42 -43.41 -7.15
C VAL C 106 35.28 -44.55 -7.68
N ASP C 107 36.24 -44.26 -8.56
CA ASP C 107 37.20 -45.27 -8.99
C ASP C 107 38.10 -45.72 -7.85
N SER C 108 38.20 -44.92 -6.79
CA SER C 108 39.07 -45.26 -5.67
C SER C 108 38.50 -46.44 -4.88
N ARG C 109 39.34 -47.44 -4.68
CA ARG C 109 39.00 -48.57 -3.83
C ARG C 109 39.57 -48.32 -2.44
N ASP C 110 38.68 -48.18 -1.45
CA ASP C 110 39.06 -47.72 -0.13
C ASP C 110 40.04 -48.64 0.58
N LEU C 111 40.45 -49.74 -0.05
CA LEU C 111 41.43 -50.65 0.53
C LEU C 111 42.87 -50.23 0.26
N PHE C 112 43.15 -49.66 -0.90
CA PHE C 112 44.52 -49.28 -1.25
C PHE C 112 44.77 -47.78 -1.20
N TYR C 113 43.80 -46.98 -0.77
CA TYR C 113 43.97 -45.53 -0.63
C TYR C 113 44.02 -45.18 0.85
N ILE C 114 45.19 -44.74 1.31
CA ILE C 114 45.37 -44.20 2.66
C ILE C 114 46.13 -42.89 2.54
N ASN C 115 45.59 -41.83 3.12
CA ASN C 115 46.25 -40.54 3.19
C ASN C 115 46.37 -40.11 4.64
N LEU C 116 47.46 -39.42 4.96
CA LEU C 116 47.70 -38.89 6.29
C LEU C 116 47.24 -37.45 6.42
N TYR C 117 46.32 -37.02 5.56
CA TYR C 117 45.91 -35.63 5.72
C TYR C 117 44.62 -35.54 6.51
N PRO C 118 44.48 -34.50 7.33
CA PRO C 118 43.25 -34.34 8.12
C PRO C 118 42.05 -34.04 7.24
N ASP C 119 40.87 -34.34 7.77
CA ASP C 119 39.63 -34.08 7.05
C ASP C 119 39.34 -32.59 7.02
N TYR C 120 39.17 -32.06 5.81
CA TYR C 120 39.00 -30.62 5.63
C TYR C 120 37.60 -30.16 6.00
N ALA C 121 36.60 -31.04 5.85
CA ALA C 121 35.26 -30.71 6.32
C ALA C 121 35.25 -30.43 7.81
N ALA C 122 36.08 -31.15 8.57
CA ALA C 122 36.23 -30.84 9.99
C ALA C 122 36.74 -29.43 10.20
N ILE C 123 37.71 -29.01 9.38
CA ILE C 123 38.26 -27.66 9.50
C ILE C 123 37.17 -26.63 9.20
N SER C 124 36.38 -26.85 8.16
CA SER C 124 35.32 -25.92 7.83
C SER C 124 34.30 -25.84 8.96
N ARG C 125 33.90 -27.00 9.49
CA ARG C 125 32.96 -27.00 10.60
C ARG C 125 33.55 -26.31 11.83
N ALA C 126 34.85 -26.46 12.04
CA ALA C 126 35.51 -25.86 13.19
C ALA C 126 35.49 -24.34 13.09
N VAL C 127 35.85 -23.80 11.93
CA VAL C 127 35.77 -22.34 11.79
C VAL C 127 34.33 -21.89 11.90
N LEU C 128 33.38 -22.74 11.48
CA LEU C 128 31.97 -22.40 11.61
C LEU C 128 31.58 -22.22 13.08
N ASP C 129 31.87 -23.21 13.93
CA ASP C 129 31.42 -23.03 15.29
C ASP C 129 32.27 -22.02 16.05
N LEU C 130 33.50 -21.75 15.59
CA LEU C 130 34.26 -20.68 16.23
C LEU C 130 33.67 -19.31 15.94
N VAL C 131 33.39 -19.04 14.66
CA VAL C 131 32.78 -17.75 14.33
C VAL C 131 31.38 -17.66 14.92
N LEU C 132 30.72 -18.79 15.11
CA LEU C 132 29.48 -18.80 15.87
C LEU C 132 29.73 -18.44 17.33
N TYR C 133 30.82 -18.97 17.89
CA TYR C 133 31.12 -18.73 19.29
C TYR C 133 31.36 -17.24 19.56
N TYR C 134 32.24 -16.61 18.79
CA TYR C 134 32.44 -15.20 19.09
C TYR C 134 31.46 -14.32 18.30
N ASN C 135 30.69 -14.91 17.39
CA ASN C 135 29.51 -14.27 16.80
C ASN C 135 29.89 -13.07 15.94
N TRP C 136 30.64 -13.33 14.88
CA TRP C 136 30.87 -12.32 13.84
C TRP C 136 29.68 -12.30 12.89
N LYS C 137 28.87 -11.24 12.91
CA LYS C 137 27.88 -11.07 11.86
C LYS C 137 28.50 -10.77 10.50
N THR C 138 29.65 -10.12 10.46
CA THR C 138 30.32 -9.80 9.21
C THR C 138 31.60 -10.60 9.11
N VAL C 139 31.77 -11.32 8.01
CA VAL C 139 32.93 -12.15 7.77
C VAL C 139 33.36 -12.00 6.32
N THR C 140 34.66 -11.87 6.10
CA THR C 140 35.27 -11.89 4.78
C THR C 140 36.37 -12.92 4.79
N VAL C 141 36.34 -13.86 3.85
CA VAL C 141 37.37 -14.88 3.73
C VAL C 141 38.04 -14.75 2.37
N VAL C 142 39.37 -14.81 2.37
CA VAL C 142 40.16 -14.66 1.15
C VAL C 142 40.66 -16.03 0.74
N TYR C 143 40.56 -16.32 -0.56
CA TYR C 143 41.15 -17.53 -1.11
C TYR C 143 41.94 -17.15 -2.34
N GLU C 144 42.85 -18.04 -2.73
CA GLU C 144 43.77 -17.79 -3.84
C GLU C 144 43.36 -18.46 -5.13
N ASP C 145 42.71 -19.62 -5.06
CA ASP C 145 42.46 -20.43 -6.24
C ASP C 145 41.09 -21.08 -6.13
N SER C 146 40.70 -21.75 -7.22
CA SER C 146 39.39 -22.40 -7.27
C SER C 146 39.24 -23.45 -6.18
N THR C 147 40.30 -24.23 -5.95
CA THR C 147 40.24 -25.31 -4.98
C THR C 147 40.09 -24.80 -3.55
N GLY C 148 40.36 -23.51 -3.32
CA GLY C 148 40.36 -22.98 -1.97
C GLY C 148 39.02 -23.13 -1.26
N LEU C 149 37.92 -22.93 -1.98
CA LEU C 149 36.62 -23.01 -1.33
C LEU C 149 36.17 -24.45 -1.09
N ILE C 150 36.70 -25.40 -1.85
CA ILE C 150 36.51 -26.81 -1.53
C ILE C 150 37.05 -27.16 -0.15
N ARG C 151 37.84 -26.28 0.45
CA ARG C 151 38.10 -26.39 1.87
C ARG C 151 36.91 -25.95 2.71
N LEU C 152 35.99 -25.17 2.14
CA LEU C 152 35.00 -24.41 2.92
C LEU C 152 33.60 -24.51 2.30
N GLN C 153 33.15 -25.75 2.06
CA GLN C 153 31.85 -25.95 1.42
C GLN C 153 30.68 -25.41 2.24
N GLU C 154 30.88 -25.14 3.53
CA GLU C 154 29.77 -24.97 4.45
C GLU C 154 29.46 -23.53 4.82
N LEU C 155 30.47 -22.67 4.92
CA LEU C 155 30.20 -21.27 5.23
C LEU C 155 29.46 -20.56 4.11
N ILE C 156 29.59 -21.06 2.88
CA ILE C 156 28.85 -20.50 1.76
C ILE C 156 27.36 -20.77 1.91
N LYS C 157 26.99 -21.92 2.48
CA LYS C 157 25.60 -22.20 2.77
C LYS C 157 25.21 -21.83 4.20
N ALA C 158 26.11 -21.15 4.92
CA ALA C 158 25.81 -20.77 6.30
C ALA C 158 24.56 -19.91 6.47
N PRO C 159 24.28 -18.91 5.62
CA PRO C 159 23.08 -18.08 5.85
C PRO C 159 21.79 -18.88 5.86
N SER C 160 21.80 -20.13 5.39
CA SER C 160 20.61 -20.96 5.37
C SER C 160 20.03 -21.16 6.76
N ARG C 161 20.76 -21.86 7.62
CA ARG C 161 20.27 -22.16 8.96
C ARG C 161 20.49 -21.03 9.94
N TYR C 162 21.49 -20.19 9.70
CA TYR C 162 21.84 -19.13 10.63
C TYR C 162 22.15 -17.87 9.85
N ASN C 163 21.43 -16.79 10.15
CA ASN C 163 21.65 -15.53 9.44
C ASN C 163 23.08 -15.05 9.61
N ILE C 164 23.67 -14.56 8.52
CA ILE C 164 25.06 -14.13 8.51
C ILE C 164 25.30 -13.31 7.25
N LYS C 165 26.35 -12.49 7.28
CA LYS C 165 26.81 -11.75 6.12
C LYS C 165 28.18 -12.27 5.71
N ILE C 166 28.31 -12.70 4.46
CA ILE C 166 29.52 -13.35 3.96
C ILE C 166 30.06 -12.56 2.77
N LYS C 167 31.37 -12.28 2.82
CA LYS C 167 32.09 -11.70 1.70
C LYS C 167 33.34 -12.53 1.47
N ILE C 168 33.87 -12.48 0.25
CA ILE C 168 35.05 -13.27 -0.09
C ILE C 168 36.01 -12.44 -0.93
N ARG C 169 37.29 -12.74 -0.79
CA ARG C 169 38.36 -12.05 -1.51
C ARG C 169 39.15 -13.07 -2.32
N GLN C 170 39.58 -12.67 -3.52
CA GLN C 170 40.41 -13.51 -4.37
C GLN C 170 41.65 -12.73 -4.78
N LEU C 171 42.80 -13.41 -4.78
CA LEU C 171 44.05 -12.80 -5.18
C LEU C 171 44.61 -13.48 -6.42
N PRO C 172 45.15 -12.70 -7.36
CA PRO C 172 45.85 -13.30 -8.50
C PRO C 172 47.09 -14.04 -8.05
N PRO C 173 47.58 -15.01 -8.84
CA PRO C 173 48.73 -15.81 -8.39
C PRO C 173 49.96 -14.99 -8.12
N ALA C 174 50.12 -13.83 -8.75
CA ALA C 174 51.21 -12.93 -8.41
C ALA C 174 50.90 -12.26 -7.08
N ASN C 175 51.78 -12.46 -6.09
CA ASN C 175 51.57 -11.90 -4.77
C ASN C 175 51.73 -10.39 -4.73
N LYS C 176 52.24 -9.78 -5.80
CA LYS C 176 52.38 -8.34 -5.89
C LYS C 176 51.07 -7.65 -6.27
N ASP C 177 49.98 -8.41 -6.42
CA ASP C 177 48.68 -7.88 -6.77
C ASP C 177 47.79 -7.65 -5.55
N ALA C 178 48.37 -7.68 -4.34
CA ALA C 178 47.58 -7.54 -3.13
C ALA C 178 47.15 -6.10 -2.86
N LYS C 179 47.83 -5.12 -3.45
CA LYS C 179 47.49 -3.73 -3.17
C LYS C 179 46.08 -3.34 -3.62
N PRO C 180 45.62 -3.65 -4.84
CA PRO C 180 44.25 -3.29 -5.19
C PRO C 180 43.20 -3.93 -4.32
N LEU C 181 43.32 -5.22 -4.02
CA LEU C 181 42.35 -5.88 -3.16
C LEU C 181 42.37 -5.28 -1.76
N LEU C 182 43.55 -4.99 -1.25
CA LEU C 182 43.67 -4.46 0.11
C LEU C 182 43.09 -3.05 0.19
N LYS C 183 43.36 -2.21 -0.82
CA LYS C 183 42.80 -0.87 -0.80
C LYS C 183 41.28 -0.90 -0.98
N GLU C 184 40.78 -1.79 -1.83
CA GLU C 184 39.32 -1.84 -2.01
C GLU C 184 38.64 -2.38 -0.76
N MET C 185 39.28 -3.28 -0.02
CA MET C 185 38.65 -3.76 1.20
C MET C 185 38.72 -2.72 2.31
N LYS C 186 39.82 -1.95 2.39
CA LYS C 186 39.87 -0.91 3.42
C LYS C 186 38.89 0.22 3.11
N LYS C 187 38.70 0.54 1.83
CA LYS C 187 37.70 1.54 1.49
C LYS C 187 36.28 0.97 1.59
N SER C 188 36.13 -0.35 1.67
CA SER C 188 34.84 -0.98 1.83
C SER C 188 34.40 -1.07 3.29
N LYS C 189 35.18 -0.53 4.21
CA LYS C 189 34.92 -0.62 5.65
C LYS C 189 34.85 -2.07 6.12
N GLU C 190 35.62 -2.94 5.47
CA GLU C 190 35.68 -4.35 5.83
C GLU C 190 36.82 -4.56 6.82
N PHE C 191 36.49 -5.02 8.02
CA PHE C 191 37.47 -5.11 9.10
C PHE C 191 37.71 -6.53 9.61
N TYR C 192 36.85 -7.49 9.28
CA TYR C 192 36.97 -8.86 9.75
C TYR C 192 37.31 -9.74 8.56
N VAL C 193 38.51 -10.32 8.55
CA VAL C 193 38.98 -11.13 7.43
C VAL C 193 39.53 -12.45 7.97
N ILE C 194 39.28 -13.52 7.22
CA ILE C 194 39.76 -14.86 7.55
C ILE C 194 40.63 -15.33 6.40
N PHE C 195 41.80 -15.87 6.73
CA PHE C 195 42.78 -16.24 5.72
C PHE C 195 42.75 -17.73 5.49
N ASP C 196 42.49 -18.13 4.24
CA ASP C 196 42.54 -19.53 3.83
C ASP C 196 43.72 -19.68 2.89
N CYS C 197 44.88 -19.97 3.46
CA CYS C 197 46.10 -20.13 2.69
C CYS C 197 47.01 -21.12 3.39
N SER C 198 48.15 -21.40 2.76
CA SER C 198 49.18 -22.27 3.31
C SER C 198 50.33 -21.40 3.82
N HIS C 199 51.39 -22.08 4.27
CA HIS C 199 52.53 -21.37 4.83
C HIS C 199 53.38 -20.68 3.77
N GLU C 200 53.24 -21.04 2.50
CA GLU C 200 54.05 -20.42 1.46
C GLU C 200 53.69 -18.96 1.23
N THR C 201 52.51 -18.53 1.66
CA THR C 201 52.04 -17.17 1.43
C THR C 201 51.77 -16.39 2.70
N ALA C 202 51.86 -17.02 3.87
CA ALA C 202 51.56 -16.31 5.11
C ALA C 202 52.52 -15.17 5.35
N ALA C 203 53.82 -15.38 5.10
CA ALA C 203 54.80 -14.34 5.33
C ALA C 203 54.55 -13.14 4.41
N GLU C 204 54.28 -13.39 3.12
CA GLU C 204 54.04 -12.29 2.21
C GLU C 204 52.75 -11.56 2.54
N ILE C 205 51.72 -12.30 2.95
CA ILE C 205 50.47 -11.66 3.36
C ILE C 205 50.71 -10.73 4.55
N LEU C 206 51.44 -11.23 5.56
CA LEU C 206 51.64 -10.43 6.76
C LEU C 206 52.52 -9.22 6.48
N LYS C 207 53.57 -9.38 5.67
CA LYS C 207 54.40 -8.22 5.35
C LYS C 207 53.61 -7.19 4.54
N GLN C 208 52.76 -7.64 3.62
CA GLN C 208 51.94 -6.72 2.85
C GLN C 208 50.99 -5.95 3.75
N ILE C 209 50.32 -6.65 4.67
CA ILE C 209 49.39 -5.98 5.57
C ILE C 209 50.13 -5.08 6.56
N LEU C 210 51.40 -5.39 6.85
CA LEU C 210 52.20 -4.54 7.73
C LEU C 210 52.60 -3.26 7.04
N PHE C 211 52.91 -3.33 5.73
CA PHE C 211 53.49 -2.18 5.05
C PHE C 211 52.55 -0.99 5.01
N MET C 212 51.28 -1.21 4.70
CA MET C 212 50.35 -0.09 4.53
C MET C 212 49.63 0.28 5.83
N GLY C 213 50.08 -0.21 6.98
CA GLY C 213 49.62 0.30 8.26
C GLY C 213 48.23 -0.13 8.68
N MET C 214 47.84 -1.37 8.40
CA MET C 214 46.60 -1.92 8.93
C MET C 214 46.91 -2.85 10.11
N MET C 215 47.37 -2.23 11.19
CA MET C 215 47.65 -2.96 12.43
C MET C 215 46.73 -2.56 13.57
N THR C 216 45.64 -1.86 13.29
CA THR C 216 44.77 -1.39 14.36
C THR C 216 43.96 -2.56 14.94
N GLU C 217 43.49 -2.35 16.17
CA GLU C 217 42.73 -3.36 16.88
C GLU C 217 41.37 -3.63 16.25
N TYR C 218 40.91 -2.76 15.34
CA TYR C 218 39.68 -3.04 14.61
C TYR C 218 39.77 -4.37 13.87
N TYR C 219 40.93 -4.69 13.33
CA TYR C 219 41.09 -5.90 12.55
C TYR C 219 41.13 -7.13 13.46
N HIS C 220 40.73 -8.27 12.89
CA HIS C 220 40.84 -9.56 13.54
C HIS C 220 41.21 -10.58 12.48
N TYR C 221 42.33 -11.28 12.69
CA TYR C 221 42.94 -12.10 11.66
C TYR C 221 42.90 -13.57 12.07
N PHE C 222 42.52 -14.43 11.13
CA PHE C 222 42.52 -15.87 11.32
C PHE C 222 43.20 -16.55 10.14
N PHE C 223 43.85 -17.68 10.40
CA PHE C 223 44.62 -18.40 9.40
C PHE C 223 44.17 -19.86 9.34
N THR C 224 44.27 -20.44 8.15
CA THR C 224 44.06 -21.87 7.99
C THR C 224 45.35 -22.68 8.02
N THR C 225 46.50 -22.02 7.89
CA THR C 225 47.75 -22.74 7.99
C THR C 225 47.96 -23.23 9.41
N LEU C 226 48.75 -24.29 9.54
CA LEU C 226 48.99 -24.91 10.83
C LEU C 226 50.40 -24.62 11.34
N ASP C 227 51.20 -23.90 10.57
CA ASP C 227 52.56 -23.54 10.92
C ASP C 227 52.61 -22.12 11.49
N LEU C 228 51.55 -21.74 12.21
CA LEU C 228 51.47 -20.41 12.80
C LEU C 228 52.62 -20.18 13.79
N PHE C 229 52.99 -21.22 14.54
CA PHE C 229 54.18 -21.13 15.36
C PHE C 229 55.45 -21.19 14.52
N ALA C 230 55.44 -21.96 13.43
CA ALA C 230 56.62 -22.07 12.57
C ALA C 230 56.99 -20.73 11.96
N LEU C 231 56.01 -19.87 11.72
CA LEU C 231 56.28 -18.53 11.25
C LEU C 231 56.29 -17.55 12.41
N ASP C 232 57.19 -16.58 12.34
CA ASP C 232 57.44 -15.66 13.45
C ASP C 232 56.38 -14.54 13.48
N LEU C 233 55.80 -14.32 14.65
CA LEU C 233 54.71 -13.37 14.82
C LEU C 233 55.05 -12.21 15.72
N GLU C 234 56.28 -12.15 16.25
CA GLU C 234 56.68 -11.04 17.12
C GLU C 234 57.11 -9.85 16.28
N LEU C 235 56.17 -9.36 15.47
CA LEU C 235 56.38 -8.19 14.64
C LEU C 235 55.49 -7.02 15.05
N TYR C 236 54.70 -7.18 16.11
CA TYR C 236 53.77 -6.15 16.55
C TYR C 236 54.26 -5.59 17.87
N ARG C 237 54.39 -4.27 17.95
CA ARG C 237 54.86 -3.66 19.19
C ARG C 237 53.88 -3.92 20.34
N TYR C 238 52.59 -3.78 20.07
CA TYR C 238 51.54 -4.19 20.98
C TYR C 238 50.73 -5.30 20.33
N SER C 239 50.57 -6.42 21.03
CA SER C 239 49.78 -7.54 20.54
C SER C 239 48.34 -7.44 21.06
N GLY C 240 47.74 -6.28 20.82
CA GLY C 240 46.39 -6.03 21.26
C GLY C 240 45.34 -6.44 20.25
N VAL C 241 45.76 -6.60 18.99
CA VAL C 241 44.86 -7.02 17.93
C VAL C 241 44.64 -8.53 18.05
N ASN C 242 43.39 -8.96 17.96
CA ASN C 242 43.05 -10.36 18.19
C ASN C 242 43.62 -11.24 17.08
N MET C 243 44.62 -12.04 17.42
CA MET C 243 45.19 -13.05 16.53
C MET C 243 44.62 -14.40 16.91
N THR C 244 43.99 -15.07 15.94
CA THR C 244 43.34 -16.35 16.16
C THR C 244 43.82 -17.35 15.13
N GLY C 245 44.01 -18.59 15.56
CA GLY C 245 44.44 -19.65 14.68
C GLY C 245 44.19 -20.99 15.32
N PHE C 246 44.42 -22.04 14.53
CA PHE C 246 44.24 -23.42 14.98
C PHE C 246 45.60 -24.10 15.12
N ARG C 247 45.75 -24.90 16.16
CA ARG C 247 46.94 -25.70 16.35
C ARG C 247 46.53 -27.16 16.47
N LEU C 248 47.16 -28.01 15.67
CA LEU C 248 46.96 -29.45 15.73
C LEU C 248 48.17 -30.16 16.33
N LEU C 249 49.34 -29.53 16.33
CA LEU C 249 50.52 -30.03 16.99
C LEU C 249 50.48 -29.68 18.48
N ASN C 250 51.44 -30.22 19.23
CA ASN C 250 51.54 -29.94 20.65
C ASN C 250 53.00 -30.01 21.08
N ILE C 251 53.29 -29.33 22.19
CA ILE C 251 54.61 -29.33 22.79
C ILE C 251 54.70 -30.27 23.97
N ASP C 252 53.60 -30.93 24.33
CA ASP C 252 53.59 -31.88 25.44
C ASP C 252 54.27 -33.16 25.00
N ASN C 253 54.22 -34.21 25.83
CA ASN C 253 54.88 -35.47 25.53
C ASN C 253 56.37 -35.21 25.35
N PRO C 254 57.12 -35.01 26.45
CA PRO C 254 58.49 -34.48 26.36
C PRO C 254 59.38 -35.12 25.31
N HIS C 255 58.97 -36.29 24.78
CA HIS C 255 59.60 -36.81 23.58
C HIS C 255 59.50 -35.81 22.44
N VAL C 256 58.41 -35.04 22.40
CA VAL C 256 58.26 -33.99 21.40
C VAL C 256 59.32 -32.90 21.62
N SER C 257 59.57 -32.55 22.87
CA SER C 257 60.65 -31.60 23.16
C SER C 257 61.99 -32.16 22.72
N SER C 258 62.21 -33.45 22.97
CA SER C 258 63.44 -34.08 22.53
C SER C 258 63.60 -33.99 21.02
N ILE C 259 62.54 -34.27 20.27
CA ILE C 259 62.65 -34.25 18.82
C ILE C 259 62.74 -32.82 18.28
N ILE C 260 62.16 -31.84 18.96
CA ILE C 260 62.30 -30.47 18.47
C ILE C 260 63.73 -29.97 18.69
N GLU C 261 64.32 -30.27 19.84
CA GLU C 261 65.73 -29.91 20.04
C GLU C 261 66.64 -30.68 19.08
N LYS C 262 66.32 -31.96 18.86
CA LYS C 262 66.92 -32.74 17.79
C LYS C 262 66.92 -31.97 16.47
N TRP C 263 65.72 -31.62 15.99
CA TRP C 263 65.59 -31.01 14.69
C TRP C 263 66.34 -29.69 14.64
N SER C 264 66.32 -28.96 15.77
CA SER C 264 67.10 -27.72 15.86
C SER C 264 68.58 -27.99 15.62
N MET C 265 69.13 -29.01 16.28
CA MET C 265 70.57 -29.21 16.17
C MET C 265 70.96 -29.69 14.77
N GLU C 266 70.16 -30.58 14.16
CA GLU C 266 70.54 -30.96 12.80
C GLU C 266 70.38 -29.79 11.83
N ARG C 267 69.34 -28.97 11.99
CA ARG C 267 69.21 -27.80 11.13
C ARG C 267 70.36 -26.82 11.34
N LEU C 268 70.88 -26.75 12.56
CA LEU C 268 72.11 -25.99 12.78
C LEU C 268 73.27 -26.59 11.99
N GLN C 269 73.41 -27.91 12.02
CA GLN C 269 74.45 -28.57 11.22
C GLN C 269 74.02 -28.80 9.77
N ALA C 270 72.78 -28.47 9.44
CA ALA C 270 72.30 -28.55 8.07
C ALA C 270 72.84 -27.39 7.25
N PRO C 271 72.87 -27.51 5.92
CA PRO C 271 73.20 -26.36 5.08
C PRO C 271 72.16 -25.27 5.23
N PRO C 272 72.45 -24.04 4.78
CA PRO C 272 71.51 -22.94 5.00
C PRO C 272 70.14 -23.24 4.43
N ARG C 273 69.11 -22.81 5.16
CA ARG C 273 67.74 -23.10 4.80
C ARG C 273 67.35 -22.40 3.50
N PRO C 274 66.45 -22.99 2.72
CA PRO C 274 65.99 -22.36 1.48
C PRO C 274 64.82 -21.40 1.62
N GLU C 275 64.17 -21.34 2.79
CA GLU C 275 63.03 -20.46 3.01
C GLU C 275 63.27 -19.61 4.24
N THR C 276 63.20 -18.29 4.08
CA THR C 276 63.51 -17.38 5.18
C THR C 276 62.47 -17.43 6.29
N GLY C 277 61.25 -17.85 6.00
CA GLY C 277 60.21 -17.86 7.02
C GLY C 277 60.40 -18.93 8.06
N LEU C 278 61.15 -19.97 7.74
CA LEU C 278 61.34 -21.09 8.64
C LEU C 278 62.42 -20.80 9.67
N LEU C 279 62.16 -21.17 10.91
CA LEU C 279 63.15 -21.09 11.98
C LEU C 279 63.31 -22.44 12.65
N ASP C 280 64.55 -22.74 13.04
CA ASP C 280 64.94 -24.06 13.49
C ASP C 280 64.29 -24.40 14.82
N GLY C 281 64.25 -25.70 15.12
CA GLY C 281 63.79 -26.17 16.41
C GLY C 281 62.35 -26.60 16.47
N MET C 282 61.60 -26.51 15.38
CA MET C 282 60.15 -26.67 15.37
C MET C 282 59.65 -27.22 14.04
N MET C 283 58.80 -28.25 14.12
CA MET C 283 58.38 -29.01 12.94
C MET C 283 57.39 -28.24 12.09
N THR C 284 57.29 -28.65 10.83
CA THR C 284 56.19 -28.27 9.94
C THR C 284 55.13 -29.37 9.91
N THR C 285 54.07 -29.14 9.14
CA THR C 285 52.97 -30.11 9.06
C THR C 285 53.39 -31.39 8.35
N GLU C 286 54.03 -31.25 7.18
CA GLU C 286 54.35 -32.42 6.37
C GLU C 286 55.29 -33.36 7.09
N ALA C 287 56.31 -32.81 7.74
CA ALA C 287 57.26 -33.65 8.47
C ALA C 287 56.58 -34.40 9.60
N ALA C 288 55.69 -33.72 10.35
CA ALA C 288 55.00 -34.37 11.45
C ALA C 288 54.10 -35.50 10.95
N LEU C 289 53.33 -35.25 9.90
CA LEU C 289 52.43 -36.27 9.41
C LEU C 289 53.19 -37.45 8.81
N MET C 290 54.33 -37.19 8.17
CA MET C 290 55.08 -38.29 7.59
C MET C 290 55.85 -39.07 8.66
N TYR C 291 56.26 -38.41 9.75
CA TYR C 291 56.72 -39.14 10.93
C TYR C 291 55.63 -40.05 11.47
N ASP C 292 54.39 -39.55 11.54
CA ASP C 292 53.30 -40.39 12.01
C ASP C 292 53.05 -41.56 11.07
N ALA C 293 53.22 -41.34 9.77
CA ALA C 293 53.08 -42.44 8.81
C ALA C 293 54.18 -43.49 9.02
N VAL C 294 55.42 -43.04 9.26
CA VAL C 294 56.50 -43.96 9.58
C VAL C 294 56.17 -44.73 10.84
N TYR C 295 55.55 -44.05 11.82
CA TYR C 295 55.12 -44.73 13.03
C TYR C 295 54.06 -45.79 12.73
N MET C 296 53.13 -45.48 11.82
CA MET C 296 52.11 -46.44 11.45
C MET C 296 52.75 -47.69 10.86
N VAL C 297 53.73 -47.49 9.97
CA VAL C 297 54.47 -48.62 9.41
C VAL C 297 55.23 -49.36 10.51
N ALA C 298 55.70 -48.63 11.51
CA ALA C 298 56.45 -49.27 12.60
C ALA C 298 55.57 -50.23 13.39
N ILE C 299 54.39 -49.78 13.82
CA ILE C 299 53.48 -50.71 14.51
C ILE C 299 53.00 -51.80 13.56
N ALA C 300 52.83 -51.49 12.28
CA ALA C 300 52.45 -52.53 11.32
C ALA C 300 53.50 -53.64 11.27
N SER C 301 54.78 -53.27 11.24
CA SER C 301 55.86 -54.25 11.26
C SER C 301 55.91 -54.98 12.60
N HIS C 302 55.68 -54.28 13.70
CA HIS C 302 55.72 -54.92 15.01
C HIS C 302 54.64 -55.98 15.13
N ARG C 303 53.43 -55.68 14.65
CA ARG C 303 52.36 -56.66 14.61
C ARG C 303 52.52 -57.63 13.44
N ALA C 304 53.41 -57.33 12.50
CA ALA C 304 53.67 -58.25 11.39
C ALA C 304 54.39 -59.50 11.88
N SER C 305 54.11 -60.62 11.22
CA SER C 305 54.71 -61.89 11.58
C SER C 305 54.63 -62.84 10.40
N GLN C 306 55.72 -63.57 10.16
CA GLN C 306 55.81 -64.53 9.06
C GLN C 306 55.50 -63.85 7.72
N LEU C 307 56.16 -62.72 7.48
CA LEU C 307 55.92 -61.92 6.29
C LEU C 307 57.25 -61.60 5.62
N THR C 308 57.28 -61.77 4.30
CA THR C 308 58.47 -61.49 3.50
C THR C 308 58.08 -60.78 2.22
N VAL C 309 59.02 -60.00 1.67
CA VAL C 309 58.80 -59.33 0.40
C VAL C 309 59.02 -60.33 -0.72
N SER C 310 58.60 -59.98 -1.94
CA SER C 310 58.72 -60.89 -3.05
C SER C 310 58.98 -60.10 -4.33
N SER C 311 59.54 -60.79 -5.32
CA SER C 311 59.82 -60.18 -6.62
C SER C 311 58.56 -60.20 -7.47
N LEU C 312 58.04 -59.01 -7.80
CA LEU C 312 56.84 -58.87 -8.59
C LEU C 312 57.10 -57.95 -9.77
N GLN C 313 56.60 -58.33 -10.93
CA GLN C 313 56.86 -57.64 -12.18
C GLN C 313 55.71 -56.74 -12.56
N CYS C 314 56.02 -55.56 -13.09
CA CYS C 314 55.02 -54.71 -13.71
C CYS C 314 54.74 -55.11 -15.14
N HIS C 315 55.50 -56.05 -15.69
CA HIS C 315 55.24 -56.63 -17.01
C HIS C 315 54.59 -58.01 -16.93
N ARG C 316 54.85 -58.78 -15.88
CA ARG C 316 54.19 -60.06 -15.65
C ARG C 316 53.42 -59.92 -14.35
N HIS C 317 52.10 -60.10 -14.43
CA HIS C 317 51.19 -59.65 -13.39
C HIS C 317 50.60 -60.86 -12.67
N LYS C 318 50.91 -60.98 -11.39
CA LYS C 318 50.39 -62.05 -10.54
C LYS C 318 50.03 -61.45 -9.20
N PRO C 319 48.85 -61.77 -8.66
CA PRO C 319 48.43 -61.17 -7.38
C PRO C 319 49.26 -61.68 -6.23
N TRP C 320 49.88 -60.77 -5.49
CA TRP C 320 50.84 -61.09 -4.45
C TRP C 320 50.12 -61.29 -3.13
N ARG C 321 50.40 -62.41 -2.46
CA ARG C 321 49.51 -62.95 -1.45
C ARG C 321 49.36 -62.04 -0.24
N LEU C 322 50.44 -61.38 0.18
CA LEU C 322 50.44 -60.67 1.45
C LEU C 322 49.90 -59.25 1.38
N GLY C 323 49.12 -58.94 0.36
CA GLY C 323 48.51 -57.63 0.23
C GLY C 323 47.51 -57.33 1.33
N PRO C 324 46.42 -58.09 1.37
CA PRO C 324 45.38 -57.84 2.39
C PRO C 324 45.89 -57.96 3.81
N ARG C 325 46.86 -58.83 4.08
CA ARG C 325 47.34 -58.98 5.45
C ARG C 325 48.09 -57.72 5.90
N PHE C 326 48.98 -57.20 5.05
CA PHE C 326 49.64 -55.93 5.36
C PHE C 326 48.64 -54.78 5.45
N MET C 327 47.64 -54.77 4.58
CA MET C 327 46.65 -53.70 4.65
C MET C 327 45.84 -53.78 5.94
N ASN C 328 45.55 -55.00 6.41
CA ASN C 328 44.91 -55.14 7.71
C ASN C 328 45.83 -54.63 8.81
N LEU C 329 47.11 -55.01 8.76
CA LEU C 329 48.08 -54.50 9.72
C LEU C 329 48.04 -52.97 9.78
N ILE C 330 47.90 -52.33 8.62
CA ILE C 330 47.74 -50.89 8.58
C ILE C 330 46.40 -50.48 9.17
N LYS C 331 45.36 -51.30 8.96
CA LYS C 331 43.98 -50.87 9.12
C LYS C 331 43.47 -51.00 10.56
N GLU C 332 44.13 -51.77 11.42
CA GLU C 332 43.69 -51.87 12.82
C GLU C 332 44.82 -51.50 13.76
N ALA C 333 45.58 -50.47 13.42
CA ALA C 333 46.60 -49.94 14.30
C ALA C 333 46.00 -48.86 15.20
N ARG C 334 46.56 -48.74 16.40
CA ARG C 334 46.12 -47.74 17.36
C ARG C 334 47.32 -46.95 17.82
N TRP C 335 47.21 -45.63 17.77
CA TRP C 335 48.32 -44.75 18.12
C TRP C 335 47.81 -43.33 18.29
N ASP C 336 48.40 -42.61 19.23
CA ASP C 336 48.10 -41.19 19.45
C ASP C 336 49.40 -40.43 19.19
N GLY C 337 49.58 -40.00 17.95
CA GLY C 337 50.80 -39.36 17.52
C GLY C 337 50.74 -37.85 17.60
N LEU C 338 51.59 -37.21 16.81
CA LEU C 338 51.61 -35.75 16.77
C LEU C 338 50.29 -35.18 16.29
N THR C 339 49.54 -35.95 15.50
CA THR C 339 48.22 -35.56 15.05
C THR C 339 47.11 -35.93 16.04
N GLY C 340 47.42 -36.71 17.06
CA GLY C 340 46.43 -37.14 18.01
C GLY C 340 45.96 -38.55 17.74
N ARG C 341 44.71 -38.82 18.14
CA ARG C 341 44.13 -40.12 17.92
C ARG C 341 43.86 -40.33 16.43
N ILE C 342 43.96 -41.58 15.99
CA ILE C 342 43.76 -41.95 14.60
C ILE C 342 42.48 -42.77 14.50
N THR C 343 41.62 -42.41 13.55
CA THR C 343 40.38 -43.13 13.31
C THR C 343 40.31 -43.51 11.85
N PHE C 344 39.70 -44.67 11.60
CA PHE C 344 39.61 -45.25 10.27
C PHE C 344 38.15 -45.41 9.88
N ASN C 345 37.86 -45.22 8.60
CA ASN C 345 36.52 -45.45 8.07
C ASN C 345 36.65 -46.23 6.78
N LYS C 346 35.59 -46.97 6.46
CA LYS C 346 35.54 -47.76 5.23
C LYS C 346 35.07 -46.94 4.04
N THR C 347 34.74 -45.67 4.25
CA THR C 347 34.35 -44.79 3.16
C THR C 347 35.54 -44.09 2.52
N ASP C 348 36.69 -44.11 3.17
CA ASP C 348 37.87 -43.40 2.66
C ASP C 348 39.11 -43.96 3.33
N GLY C 349 40.24 -43.32 3.09
CA GLY C 349 41.48 -43.67 3.76
C GLY C 349 42.06 -42.52 4.57
N LEU C 350 41.41 -41.36 4.48
CA LEU C 350 41.81 -40.22 5.28
C LEU C 350 41.54 -40.49 6.76
N ARG C 351 42.32 -39.85 7.61
CA ARG C 351 42.14 -39.97 9.05
C ARG C 351 41.17 -38.90 9.54
N LYS C 352 40.43 -39.25 10.58
CA LYS C 352 39.37 -38.37 11.09
C LYS C 352 39.51 -38.16 12.58
N ASP C 353 38.55 -37.47 13.19
CA ASP C 353 38.47 -37.29 14.64
C ASP C 353 39.75 -36.67 15.19
N PHE C 354 39.96 -35.41 14.79
CA PHE C 354 41.09 -34.63 15.26
C PHE C 354 40.62 -33.50 16.18
N ASP C 355 41.56 -33.00 16.98
CA ASP C 355 41.30 -31.93 17.93
C ASP C 355 42.25 -30.78 17.61
N LEU C 356 41.69 -29.58 17.49
CA LEU C 356 42.45 -28.40 17.10
C LEU C 356 42.55 -27.45 18.29
N ASP C 357 43.78 -27.07 18.62
CA ASP C 357 44.02 -26.10 19.68
C ASP C 357 43.95 -24.68 19.11
N ILE C 358 43.14 -23.84 19.74
CA ILE C 358 43.04 -22.45 19.34
C ILE C 358 44.13 -21.66 20.04
N ILE C 359 44.80 -20.79 19.29
CA ILE C 359 46.01 -20.13 19.75
C ILE C 359 45.83 -18.62 19.64
N SER C 360 46.24 -17.90 20.68
CA SER C 360 46.27 -16.45 20.70
C SER C 360 47.71 -15.97 20.78
N LEU C 361 47.98 -14.81 20.18
CA LEU C 361 49.34 -14.29 20.11
C LEU C 361 49.84 -13.89 21.48
N LYS C 362 51.12 -14.14 21.73
CA LYS C 362 51.77 -13.70 22.95
C LYS C 362 51.78 -12.18 23.03
N GLU C 363 51.47 -11.65 24.21
CA GLU C 363 51.35 -10.22 24.38
C GLU C 363 52.71 -9.53 24.21
N GLU C 364 52.69 -8.36 23.58
CA GLU C 364 53.91 -7.62 23.31
C GLU C 364 53.80 -6.18 23.79
N TRP C 381 52.20 -20.32 21.05
CA TRP C 381 52.07 -18.96 21.57
C TRP C 381 51.28 -18.98 22.88
N LYS C 382 49.95 -18.94 22.78
CA LYS C 382 49.09 -19.06 23.95
C LYS C 382 47.95 -20.04 23.65
N LYS C 383 47.50 -20.75 24.67
CA LYS C 383 46.39 -21.69 24.56
C LYS C 383 45.19 -21.09 25.26
N ILE C 384 44.06 -21.03 24.56
CA ILE C 384 42.86 -20.40 25.06
C ILE C 384 41.62 -21.29 24.96
N GLY C 385 41.75 -22.49 24.40
CA GLY C 385 40.62 -23.39 24.32
C GLY C 385 40.96 -24.58 23.44
N ILE C 386 39.97 -25.46 23.28
CA ILE C 386 40.15 -26.68 22.51
C ILE C 386 38.82 -27.04 21.86
N TRP C 387 38.89 -27.64 20.67
CA TRP C 387 37.73 -28.11 19.95
C TRP C 387 37.83 -29.62 19.77
N ASN C 388 36.81 -30.34 20.22
CA ASN C 388 36.74 -31.77 19.96
C ASN C 388 36.03 -32.04 18.65
N SER C 389 36.48 -33.10 17.97
CA SER C 389 35.89 -33.44 16.67
C SER C 389 34.42 -33.80 16.80
N ASN C 390 34.04 -34.49 17.86
CA ASN C 390 32.70 -35.04 17.99
C ASN C 390 31.91 -34.44 19.15
N SER C 391 32.52 -33.54 19.93
CA SER C 391 31.79 -32.87 21.00
C SER C 391 32.04 -31.36 20.99
N GLY C 392 32.41 -30.80 19.84
CA GLY C 392 32.50 -29.36 19.71
C GLY C 392 33.73 -28.78 20.42
N LEU C 393 33.61 -27.49 20.73
CA LEU C 393 34.70 -26.73 21.32
C LEU C 393 34.55 -26.66 22.83
N ASN C 394 35.66 -26.76 23.54
CA ASN C 394 35.72 -26.57 24.98
C ASN C 394 36.63 -25.39 25.25
N MET C 395 36.07 -24.33 25.81
CA MET C 395 36.81 -23.11 26.10
C MET C 395 37.32 -23.11 27.53
N THR C 396 38.46 -22.45 27.72
CA THR C 396 39.10 -22.33 29.02
C THR C 396 39.14 -20.86 29.41
N ASP C 397 38.64 -20.55 30.61
CA ASP C 397 38.63 -19.19 31.11
C ASP C 397 38.93 -19.22 32.60
N GLY C 398 40.08 -18.67 32.98
CA GLY C 398 40.47 -18.56 34.37
C GLY C 398 40.25 -17.16 34.92
N ASN C 399 40.91 -16.89 36.04
CA ASN C 399 40.80 -15.60 36.72
C ASN C 399 42.03 -14.75 36.38
N ARG C 400 42.03 -14.17 35.19
CA ARG C 400 43.04 -13.16 34.85
C ARG C 400 42.43 -11.91 34.22
N ASP C 401 41.15 -11.95 33.84
CA ASP C 401 40.51 -10.81 33.19
C ASP C 401 39.19 -10.46 33.86
N ARG C 402 39.11 -10.63 35.18
CA ARG C 402 37.88 -10.43 35.93
C ARG C 402 37.85 -9.02 36.49
N SER C 403 37.10 -8.13 35.83
CA SER C 403 36.90 -6.75 36.28
C SER C 403 38.25 -6.05 36.52
N ASN C 404 39.14 -6.20 35.55
CA ASN C 404 40.47 -5.62 35.68
C ASN C 404 40.40 -4.09 35.66
N ASN C 405 41.15 -3.46 36.55
CA ASN C 405 41.24 -2.01 36.57
C ASN C 405 42.07 -1.55 35.38
N ILE C 406 41.52 -0.61 34.61
CA ILE C 406 42.18 -0.18 33.38
C ILE C 406 43.27 0.84 33.73
N THR C 407 44.50 0.53 33.34
CA THR C 407 45.63 1.46 33.46
C THR C 407 46.58 1.08 32.32
N ASP C 408 46.45 1.77 31.20
CA ASP C 408 47.11 1.35 29.97
C ASP C 408 47.76 2.54 29.29
N SER C 409 48.70 2.24 28.40
CA SER C 409 49.41 3.23 27.62
C SER C 409 49.08 3.03 26.15
N LEU C 410 48.59 4.08 25.49
CA LEU C 410 48.25 4.02 24.08
C LEU C 410 49.25 4.79 23.22
N ALA C 411 50.46 5.00 23.75
CA ALA C 411 51.45 5.82 23.06
C ALA C 411 51.89 5.17 21.76
N ASN C 412 52.72 5.90 21.02
CA ASN C 412 53.22 5.57 19.69
C ASN C 412 52.11 5.54 18.63
N ARG C 413 50.88 5.88 19.00
CA ARG C 413 49.78 6.01 18.05
C ARG C 413 49.34 7.47 17.99
N THR C 414 49.48 8.08 16.82
CA THR C 414 49.00 9.44 16.62
C THR C 414 47.52 9.40 16.27
N LEU C 415 46.69 9.88 17.18
CA LEU C 415 45.25 9.84 17.00
C LEU C 415 44.79 11.08 16.24
N ILE C 416 43.97 10.87 15.22
CA ILE C 416 43.53 11.95 14.35
C ILE C 416 42.36 12.67 15.00
N VAL C 417 42.53 13.96 15.25
CA VAL C 417 41.52 14.79 15.90
C VAL C 417 41.08 15.86 14.91
N THR C 418 39.78 15.91 14.63
CA THR C 418 39.19 16.95 13.80
C THR C 418 38.22 17.76 14.65
N THR C 419 38.13 19.06 14.36
CA THR C 419 37.29 19.95 15.16
C THR C 419 36.91 21.15 14.30
N ILE C 420 35.98 21.94 14.83
CA ILE C 420 35.49 23.15 14.19
C ILE C 420 35.59 24.30 15.17
N LEU C 421 35.95 25.48 14.67
CA LEU C 421 36.19 26.64 15.51
C LEU C 421 34.88 27.29 15.94
N GLU C 422 34.70 27.40 17.26
CA GLU C 422 33.62 28.19 17.83
C GLU C 422 33.93 28.47 19.29
N GLU C 423 33.59 29.67 19.73
CA GLU C 423 33.77 30.10 21.10
C GLU C 423 32.63 29.59 21.99
N PRO C 424 32.88 29.38 23.29
CA PRO C 424 34.16 29.52 23.99
C PRO C 424 34.93 28.21 24.09
N TYR C 425 34.60 27.24 23.25
CA TYR C 425 35.16 25.90 23.39
C TYR C 425 36.44 25.69 22.62
N VAL C 426 36.67 26.43 21.54
CA VAL C 426 37.91 26.36 20.78
C VAL C 426 38.39 27.79 20.52
N MET C 427 39.62 28.09 20.92
CA MET C 427 40.20 29.42 20.75
C MET C 427 41.53 29.31 20.02
N TYR C 428 41.81 30.35 19.21
CA TYR C 428 43.10 30.41 18.53
C TYR C 428 44.23 30.64 19.53
N ARG C 429 45.36 29.98 19.29
CA ARG C 429 46.52 30.13 20.15
C ARG C 429 47.23 31.43 19.80
N LYS C 430 47.27 32.35 20.76
CA LYS C 430 47.82 33.69 20.51
C LYS C 430 49.33 33.61 20.39
N SER C 431 49.85 33.90 19.20
CA SER C 431 51.29 33.91 18.97
C SER C 431 51.58 34.84 17.81
N ASP C 432 52.61 35.67 17.96
CA ASP C 432 53.00 36.61 16.91
C ASP C 432 53.95 35.93 15.95
N LYS C 433 53.52 35.79 14.69
CA LYS C 433 54.28 35.12 13.63
C LYS C 433 54.69 33.71 14.05
N PRO C 434 53.75 32.79 14.22
CA PRO C 434 54.12 31.42 14.59
C PRO C 434 54.87 30.73 13.46
N LEU C 435 55.75 29.80 13.86
CA LEU C 435 56.53 29.04 12.90
C LEU C 435 56.54 27.54 13.18
N TYR C 436 56.04 27.10 14.33
CA TYR C 436 56.03 25.68 14.68
C TYR C 436 54.66 25.09 14.42
N GLY C 437 54.64 23.92 13.80
CA GLY C 437 53.38 23.26 13.47
C GLY C 437 52.82 22.43 14.61
N ASN C 438 51.67 22.83 15.11
CA ASN C 438 51.00 22.13 16.20
C ASN C 438 49.49 22.33 16.02
N ASP C 439 48.72 22.06 17.08
CA ASP C 439 47.29 22.25 17.03
C ASP C 439 46.92 23.70 16.73
N ARG C 440 47.76 24.65 17.15
CA ARG C 440 47.57 26.08 16.94
C ARG C 440 46.34 26.63 17.64
N PHE C 441 45.71 25.85 18.52
CA PHE C 441 44.49 26.27 19.18
C PHE C 441 44.51 25.82 20.63
N GLU C 442 43.60 26.40 21.42
CA GLU C 442 43.49 26.15 22.84
C GLU C 442 42.01 26.04 23.20
N GLY C 443 41.74 25.71 24.45
CA GLY C 443 40.39 25.75 24.96
C GLY C 443 40.05 24.48 25.68
N TYR C 444 38.74 24.28 25.87
CA TYR C 444 38.24 23.12 26.61
C TYR C 444 38.66 21.82 25.95
N CYS C 445 38.55 21.75 24.61
CA CYS C 445 38.84 20.52 23.90
C CYS C 445 40.30 20.12 24.08
N LEU C 446 41.22 21.08 23.94
CA LEU C 446 42.63 20.76 24.13
C LEU C 446 42.91 20.34 25.56
N ASP C 447 42.26 21.00 26.53
CA ASP C 447 42.49 20.68 27.93
C ASP C 447 42.03 19.26 28.27
N LEU C 448 40.85 18.89 27.80
CA LEU C 448 40.37 17.53 28.03
C LEU C 448 41.25 16.52 27.30
N LEU C 449 41.69 16.86 26.09
CA LEU C 449 42.59 15.97 25.37
C LEU C 449 43.89 15.77 26.13
N LYS C 450 44.45 16.85 26.68
CA LYS C 450 45.68 16.74 27.45
C LYS C 450 45.50 15.89 28.68
N GLU C 451 44.42 16.11 29.42
CA GLU C 451 44.22 15.34 30.66
C GLU C 451 44.01 13.87 30.35
N LEU C 452 43.24 13.55 29.30
CA LEU C 452 43.04 12.14 28.98
C LEU C 452 44.31 11.50 28.42
N SER C 453 45.17 12.31 27.78
CA SER C 453 46.48 11.82 27.39
C SER C 453 47.33 11.50 28.62
N ASN C 454 47.25 12.33 29.65
CA ASN C 454 47.92 11.98 30.90
C ASN C 454 47.30 10.73 31.53
N ILE C 455 46.01 10.52 31.33
CA ILE C 455 45.35 9.34 31.90
C ILE C 455 45.85 8.06 31.22
N LEU C 456 45.67 7.97 29.91
CA LEU C 456 45.91 6.71 29.21
C LEU C 456 47.09 6.75 28.25
N GLY C 457 47.77 7.88 28.11
CA GLY C 457 49.08 7.90 27.48
C GLY C 457 49.17 7.63 26.00
N PHE C 458 48.69 8.55 25.16
CA PHE C 458 48.92 8.49 23.73
C PHE C 458 49.29 9.88 23.21
N LEU C 459 49.60 9.95 21.92
CA LEU C 459 49.93 11.20 21.26
C LEU C 459 48.88 11.51 20.21
N TYR C 460 48.62 12.79 19.99
CA TYR C 460 47.55 13.21 19.12
C TYR C 460 47.89 14.55 18.47
N ASP C 461 47.25 14.82 17.34
CA ASP C 461 47.34 16.10 16.66
C ASP C 461 45.94 16.50 16.22
N VAL C 462 45.65 17.80 16.30
CA VAL C 462 44.34 18.34 15.96
C VAL C 462 44.41 18.88 14.54
N LYS C 463 43.57 18.35 13.66
CA LYS C 463 43.49 18.80 12.28
C LYS C 463 42.18 19.54 12.08
N LEU C 464 42.27 20.82 11.75
CA LEU C 464 41.07 21.60 11.50
C LEU C 464 40.43 21.16 10.19
N VAL C 465 39.14 20.85 10.23
CA VAL C 465 38.43 20.47 9.02
C VAL C 465 38.27 21.70 8.14
N PRO C 466 38.58 21.61 6.84
CA PRO C 466 38.58 22.80 5.99
C PRO C 466 37.21 23.24 5.50
N ASP C 467 36.14 22.53 5.86
CA ASP C 467 34.82 22.85 5.35
C ASP C 467 34.03 23.81 6.23
N GLY C 468 34.21 23.73 7.54
CA GLY C 468 33.46 24.59 8.44
C GLY C 468 31.96 24.31 8.45
N LYS C 469 31.58 23.04 8.31
CA LYS C 469 30.19 22.63 8.39
C LYS C 469 30.02 21.68 9.57
N TYR C 470 28.99 21.91 10.37
CA TYR C 470 28.86 21.29 11.68
C TYR C 470 28.33 19.86 11.63
N GLY C 471 27.86 19.41 10.47
CA GLY C 471 27.30 18.08 10.37
C GLY C 471 25.79 18.10 10.24
N ALA C 472 25.28 17.67 9.10
CA ALA C 472 23.85 17.73 8.81
C ALA C 472 23.54 16.77 7.68
N GLN C 473 22.27 16.74 7.29
CA GLN C 473 21.80 16.00 6.13
C GLN C 473 21.39 16.98 5.03
N ASN C 474 21.47 16.50 3.79
CA ASN C 474 21.08 17.29 2.63
C ASN C 474 19.89 16.61 1.95
N ASP C 475 19.51 17.14 0.79
CA ASP C 475 18.46 16.53 -0.02
C ASP C 475 18.82 15.13 -0.49
N LYS C 476 20.11 14.82 -0.58
CA LYS C 476 20.57 13.48 -0.93
C LYS C 476 21.31 12.86 0.25
N GLY C 477 21.37 11.52 0.22
CA GLY C 477 21.43 10.72 1.44
C GLY C 477 22.63 10.95 2.34
N GLU C 478 23.79 11.24 1.76
CA GLU C 478 25.01 11.30 2.56
C GLU C 478 24.97 12.45 3.55
N TRP C 479 25.71 12.29 4.66
CA TRP C 479 25.81 13.32 5.67
C TRP C 479 26.94 14.28 5.32
N ASN C 480 27.11 15.31 6.16
CA ASN C 480 28.19 16.26 6.00
C ASN C 480 28.78 16.56 7.36
N GLY C 481 29.69 17.53 7.41
CA GLY C 481 30.34 17.86 8.66
C GLY C 481 31.17 16.69 9.14
N MET C 482 31.32 16.59 10.46
CA MET C 482 32.18 15.58 11.05
C MET C 482 31.70 14.17 10.79
N VAL C 483 30.44 13.99 10.38
CA VAL C 483 29.88 12.66 10.20
C VAL C 483 30.67 11.89 9.15
N LYS C 484 30.95 12.53 8.01
CA LYS C 484 31.63 11.82 6.94
C LYS C 484 33.07 11.44 7.31
N GLU C 485 33.81 12.36 7.92
CA GLU C 485 35.18 12.04 8.32
C GLU C 485 35.20 10.98 9.42
N LEU C 486 34.16 10.92 10.25
CA LEU C 486 34.15 9.93 11.32
C LEU C 486 33.75 8.55 10.80
N ILE C 487 32.79 8.48 9.88
CA ILE C 487 32.32 7.17 9.41
C ILE C 487 33.36 6.50 8.52
N ASP C 488 34.07 7.26 7.68
CA ASP C 488 35.04 6.65 6.79
C ASP C 488 36.35 6.34 7.48
N HIS C 489 36.43 6.57 8.79
CA HIS C 489 37.56 6.14 9.62
C HIS C 489 38.85 6.86 9.25
N ARG C 490 38.75 8.13 8.88
CA ARG C 490 39.94 8.97 8.79
C ARG C 490 40.23 9.71 10.09
N ALA C 491 39.26 9.78 11.00
CA ALA C 491 39.48 10.30 12.34
C ALA C 491 39.00 9.25 13.33
N ASP C 492 39.93 8.74 14.13
CA ASP C 492 39.60 7.68 15.08
C ASP C 492 39.01 8.25 16.37
N LEU C 493 39.77 9.11 17.04
CA LEU C 493 39.32 9.78 18.25
C LEU C 493 39.28 11.28 17.98
N ALA C 494 38.07 11.82 17.84
CA ALA C 494 37.89 13.24 17.55
C ALA C 494 36.93 13.83 18.56
N VAL C 495 37.28 14.99 19.11
CA VAL C 495 36.44 15.69 20.08
C VAL C 495 36.24 17.11 19.58
N ALA C 496 34.99 17.57 19.63
CA ALA C 496 34.62 18.92 19.23
C ALA C 496 33.21 19.22 19.73
N PRO C 497 32.86 20.50 19.94
CA PRO C 497 31.47 20.82 20.26
C PRO C 497 30.53 20.26 19.21
N LEU C 498 29.73 19.28 19.60
CA LEU C 498 28.93 18.50 18.67
C LEU C 498 27.53 18.33 19.21
N THR C 499 26.70 17.65 18.43
CA THR C 499 25.29 17.48 18.74
C THR C 499 24.91 16.01 18.66
N ILE C 500 23.99 15.60 19.53
CA ILE C 500 23.58 14.20 19.65
C ILE C 500 22.08 14.12 19.42
N THR C 501 21.67 13.24 18.50
CA THR C 501 20.26 12.93 18.30
C THR C 501 20.14 11.49 17.82
N TYR C 502 18.90 11.04 17.63
CA TYR C 502 18.65 9.63 17.32
C TYR C 502 19.25 9.24 15.97
N VAL C 503 19.14 10.10 14.97
CA VAL C 503 19.56 9.69 13.62
C VAL C 503 21.07 9.57 13.54
N ARG C 504 21.81 10.46 14.20
CA ARG C 504 23.25 10.45 14.11
C ARG C 504 23.92 9.61 15.18
N GLU C 505 23.15 9.01 16.11
CA GLU C 505 23.75 8.09 17.07
C GLU C 505 23.74 6.66 16.58
N LYS C 506 23.01 6.36 15.51
CA LYS C 506 23.01 5.03 14.92
C LYS C 506 24.07 4.87 13.83
N VAL C 507 24.72 5.96 13.42
CA VAL C 507 25.76 5.90 12.42
C VAL C 507 27.16 6.05 13.02
N ILE C 508 27.29 6.62 14.22
CA ILE C 508 28.56 6.77 14.90
C ILE C 508 28.35 6.48 16.37
N ASP C 509 29.46 6.24 17.06
CA ASP C 509 29.43 6.06 18.50
C ASP C 509 29.72 7.36 19.22
N PHE C 510 29.21 7.47 20.44
CA PHE C 510 29.31 8.70 21.21
C PHE C 510 29.46 8.36 22.68
N SER C 511 30.09 9.29 23.41
CA SER C 511 30.19 9.14 24.85
C SER C 511 28.92 9.67 25.50
N LYS C 512 28.77 9.36 26.79
CA LYS C 512 27.62 9.84 27.53
C LYS C 512 27.65 11.36 27.57
N PRO C 513 26.49 12.02 27.58
CA PRO C 513 26.50 13.48 27.73
C PRO C 513 27.17 13.88 29.03
N PHE C 514 28.00 14.92 28.96
CA PHE C 514 28.66 15.46 30.13
C PHE C 514 28.29 16.90 30.41
N MET C 515 27.62 17.57 29.47
CA MET C 515 26.94 18.83 29.75
C MET C 515 25.69 18.85 28.88
N THR C 516 24.59 19.34 29.45
CA THR C 516 23.31 19.41 28.75
C THR C 516 22.87 20.87 28.68
N LEU C 517 22.49 21.29 27.49
CA LEU C 517 22.03 22.66 27.27
C LEU C 517 20.94 22.61 26.21
N GLY C 518 20.46 23.79 25.80
CA GLY C 518 19.43 23.90 24.80
C GLY C 518 19.72 25.03 23.84
N ILE C 519 18.82 25.20 22.87
CA ILE C 519 18.98 26.20 21.83
C ILE C 519 18.10 27.40 22.18
N SER C 520 18.64 28.60 21.98
CA SER C 520 17.95 29.83 22.34
C SER C 520 18.24 30.91 21.30
N ILE C 521 17.34 31.87 21.21
CA ILE C 521 17.45 32.97 20.26
C ILE C 521 18.09 34.17 20.96
N LEU C 522 18.88 34.93 20.22
CA LEU C 522 19.59 36.09 20.74
C LEU C 522 19.01 37.37 20.16
N TYR C 523 18.93 38.41 21.00
CA TYR C 523 18.47 39.72 20.57
C TYR C 523 19.31 40.79 21.25
N ARG C 524 19.32 41.97 20.64
CA ARG C 524 20.05 43.09 21.21
C ARG C 524 19.39 43.59 22.49
N LYS C 525 20.19 44.25 23.33
CA LYS C 525 19.64 44.84 24.56
C LYS C 525 18.58 45.89 24.29
N PRO C 526 18.76 46.85 23.38
CA PRO C 526 17.66 47.78 23.08
C PRO C 526 16.51 47.06 22.37
N GLY C 532 15.34 63.84 23.29
CA GLY C 532 16.01 65.11 23.57
C GLY C 532 15.89 66.08 22.41
N VAL C 533 16.23 65.61 21.21
CA VAL C 533 15.87 66.30 19.97
C VAL C 533 14.91 65.47 19.13
N PHE C 534 14.87 64.15 19.35
CA PHE C 534 13.92 63.27 18.71
C PHE C 534 12.50 63.61 19.17
N SER C 535 11.51 63.11 18.41
CA SER C 535 10.09 63.39 18.58
C SER C 535 9.75 64.83 18.26
N PHE C 536 10.73 65.64 17.87
CA PHE C 536 10.52 67.01 17.44
C PHE C 536 10.51 67.14 15.92
N LEU C 537 10.66 66.02 15.20
CA LEU C 537 10.69 66.02 13.74
C LEU C 537 9.76 64.97 13.13
N ASN C 538 9.60 63.81 13.78
CA ASN C 538 8.80 62.75 13.17
C ASN C 538 7.30 62.95 13.37
N PRO C 539 6.77 63.12 14.59
CA PRO C 539 5.33 63.43 14.71
C PRO C 539 5.08 64.87 14.29
N LEU C 540 4.33 65.03 13.19
CA LEU C 540 4.34 66.21 12.32
C LEU C 540 5.64 66.18 11.52
N SER C 541 5.62 66.70 10.29
CA SER C 541 6.79 66.58 9.42
C SER C 541 7.75 67.74 9.65
N PRO C 542 9.03 67.60 9.27
CA PRO C 542 10.08 68.49 9.83
C PRO C 542 9.94 69.98 9.51
N ASP C 543 9.45 70.36 8.33
CA ASP C 543 9.47 71.77 7.94
C ASP C 543 8.64 72.62 8.89
N ILE C 544 7.75 71.98 9.65
CA ILE C 544 6.91 72.70 10.58
C ILE C 544 7.73 73.49 11.59
N TRP C 545 8.52 72.81 12.43
CA TRP C 545 9.11 73.51 13.57
C TRP C 545 10.11 74.55 13.11
N MET C 546 10.52 74.48 11.85
CA MET C 546 11.36 75.51 11.24
C MET C 546 10.54 76.73 10.81
N TYR C 547 9.29 76.54 10.37
CA TYR C 547 8.46 77.71 10.08
C TYR C 547 7.69 78.18 11.33
N VAL C 548 7.76 77.43 12.43
CA VAL C 548 6.96 77.78 13.62
C VAL C 548 7.45 79.09 14.23
N LEU C 549 8.74 79.40 14.08
CA LEU C 549 9.24 80.65 14.63
C LEU C 549 8.58 81.84 13.96
N LEU C 550 8.43 81.81 12.63
CA LEU C 550 7.65 82.82 11.94
C LEU C 550 6.19 82.76 12.37
N ALA C 551 5.66 81.54 12.54
CA ALA C 551 4.29 81.36 13.00
C ALA C 551 4.08 81.95 14.40
N TYR C 552 5.15 82.33 15.08
CA TYR C 552 5.00 83.15 16.29
C TYR C 552 5.23 84.63 16.00
N LEU C 553 6.31 84.95 15.27
CA LEU C 553 6.72 86.33 15.10
C LEU C 553 5.66 87.15 14.37
N GLY C 554 4.80 86.50 13.58
CA GLY C 554 3.74 87.24 12.92
C GLY C 554 2.89 88.02 13.91
N VAL C 555 2.15 87.33 14.77
CA VAL C 555 1.32 88.01 15.78
C VAL C 555 2.20 88.78 16.76
N SER C 556 3.45 88.32 16.97
CA SER C 556 4.33 89.08 17.84
C SER C 556 4.46 90.53 17.36
N VAL C 557 4.81 90.72 16.08
CA VAL C 557 4.93 92.07 15.55
C VAL C 557 3.58 92.74 15.37
N VAL C 558 2.52 91.96 15.08
CA VAL C 558 1.18 92.52 15.00
C VAL C 558 0.86 93.30 16.26
N LEU C 559 0.87 92.60 17.40
CA LEU C 559 0.49 93.27 18.64
C LEU C 559 1.56 94.25 19.10
N PHE C 560 2.82 94.03 18.71
CA PHE C 560 3.84 95.04 18.91
C PHE C 560 3.39 96.39 18.33
N VAL C 561 2.87 96.38 17.11
CA VAL C 561 2.41 97.62 16.49
C VAL C 561 1.07 98.06 17.06
N ILE C 562 0.20 97.12 17.42
CA ILE C 562 -1.13 97.47 17.92
C ILE C 562 -1.02 98.23 19.24
N ALA C 563 -0.22 97.71 20.17
CA ALA C 563 -0.05 98.41 21.45
C ALA C 563 0.64 99.75 21.26
N ARG C 564 1.64 99.81 20.39
CA ARG C 564 2.37 101.05 20.14
C ARG C 564 1.48 102.09 19.48
N ALA C 611 -8.02 96.16 25.13
CA ALA C 611 -8.60 96.79 23.95
C ALA C 611 -9.27 95.77 23.05
N LEU C 612 -10.09 96.24 22.11
CA LEU C 612 -10.79 95.36 21.20
C LEU C 612 -9.82 94.66 20.25
N SER C 613 -8.95 95.43 19.61
CA SER C 613 -8.04 94.87 18.61
C SER C 613 -7.06 93.89 19.25
N THR C 614 -6.49 94.27 20.41
CA THR C 614 -5.58 93.37 21.10
C THR C 614 -6.27 92.05 21.45
N ARG C 615 -7.49 92.13 21.97
CA ARG C 615 -8.23 90.92 22.32
C ARG C 615 -8.52 90.06 21.10
N ILE C 616 -8.95 90.67 20.00
CA ILE C 616 -9.35 89.87 18.84
C ILE C 616 -8.15 89.31 18.09
N VAL C 617 -6.97 89.92 18.25
CA VAL C 617 -5.77 89.31 17.65
C VAL C 617 -5.23 88.20 18.54
N GLY C 618 -5.15 88.45 19.85
CA GLY C 618 -4.80 87.40 20.78
C GLY C 618 -5.74 86.22 20.71
N GLY C 619 -7.00 86.47 20.33
CA GLY C 619 -7.92 85.37 20.08
C GLY C 619 -7.42 84.44 19.00
N ILE C 620 -7.33 84.94 17.77
CA ILE C 620 -6.85 84.10 16.67
C ILE C 620 -5.53 83.45 17.02
N TRP C 621 -4.64 84.17 17.71
CA TRP C 621 -3.40 83.58 18.19
C TRP C 621 -3.66 82.42 19.15
N TRP C 622 -4.73 82.51 19.92
CA TRP C 622 -4.95 81.55 20.98
C TRP C 622 -5.68 80.31 20.47
N PHE C 623 -6.65 80.49 19.58
CA PHE C 623 -7.09 79.42 18.68
C PHE C 623 -5.89 78.71 18.07
N PHE C 624 -5.14 79.46 17.28
CA PHE C 624 -3.87 79.07 16.67
C PHE C 624 -3.10 78.09 17.56
N THR C 625 -2.77 78.54 18.78
CA THR C 625 -2.01 77.72 19.72
C THR C 625 -2.79 76.47 20.14
N LEU C 626 -4.06 76.63 20.51
CA LEU C 626 -4.92 75.50 20.84
C LEU C 626 -4.74 74.35 19.87
N ILE C 627 -5.10 74.60 18.61
CA ILE C 627 -5.19 73.48 17.69
C ILE C 627 -3.79 72.96 17.34
N ILE C 628 -2.79 73.85 17.22
CA ILE C 628 -1.47 73.38 16.82
C ILE C 628 -0.84 72.51 17.91
N ILE C 629 -0.93 72.95 19.17
CA ILE C 629 -0.37 72.12 20.24
C ILE C 629 -1.14 70.83 20.37
N SER C 630 -2.46 70.87 20.14
CA SER C 630 -3.23 69.64 20.18
C SER C 630 -2.70 68.65 19.14
N SER C 631 -2.45 69.14 17.92
CA SER C 631 -1.92 68.28 16.87
C SER C 631 -0.53 67.73 17.23
N TYR C 632 0.35 68.60 17.74
CA TYR C 632 1.69 68.14 18.07
C TYR C 632 1.67 67.04 19.12
N THR C 633 1.10 67.32 20.29
CA THR C 633 1.08 66.33 21.34
C THR C 633 0.26 65.11 20.91
N ALA C 634 -0.70 65.32 20.01
CA ALA C 634 -1.48 64.24 19.45
C ALA C 634 -0.59 63.24 18.73
N ASN C 635 0.12 63.70 17.70
CA ASN C 635 0.94 62.80 16.91
C ASN C 635 2.08 62.21 17.75
N LEU C 636 2.60 63.00 18.70
CA LEU C 636 3.61 62.46 19.61
C LEU C 636 3.05 61.30 20.43
N ALA C 637 1.86 61.47 21.01
CA ALA C 637 1.25 60.40 21.79
C ALA C 637 0.92 59.21 20.90
N ALA C 638 0.56 59.47 19.64
CA ALA C 638 0.31 58.38 18.71
C ALA C 638 1.55 57.54 18.47
N PHE C 639 2.67 58.19 18.17
CA PHE C 639 3.93 57.47 17.98
C PHE C 639 4.31 56.69 19.23
N LEU C 640 4.21 57.34 20.40
CA LEU C 640 4.55 56.67 21.65
C LEU C 640 3.64 55.48 21.92
N THR C 641 2.34 55.64 21.72
CA THR C 641 1.41 54.55 21.97
C THR C 641 1.64 53.39 21.02
N VAL C 642 2.02 53.69 19.78
CA VAL C 642 2.34 52.63 18.84
C VAL C 642 3.56 51.85 19.34
N GLU C 643 4.63 52.56 19.70
CA GLU C 643 5.83 51.85 20.14
C GLU C 643 5.62 51.16 21.49
N ARG C 644 4.60 51.57 22.24
CA ARG C 644 4.29 50.88 23.49
C ARG C 644 3.48 49.61 23.24
N MET C 645 2.39 49.72 22.47
CA MET C 645 1.56 48.55 22.18
C MET C 645 2.36 47.50 21.42
N GLU C 646 3.14 47.90 20.43
CA GLU C 646 3.98 46.95 19.72
C GLU C 646 5.04 46.37 20.63
N SER C 651 7.96 37.82 22.08
CA SER C 651 7.71 36.39 22.06
C SER C 651 8.26 35.77 20.78
N ALA C 652 8.72 34.53 20.89
CA ALA C 652 9.17 33.79 19.72
C ALA C 652 8.04 33.63 18.71
N ASP C 653 6.82 33.37 19.19
CA ASP C 653 5.68 33.27 18.29
C ASP C 653 5.38 34.60 17.63
N ASP C 654 5.42 35.70 18.40
CA ASP C 654 5.10 37.01 17.85
C ASP C 654 6.12 37.41 16.78
N LEU C 655 7.40 37.25 17.07
CA LEU C 655 8.43 37.58 16.10
C LEU C 655 8.42 36.62 14.91
N ALA C 656 8.04 35.37 15.15
CA ALA C 656 7.93 34.41 14.05
C ALA C 656 6.80 34.76 13.11
N LYS C 657 5.66 35.22 13.66
CA LYS C 657 4.49 35.50 12.84
C LYS C 657 4.59 36.82 12.09
N GLN C 658 5.58 37.66 12.39
CA GLN C 658 5.76 38.93 11.70
C GLN C 658 7.02 38.88 10.85
N THR C 659 6.97 39.53 9.70
CA THR C 659 8.12 39.66 8.81
C THR C 659 8.93 40.91 9.09
N LYS C 660 8.51 41.73 10.05
CA LYS C 660 9.27 42.93 10.40
C LYS C 660 10.65 42.55 10.95
N ILE C 661 10.72 41.46 11.70
CA ILE C 661 11.98 40.93 12.23
C ILE C 661 12.39 39.74 11.39
N GLU C 662 13.66 39.70 11.02
CA GLU C 662 14.22 38.58 10.29
C GLU C 662 15.08 37.74 11.23
N TYR C 663 14.81 36.44 11.26
CA TYR C 663 15.54 35.51 12.11
C TYR C 663 15.95 34.29 11.30
N GLY C 664 17.10 33.73 11.65
CA GLY C 664 17.60 32.56 10.96
C GLY C 664 18.65 31.86 11.78
N ALA C 665 19.48 31.07 11.10
CA ALA C 665 20.51 30.30 11.76
C ALA C 665 21.71 30.17 10.82
N VAL C 666 22.68 29.34 11.20
CA VAL C 666 23.87 29.10 10.39
C VAL C 666 23.56 28.06 9.32
N ARG C 667 24.43 27.93 8.33
CA ARG C 667 24.26 26.92 7.30
C ARG C 667 24.89 25.59 7.73
N ASP C 668 24.22 24.50 7.35
CA ASP C 668 24.72 23.13 7.54
C ASP C 668 25.00 22.82 9.01
N GLY C 669 24.21 23.40 9.90
CA GLY C 669 24.27 23.06 11.30
C GLY C 669 23.32 21.93 11.67
N SER C 670 23.47 21.45 12.90
CA SER C 670 22.58 20.42 13.43
C SER C 670 21.15 20.93 13.59
N THR C 671 20.97 22.25 13.66
CA THR C 671 19.65 22.81 13.91
C THR C 671 18.66 22.35 12.85
N MET C 672 19.04 22.46 11.58
CA MET C 672 18.13 22.08 10.49
C MET C 672 17.79 20.60 10.54
N THR C 673 18.75 19.75 10.91
CA THR C 673 18.45 18.33 11.10
C THR C 673 17.40 18.14 12.18
N PHE C 674 17.61 18.78 13.34
CA PHE C 674 16.67 18.65 14.44
C PHE C 674 15.29 19.10 14.01
N PHE C 675 15.21 20.18 13.24
CA PHE C 675 13.93 20.68 12.77
C PHE C 675 13.29 19.70 11.78
N LYS C 676 13.93 19.52 10.62
CA LYS C 676 13.33 18.74 9.54
C LYS C 676 13.02 17.31 9.97
N LYS C 677 13.67 16.82 11.03
CA LYS C 677 13.25 15.55 11.59
C LYS C 677 11.86 15.65 12.23
N SER C 678 11.55 16.76 12.89
CA SER C 678 10.31 16.91 13.62
C SER C 678 9.16 17.30 12.69
N LYS C 679 7.96 17.47 13.28
CA LYS C 679 6.75 17.84 12.56
C LYS C 679 5.92 18.88 13.32
N ILE C 680 6.57 19.74 14.11
CA ILE C 680 5.83 20.64 14.99
C ILE C 680 5.31 21.85 14.21
N SER C 681 4.10 22.29 14.56
CA SER C 681 3.48 23.41 13.87
C SER C 681 4.30 24.70 14.04
N THR C 682 4.71 25.00 15.27
CA THR C 682 5.59 26.15 15.47
C THR C 682 6.86 26.00 14.65
N TYR C 683 7.52 24.85 14.78
CA TYR C 683 8.72 24.66 14.01
C TYR C 683 8.44 24.67 12.52
N GLU C 684 7.29 24.16 12.07
CA GLU C 684 7.08 24.19 10.61
C GLU C 684 6.94 25.63 10.12
N LYS C 685 6.32 26.51 10.91
CA LYS C 685 6.23 27.89 10.45
C LYS C 685 7.62 28.55 10.46
N MET C 686 8.45 28.26 11.46
CA MET C 686 9.82 28.78 11.40
C MET C 686 10.60 28.19 10.22
N TRP C 687 10.39 26.91 9.91
CA TRP C 687 11.07 26.30 8.76
C TRP C 687 10.69 27.04 7.50
N ALA C 688 9.39 27.28 7.32
CA ALA C 688 8.94 27.99 6.14
C ALA C 688 9.55 29.37 6.06
N PHE C 689 9.56 30.12 7.17
CA PHE C 689 10.13 31.46 7.16
C PHE C 689 11.61 31.43 6.79
N MET C 690 12.39 30.58 7.46
CA MET C 690 13.83 30.55 7.22
C MET C 690 14.15 30.04 5.81
N SER C 691 13.45 29.02 5.35
CA SER C 691 13.71 28.47 4.02
C SER C 691 13.25 29.41 2.92
N SER C 692 12.25 30.25 3.18
CA SER C 692 11.79 31.18 2.17
C SER C 692 12.90 32.15 1.78
N ARG C 693 12.67 32.86 0.67
CA ARG C 693 13.66 33.72 0.05
C ARG C 693 14.91 32.94 -0.33
N GLN C 694 14.73 31.67 -0.68
CA GLN C 694 15.83 30.77 -1.04
C GLN C 694 16.88 30.69 0.07
N GLN C 695 16.42 30.64 1.32
CA GLN C 695 17.27 30.49 2.49
C GLN C 695 18.31 31.62 2.59
N SER C 696 17.93 32.82 2.17
CA SER C 696 18.79 33.99 2.28
C SER C 696 18.55 34.78 3.55
N ALA C 697 17.60 34.37 4.39
CA ALA C 697 17.32 35.03 5.66
C ALA C 697 18.18 34.45 6.78
N LEU C 698 19.32 33.85 6.44
CA LEU C 698 20.18 33.20 7.41
C LEU C 698 21.63 33.66 7.24
N VAL C 699 22.56 32.98 7.93
CA VAL C 699 23.97 33.30 7.86
C VAL C 699 24.75 32.02 7.63
N LYS C 700 26.02 32.19 7.23
CA LYS C 700 26.86 31.04 6.91
C LYS C 700 27.39 30.38 8.17
N ASN C 701 28.09 31.13 9.02
CA ASN C 701 28.70 30.59 10.22
C ASN C 701 28.36 31.49 11.41
N SER C 702 28.94 31.13 12.57
CA SER C 702 28.64 31.86 13.80
C SER C 702 29.12 33.30 13.73
N ASP C 703 30.30 33.53 13.16
CA ASP C 703 30.83 34.89 13.08
C ASP C 703 29.94 35.77 12.22
N GLU C 704 29.49 35.24 11.07
CA GLU C 704 28.57 35.99 10.23
C GLU C 704 27.27 36.30 10.96
N GLY C 705 26.75 35.32 11.71
CA GLY C 705 25.52 35.55 12.45
C GLY C 705 25.66 36.62 13.51
N ILE C 706 26.76 36.58 14.27
CA ILE C 706 26.92 37.56 15.34
C ILE C 706 27.16 38.95 14.76
N GLN C 707 27.94 39.06 13.68
CA GLN C 707 28.13 40.37 13.08
C GLN C 707 26.83 40.90 12.47
N ARG C 708 26.01 40.00 11.93
CA ARG C 708 24.74 40.44 11.33
C ARG C 708 23.75 40.88 12.40
N VAL C 709 23.68 40.16 13.52
CA VAL C 709 22.77 40.58 14.58
C VAL C 709 23.26 41.86 15.25
N LEU C 710 24.57 42.04 15.36
CA LEU C 710 25.10 43.30 15.89
C LEU C 710 24.81 44.47 14.93
N THR C 711 24.99 44.24 13.63
CA THR C 711 24.83 45.32 12.66
C THR C 711 23.37 45.50 12.25
N THR C 712 22.76 44.47 11.68
CA THR C 712 21.43 44.57 11.09
C THR C 712 20.37 44.10 12.06
N ASP C 713 19.11 44.43 11.75
CA ASP C 713 17.96 43.99 12.52
C ASP C 713 17.72 42.52 12.18
N TYR C 714 18.57 41.68 12.75
CA TYR C 714 18.59 40.25 12.47
C TYR C 714 18.76 39.47 13.76
N ALA C 715 18.30 38.23 13.76
CA ALA C 715 18.44 37.32 14.89
C ALA C 715 19.11 36.03 14.44
N LEU C 716 20.03 35.53 15.27
CA LEU C 716 20.72 34.28 15.01
C LEU C 716 20.42 33.31 16.13
N LEU C 717 20.25 32.04 15.77
CA LEU C 717 19.90 30.99 16.73
C LEU C 717 21.20 30.24 17.08
N MET C 718 21.67 30.43 18.31
CA MET C 718 22.89 29.79 18.77
C MET C 718 22.67 29.22 20.17
N GLU C 719 23.63 28.41 20.61
CA GLU C 719 23.53 27.77 21.93
C GLU C 719 23.58 28.82 23.03
N SER C 720 22.91 28.50 24.15
CA SER C 720 22.81 29.44 25.26
C SER C 720 24.18 29.75 25.87
N THR C 721 25.02 28.73 26.01
CA THR C 721 26.33 28.94 26.63
C THR C 721 27.11 30.02 25.90
N SER C 722 27.14 29.96 24.57
CA SER C 722 27.76 31.02 23.79
C SER C 722 27.05 32.35 24.00
N ILE C 723 25.72 32.32 24.22
CA ILE C 723 24.98 33.55 24.42
C ILE C 723 25.48 34.28 25.66
N GLU C 724 25.57 33.58 26.80
CA GLU C 724 26.06 34.26 27.99
C GLU C 724 27.55 34.56 27.89
N TYR C 725 28.31 33.71 27.18
CA TYR C 725 29.74 33.98 27.05
C TYR C 725 29.98 35.28 26.29
N VAL C 726 29.24 35.51 25.20
CA VAL C 726 29.43 36.74 24.44
C VAL C 726 28.80 37.93 25.17
N THR C 727 27.72 37.68 25.93
CA THR C 727 27.11 38.76 26.70
C THR C 727 28.01 39.25 27.82
N GLN C 728 28.84 38.37 28.38
CA GLN C 728 29.75 38.77 29.45
C GLN C 728 30.66 39.90 29.00
N ARG C 729 31.16 39.84 27.77
CA ARG C 729 32.10 40.85 27.29
C ARG C 729 31.36 42.13 26.87
N ASN C 730 30.46 42.00 25.89
CA ASN C 730 29.75 43.14 25.33
C ASN C 730 28.36 43.24 25.96
N CYS C 731 28.09 44.37 26.59
CA CYS C 731 26.78 44.61 27.21
C CYS C 731 25.81 45.22 26.21
N ASN C 732 25.61 44.47 25.12
CA ASN C 732 24.72 44.90 24.04
C ASN C 732 23.74 43.81 23.60
N LEU C 733 23.95 42.56 24.00
CA LEU C 733 23.08 41.46 23.62
C LEU C 733 22.46 40.84 24.86
N THR C 734 21.20 40.42 24.73
CA THR C 734 20.47 39.77 25.81
C THR C 734 19.81 38.51 25.27
N GLN C 735 19.56 37.58 26.19
CA GLN C 735 18.94 36.31 25.84
C GLN C 735 17.43 36.41 26.07
N ILE C 736 16.66 36.05 25.06
CA ILE C 736 15.21 36.09 25.11
C ILE C 736 14.67 34.69 24.88
N GLY C 737 13.70 34.30 25.71
CA GLY C 737 13.15 32.96 25.64
C GLY C 737 13.99 31.96 26.39
N GLY C 738 13.58 30.70 26.29
CA GLY C 738 14.25 29.61 26.94
C GLY C 738 14.95 28.68 25.97
N LEU C 739 15.11 27.43 26.40
CA LEU C 739 15.74 26.39 25.61
C LEU C 739 14.66 25.39 25.18
N ILE C 740 14.46 25.25 23.87
CA ILE C 740 13.36 24.45 23.35
C ILE C 740 13.80 23.01 23.07
N ASP C 741 14.98 22.62 23.53
CA ASP C 741 15.47 21.27 23.29
C ASP C 741 16.50 20.91 24.34
N SER C 742 16.75 19.60 24.47
CA SER C 742 17.76 19.07 25.38
C SER C 742 18.85 18.42 24.54
N LYS C 743 20.09 18.85 24.74
CA LYS C 743 21.20 18.43 23.90
C LYS C 743 22.42 18.14 24.75
N GLY C 744 23.06 16.99 24.51
CA GLY C 744 24.24 16.60 25.22
C GLY C 744 25.45 16.52 24.29
N TYR C 745 26.63 16.37 24.89
CA TYR C 745 27.88 16.29 24.16
C TYR C 745 28.48 14.91 24.26
N GLY C 746 29.07 14.45 23.17
CA GLY C 746 29.77 13.18 23.13
C GLY C 746 31.15 13.32 22.52
N VAL C 747 31.81 12.20 22.24
CA VAL C 747 33.12 12.18 21.60
C VAL C 747 32.98 11.48 20.26
N GLY C 748 33.55 12.09 19.22
CA GLY C 748 33.48 11.53 17.90
C GLY C 748 34.24 10.22 17.77
N THR C 749 33.51 9.11 17.69
CA THR C 749 34.06 7.79 17.48
C THR C 749 33.20 7.05 16.46
N PRO C 750 33.82 6.23 15.62
CA PRO C 750 33.05 5.46 14.63
C PRO C 750 32.11 4.47 15.32
N ILE C 751 31.03 4.15 14.61
CA ILE C 751 30.04 3.22 15.14
C ILE C 751 30.69 1.87 15.39
N GLY C 752 30.33 1.24 16.50
CA GLY C 752 30.92 -0.04 16.86
C GLY C 752 32.33 0.02 17.39
N SER C 753 32.78 1.19 17.83
CA SER C 753 34.14 1.33 18.35
C SER C 753 34.24 0.67 19.73
N PRO C 754 35.20 -0.22 19.95
CA PRO C 754 35.35 -0.85 21.27
C PRO C 754 36.04 0.03 22.30
N TYR C 755 36.35 1.28 21.96
CA TYR C 755 36.89 2.23 22.93
C TYR C 755 35.86 2.60 24.00
N ARG C 756 34.59 2.23 23.78
CA ARG C 756 33.48 2.58 24.65
C ARG C 756 33.84 2.48 26.12
N ASP C 757 34.30 1.32 26.56
CA ASP C 757 34.53 1.10 27.99
C ASP C 757 35.60 2.06 28.52
N LYS C 758 36.69 2.22 27.79
CA LYS C 758 37.78 3.06 28.27
C LYS C 758 37.38 4.53 28.31
N ILE C 759 36.74 5.01 27.24
CA ILE C 759 36.32 6.41 27.23
C ILE C 759 35.28 6.66 28.31
N THR C 760 34.38 5.70 28.53
CA THR C 760 33.36 5.84 29.55
C THR C 760 33.99 5.94 30.93
N ILE C 761 34.85 4.99 31.28
CA ILE C 761 35.43 4.99 32.63
C ILE C 761 36.31 6.21 32.82
N ALA C 762 36.99 6.68 31.77
CA ALA C 762 37.86 7.84 31.89
C ALA C 762 37.05 9.10 32.20
N ILE C 763 35.99 9.35 31.41
CA ILE C 763 35.22 10.56 31.67
C ILE C 763 34.40 10.44 32.95
N LEU C 764 34.05 9.22 33.36
CA LEU C 764 33.58 9.00 34.71
C LEU C 764 34.58 9.53 35.73
N GLN C 765 35.87 9.21 35.55
CA GLN C 765 36.87 9.72 36.48
C GLN C 765 36.95 11.24 36.42
N LEU C 766 36.85 11.81 35.21
CA LEU C 766 36.81 13.26 35.08
C LEU C 766 35.69 13.88 35.88
N GLN C 767 34.46 13.41 35.70
CA GLN C 767 33.35 14.01 36.42
C GLN C 767 33.46 13.74 37.92
N GLU C 768 34.13 12.65 38.31
CA GLU C 768 34.35 12.38 39.72
C GLU C 768 35.31 13.38 40.35
N GLU C 769 36.43 13.66 39.68
CA GLU C 769 37.46 14.49 40.30
C GLU C 769 37.04 15.95 40.40
N GLY C 770 36.29 16.46 39.42
CA GLY C 770 35.69 17.77 39.52
C GLY C 770 36.54 18.95 39.05
N LYS C 771 37.77 18.71 38.59
CA LYS C 771 38.57 19.82 38.07
C LYS C 771 38.04 20.33 36.73
N LEU C 772 37.27 19.49 36.02
CA LEU C 772 36.63 19.96 34.80
C LEU C 772 35.74 21.16 35.08
N HIS C 773 35.06 21.15 36.23
CA HIS C 773 34.27 22.32 36.62
C HIS C 773 35.12 23.57 36.66
N MET C 774 36.09 23.60 37.58
CA MET C 774 36.86 24.81 37.83
C MET C 774 37.52 25.32 36.56
N MET C 775 37.97 24.41 35.69
CA MET C 775 38.49 24.89 34.42
C MET C 775 37.39 25.50 33.55
N LYS C 776 36.19 24.90 33.56
CA LYS C 776 35.09 25.49 32.80
C LYS C 776 34.75 26.90 33.27
N GLU C 777 34.72 27.14 34.60
CA GLU C 777 34.49 28.52 35.02
C GLU C 777 35.68 29.43 34.69
N LYS C 778 36.91 28.94 34.78
CA LYS C 778 38.03 29.87 34.56
C LYS C 778 38.19 30.21 33.08
N TRP C 779 37.68 29.37 32.16
CA TRP C 779 37.58 29.86 30.79
C TRP C 779 36.31 30.66 30.51
N TRP C 780 35.15 30.30 31.07
CA TRP C 780 33.97 31.09 30.73
C TRP C 780 34.04 32.52 31.22
N ARG C 781 34.72 32.79 32.33
CA ARG C 781 34.58 34.09 32.98
C ARG C 781 35.07 35.20 32.07
N GLY C 782 34.22 36.21 31.87
CA GLY C 782 34.54 37.31 30.99
C GLY C 782 34.52 38.65 31.69
N ASN C 783 34.23 39.71 30.94
CA ASN C 783 34.18 41.04 31.55
C ASN C 783 33.00 41.17 32.50
N GLY C 784 31.85 40.62 32.13
CA GLY C 784 30.68 40.69 32.96
C GLY C 784 29.91 41.99 32.77
N CYS C 785 28.58 41.93 32.86
CA CYS C 785 27.74 43.11 32.71
C CYS C 785 26.75 43.18 33.86
N PRO C 786 26.33 44.40 34.25
CA PRO C 786 25.35 44.60 35.33
C PRO C 786 24.03 43.90 35.06
N GLU C 799 14.68 65.53 27.83
CA GLU C 799 13.98 65.22 26.59
C GLU C 799 13.78 66.47 25.75
N ASN C 800 12.63 66.55 25.08
CA ASN C 800 12.32 67.71 24.25
C ASN C 800 12.23 68.99 25.07
N ILE C 801 11.98 68.87 26.38
CA ILE C 801 12.03 70.04 27.25
C ILE C 801 13.43 70.63 27.26
N GLY C 802 14.46 69.76 27.20
CA GLY C 802 15.82 70.23 27.08
C GLY C 802 16.17 70.81 25.73
N GLY C 803 15.36 70.55 24.71
CA GLY C 803 15.54 71.12 23.39
C GLY C 803 14.90 72.48 23.21
N ILE C 804 14.28 73.02 24.25
CA ILE C 804 13.67 74.34 24.18
C ILE C 804 14.36 75.35 25.10
N PHE C 805 15.24 74.91 26.00
CA PHE C 805 15.89 75.84 26.92
C PHE C 805 16.73 76.88 26.17
N ILE C 806 17.43 76.46 25.12
CA ILE C 806 18.24 77.41 24.36
C ILE C 806 17.35 78.42 23.66
N VAL C 807 16.17 78.00 23.20
CA VAL C 807 15.22 78.93 22.61
C VAL C 807 14.61 79.82 23.69
N LEU C 808 14.30 79.25 24.86
CA LEU C 808 13.69 80.02 25.93
C LEU C 808 14.61 81.12 26.43
N ALA C 809 15.91 80.84 26.50
CA ALA C 809 16.89 81.80 27.02
C ALA C 809 17.22 82.91 26.02
N ALA C 810 16.44 83.05 24.94
CA ALA C 810 16.69 84.08 23.93
C ALA C 810 15.69 85.22 23.99
N GLY C 811 14.41 84.91 24.26
CA GLY C 811 13.40 85.96 24.30
C GLY C 811 13.63 86.98 25.40
N LEU C 812 14.16 86.53 26.54
CA LEU C 812 14.40 87.44 27.66
C LEU C 812 15.44 88.50 27.27
N VAL C 813 16.58 88.07 26.73
CA VAL C 813 17.59 89.04 26.33
C VAL C 813 17.14 89.85 25.13
N LEU C 814 16.32 89.26 24.26
CA LEU C 814 15.77 90.03 23.14
C LEU C 814 14.90 91.18 23.64
N SER C 815 14.06 90.90 24.64
CA SER C 815 13.24 91.96 25.24
C SER C 815 14.08 92.96 26.02
N VAL C 816 15.16 92.51 26.64
CA VAL C 816 16.06 93.42 27.33
C VAL C 816 16.70 94.39 26.34
N PHE C 817 17.13 93.89 25.20
CA PHE C 817 17.77 94.72 24.18
C PHE C 817 16.78 95.57 23.38
N VAL C 818 15.51 95.60 23.80
CA VAL C 818 14.53 96.46 23.15
C VAL C 818 14.63 97.90 23.65
N ALA C 819 14.59 98.08 24.97
CA ALA C 819 14.77 99.39 25.58
C ALA C 819 16.23 99.76 25.77
N ILE C 820 17.15 98.83 25.58
CA ILE C 820 18.57 99.10 25.73
C ILE C 820 19.24 99.11 24.36
N GLN D 1 48.78 -45.30 -48.11
CA GLN D 1 49.13 -45.43 -46.71
C GLN D 1 47.94 -45.87 -45.87
N VAL D 2 48.07 -47.02 -45.21
CA VAL D 2 47.05 -47.53 -44.31
C VAL D 2 47.59 -47.42 -42.89
N LEU D 3 46.90 -46.66 -42.05
CA LEU D 3 47.36 -46.37 -40.70
C LEU D 3 46.33 -46.87 -39.68
N ARG D 4 46.84 -47.42 -38.59
CA ARG D 4 46.01 -47.87 -37.49
C ARG D 4 46.06 -46.87 -36.34
N ILE D 5 44.89 -46.55 -35.79
CA ILE D 5 44.73 -45.52 -34.77
C ILE D 5 44.09 -46.15 -33.55
N GLY D 6 44.68 -45.89 -32.38
CA GLY D 6 44.20 -46.50 -31.15
C GLY D 6 43.03 -45.75 -30.56
N GLY D 7 42.05 -46.49 -30.07
CA GLY D 7 40.94 -45.92 -29.33
C GLY D 7 40.60 -46.79 -28.14
N ILE D 8 40.47 -46.19 -26.96
CA ILE D 8 40.18 -46.92 -25.73
C ILE D 8 38.73 -46.63 -25.35
N PHE D 9 37.89 -47.65 -25.40
CA PHE D 9 36.48 -47.53 -25.07
C PHE D 9 36.19 -48.28 -23.79
N GLU D 10 35.79 -47.54 -22.75
CA GLU D 10 35.38 -48.15 -21.48
C GLU D 10 33.88 -48.47 -21.55
N THR D 11 33.56 -49.35 -22.49
CA THR D 11 32.18 -49.69 -22.79
C THR D 11 31.63 -50.70 -21.78
N VAL D 12 30.39 -50.51 -21.37
CA VAL D 12 29.70 -51.38 -20.44
C VAL D 12 28.56 -52.08 -21.17
N GLU D 13 28.36 -53.37 -20.90
CA GLU D 13 27.46 -54.19 -21.69
C GLU D 13 26.17 -54.56 -20.98
N ASN D 14 26.09 -54.43 -19.65
CA ASN D 14 24.83 -54.68 -18.97
C ASN D 14 23.92 -53.45 -18.96
N GLU D 15 24.39 -52.35 -19.53
CA GLU D 15 23.56 -51.22 -19.95
C GLU D 15 23.85 -51.00 -21.42
N PRO D 16 22.98 -50.26 -22.12
CA PRO D 16 23.25 -49.96 -23.54
C PRO D 16 24.61 -49.30 -23.70
N VAL D 17 25.31 -49.71 -24.77
CA VAL D 17 26.70 -49.30 -24.95
C VAL D 17 26.77 -47.80 -25.25
N ASN D 18 27.96 -47.24 -25.04
CA ASN D 18 28.17 -45.82 -25.25
C ASN D 18 28.13 -45.48 -26.74
N VAL D 19 27.82 -44.21 -27.03
CA VAL D 19 27.55 -43.79 -28.39
C VAL D 19 28.80 -43.42 -29.17
N GLU D 20 29.93 -43.20 -28.49
CA GLU D 20 31.12 -42.71 -29.18
C GLU D 20 31.66 -43.74 -30.17
N GLU D 21 31.58 -45.03 -29.86
CA GLU D 21 32.13 -46.03 -30.77
C GLU D 21 31.40 -46.02 -32.11
N LEU D 22 30.07 -45.97 -32.08
CA LEU D 22 29.31 -45.95 -33.34
C LEU D 22 29.50 -44.62 -34.07
N ALA D 23 29.65 -43.53 -33.32
CA ALA D 23 29.93 -42.24 -33.96
C ALA D 23 31.26 -42.27 -34.69
N PHE D 24 32.29 -42.87 -34.06
CA PHE D 24 33.59 -43.02 -34.70
C PHE D 24 33.50 -43.92 -35.93
N LYS D 25 32.73 -45.01 -35.82
CA LYS D 25 32.53 -45.90 -36.95
C LYS D 25 31.89 -45.15 -38.12
N PHE D 26 30.86 -44.35 -37.85
CA PHE D 26 30.24 -43.62 -38.93
C PHE D 26 31.17 -42.55 -39.48
N ALA D 27 31.97 -41.93 -38.61
CA ALA D 27 32.90 -40.90 -39.07
C ALA D 27 33.93 -41.47 -40.04
N VAL D 28 34.50 -42.62 -39.70
CA VAL D 28 35.46 -43.24 -40.61
C VAL D 28 34.77 -43.69 -41.89
N THR D 29 33.54 -44.22 -41.78
CA THR D 29 32.82 -44.63 -42.98
C THR D 29 32.54 -43.42 -43.88
N SER D 30 32.18 -42.29 -43.29
CA SER D 30 31.88 -41.09 -44.06
C SER D 30 33.12 -40.55 -44.74
N ILE D 31 34.23 -40.45 -44.01
CA ILE D 31 35.44 -39.92 -44.63
C ILE D 31 35.96 -40.86 -45.70
N ASN D 32 35.68 -42.16 -45.57
CA ASN D 32 35.93 -43.07 -46.69
C ASN D 32 35.03 -42.74 -47.86
N ARG D 33 33.75 -42.45 -47.59
CA ARG D 33 32.81 -42.06 -48.64
C ARG D 33 32.93 -40.60 -49.02
N ASN D 34 33.61 -39.79 -48.21
CA ASN D 34 33.71 -38.36 -48.49
C ASN D 34 34.50 -38.10 -49.76
N ARG D 35 34.01 -37.15 -50.54
CA ARG D 35 34.62 -36.82 -51.83
C ARG D 35 35.83 -35.92 -51.70
N THR D 36 36.04 -35.30 -50.55
CA THR D 36 37.20 -34.46 -50.31
C THR D 36 38.36 -35.25 -49.71
N LEU D 37 38.08 -36.20 -48.83
CA LEU D 37 39.11 -37.08 -48.31
C LEU D 37 39.26 -38.30 -49.20
N MET D 38 40.45 -38.53 -49.68
CA MET D 38 40.68 -39.69 -50.50
C MET D 38 41.27 -40.82 -49.67
N PRO D 39 41.06 -42.08 -50.07
CA PRO D 39 41.67 -43.18 -49.32
C PRO D 39 43.13 -43.40 -49.68
N ASN D 40 43.89 -42.30 -49.76
CA ASN D 40 45.34 -42.39 -49.90
C ASN D 40 46.03 -42.47 -48.55
N THR D 41 45.38 -41.99 -47.49
CA THR D 41 45.83 -42.16 -46.12
C THR D 41 44.73 -42.91 -45.39
N THR D 42 44.81 -44.24 -45.42
CA THR D 42 43.76 -45.08 -44.88
C THR D 42 43.93 -45.22 -43.38
N LEU D 43 42.84 -45.00 -42.65
CA LEU D 43 42.83 -45.10 -41.19
C LEU D 43 42.18 -46.40 -40.78
N THR D 44 42.76 -47.06 -39.79
CA THR D 44 42.25 -48.32 -39.28
C THR D 44 41.74 -48.13 -37.86
N TYR D 45 40.58 -48.73 -37.57
CA TYR D 45 39.92 -48.59 -36.29
C TYR D 45 40.03 -49.87 -35.48
N ASP D 46 39.70 -49.76 -34.19
CA ASP D 46 39.76 -50.90 -33.28
C ASP D 46 38.71 -50.72 -32.21
N ILE D 47 38.13 -51.85 -31.79
CA ILE D 47 37.06 -51.87 -30.80
C ILE D 47 37.50 -52.74 -29.62
N GLN D 48 37.31 -52.22 -28.41
CA GLN D 48 37.69 -52.94 -27.20
C GLN D 48 36.60 -52.75 -26.15
N ARG D 49 36.49 -53.73 -25.26
CA ARG D 49 35.61 -53.65 -24.10
C ARG D 49 36.48 -53.73 -22.85
N ILE D 50 36.41 -52.69 -22.01
CA ILE D 50 37.20 -52.63 -20.79
C ILE D 50 36.25 -52.38 -19.63
N ASN D 51 36.43 -53.14 -18.55
CA ASN D 51 35.58 -52.99 -17.37
C ASN D 51 35.74 -51.59 -16.80
N LEU D 52 34.62 -51.03 -16.33
CA LEU D 52 34.62 -49.66 -15.85
C LEU D 52 35.54 -49.50 -14.64
N PHE D 53 36.29 -48.38 -14.64
CA PHE D 53 37.09 -47.97 -13.49
C PHE D 53 38.18 -48.99 -13.16
N ASP D 54 39.07 -49.22 -14.12
CA ASP D 54 40.26 -50.07 -13.92
C ASP D 54 41.47 -49.46 -14.66
N SER D 55 42.22 -48.64 -13.94
CA SER D 55 43.34 -47.93 -14.57
C SER D 55 44.44 -48.88 -14.99
N PHE D 56 44.58 -50.02 -14.32
CA PHE D 56 45.62 -50.97 -14.69
C PHE D 56 45.37 -51.58 -16.06
N GLU D 57 44.13 -52.02 -16.31
CA GLU D 57 43.79 -52.59 -17.61
C GLU D 57 43.85 -51.56 -18.72
N ALA D 58 43.44 -50.32 -18.43
CA ALA D 58 43.59 -49.26 -19.43
C ALA D 58 45.05 -49.00 -19.74
N SER D 59 45.91 -49.03 -18.71
CA SER D 59 47.34 -48.85 -18.94
C SER D 59 47.91 -49.97 -19.81
N ARG D 60 47.50 -51.21 -19.55
CA ARG D 60 47.96 -52.31 -20.38
C ARG D 60 47.42 -52.24 -21.79
N ARG D 61 46.18 -51.77 -21.97
CA ARG D 61 45.66 -51.61 -23.31
C ARG D 61 46.41 -50.51 -24.06
N ALA D 62 46.79 -49.44 -23.35
CA ALA D 62 47.63 -48.41 -23.96
C ALA D 62 49.00 -48.96 -24.33
N CYS D 63 49.56 -49.82 -23.48
CA CYS D 63 50.82 -50.48 -23.80
C CYS D 63 50.68 -51.32 -25.06
N ASP D 64 49.59 -52.07 -25.17
CA ASP D 64 49.34 -52.88 -26.38
C ASP D 64 49.23 -51.98 -27.60
N GLN D 65 48.51 -50.87 -27.48
CA GLN D 65 48.33 -49.98 -28.63
C GLN D 65 49.65 -49.36 -29.07
N LEU D 66 50.49 -48.93 -28.12
CA LEU D 66 51.78 -48.37 -28.49
C LEU D 66 52.72 -49.43 -29.04
N ALA D 67 52.60 -50.68 -28.55
CA ALA D 67 53.33 -51.77 -29.16
C ALA D 67 52.91 -51.99 -30.60
N LEU D 68 51.60 -51.89 -30.87
CA LEU D 68 51.14 -51.88 -32.24
C LEU D 68 51.65 -50.65 -32.97
N GLY D 69 51.63 -49.49 -32.31
CA GLY D 69 52.08 -48.25 -32.91
C GLY D 69 50.93 -47.51 -33.54
N VAL D 70 50.52 -46.40 -32.93
CA VAL D 70 49.40 -45.62 -33.42
C VAL D 70 49.81 -44.15 -33.50
N ALA D 71 49.15 -43.43 -34.41
CA ALA D 71 49.38 -41.99 -34.54
C ALA D 71 48.54 -41.18 -33.57
N ALA D 72 47.50 -41.76 -32.99
CA ALA D 72 46.67 -41.07 -32.02
C ALA D 72 45.98 -42.11 -31.17
N LEU D 73 45.71 -41.75 -29.91
CA LEU D 73 45.01 -42.61 -28.98
C LEU D 73 43.80 -41.86 -28.44
N PHE D 74 42.66 -42.54 -28.38
CA PHE D 74 41.41 -41.95 -27.95
C PHE D 74 40.94 -42.62 -26.66
N GLY D 75 40.38 -41.82 -25.75
CA GLY D 75 39.92 -42.32 -24.49
C GLY D 75 41.06 -42.46 -23.49
N PRO D 76 40.76 -43.02 -22.31
CA PRO D 76 39.42 -43.45 -21.88
C PRO D 76 38.53 -42.29 -21.45
N SER D 77 37.36 -42.60 -20.90
CA SER D 77 36.40 -41.58 -20.49
C SER D 77 36.41 -41.33 -18.98
N HIS D 78 37.26 -42.01 -18.23
CA HIS D 78 37.34 -41.82 -16.78
C HIS D 78 38.49 -40.88 -16.46
N SER D 79 38.19 -39.80 -15.74
CA SER D 79 39.22 -38.85 -15.36
C SER D 79 40.28 -39.50 -14.51
N SER D 80 39.88 -40.47 -13.67
CA SER D 80 40.86 -41.24 -12.91
C SER D 80 41.74 -42.07 -13.84
N SER D 81 41.16 -42.68 -14.86
CA SER D 81 41.91 -43.57 -15.73
C SER D 81 42.77 -42.81 -16.74
N VAL D 82 42.32 -41.65 -17.21
CA VAL D 82 43.06 -40.95 -18.25
C VAL D 82 44.43 -40.47 -17.77
N SER D 83 44.58 -40.18 -16.48
CA SER D 83 45.85 -39.66 -15.98
C SER D 83 46.98 -40.66 -16.15
N ALA D 84 46.74 -41.93 -15.84
CA ALA D 84 47.79 -42.93 -15.91
C ALA D 84 48.28 -43.09 -17.35
N VAL D 85 47.36 -43.32 -18.29
CA VAL D 85 47.77 -43.48 -19.68
C VAL D 85 48.35 -42.18 -20.22
N GLN D 86 47.87 -41.04 -19.73
CA GLN D 86 48.44 -39.76 -20.15
C GLN D 86 49.90 -39.65 -19.76
N SER D 87 50.23 -40.07 -18.53
CA SER D 87 51.63 -40.08 -18.11
C SER D 87 52.44 -41.10 -18.91
N ILE D 88 51.85 -42.28 -19.16
CA ILE D 88 52.54 -43.30 -19.95
C ILE D 88 52.94 -42.73 -21.30
N CYS D 89 51.99 -42.09 -21.97
CA CYS D 89 52.20 -41.63 -23.34
C CYS D 89 52.97 -40.32 -23.39
N ASN D 90 52.92 -39.52 -22.33
CA ASN D 90 53.84 -38.38 -22.21
C ASN D 90 55.28 -38.87 -22.09
N ALA D 91 55.49 -39.94 -21.33
CA ALA D 91 56.81 -40.57 -21.31
C ALA D 91 57.16 -41.11 -22.69
N LEU D 92 56.18 -41.65 -23.40
CA LEU D 92 56.38 -42.09 -24.78
C LEU D 92 56.20 -40.96 -25.80
N GLU D 93 55.85 -39.75 -25.36
CA GLU D 93 55.89 -38.54 -26.18
C GLU D 93 55.23 -38.71 -27.54
N VAL D 94 53.91 -38.94 -27.49
CA VAL D 94 53.08 -39.10 -28.69
C VAL D 94 51.90 -38.13 -28.59
N PRO D 95 51.33 -37.67 -29.71
CA PRO D 95 50.12 -36.85 -29.63
C PRO D 95 48.88 -37.67 -29.30
N HIS D 96 47.96 -37.05 -28.57
CA HIS D 96 46.73 -37.71 -28.14
C HIS D 96 45.61 -36.71 -27.95
N ILE D 97 44.38 -37.19 -28.07
CA ILE D 97 43.18 -36.39 -27.93
C ILE D 97 42.29 -37.02 -26.87
N GLN D 98 41.82 -36.21 -25.94
CA GLN D 98 40.92 -36.64 -24.87
C GLN D 98 39.58 -35.92 -25.03
N THR D 99 38.51 -36.60 -24.61
CA THR D 99 37.15 -36.17 -24.91
C THR D 99 36.39 -35.59 -23.74
N ARG D 100 36.88 -35.73 -22.51
CA ARG D 100 36.17 -35.25 -21.33
C ARG D 100 37.07 -34.34 -20.51
N TRP D 101 36.44 -33.53 -19.67
CA TRP D 101 37.18 -32.63 -18.79
C TRP D 101 37.93 -33.44 -17.74
N LYS D 102 39.13 -32.98 -17.40
CA LYS D 102 39.98 -33.66 -16.44
C LYS D 102 40.37 -32.66 -15.36
N HIS D 103 40.48 -33.14 -14.13
CA HIS D 103 40.79 -32.27 -13.01
C HIS D 103 42.16 -31.62 -13.22
N PRO D 104 42.30 -30.33 -12.95
CA PRO D 104 43.60 -29.67 -13.15
C PRO D 104 44.68 -30.20 -12.23
N SER D 105 45.67 -30.90 -12.81
CA SER D 105 46.80 -31.43 -12.05
C SER D 105 48.10 -31.25 -12.82
N VAL D 106 48.20 -30.20 -13.62
CA VAL D 106 49.36 -29.96 -14.47
C VAL D 106 50.37 -29.13 -13.68
N ASP D 107 51.64 -29.48 -13.80
CA ASP D 107 52.71 -28.75 -13.16
C ASP D 107 53.79 -28.27 -14.12
N SER D 108 53.95 -28.90 -15.28
CA SER D 108 54.81 -28.43 -16.34
C SER D 108 54.04 -28.46 -17.66
N ARG D 109 54.39 -27.54 -18.55
CA ARG D 109 53.66 -27.39 -19.80
C ARG D 109 53.85 -28.62 -20.67
N ASP D 110 52.79 -29.40 -20.83
CA ASP D 110 52.80 -30.61 -21.65
C ASP D 110 51.95 -30.35 -22.89
N LEU D 111 52.59 -30.29 -24.06
CA LEU D 111 51.88 -30.16 -25.32
C LEU D 111 51.31 -31.48 -25.80
N PHE D 112 51.37 -32.51 -24.96
CA PHE D 112 50.92 -33.85 -25.29
C PHE D 112 49.44 -34.04 -24.97
N TYR D 113 48.76 -32.98 -24.55
CA TYR D 113 47.43 -33.05 -23.96
C TYR D 113 46.50 -32.17 -24.80
N ILE D 114 45.87 -32.76 -25.81
CA ILE D 114 45.01 -32.03 -26.74
C ILE D 114 43.57 -32.37 -26.37
N ASN D 115 42.86 -31.39 -25.82
CA ASN D 115 41.52 -31.60 -25.30
C ASN D 115 40.52 -30.84 -26.15
N LEU D 116 39.37 -31.47 -26.39
CA LEU D 116 38.23 -30.85 -27.03
C LEU D 116 37.04 -31.07 -26.10
N TYR D 117 36.84 -30.12 -25.18
CA TYR D 117 35.75 -30.17 -24.22
C TYR D 117 35.43 -28.75 -23.83
N PRO D 118 34.16 -28.41 -23.61
CA PRO D 118 33.84 -27.05 -23.15
C PRO D 118 34.34 -26.82 -21.74
N ASP D 119 35.43 -26.05 -21.63
CA ASP D 119 36.01 -25.79 -20.33
C ASP D 119 35.03 -25.00 -19.46
N TYR D 120 35.13 -25.20 -18.15
CA TYR D 120 34.23 -24.55 -17.22
C TYR D 120 34.43 -23.03 -17.19
N ALA D 121 35.59 -22.55 -17.64
CA ALA D 121 35.94 -21.13 -17.53
C ALA D 121 35.20 -20.27 -18.56
N ALA D 122 35.15 -20.72 -19.81
CA ALA D 122 34.33 -20.01 -20.79
C ALA D 122 32.86 -20.06 -20.39
N ILE D 123 32.40 -21.23 -19.92
CA ILE D 123 31.04 -21.35 -19.39
C ILE D 123 30.82 -20.34 -18.28
N SER D 124 31.85 -20.12 -17.47
CA SER D 124 31.75 -19.21 -16.35
C SER D 124 31.52 -17.79 -16.84
N ARG D 125 32.47 -17.22 -17.59
CA ARG D 125 32.23 -15.87 -18.11
C ARG D 125 30.91 -15.76 -18.87
N ALA D 126 30.50 -16.82 -19.57
CA ALA D 126 29.23 -16.79 -20.27
C ALA D 126 28.07 -16.59 -19.29
N VAL D 127 28.03 -17.38 -18.21
CA VAL D 127 26.90 -17.25 -17.30
C VAL D 127 26.94 -15.90 -16.59
N LEU D 128 28.13 -15.39 -16.26
CA LEU D 128 28.18 -14.05 -15.68
C LEU D 128 27.59 -13.01 -16.63
N ASP D 129 28.04 -12.98 -17.88
CA ASP D 129 27.56 -11.88 -18.71
C ASP D 129 26.08 -12.05 -19.03
N LEU D 130 25.59 -13.29 -19.06
CA LEU D 130 24.16 -13.50 -19.25
C LEU D 130 23.35 -12.97 -18.05
N VAL D 131 23.77 -13.31 -16.83
CA VAL D 131 23.00 -12.86 -15.68
C VAL D 131 23.13 -11.35 -15.50
N LEU D 132 24.29 -10.79 -15.84
CA LEU D 132 24.45 -9.34 -15.78
C LEU D 132 23.56 -8.63 -16.79
N TYR D 133 23.45 -9.19 -18.00
CA TYR D 133 22.58 -8.59 -19.01
C TYR D 133 21.15 -8.50 -18.49
N TYR D 134 20.62 -9.60 -17.98
CA TYR D 134 19.28 -9.62 -17.39
C TYR D 134 19.47 -9.59 -15.87
N ASN D 135 19.83 -8.40 -15.40
CA ASN D 135 20.34 -8.22 -14.05
C ASN D 135 19.25 -8.42 -12.99
N TRP D 136 19.69 -8.69 -11.76
CA TRP D 136 18.81 -8.85 -10.61
C TRP D 136 19.55 -8.41 -9.36
N LYS D 137 18.90 -8.61 -8.21
CA LYS D 137 19.49 -8.29 -6.91
C LYS D 137 19.74 -9.51 -6.04
N THR D 138 18.87 -10.51 -6.10
CA THR D 138 19.00 -11.71 -5.28
C THR D 138 18.88 -12.94 -6.17
N VAL D 139 19.83 -13.86 -6.03
CA VAL D 139 19.83 -15.11 -6.77
C VAL D 139 20.24 -16.25 -5.85
N THR D 140 20.04 -17.47 -6.33
CA THR D 140 20.34 -18.68 -5.59
C THR D 140 21.05 -19.68 -6.50
N VAL D 141 21.96 -20.45 -5.91
CA VAL D 141 22.75 -21.43 -6.67
C VAL D 141 22.69 -22.77 -5.94
N VAL D 142 22.61 -23.85 -6.72
CA VAL D 142 22.68 -25.21 -6.20
C VAL D 142 23.68 -25.99 -7.04
N TYR D 143 24.53 -26.78 -6.39
CA TYR D 143 25.56 -27.55 -7.07
C TYR D 143 25.52 -29.00 -6.60
N GLU D 144 26.28 -29.85 -7.30
CA GLU D 144 26.34 -31.26 -6.93
C GLU D 144 27.46 -31.52 -5.92
N ASP D 145 28.68 -31.13 -6.23
CA ASP D 145 29.82 -31.45 -5.39
C ASP D 145 30.89 -30.37 -5.57
N SER D 146 32.12 -30.67 -5.13
CA SER D 146 33.22 -29.71 -5.22
C SER D 146 33.45 -29.25 -6.66
N THR D 147 33.14 -30.10 -7.66
CA THR D 147 33.30 -29.68 -9.04
C THR D 147 32.37 -28.53 -9.39
N GLY D 148 31.17 -28.52 -8.81
CA GLY D 148 30.30 -27.36 -8.94
C GLY D 148 30.95 -26.10 -8.39
N LEU D 149 31.65 -26.23 -7.26
CA LEU D 149 32.42 -25.11 -6.74
C LEU D 149 33.50 -24.68 -7.73
N ILE D 150 34.19 -25.64 -8.33
CA ILE D 150 35.26 -25.32 -9.27
C ILE D 150 34.71 -24.51 -10.44
N ARG D 151 33.57 -24.93 -10.97
CA ARG D 151 32.99 -24.26 -12.13
C ARG D 151 32.08 -23.09 -11.77
N LEU D 152 31.87 -22.80 -10.49
CA LEU D 152 31.04 -21.67 -10.09
C LEU D 152 31.74 -20.75 -9.09
N GLN D 153 33.07 -20.86 -8.97
CA GLN D 153 33.83 -19.94 -8.13
C GLN D 153 33.50 -18.48 -8.45
N GLU D 154 33.30 -18.17 -9.73
CA GLU D 154 33.00 -16.82 -10.14
C GLU D 154 31.62 -16.34 -9.65
N LEU D 155 30.59 -17.19 -9.72
CA LEU D 155 29.31 -16.78 -9.16
C LEU D 155 29.40 -16.65 -7.65
N ILE D 156 30.26 -17.46 -7.04
CA ILE D 156 30.51 -17.33 -5.61
C ILE D 156 31.14 -15.98 -5.32
N LYS D 157 32.07 -15.55 -6.18
CA LYS D 157 32.75 -14.26 -6.08
C LYS D 157 31.85 -13.08 -6.45
N ALA D 158 30.75 -13.34 -7.14
CA ALA D 158 29.87 -12.27 -7.65
C ALA D 158 29.59 -11.12 -6.68
N PRO D 159 29.46 -11.30 -5.37
CA PRO D 159 29.29 -10.12 -4.50
C PRO D 159 30.42 -9.12 -4.61
N SER D 160 31.65 -9.58 -4.86
CA SER D 160 32.80 -8.69 -4.79
C SER D 160 32.77 -7.63 -5.89
N ARG D 161 32.59 -8.03 -7.14
CA ARG D 161 32.71 -7.07 -8.23
C ARG D 161 31.49 -6.16 -8.33
N TYR D 162 30.31 -6.65 -7.98
CA TYR D 162 29.13 -5.79 -7.97
C TYR D 162 28.17 -6.25 -6.89
N ASN D 163 27.28 -5.33 -6.50
CA ASN D 163 26.27 -5.60 -5.49
C ASN D 163 25.30 -6.68 -5.96
N ILE D 164 25.29 -7.82 -5.27
CA ILE D 164 24.44 -8.94 -5.64
C ILE D 164 24.40 -9.90 -4.46
N LYS D 165 23.28 -10.61 -4.33
CA LYS D 165 23.05 -11.56 -3.26
C LYS D 165 22.89 -12.97 -3.83
N ILE D 166 23.65 -13.91 -3.30
CA ILE D 166 23.63 -15.30 -3.76
C ILE D 166 23.35 -16.21 -2.57
N LYS D 167 22.43 -17.14 -2.74
CA LYS D 167 22.19 -18.21 -1.77
C LYS D 167 22.72 -19.50 -2.36
N ILE D 168 23.51 -20.23 -1.57
CA ILE D 168 24.25 -21.39 -2.06
C ILE D 168 23.60 -22.66 -1.52
N ARG D 169 23.04 -23.46 -2.43
CA ARG D 169 22.36 -24.68 -2.06
C ARG D 169 23.13 -25.88 -2.59
N GLN D 170 22.76 -27.07 -2.11
CA GLN D 170 23.41 -28.30 -2.54
C GLN D 170 22.48 -29.48 -2.26
N LEU D 171 22.31 -30.33 -3.27
CA LEU D 171 21.43 -31.48 -3.22
C LEU D 171 22.11 -32.66 -2.55
N PRO D 172 21.37 -33.46 -1.79
CA PRO D 172 21.96 -34.61 -1.09
C PRO D 172 22.62 -35.55 -2.08
N PRO D 173 23.81 -36.05 -1.76
CA PRO D 173 24.51 -36.98 -2.66
C PRO D 173 24.04 -38.42 -2.50
N ALA D 174 22.71 -38.59 -2.51
CA ALA D 174 22.13 -39.91 -2.39
C ALA D 174 21.03 -40.16 -3.42
N ASN D 175 20.92 -39.29 -4.43
CA ASN D 175 19.87 -39.37 -5.43
C ASN D 175 18.49 -39.32 -4.77
N LYS D 176 18.33 -38.35 -3.87
CA LYS D 176 17.08 -38.13 -3.15
C LYS D 176 16.47 -36.80 -3.58
N ASP D 177 15.32 -36.49 -3.01
CA ASP D 177 14.58 -35.29 -3.40
C ASP D 177 14.94 -34.13 -2.49
N ALA D 178 15.20 -32.97 -3.09
CA ALA D 178 15.50 -31.74 -2.38
C ALA D 178 14.26 -30.87 -2.22
N LYS D 179 13.09 -31.50 -2.06
CA LYS D 179 11.87 -30.73 -1.84
C LYS D 179 11.94 -29.76 -0.66
N PRO D 180 12.56 -30.09 0.48
CA PRO D 180 12.77 -29.03 1.48
C PRO D 180 13.53 -27.83 0.92
N LEU D 181 14.75 -28.07 0.41
CA LEU D 181 15.57 -26.97 -0.09
C LEU D 181 14.75 -25.97 -0.89
N LEU D 182 14.00 -26.47 -1.86
CA LEU D 182 13.15 -25.58 -2.66
C LEU D 182 12.01 -24.99 -1.84
N LYS D 183 11.53 -25.71 -0.82
CA LYS D 183 10.47 -25.14 0.02
C LYS D 183 10.96 -23.91 0.78
N GLU D 184 12.09 -24.02 1.46
CA GLU D 184 12.65 -22.82 2.10
C GLU D 184 13.11 -21.78 1.07
N MET D 185 13.52 -22.20 -0.13
CA MET D 185 13.89 -21.18 -1.12
C MET D 185 12.69 -20.36 -1.56
N LYS D 186 11.54 -20.99 -1.78
CA LYS D 186 10.36 -20.21 -2.09
C LYS D 186 9.88 -19.43 -0.86
N LYS D 187 10.07 -19.98 0.33
CA LYS D 187 9.74 -19.26 1.55
C LYS D 187 10.66 -18.08 1.79
N SER D 188 11.80 -18.02 1.09
CA SER D 188 12.74 -16.92 1.21
C SER D 188 12.44 -15.77 0.25
N LYS D 189 11.29 -15.80 -0.42
CA LYS D 189 10.86 -14.75 -1.34
C LYS D 189 11.85 -14.58 -2.49
N GLU D 190 12.54 -15.66 -2.85
CA GLU D 190 13.48 -15.65 -3.97
C GLU D 190 13.07 -16.75 -4.94
N PHE D 191 13.10 -16.42 -6.23
CA PHE D 191 12.54 -17.28 -7.25
C PHE D 191 13.52 -17.68 -8.35
N TYR D 192 14.79 -17.26 -8.25
CA TYR D 192 15.73 -17.36 -9.36
C TYR D 192 16.90 -18.22 -8.92
N VAL D 193 16.95 -19.47 -9.38
CA VAL D 193 17.96 -20.42 -8.95
C VAL D 193 18.62 -21.01 -10.19
N ILE D 194 19.95 -21.10 -10.18
CA ILE D 194 20.68 -21.79 -11.21
C ILE D 194 20.66 -23.28 -10.89
N PHE D 195 20.62 -24.09 -11.94
CA PHE D 195 20.71 -25.54 -11.80
C PHE D 195 21.92 -26.02 -12.60
N ASP D 196 23.06 -26.11 -11.91
CA ASP D 196 24.29 -26.60 -12.47
C ASP D 196 24.33 -28.11 -12.25
N CYS D 197 24.19 -28.88 -13.33
CA CYS D 197 23.96 -30.30 -13.20
C CYS D 197 24.37 -31.01 -14.48
N SER D 198 24.62 -32.32 -14.35
CA SER D 198 24.91 -33.17 -15.48
C SER D 198 23.61 -33.57 -16.18
N HIS D 199 23.74 -34.44 -17.19
CA HIS D 199 22.58 -34.82 -17.99
C HIS D 199 21.55 -35.55 -17.14
N GLU D 200 21.98 -36.62 -16.46
CA GLU D 200 21.06 -37.44 -15.68
C GLU D 200 20.52 -36.65 -14.48
N THR D 201 21.40 -35.87 -13.83
CA THR D 201 20.98 -35.06 -12.70
C THR D 201 19.93 -34.06 -13.15
N ALA D 202 20.16 -33.41 -14.29
CA ALA D 202 19.13 -32.56 -14.88
C ALA D 202 17.84 -33.34 -15.09
N ALA D 203 17.95 -34.60 -15.54
CA ALA D 203 16.76 -35.38 -15.80
C ALA D 203 15.90 -35.53 -14.54
N GLU D 204 16.48 -36.01 -13.45
CA GLU D 204 15.57 -36.26 -12.32
C GLU D 204 15.16 -34.95 -11.65
N ILE D 205 16.02 -33.91 -11.70
CA ILE D 205 15.58 -32.68 -11.08
C ILE D 205 14.42 -32.07 -11.85
N LEU D 206 14.48 -32.11 -13.18
CA LEU D 206 13.37 -31.55 -13.97
C LEU D 206 12.11 -32.36 -13.75
N LYS D 207 12.22 -33.69 -13.72
CA LYS D 207 11.00 -34.46 -13.51
C LYS D 207 10.44 -34.24 -12.11
N GLN D 208 11.29 -34.04 -11.10
CA GLN D 208 10.80 -33.79 -9.75
C GLN D 208 10.10 -32.43 -9.67
N ILE D 209 10.73 -31.39 -10.23
CA ILE D 209 10.14 -30.06 -10.13
C ILE D 209 8.84 -30.00 -10.94
N LEU D 210 8.77 -30.70 -12.07
CA LEU D 210 7.49 -30.83 -12.76
C LEU D 210 6.51 -31.67 -11.95
N PHE D 211 7.00 -32.62 -11.16
CA PHE D 211 6.11 -33.49 -10.41
C PHE D 211 5.37 -32.74 -9.31
N MET D 212 6.10 -31.96 -8.50
CA MET D 212 5.40 -31.30 -7.41
C MET D 212 4.82 -29.97 -7.87
N GLY D 213 5.40 -29.38 -8.92
CA GLY D 213 4.67 -28.36 -9.66
C GLY D 213 5.20 -26.94 -9.73
N MET D 214 6.52 -26.75 -9.77
CA MET D 214 7.08 -25.41 -9.90
C MET D 214 7.16 -25.03 -11.38
N MET D 215 5.99 -24.78 -11.97
CA MET D 215 5.97 -24.41 -13.38
C MET D 215 5.01 -23.24 -13.61
N THR D 216 5.04 -22.24 -12.74
CA THR D 216 4.30 -21.00 -12.96
C THR D 216 5.26 -19.89 -13.35
N GLU D 217 4.70 -18.71 -13.61
CA GLU D 217 5.50 -17.56 -14.00
C GLU D 217 6.31 -17.00 -12.84
N TYR D 218 6.07 -17.47 -11.62
CA TYR D 218 6.86 -17.07 -10.46
C TYR D 218 8.16 -17.83 -10.37
N TYR D 219 8.62 -18.40 -11.48
CA TYR D 219 9.89 -19.12 -11.50
C TYR D 219 10.61 -18.83 -12.80
N HIS D 220 11.93 -18.88 -12.74
CA HIS D 220 12.79 -18.68 -13.91
C HIS D 220 13.98 -19.61 -13.77
N TYR D 221 14.00 -20.67 -14.55
CA TYR D 221 14.90 -21.79 -14.35
C TYR D 221 15.96 -21.84 -15.44
N PHE D 222 17.12 -22.39 -15.07
CA PHE D 222 18.30 -22.34 -15.91
C PHE D 222 19.09 -23.64 -15.79
N PHE D 223 19.44 -24.23 -16.93
CA PHE D 223 20.34 -25.36 -16.99
C PHE D 223 21.60 -24.97 -17.76
N THR D 224 22.76 -25.17 -17.14
CA THR D 224 24.02 -25.06 -17.84
C THR D 224 24.30 -26.26 -18.72
N THR D 225 23.50 -27.32 -18.59
CA THR D 225 23.68 -28.51 -19.42
C THR D 225 23.61 -28.14 -20.89
N LEU D 226 24.55 -28.66 -21.67
CA LEU D 226 24.62 -28.30 -23.08
C LEU D 226 23.59 -29.02 -23.92
N ASP D 227 23.07 -30.16 -23.47
CA ASP D 227 22.08 -30.92 -24.21
C ASP D 227 20.73 -30.80 -23.52
N LEU D 228 19.87 -29.94 -24.06
CA LEU D 228 18.47 -29.88 -23.67
C LEU D 228 17.54 -30.15 -24.85
N PHE D 229 18.08 -30.28 -26.05
CA PHE D 229 17.32 -30.69 -27.22
C PHE D 229 17.48 -32.17 -27.52
N ALA D 230 18.55 -32.79 -27.04
CA ALA D 230 18.71 -34.25 -27.08
C ALA D 230 18.13 -34.92 -25.85
N LEU D 231 17.61 -34.14 -24.91
CA LEU D 231 16.99 -34.66 -23.70
C LEU D 231 15.48 -34.54 -23.85
N ASP D 232 14.76 -35.30 -23.04
CA ASP D 232 13.31 -35.35 -23.16
C ASP D 232 12.70 -34.04 -22.72
N LEU D 233 12.48 -33.12 -23.67
CA LEU D 233 11.86 -31.84 -23.42
C LEU D 233 10.78 -31.58 -24.46
N GLU D 234 9.60 -31.17 -23.99
CA GLU D 234 8.52 -30.75 -24.87
C GLU D 234 7.90 -29.46 -24.37
N LEU D 235 7.67 -28.53 -25.30
CA LEU D 235 7.20 -27.19 -24.94
C LEU D 235 5.74 -27.15 -24.52
N TYR D 236 4.96 -28.17 -24.89
CA TYR D 236 3.53 -28.12 -24.59
C TYR D 236 3.25 -28.21 -23.10
N ARG D 237 4.09 -28.93 -22.35
CA ARG D 237 4.04 -28.81 -20.90
C ARG D 237 4.36 -27.39 -20.47
N TYR D 238 5.34 -26.78 -21.12
CA TYR D 238 5.88 -25.49 -20.70
C TYR D 238 4.82 -24.43 -20.99
N SER D 239 4.04 -24.09 -19.97
CA SER D 239 2.98 -23.10 -20.09
C SER D 239 3.01 -22.03 -19.01
N GLY D 240 3.70 -22.25 -17.90
CA GLY D 240 3.74 -21.24 -16.86
C GLY D 240 5.11 -20.66 -16.58
N VAL D 241 6.16 -21.48 -16.66
CA VAL D 241 7.49 -21.06 -16.23
C VAL D 241 8.32 -20.70 -17.46
N ASN D 242 9.37 -19.91 -17.24
CA ASN D 242 10.31 -19.51 -18.27
C ASN D 242 11.59 -20.32 -18.12
N MET D 243 12.03 -20.96 -19.21
CA MET D 243 13.20 -21.83 -19.20
C MET D 243 14.13 -21.45 -20.35
N THR D 244 15.41 -21.30 -20.03
CA THR D 244 16.43 -21.01 -21.02
C THR D 244 17.66 -21.85 -20.72
N GLY D 245 18.48 -22.07 -21.75
CA GLY D 245 19.64 -22.93 -21.60
C GLY D 245 20.70 -22.65 -22.64
N PHE D 246 21.70 -23.52 -22.65
CA PHE D 246 22.85 -23.39 -23.54
C PHE D 246 22.70 -24.30 -24.75
N ARG D 247 23.42 -23.94 -25.83
CA ARG D 247 23.49 -24.81 -27.00
C ARG D 247 24.84 -24.60 -27.65
N LEU D 248 25.78 -25.52 -27.40
CA LEU D 248 27.07 -25.47 -28.06
C LEU D 248 26.93 -25.72 -29.55
N LEU D 249 26.03 -26.62 -29.93
CA LEU D 249 25.83 -26.95 -31.34
C LEU D 249 25.31 -25.73 -32.10
N ASN D 250 25.69 -25.67 -33.37
CA ASN D 250 25.21 -24.64 -34.28
C ASN D 250 24.10 -25.22 -35.16
N ILE D 251 23.19 -24.35 -35.58
CA ILE D 251 22.03 -24.74 -36.36
C ILE D 251 21.95 -23.84 -37.60
N ASP D 252 20.94 -24.09 -38.43
CA ASP D 252 20.69 -23.35 -39.67
C ASP D 252 21.77 -23.59 -40.71
N ASN D 253 22.65 -24.56 -40.46
CA ASN D 253 23.65 -24.96 -41.43
C ASN D 253 23.11 -26.14 -42.22
N PRO D 254 23.02 -26.05 -43.55
CA PRO D 254 22.54 -27.20 -44.33
C PRO D 254 23.35 -28.46 -44.09
N HIS D 255 24.67 -28.35 -43.94
CA HIS D 255 25.45 -29.53 -43.61
C HIS D 255 25.02 -30.10 -42.26
N VAL D 256 24.99 -29.25 -41.22
CA VAL D 256 24.64 -29.72 -39.88
C VAL D 256 23.24 -30.34 -39.90
N SER D 257 22.35 -29.78 -40.72
CA SER D 257 21.07 -30.44 -40.96
C SER D 257 21.29 -31.84 -41.50
N SER D 258 22.07 -31.97 -42.59
CA SER D 258 22.29 -33.29 -43.17
C SER D 258 22.77 -34.28 -42.13
N ILE D 259 23.64 -33.82 -41.22
CA ILE D 259 24.00 -34.66 -40.07
C ILE D 259 22.78 -34.98 -39.21
N ILE D 260 21.89 -34.01 -38.98
CA ILE D 260 20.77 -34.31 -38.07
C ILE D 260 19.82 -35.34 -38.68
N GLU D 261 19.50 -35.21 -39.97
CA GLU D 261 18.66 -36.24 -40.60
C GLU D 261 19.38 -37.59 -40.71
N LYS D 262 20.68 -37.59 -41.04
CA LYS D 262 21.37 -38.88 -41.12
C LYS D 262 21.45 -39.54 -39.75
N TRP D 263 21.61 -38.74 -38.69
CA TRP D 263 21.67 -39.28 -37.34
C TRP D 263 20.32 -39.86 -36.94
N SER D 264 19.23 -39.16 -37.25
CA SER D 264 17.90 -39.70 -36.98
C SER D 264 17.68 -40.99 -37.76
N MET D 265 18.13 -41.03 -39.02
CA MET D 265 17.95 -42.23 -39.83
C MET D 265 18.75 -43.40 -39.26
N GLU D 266 19.97 -43.15 -38.80
CA GLU D 266 20.80 -44.21 -38.25
C GLU D 266 20.39 -44.59 -36.83
N ARG D 267 19.58 -43.78 -36.17
CA ARG D 267 19.09 -44.13 -34.84
C ARG D 267 17.73 -44.83 -34.87
N LEU D 268 16.88 -44.54 -35.86
CA LEU D 268 15.53 -45.09 -35.85
C LEU D 268 15.54 -46.60 -36.03
N GLN D 269 16.37 -47.12 -36.94
CA GLN D 269 16.40 -48.56 -37.18
C GLN D 269 17.20 -49.30 -36.12
N ALA D 270 17.99 -48.60 -35.31
CA ALA D 270 18.70 -49.23 -34.23
C ALA D 270 17.72 -49.73 -33.18
N PRO D 271 18.10 -50.75 -32.41
CA PRO D 271 17.22 -51.26 -31.36
C PRO D 271 16.81 -50.15 -30.41
N PRO D 272 15.54 -50.12 -30.01
CA PRO D 272 15.06 -49.02 -29.15
C PRO D 272 15.85 -48.94 -27.86
N ARG D 273 16.11 -47.70 -27.43
CA ARG D 273 16.85 -47.45 -26.20
C ARG D 273 15.90 -46.92 -25.14
N PRO D 274 16.16 -47.20 -23.86
CA PRO D 274 15.26 -46.73 -22.81
C PRO D 274 15.18 -45.21 -22.77
N GLU D 275 13.97 -44.70 -22.52
CA GLU D 275 13.73 -43.27 -22.41
C GLU D 275 13.73 -42.90 -20.93
N THR D 276 14.93 -42.68 -20.40
CA THR D 276 15.13 -42.29 -19.00
C THR D 276 15.47 -40.81 -18.91
N GLY D 277 14.85 -40.01 -19.78
CA GLY D 277 15.18 -38.60 -19.88
C GLY D 277 16.28 -38.37 -20.90
N LEU D 278 16.15 -39.01 -22.06
CA LEU D 278 17.17 -38.90 -23.10
C LEU D 278 16.54 -39.28 -24.43
N LEU D 279 16.59 -38.37 -25.39
CA LEU D 279 16.02 -38.58 -26.70
C LEU D 279 17.09 -39.02 -27.69
N ASP D 280 16.73 -39.97 -28.55
CA ASP D 280 17.63 -40.50 -29.55
C ASP D 280 17.17 -40.09 -30.94
N GLY D 281 18.12 -40.01 -31.87
CA GLY D 281 17.87 -39.48 -33.19
C GLY D 281 18.39 -38.08 -33.40
N MET D 282 18.87 -37.41 -32.34
CA MET D 282 19.47 -36.10 -32.44
C MET D 282 20.80 -36.11 -31.70
N MET D 283 21.63 -35.12 -32.00
CA MET D 283 23.05 -35.20 -31.73
C MET D 283 23.33 -34.88 -30.26
N THR D 284 24.37 -35.50 -29.71
CA THR D 284 24.79 -35.27 -28.34
C THR D 284 26.18 -34.65 -28.31
N THR D 285 26.51 -34.03 -27.17
CA THR D 285 27.69 -33.16 -27.09
C THR D 285 28.98 -33.96 -27.19
N GLU D 286 29.11 -35.04 -26.39
CA GLU D 286 30.37 -35.77 -26.37
C GLU D 286 30.66 -36.39 -27.73
N ALA D 287 29.65 -36.98 -28.36
CA ALA D 287 29.82 -37.53 -29.69
C ALA D 287 30.14 -36.43 -30.70
N ALA D 288 29.52 -35.26 -30.55
CA ALA D 288 29.78 -34.16 -31.48
C ALA D 288 31.24 -33.70 -31.40
N LEU D 289 31.76 -33.53 -30.18
CA LEU D 289 33.15 -33.08 -30.07
C LEU D 289 34.13 -34.15 -30.51
N MET D 290 33.88 -35.43 -30.18
CA MET D 290 34.80 -36.43 -30.70
C MET D 290 34.68 -36.56 -32.21
N TYR D 291 33.49 -36.30 -32.75
CA TYR D 291 33.28 -36.35 -34.19
C TYR D 291 33.98 -35.19 -34.90
N ASP D 292 34.14 -34.07 -34.22
CA ASP D 292 34.98 -33.01 -34.78
C ASP D 292 36.46 -33.36 -34.65
N ALA D 293 36.83 -34.00 -33.53
CA ALA D 293 38.22 -34.37 -33.32
C ALA D 293 38.69 -35.40 -34.34
N VAL D 294 37.80 -36.29 -34.78
CA VAL D 294 38.23 -37.30 -35.74
C VAL D 294 38.53 -36.67 -37.10
N TYR D 295 37.76 -35.66 -37.53
CA TYR D 295 38.16 -34.89 -38.71
C TYR D 295 39.40 -34.05 -38.47
N MET D 296 39.60 -33.58 -37.23
CA MET D 296 40.90 -32.96 -36.92
C MET D 296 42.04 -33.91 -37.23
N VAL D 297 41.95 -35.14 -36.72
CA VAL D 297 42.98 -36.15 -36.96
C VAL D 297 43.10 -36.46 -38.44
N ALA D 298 41.97 -36.55 -39.14
CA ALA D 298 41.98 -36.90 -40.55
C ALA D 298 42.66 -35.82 -41.39
N ILE D 299 42.34 -34.55 -41.14
CA ILE D 299 42.97 -33.48 -41.91
C ILE D 299 44.45 -33.38 -41.56
N ALA D 300 44.80 -33.62 -40.29
CA ALA D 300 46.22 -33.62 -39.92
C ALA D 300 46.97 -34.72 -40.64
N SER D 301 46.37 -35.91 -40.74
CA SER D 301 47.03 -37.02 -41.44
C SER D 301 47.11 -36.76 -42.94
N HIS D 302 46.04 -36.23 -43.54
CA HIS D 302 46.03 -35.94 -44.96
C HIS D 302 47.05 -34.86 -45.31
N ARG D 303 47.20 -33.86 -44.45
CA ARG D 303 48.24 -32.86 -44.65
C ARG D 303 49.63 -33.44 -44.43
N ALA D 304 49.75 -34.46 -43.59
CA ALA D 304 51.04 -35.04 -43.25
C ALA D 304 51.61 -35.82 -44.44
N SER D 305 52.93 -35.99 -44.42
CA SER D 305 53.66 -36.74 -45.43
C SER D 305 54.51 -37.80 -44.75
N GLN D 306 54.94 -38.79 -45.53
CA GLN D 306 55.65 -39.98 -45.05
C GLN D 306 55.06 -40.49 -43.74
N LEU D 307 53.74 -40.60 -43.72
CA LEU D 307 53.02 -40.96 -42.51
C LEU D 307 53.30 -42.42 -42.15
N THR D 308 53.88 -42.63 -40.96
CA THR D 308 54.19 -43.96 -40.48
C THR D 308 54.30 -43.91 -38.96
N VAL D 309 53.87 -44.98 -38.30
CA VAL D 309 53.99 -45.12 -36.86
C VAL D 309 54.74 -46.41 -36.55
N SER D 310 55.65 -46.34 -35.59
CA SER D 310 56.54 -47.44 -35.28
C SER D 310 56.14 -48.11 -33.97
N SER D 311 56.53 -49.38 -33.84
CA SER D 311 56.27 -50.12 -32.62
C SER D 311 57.11 -49.57 -31.47
N LEU D 312 56.55 -49.67 -30.26
CA LEU D 312 57.22 -49.23 -29.05
C LEU D 312 56.97 -50.26 -27.96
N GLN D 313 57.60 -50.05 -26.81
CA GLN D 313 57.39 -50.92 -25.66
C GLN D 313 57.26 -50.07 -24.41
N CYS D 314 56.28 -50.41 -23.57
CA CYS D 314 55.97 -49.63 -22.39
C CYS D 314 56.89 -49.93 -21.21
N HIS D 315 57.78 -50.91 -21.35
CA HIS D 315 58.76 -51.20 -20.31
C HIS D 315 60.19 -50.89 -20.73
N ARG D 316 60.50 -50.96 -22.02
CA ARG D 316 61.77 -50.49 -22.56
C ARG D 316 61.50 -49.35 -23.50
N HIS D 317 62.13 -48.21 -23.24
CA HIS D 317 61.78 -46.96 -23.90
C HIS D 317 62.53 -46.81 -25.21
N LYS D 318 61.80 -46.53 -26.28
CA LYS D 318 62.38 -46.30 -27.60
C LYS D 318 62.13 -44.85 -28.00
N PRO D 319 63.17 -44.02 -28.08
CA PRO D 319 62.98 -42.64 -28.51
C PRO D 319 62.33 -42.56 -29.88
N TRP D 320 61.64 -41.44 -30.12
CA TRP D 320 60.86 -41.28 -31.33
C TRP D 320 60.78 -39.78 -31.62
N ARG D 321 60.45 -39.45 -32.87
CA ARG D 321 60.51 -38.07 -33.32
C ARG D 321 59.31 -37.58 -34.11
N LEU D 322 58.46 -38.46 -34.64
CA LEU D 322 57.32 -38.02 -35.42
C LEU D 322 56.19 -37.48 -34.56
N GLY D 323 56.17 -37.79 -33.28
CA GLY D 323 55.16 -37.29 -32.39
C GLY D 323 55.13 -35.77 -32.35
N PRO D 324 56.28 -35.15 -32.15
CA PRO D 324 56.35 -33.69 -32.25
C PRO D 324 55.82 -33.13 -33.56
N ARG D 325 56.11 -33.78 -34.69
CA ARG D 325 55.60 -33.24 -35.96
C ARG D 325 54.08 -33.36 -36.03
N PHE D 326 53.51 -34.42 -35.44
CA PHE D 326 52.06 -34.50 -35.42
C PHE D 326 51.46 -33.45 -34.50
N MET D 327 52.08 -33.17 -33.35
CA MET D 327 51.58 -32.07 -32.51
C MET D 327 51.66 -30.75 -33.25
N ASN D 328 52.75 -30.50 -33.96
CA ASN D 328 52.80 -29.37 -34.87
C ASN D 328 51.59 -29.36 -35.78
N LEU D 329 51.51 -30.35 -36.67
CA LEU D 329 50.52 -30.34 -37.74
C LEU D 329 49.10 -30.16 -37.20
N ILE D 330 48.80 -30.76 -36.05
CA ILE D 330 47.48 -30.55 -35.47
C ILE D 330 47.32 -29.14 -34.94
N LYS D 331 48.40 -28.53 -34.41
CA LYS D 331 48.17 -27.29 -33.67
C LYS D 331 48.01 -26.05 -34.54
N GLU D 332 48.37 -26.09 -35.83
CA GLU D 332 47.92 -25.01 -36.69
C GLU D 332 46.65 -25.36 -37.46
N ALA D 333 46.04 -26.50 -37.20
CA ALA D 333 44.83 -26.84 -37.91
C ALA D 333 43.68 -25.94 -37.45
N ARG D 334 42.91 -25.44 -38.41
CA ARG D 334 41.70 -24.68 -38.13
C ARG D 334 40.60 -25.18 -39.06
N TRP D 335 39.46 -25.52 -38.47
CA TRP D 335 38.32 -25.99 -39.25
C TRP D 335 37.06 -25.77 -38.44
N ASP D 336 35.93 -25.70 -39.14
CA ASP D 336 34.64 -25.47 -38.52
C ASP D 336 33.82 -26.76 -38.56
N GLY D 337 33.37 -27.21 -37.39
CA GLY D 337 32.61 -28.43 -37.30
C GLY D 337 31.24 -28.24 -36.67
N LEU D 338 30.74 -29.28 -36.01
CA LEU D 338 29.43 -29.17 -35.36
C LEU D 338 29.44 -28.12 -34.26
N THR D 339 30.52 -28.09 -33.47
CA THR D 339 30.63 -27.08 -32.42
C THR D 339 30.89 -25.69 -32.99
N GLY D 340 31.36 -25.59 -34.22
CA GLY D 340 31.63 -24.29 -34.83
C GLY D 340 33.11 -24.00 -34.99
N ARG D 341 33.52 -22.81 -34.56
CA ARG D 341 34.91 -22.40 -34.72
C ARG D 341 35.80 -23.15 -33.74
N ILE D 342 36.93 -23.65 -34.24
CA ILE D 342 37.91 -24.38 -33.43
C ILE D 342 39.26 -23.72 -33.64
N THR D 343 39.90 -23.29 -32.55
CA THR D 343 41.19 -22.65 -32.61
C THR D 343 42.05 -23.11 -31.45
N PHE D 344 43.33 -23.37 -31.73
CA PHE D 344 44.29 -23.82 -30.75
C PHE D 344 45.33 -22.73 -30.52
N ASN D 345 45.78 -22.62 -29.26
CA ASN D 345 46.79 -21.65 -28.88
C ASN D 345 47.98 -22.38 -28.29
N LYS D 346 49.17 -21.82 -28.51
CA LYS D 346 50.40 -22.46 -28.07
C LYS D 346 50.65 -22.30 -26.58
N THR D 347 49.84 -21.51 -25.87
CA THR D 347 49.99 -21.31 -24.44
C THR D 347 49.16 -22.27 -23.62
N ASP D 348 48.41 -23.16 -24.25
CA ASP D 348 47.55 -24.09 -23.53
C ASP D 348 47.25 -25.30 -24.43
N GLY D 349 46.84 -26.39 -23.78
CA GLY D 349 46.49 -27.60 -24.49
C GLY D 349 45.03 -27.63 -24.90
N LEU D 350 44.25 -26.71 -24.37
CA LEU D 350 42.83 -26.64 -24.67
C LEU D 350 42.60 -25.71 -25.87
N ARG D 351 41.51 -25.98 -26.60
CA ARG D 351 41.11 -25.11 -27.69
C ARG D 351 40.33 -23.92 -27.15
N LYS D 352 40.08 -22.96 -28.04
CA LYS D 352 39.38 -21.73 -27.67
C LYS D 352 38.70 -21.18 -28.90
N ASP D 353 38.26 -19.92 -28.81
CA ASP D 353 37.67 -19.19 -29.93
C ASP D 353 36.42 -19.89 -30.44
N PHE D 354 35.43 -20.00 -29.54
CA PHE D 354 34.15 -20.59 -29.85
C PHE D 354 33.04 -19.78 -29.19
N ASP D 355 31.85 -19.86 -29.77
CA ASP D 355 30.70 -19.10 -29.32
C ASP D 355 29.62 -20.05 -28.82
N LEU D 356 28.99 -19.68 -27.70
CA LEU D 356 27.93 -20.47 -27.10
C LEU D 356 26.58 -19.83 -27.41
N ASP D 357 25.66 -20.62 -27.97
CA ASP D 357 24.33 -20.11 -28.28
C ASP D 357 23.47 -20.02 -27.02
N ILE D 358 22.63 -19.01 -26.96
CA ILE D 358 21.63 -18.86 -25.92
C ILE D 358 20.25 -19.10 -26.52
N ILE D 359 19.46 -19.95 -25.87
CA ILE D 359 18.18 -20.39 -26.39
C ILE D 359 17.09 -20.05 -25.37
N SER D 360 15.95 -19.60 -25.86
CA SER D 360 14.79 -19.37 -25.02
C SER D 360 13.59 -20.09 -25.63
N LEU D 361 12.74 -20.64 -24.77
CA LEU D 361 11.64 -21.47 -25.24
C LEU D 361 10.60 -20.64 -25.95
N LYS D 362 9.70 -21.34 -26.66
CA LYS D 362 8.48 -20.73 -27.18
C LYS D 362 7.31 -21.47 -26.53
N GLU D 363 6.43 -20.72 -25.89
CA GLU D 363 5.30 -21.33 -25.20
C GLU D 363 4.21 -21.73 -26.17
N GLU D 364 3.70 -22.95 -26.00
CA GLU D 364 2.50 -23.38 -26.71
C GLU D 364 1.53 -24.04 -25.73
N TRP D 381 11.31 -23.05 -28.47
CA TRP D 381 12.73 -22.77 -28.46
C TRP D 381 13.08 -21.72 -29.51
N LYS D 382 13.67 -20.62 -29.07
CA LYS D 382 14.05 -19.56 -30.00
C LYS D 382 15.35 -18.90 -29.53
N LYS D 383 16.12 -18.42 -30.50
CA LYS D 383 17.34 -17.69 -30.22
C LYS D 383 17.00 -16.29 -29.74
N ILE D 384 17.83 -15.77 -28.82
CA ILE D 384 17.67 -14.41 -28.30
C ILE D 384 18.89 -13.55 -28.65
N GLY D 385 20.08 -14.08 -28.44
CA GLY D 385 21.29 -13.39 -28.80
C GLY D 385 22.39 -14.41 -29.03
N ILE D 386 23.63 -13.95 -28.91
CA ILE D 386 24.78 -14.84 -29.04
C ILE D 386 25.93 -14.24 -28.24
N TRP D 387 26.77 -15.11 -27.69
CA TRP D 387 27.92 -14.71 -26.91
C TRP D 387 29.19 -15.05 -27.68
N ASN D 388 30.07 -14.08 -27.82
CA ASN D 388 31.37 -14.30 -28.43
C ASN D 388 32.45 -14.28 -27.35
N SER D 389 33.37 -15.24 -27.44
CA SER D 389 34.46 -15.33 -26.48
C SER D 389 35.45 -14.19 -26.61
N ASN D 390 35.39 -13.41 -27.70
CA ASN D 390 36.33 -12.33 -27.92
C ASN D 390 35.70 -10.96 -27.98
N SER D 391 34.37 -10.87 -28.12
CA SER D 391 33.69 -9.58 -28.15
C SER D 391 32.50 -9.52 -27.20
N GLY D 392 32.38 -10.48 -26.29
CA GLY D 392 31.31 -10.45 -25.31
C GLY D 392 30.01 -11.01 -25.85
N LEU D 393 28.92 -10.55 -25.25
CA LEU D 393 27.57 -10.99 -25.61
C LEU D 393 26.98 -10.08 -26.67
N ASN D 394 26.31 -10.67 -27.64
CA ASN D 394 25.62 -9.93 -28.70
C ASN D 394 24.13 -10.14 -28.54
N MET D 395 23.38 -9.04 -28.51
CA MET D 395 21.93 -9.06 -28.39
C MET D 395 21.34 -8.51 -29.67
N THR D 396 20.55 -9.33 -30.37
CA THR D 396 19.91 -8.93 -31.63
C THR D 396 18.48 -9.48 -31.63
N ASP D 397 17.54 -8.69 -31.12
CA ASP D 397 16.13 -9.07 -31.12
C ASP D 397 15.25 -7.83 -30.95
N GLY D 398 14.46 -7.53 -31.98
CA GLY D 398 13.65 -6.33 -31.94
C GLY D 398 14.42 -5.12 -32.42
N ASN D 399 14.98 -4.37 -31.48
CA ASN D 399 15.90 -3.27 -31.77
C ASN D 399 15.22 -2.16 -32.56
N ARG D 400 14.19 -1.57 -31.93
CA ARG D 400 13.53 -0.41 -32.53
C ARG D 400 14.43 0.81 -32.56
N ASP D 401 15.42 0.89 -31.67
CA ASP D 401 16.39 1.97 -31.67
C ASP D 401 17.51 1.63 -32.65
N ARG D 402 18.61 2.38 -32.59
CA ARG D 402 19.78 2.22 -33.45
C ARG D 402 19.47 2.51 -34.93
N SER D 403 18.23 2.90 -35.23
CA SER D 403 17.81 3.20 -36.59
C SER D 403 16.73 4.27 -36.53
N ASN D 404 16.45 4.86 -37.69
CA ASN D 404 15.48 5.96 -37.81
C ASN D 404 15.85 7.12 -36.89
N ASN D 405 17.12 7.50 -36.91
CA ASN D 405 17.59 8.61 -36.09
C ASN D 405 16.95 9.93 -36.53
N ILE D 406 16.70 10.80 -35.56
CA ILE D 406 16.08 12.09 -35.84
C ILE D 406 17.06 12.97 -36.61
N THR D 407 16.55 13.72 -37.58
CA THR D 407 17.36 14.60 -38.40
C THR D 407 16.71 15.98 -38.44
N ASP D 408 17.53 16.99 -38.74
CA ASP D 408 17.07 18.37 -38.82
C ASP D 408 16.94 18.75 -40.29
N SER D 409 15.70 18.90 -40.75
CA SER D 409 15.42 19.31 -42.11
C SER D 409 15.31 20.82 -42.16
N LEU D 410 16.20 21.46 -42.92
CA LEU D 410 16.28 22.92 -42.98
C LEU D 410 16.03 23.38 -44.40
N ALA D 411 14.86 23.99 -44.62
CA ALA D 411 14.55 24.68 -45.87
C ALA D 411 14.42 26.18 -45.66
N ASN D 412 13.56 26.60 -44.73
CA ASN D 412 13.50 27.97 -44.27
C ASN D 412 13.48 28.07 -42.75
N ARG D 413 13.54 26.94 -42.05
CA ARG D 413 13.53 26.89 -40.58
C ARG D 413 12.29 27.56 -40.00
N THR D 414 11.18 27.53 -40.73
CA THR D 414 9.93 28.07 -40.21
C THR D 414 9.41 27.18 -39.09
N LEU D 415 8.94 27.81 -38.02
CA LEU D 415 8.51 27.10 -36.82
C LEU D 415 7.10 27.52 -36.45
N ILE D 416 6.32 26.55 -35.97
CA ILE D 416 4.97 26.80 -35.49
C ILE D 416 5.07 27.40 -34.09
N VAL D 417 4.82 28.70 -33.98
CA VAL D 417 4.98 29.44 -32.74
C VAL D 417 3.59 29.79 -32.24
N THR D 418 3.08 29.01 -31.30
CA THR D 418 1.81 29.31 -30.66
C THR D 418 2.02 30.32 -29.53
N THR D 419 1.05 31.21 -29.35
CA THR D 419 1.18 32.25 -28.33
C THR D 419 -0.21 32.78 -27.99
N ILE D 420 -0.25 33.60 -26.93
CA ILE D 420 -1.45 34.27 -26.46
C ILE D 420 -1.06 35.73 -26.23
N LEU D 421 -2.07 36.59 -26.10
CA LEU D 421 -1.82 37.99 -25.81
C LEU D 421 -1.39 38.17 -24.35
N GLU D 422 -0.29 38.89 -24.14
CA GLU D 422 0.10 39.36 -22.80
C GLU D 422 0.65 40.77 -22.90
N GLU D 423 0.50 41.51 -21.80
CA GLU D 423 1.00 42.87 -21.68
C GLU D 423 2.16 42.90 -20.69
N PRO D 424 3.31 43.48 -21.06
CA PRO D 424 3.55 44.07 -22.38
C PRO D 424 4.28 43.13 -23.33
N TYR D 425 3.84 41.87 -23.39
CA TYR D 425 4.52 40.87 -24.21
C TYR D 425 3.97 40.83 -25.63
N VAL D 426 2.67 40.62 -25.78
CA VAL D 426 2.05 40.46 -27.09
C VAL D 426 0.87 41.42 -27.20
N MET D 427 0.89 42.27 -28.22
CA MET D 427 -0.24 43.12 -28.56
C MET D 427 -0.16 43.51 -30.03
N TYR D 428 -1.33 43.75 -30.62
CA TYR D 428 -1.47 43.82 -32.08
C TYR D 428 -0.72 44.98 -32.69
N ARG D 429 -0.05 44.72 -33.82
CA ARG D 429 0.28 45.75 -34.81
C ARG D 429 -0.54 45.60 -36.07
N LYS D 430 -1.72 44.97 -36.00
CA LYS D 430 -2.51 44.72 -37.19
C LYS D 430 -2.94 46.02 -37.87
N SER D 431 -3.11 47.09 -37.09
CA SER D 431 -3.39 48.39 -37.69
C SER D 431 -2.23 48.87 -38.53
N ASP D 432 -1.00 48.64 -38.07
CA ASP D 432 0.18 49.11 -38.79
C ASP D 432 0.29 48.46 -40.16
N LYS D 433 0.20 47.14 -40.21
CA LYS D 433 0.21 46.41 -41.47
C LYS D 433 -0.68 45.17 -41.36
N PRO D 434 -1.63 45.00 -42.28
CA PRO D 434 -2.55 43.84 -42.22
C PRO D 434 -1.87 42.53 -42.59
N LEU D 435 -1.12 41.98 -41.64
CA LEU D 435 -0.43 40.71 -41.82
C LEU D 435 -0.80 39.76 -40.69
N TYR D 436 -1.18 38.53 -41.06
CA TYR D 436 -1.46 37.47 -40.09
C TYR D 436 -0.16 36.71 -39.85
N GLY D 437 0.51 36.98 -38.75
CA GLY D 437 1.78 36.34 -38.46
C GLY D 437 2.67 37.13 -37.52
N ASN D 438 3.91 37.38 -37.95
CA ASN D 438 4.87 38.08 -37.10
C ASN D 438 4.50 39.55 -36.88
N ASP D 439 4.08 40.25 -37.94
CA ASP D 439 3.70 41.64 -37.81
C ASP D 439 2.34 41.81 -37.15
N ARG D 440 1.58 40.73 -36.97
CA ARG D 440 0.28 40.82 -36.32
C ARG D 440 0.38 41.37 -34.91
N PHE D 441 1.51 41.15 -34.23
CA PHE D 441 1.68 41.54 -32.84
C PHE D 441 2.95 42.36 -32.68
N GLU D 442 3.29 42.64 -31.42
CA GLU D 442 4.51 43.35 -31.06
C GLU D 442 4.76 43.16 -29.57
N GLY D 443 5.84 43.74 -29.08
CA GLY D 443 6.14 43.77 -27.66
C GLY D 443 7.44 43.07 -27.33
N TYR D 444 7.62 42.78 -26.05
CA TYR D 444 8.82 42.11 -25.58
C TYR D 444 8.96 40.71 -26.21
N CYS D 445 7.85 39.98 -26.31
CA CYS D 445 7.88 38.65 -26.88
C CYS D 445 8.32 38.68 -28.34
N LEU D 446 7.74 39.59 -29.13
CA LEU D 446 8.06 39.64 -30.55
C LEU D 446 9.49 40.14 -30.77
N ASP D 447 9.97 41.04 -29.91
CA ASP D 447 11.36 41.48 -30.01
C ASP D 447 12.32 40.35 -29.68
N LEU D 448 11.99 39.56 -28.66
CA LEU D 448 12.78 38.36 -28.39
C LEU D 448 12.80 37.44 -29.60
N LEU D 449 11.63 37.22 -30.22
CA LEU D 449 11.56 36.39 -31.41
C LEU D 449 12.44 36.94 -32.52
N LYS D 450 12.42 38.26 -32.71
CA LYS D 450 13.17 38.87 -33.80
C LYS D 450 14.68 38.75 -33.57
N GLU D 451 15.15 39.01 -32.35
CA GLU D 451 16.57 38.89 -32.09
C GLU D 451 17.03 37.43 -32.17
N LEU D 452 16.19 36.51 -31.70
CA LEU D 452 16.53 35.09 -31.86
C LEU D 452 16.59 34.69 -33.32
N SER D 453 15.68 35.23 -34.14
CA SER D 453 15.72 34.97 -35.57
C SER D 453 17.00 35.52 -36.19
N ASN D 454 17.43 36.70 -35.77
CA ASN D 454 18.68 37.26 -36.29
C ASN D 454 19.86 36.38 -35.90
N ILE D 455 19.92 35.96 -34.64
CA ILE D 455 21.08 35.20 -34.16
C ILE D 455 21.14 33.82 -34.81
N LEU D 456 20.01 33.10 -34.83
CA LEU D 456 20.00 31.73 -35.31
C LEU D 456 19.69 31.61 -36.80
N GLY D 457 19.23 32.68 -37.44
CA GLY D 457 18.80 32.58 -38.82
C GLY D 457 17.58 31.71 -39.01
N PHE D 458 16.66 31.72 -38.05
CA PHE D 458 15.47 30.87 -38.08
C PHE D 458 14.24 31.73 -38.31
N LEU D 459 13.27 31.17 -39.03
CA LEU D 459 12.02 31.86 -39.31
C LEU D 459 10.97 31.44 -38.29
N TYR D 460 10.26 32.42 -37.74
CA TYR D 460 9.19 32.17 -36.78
C TYR D 460 7.88 32.70 -37.36
N ASP D 461 6.79 31.98 -37.08
CA ASP D 461 5.46 32.37 -37.51
C ASP D 461 4.54 32.42 -36.29
N VAL D 462 4.02 33.59 -35.99
CA VAL D 462 3.24 33.81 -34.79
C VAL D 462 1.79 33.45 -35.06
N LYS D 463 1.25 32.55 -34.25
CA LYS D 463 -0.16 32.17 -34.34
C LYS D 463 -0.74 32.04 -32.94
N LEU D 464 -2.03 32.27 -32.82
CA LEU D 464 -2.73 32.31 -31.55
C LEU D 464 -3.45 31.01 -31.25
N VAL D 465 -3.87 30.87 -30.00
CA VAL D 465 -4.74 29.78 -29.56
C VAL D 465 -5.87 30.39 -28.74
N PRO D 466 -7.06 29.79 -28.73
CA PRO D 466 -8.17 30.39 -27.96
C PRO D 466 -7.89 30.50 -26.46
N ASP D 467 -7.14 29.57 -25.90
CA ASP D 467 -6.90 29.50 -24.47
C ASP D 467 -5.50 29.96 -24.13
N GLY D 468 -5.36 30.65 -23.00
CA GLY D 468 -4.07 31.11 -22.55
C GLY D 468 -3.59 30.44 -21.28
N LYS D 469 -4.42 29.56 -20.71
CA LYS D 469 -4.07 28.87 -19.48
C LYS D 469 -3.14 27.70 -19.76
N TYR D 470 -2.36 27.33 -18.74
CA TYR D 470 -1.43 26.21 -18.82
C TYR D 470 -2.01 24.94 -18.21
N GLY D 471 -3.25 24.97 -17.75
CA GLY D 471 -3.88 23.81 -17.16
C GLY D 471 -3.55 23.64 -15.69
N ALA D 472 -4.57 23.32 -14.88
CA ALA D 472 -4.40 23.09 -13.45
C ALA D 472 -4.10 21.62 -13.17
N GLN D 473 -3.37 21.38 -12.09
CA GLN D 473 -2.94 20.03 -11.72
C GLN D 473 -3.75 19.56 -10.52
N ASN D 474 -4.72 18.68 -10.77
CA ASN D 474 -5.38 17.94 -9.71
C ASN D 474 -4.65 16.61 -9.48
N ASP D 475 -5.30 15.68 -8.77
CA ASP D 475 -4.66 14.41 -8.43
C ASP D 475 -4.30 13.58 -9.66
N LYS D 476 -4.90 13.88 -10.81
CA LYS D 476 -4.61 13.19 -12.06
C LYS D 476 -3.83 14.12 -12.97
N GLY D 477 -3.17 13.55 -13.98
CA GLY D 477 -2.49 14.36 -14.98
C GLY D 477 -3.39 14.96 -16.05
N GLU D 478 -3.54 16.28 -16.04
CA GLU D 478 -4.24 16.98 -17.12
C GLU D 478 -3.49 18.27 -17.41
N TRP D 479 -3.47 18.69 -18.67
CA TRP D 479 -2.84 19.94 -19.05
C TRP D 479 -3.64 20.58 -20.17
N ASN D 480 -3.57 21.91 -20.23
CA ASN D 480 -4.34 22.69 -21.20
C ASN D 480 -3.41 23.71 -21.85
N GLY D 481 -3.77 24.09 -23.07
CA GLY D 481 -3.04 25.11 -23.79
C GLY D 481 -1.63 24.70 -24.18
N MET D 482 -0.64 25.43 -23.65
CA MET D 482 0.74 25.24 -24.09
C MET D 482 1.27 23.85 -23.73
N VAL D 483 0.94 23.36 -22.53
CA VAL D 483 1.58 22.15 -22.03
C VAL D 483 1.21 20.94 -22.89
N LYS D 484 -0.09 20.78 -23.19
CA LYS D 484 -0.50 19.64 -23.99
C LYS D 484 0.03 19.73 -25.41
N GLU D 485 0.09 20.95 -25.97
CA GLU D 485 0.66 21.12 -27.30
C GLU D 485 2.13 20.73 -27.32
N LEU D 486 2.88 21.13 -26.30
CA LEU D 486 4.30 20.79 -26.24
C LEU D 486 4.52 19.31 -26.02
N ILE D 487 3.66 18.68 -25.21
CA ILE D 487 3.74 17.23 -25.01
C ILE D 487 3.48 16.50 -26.32
N ASP D 488 2.45 16.94 -27.07
CA ASP D 488 2.14 16.32 -28.34
C ASP D 488 3.11 16.70 -29.46
N HIS D 489 3.98 17.68 -29.21
CA HIS D 489 4.99 18.12 -30.18
C HIS D 489 4.36 18.54 -31.50
N ARG D 490 3.23 19.25 -31.41
CA ARG D 490 2.55 19.79 -32.58
C ARG D 490 2.82 21.27 -32.80
N ALA D 491 3.30 21.97 -31.78
CA ALA D 491 3.72 23.37 -31.90
C ALA D 491 5.20 23.44 -31.61
N ASP D 492 5.96 24.00 -32.57
CA ASP D 492 7.42 23.98 -32.46
C ASP D 492 7.91 24.82 -31.29
N LEU D 493 7.29 25.97 -31.05
CA LEU D 493 7.71 26.85 -29.97
C LEU D 493 6.51 27.39 -29.21
N ALA D 494 6.74 27.69 -27.93
CA ALA D 494 5.76 28.35 -27.06
C ALA D 494 6.51 29.43 -26.28
N VAL D 495 6.55 30.64 -26.83
CA VAL D 495 7.36 31.72 -26.26
C VAL D 495 6.54 32.57 -25.31
N ALA D 496 5.38 32.06 -24.89
CA ALA D 496 4.62 32.73 -23.84
C ALA D 496 5.41 32.66 -22.53
N PRO D 497 5.44 33.74 -21.75
CA PRO D 497 6.25 33.75 -20.52
C PRO D 497 5.66 32.81 -19.48
N LEU D 498 6.51 31.94 -18.93
CA LEU D 498 6.11 31.02 -17.88
C LEU D 498 7.30 30.72 -16.98
N THR D 499 7.04 30.66 -15.67
CA THR D 499 8.10 30.43 -14.69
C THR D 499 8.50 28.95 -14.65
N ILE D 500 9.66 28.70 -14.05
CA ILE D 500 10.19 27.35 -13.88
C ILE D 500 9.78 26.83 -12.51
N THR D 501 8.99 25.76 -12.50
CA THR D 501 8.56 25.11 -11.28
C THR D 501 8.90 23.62 -11.34
N TYR D 502 8.94 23.01 -10.16
CA TYR D 502 9.44 21.64 -10.04
C TYR D 502 8.59 20.65 -10.82
N VAL D 503 7.27 20.83 -10.81
CA VAL D 503 6.38 19.79 -11.31
C VAL D 503 6.35 19.74 -12.83
N ARG D 504 6.52 20.87 -13.51
CA ARG D 504 6.47 20.90 -14.96
C ARG D 504 7.85 20.87 -15.62
N GLU D 505 8.91 20.61 -14.87
CA GLU D 505 10.20 20.36 -15.48
C GLU D 505 10.31 18.96 -16.08
N LYS D 506 9.42 18.05 -15.71
CA LYS D 506 9.46 16.67 -16.19
C LYS D 506 8.73 16.47 -17.52
N VAL D 507 8.03 17.49 -18.01
CA VAL D 507 7.25 17.34 -19.24
C VAL D 507 7.81 18.24 -20.33
N ILE D 508 8.42 19.37 -19.94
CA ILE D 508 8.99 20.32 -20.89
C ILE D 508 10.35 20.80 -20.39
N ASP D 509 11.12 21.37 -21.31
CA ASP D 509 12.44 21.91 -21.01
C ASP D 509 12.36 23.43 -20.87
N PHE D 510 12.95 23.95 -19.80
CA PHE D 510 13.00 25.38 -19.55
C PHE D 510 14.38 25.94 -19.91
N SER D 511 14.40 27.25 -20.16
CA SER D 511 15.65 27.98 -20.31
C SER D 511 16.12 28.51 -18.97
N LYS D 512 17.42 28.71 -18.85
CA LYS D 512 17.99 29.14 -17.58
C LYS D 512 17.45 30.52 -17.21
N PRO D 513 17.08 30.75 -15.96
CA PRO D 513 16.48 32.04 -15.58
C PRO D 513 17.45 33.19 -15.80
N PHE D 514 16.90 34.29 -16.32
CA PHE D 514 17.64 35.54 -16.45
C PHE D 514 17.07 36.67 -15.61
N MET D 515 15.79 36.61 -15.26
CA MET D 515 15.19 37.56 -14.33
C MET D 515 14.62 36.77 -13.16
N THR D 516 14.88 37.25 -11.95
CA THR D 516 14.35 36.63 -10.75
C THR D 516 12.92 37.11 -10.51
N LEU D 517 12.11 36.24 -9.92
CA LEU D 517 10.71 36.57 -9.72
C LEU D 517 10.17 35.78 -8.54
N GLY D 518 8.98 36.17 -8.10
CA GLY D 518 8.32 35.51 -6.99
C GLY D 518 6.95 36.11 -6.79
N ILE D 519 6.16 35.43 -5.97
CA ILE D 519 4.81 35.89 -5.69
C ILE D 519 4.86 37.12 -4.79
N SER D 520 3.99 38.08 -5.08
CA SER D 520 3.92 39.31 -4.28
C SER D 520 2.50 39.84 -4.32
N ILE D 521 2.20 40.70 -3.35
CA ILE D 521 0.83 41.17 -3.11
C ILE D 521 0.71 42.63 -3.52
N LEU D 522 -0.44 42.98 -4.08
CA LEU D 522 -0.77 44.35 -4.43
C LEU D 522 -1.98 44.81 -3.62
N TYR D 523 -1.87 46.01 -3.07
CA TYR D 523 -2.92 46.59 -2.22
C TYR D 523 -3.50 47.82 -2.89
N ARG D 524 -4.82 47.88 -2.97
CA ARG D 524 -5.52 49.05 -3.49
C ARG D 524 -5.71 50.07 -2.38
N LYS D 525 -5.34 51.32 -2.66
CA LYS D 525 -5.44 52.32 -1.60
C LYS D 525 -6.73 53.11 -1.72
N PRO D 526 -7.50 53.22 -0.62
CA PRO D 526 -8.69 54.08 -0.59
C PRO D 526 -8.38 55.51 -0.13
N GLY D 532 -8.41 69.53 5.69
CA GLY D 532 -7.58 70.35 6.54
C GLY D 532 -6.76 71.36 5.76
N VAL D 533 -6.17 72.33 6.47
CA VAL D 533 -5.27 73.27 5.80
C VAL D 533 -4.07 72.53 5.21
N PHE D 534 -3.52 71.56 5.95
CA PHE D 534 -2.52 70.65 5.42
C PHE D 534 -2.84 69.24 5.94
N SER D 535 -4.11 68.83 5.79
CA SER D 535 -4.67 67.64 6.44
C SER D 535 -4.83 67.87 7.94
N PHE D 536 -5.28 69.08 8.29
CA PHE D 536 -5.30 69.58 9.66
C PHE D 536 -6.65 69.45 10.34
N LEU D 537 -7.74 69.61 9.58
CA LEU D 537 -9.09 69.51 10.14
C LEU D 537 -9.62 68.08 10.14
N ASN D 538 -8.74 67.10 9.95
CA ASN D 538 -9.09 65.69 9.82
C ASN D 538 -9.49 65.01 11.13
N PRO D 539 -8.66 65.07 12.19
CA PRO D 539 -8.89 64.15 13.32
C PRO D 539 -10.09 64.50 14.17
N LEU D 540 -10.35 65.79 14.41
CA LEU D 540 -11.47 66.20 15.24
C LEU D 540 -12.62 66.68 14.36
N SER D 541 -13.83 66.57 14.89
CA SER D 541 -14.98 67.09 14.19
C SER D 541 -14.84 68.60 14.01
N PRO D 542 -15.20 69.13 12.85
CA PRO D 542 -15.04 70.57 12.61
C PRO D 542 -16.09 71.45 13.29
N ASP D 543 -16.93 70.88 14.15
CA ASP D 543 -17.97 71.63 14.84
C ASP D 543 -17.58 71.96 16.27
N ILE D 544 -16.31 71.78 16.63
CA ILE D 544 -15.83 72.11 17.96
C ILE D 544 -15.04 73.42 17.97
N TRP D 545 -14.43 73.82 16.85
CA TRP D 545 -13.61 75.02 16.85
C TRP D 545 -14.45 76.29 17.01
N MET D 546 -15.75 76.23 16.69
CA MET D 546 -16.60 77.41 16.84
C MET D 546 -17.00 77.67 18.30
N TYR D 547 -17.13 76.62 19.12
CA TYR D 547 -17.40 76.82 20.55
C TYR D 547 -16.27 77.63 21.20
N VAL D 548 -15.07 77.53 20.66
CA VAL D 548 -13.93 78.27 21.18
C VAL D 548 -14.15 79.77 20.99
N LEU D 549 -14.55 80.16 19.77
CA LEU D 549 -14.92 81.55 19.53
C LEU D 549 -16.10 81.95 20.41
N LEU D 550 -17.04 81.03 20.64
CA LEU D 550 -18.18 81.37 21.47
C LEU D 550 -17.75 81.75 22.88
N ALA D 551 -16.96 80.90 23.52
CA ALA D 551 -16.45 81.16 24.86
C ALA D 551 -15.58 82.42 24.89
N TYR D 552 -14.77 82.62 23.84
CA TYR D 552 -13.92 83.80 23.80
C TYR D 552 -14.74 85.08 23.77
N LEU D 553 -15.80 85.10 22.97
CA LEU D 553 -16.68 86.26 22.96
C LEU D 553 -17.42 86.42 24.29
N GLY D 554 -17.91 85.31 24.85
CA GLY D 554 -18.75 85.39 26.04
C GLY D 554 -18.02 85.84 27.29
N VAL D 555 -16.77 85.40 27.45
CA VAL D 555 -15.97 85.84 28.59
C VAL D 555 -15.73 87.34 28.56
N SER D 556 -15.39 87.88 27.39
CA SER D 556 -15.17 89.31 27.26
C SER D 556 -16.49 90.09 27.27
N VAL D 557 -17.60 89.44 26.91
CA VAL D 557 -18.89 90.12 27.02
C VAL D 557 -19.21 90.44 28.47
N VAL D 558 -18.63 89.68 29.41
CA VAL D 558 -18.90 89.87 30.83
C VAL D 558 -18.49 91.27 31.29
N LEU D 559 -17.42 91.82 30.71
CA LEU D 559 -17.04 93.19 31.08
C LEU D 559 -18.14 94.18 30.73
N PHE D 560 -18.72 94.05 29.53
CA PHE D 560 -19.79 94.93 29.10
C PHE D 560 -21.10 94.65 29.83
N VAL D 561 -21.30 93.43 30.33
CA VAL D 561 -22.47 93.12 31.14
C VAL D 561 -22.34 93.72 32.54
N ILE D 562 -21.15 93.67 33.13
CA ILE D 562 -20.93 94.27 34.44
C ILE D 562 -21.02 95.79 34.36
N ALA D 563 -20.42 96.36 33.32
CA ALA D 563 -20.41 97.82 33.19
C ALA D 563 -21.82 98.38 33.03
N ARG D 564 -22.63 97.75 32.18
CA ARG D 564 -23.98 98.23 31.91
C ARG D 564 -25.01 97.61 32.84
N ALA D 611 -12.67 91.03 41.06
CA ALA D 611 -12.82 90.29 42.30
C ALA D 611 -13.65 89.03 42.08
N LEU D 612 -14.69 88.86 42.92
CA LEU D 612 -15.51 87.66 42.85
C LEU D 612 -16.28 87.55 41.55
N SER D 613 -16.55 88.67 40.87
CA SER D 613 -17.29 88.63 39.61
C SER D 613 -16.55 87.81 38.56
N THR D 614 -15.23 87.99 38.46
CA THR D 614 -14.43 87.25 37.50
C THR D 614 -14.05 85.85 37.99
N ARG D 615 -14.17 85.58 39.29
CA ARG D 615 -13.77 84.29 39.83
C ARG D 615 -14.60 83.15 39.27
N ILE D 616 -15.80 83.43 38.76
CA ILE D 616 -16.64 82.44 38.10
C ILE D 616 -16.42 82.43 36.59
N VAL D 617 -16.35 83.63 35.99
CA VAL D 617 -16.26 83.74 34.54
C VAL D 617 -14.93 83.17 34.04
N GLY D 618 -13.82 83.62 34.62
CA GLY D 618 -12.54 83.08 34.25
C GLY D 618 -12.46 81.60 34.54
N GLY D 619 -13.10 81.17 35.62
CA GLY D 619 -13.14 79.75 35.93
C GLY D 619 -13.82 78.95 34.84
N ILE D 620 -14.94 79.46 34.30
CA ILE D 620 -15.71 78.67 33.36
C ILE D 620 -15.06 78.69 31.97
N TRP D 621 -14.69 79.89 31.50
CA TRP D 621 -13.62 80.01 30.51
C TRP D 621 -12.59 78.90 30.62
N TRP D 622 -11.90 78.87 31.74
CA TRP D 622 -10.67 78.12 31.87
C TRP D 622 -10.95 76.62 31.91
N PHE D 623 -11.95 76.21 32.70
CA PHE D 623 -12.29 74.79 32.79
C PHE D 623 -12.86 74.27 31.48
N PHE D 624 -13.54 75.12 30.70
CA PHE D 624 -14.06 74.65 29.42
C PHE D 624 -12.96 74.55 28.36
N THR D 625 -12.22 75.64 28.13
CA THR D 625 -11.24 75.61 27.06
C THR D 625 -10.05 74.71 27.39
N LEU D 626 -9.82 74.41 28.66
CA LEU D 626 -8.72 73.51 29.02
C LEU D 626 -9.01 72.07 28.63
N ILE D 627 -10.20 71.78 28.09
CA ILE D 627 -10.55 70.42 27.66
C ILE D 627 -10.14 70.17 26.21
N ILE D 628 -10.31 71.17 25.34
CA ILE D 628 -10.24 70.97 23.90
C ILE D 628 -8.82 70.61 23.45
N ILE D 629 -7.80 71.23 24.08
CA ILE D 629 -6.43 70.91 23.73
C ILE D 629 -6.19 69.41 23.83
N SER D 630 -6.47 68.83 24.99
CA SER D 630 -6.24 67.41 25.19
C SER D 630 -7.25 66.57 24.41
N SER D 631 -8.44 67.12 24.15
CA SER D 631 -9.42 66.36 23.36
C SER D 631 -8.91 66.09 21.96
N TYR D 632 -8.52 67.15 21.24
CA TYR D 632 -7.98 66.97 19.90
C TYR D 632 -6.65 66.22 19.94
N THR D 633 -5.85 66.49 20.98
CA THR D 633 -4.61 65.73 21.20
C THR D 633 -4.88 64.23 21.18
N ALA D 634 -5.70 63.75 22.12
CA ALA D 634 -5.88 62.32 22.27
C ALA D 634 -6.65 61.72 21.10
N ASN D 635 -7.52 62.51 20.46
CA ASN D 635 -8.21 62.02 19.27
C ASN D 635 -7.24 61.72 18.14
N LEU D 636 -6.38 62.68 17.79
CA LEU D 636 -5.41 62.38 16.73
C LEU D 636 -4.34 61.40 17.21
N ALA D 637 -4.13 61.32 18.52
CA ALA D 637 -3.27 60.28 19.06
C ALA D 637 -3.82 58.90 18.72
N ALA D 638 -5.10 58.67 19.00
CA ALA D 638 -5.72 57.41 18.64
C ALA D 638 -5.69 57.20 17.13
N PHE D 639 -5.90 58.27 16.36
CA PHE D 639 -5.92 58.15 14.90
C PHE D 639 -4.57 57.70 14.34
N LEU D 640 -3.47 58.36 14.68
CA LEU D 640 -2.21 57.95 14.10
C LEU D 640 -1.66 56.72 14.82
N THR D 641 -2.17 56.43 16.03
CA THR D 641 -1.89 55.13 16.64
C THR D 641 -2.45 54.02 15.78
N VAL D 642 -3.65 54.21 15.26
CA VAL D 642 -4.16 53.31 14.22
C VAL D 642 -3.22 53.33 13.02
N GLU D 643 -2.78 54.52 12.62
CA GLU D 643 -2.04 54.67 11.37
C GLU D 643 -0.61 54.14 11.41
N ARG D 644 -0.04 53.80 12.56
CA ARG D 644 1.26 53.12 12.57
C ARG D 644 1.17 51.64 12.90
N MET D 645 -0.03 51.08 13.04
CA MET D 645 -0.19 49.64 12.92
C MET D 645 -0.91 49.27 11.63
N GLU D 646 -1.03 50.22 10.70
CA GLU D 646 -1.62 49.96 9.40
C GLU D 646 -0.61 49.20 8.53
N SER D 651 2.19 41.10 4.95
CA SER D 651 2.63 39.73 4.70
C SER D 651 1.42 38.89 4.35
N ALA D 652 1.69 37.69 3.85
CA ALA D 652 0.62 36.79 3.44
C ALA D 652 -0.14 36.24 4.66
N ASP D 653 0.52 36.23 5.82
CA ASP D 653 -0.09 35.59 6.98
C ASP D 653 -1.28 36.37 7.52
N ASP D 654 -1.13 37.69 7.66
CA ASP D 654 -2.22 38.48 8.24
C ASP D 654 -3.44 38.44 7.32
N LEU D 655 -3.21 38.50 6.01
CA LEU D 655 -4.30 38.23 5.08
C LEU D 655 -4.75 36.78 5.15
N ALA D 656 -3.92 35.88 5.66
CA ALA D 656 -4.36 34.50 5.85
C ALA D 656 -5.25 34.35 7.07
N LYS D 657 -5.28 35.36 7.95
CA LYS D 657 -6.28 35.38 9.02
C LYS D 657 -7.47 36.30 8.76
N GLN D 658 -7.55 36.97 7.61
CA GLN D 658 -8.71 37.79 7.30
C GLN D 658 -9.05 37.73 5.82
N THR D 659 -10.36 37.71 5.53
CA THR D 659 -10.88 37.87 4.18
C THR D 659 -11.87 39.02 4.09
N LYS D 660 -11.76 40.00 5.01
CA LYS D 660 -12.60 41.19 4.94
C LYS D 660 -12.35 41.96 3.65
N ILE D 661 -11.16 41.83 3.08
CA ILE D 661 -10.81 42.41 1.79
C ILE D 661 -10.74 41.28 0.78
N GLU D 662 -11.57 41.36 -0.27
CA GLU D 662 -11.66 40.27 -1.22
C GLU D 662 -10.39 40.20 -2.06
N TYR D 663 -9.95 38.99 -2.35
CA TYR D 663 -8.70 38.76 -3.07
C TYR D 663 -8.84 37.48 -3.87
N GLY D 664 -7.93 37.29 -4.81
CA GLY D 664 -7.97 36.10 -5.63
C GLY D 664 -6.68 35.85 -6.37
N ALA D 665 -6.76 34.95 -7.35
CA ALA D 665 -5.62 34.57 -8.15
C ALA D 665 -6.07 34.37 -9.60
N VAL D 666 -5.13 34.53 -10.53
CA VAL D 666 -5.43 34.36 -11.94
C VAL D 666 -5.60 32.87 -12.24
N ARG D 667 -6.56 32.57 -13.10
CA ARG D 667 -6.95 31.19 -13.36
C ARG D 667 -5.80 30.37 -13.93
N ASP D 668 -5.63 29.16 -13.40
CA ASP D 668 -4.68 28.16 -13.90
C ASP D 668 -3.25 28.71 -13.89
N GLY D 669 -2.77 29.03 -12.68
CA GLY D 669 -1.42 29.46 -12.48
C GLY D 669 -0.60 28.44 -11.72
N SER D 670 0.54 28.90 -11.19
CA SER D 670 1.40 28.05 -10.37
C SER D 670 1.19 28.27 -8.89
N THR D 671 0.61 29.41 -8.49
CA THR D 671 0.40 29.69 -7.06
C THR D 671 -0.60 28.71 -6.45
N MET D 672 -1.61 28.31 -7.22
CA MET D 672 -2.62 27.38 -6.70
C MET D 672 -1.98 26.04 -6.37
N THR D 673 -1.12 25.55 -7.25
CA THR D 673 -0.40 24.30 -7.01
C THR D 673 0.52 24.43 -5.80
N PHE D 674 1.17 25.58 -5.65
CA PHE D 674 2.01 25.80 -4.48
C PHE D 674 1.18 25.76 -3.21
N PHE D 675 0.01 26.40 -3.25
CA PHE D 675 -0.84 26.51 -2.06
C PHE D 675 -1.35 25.13 -1.64
N LYS D 676 -1.76 24.32 -2.61
CA LYS D 676 -2.21 22.97 -2.28
C LYS D 676 -1.04 22.08 -1.87
N LYS D 677 0.15 22.30 -2.42
CA LYS D 677 1.31 21.46 -2.15
C LYS D 677 2.11 21.95 -0.94
N SER D 678 1.69 23.03 -0.30
CA SER D 678 2.37 23.52 0.89
C SER D 678 1.95 22.72 2.11
N LYS D 679 2.60 23.00 3.24
CA LYS D 679 2.28 22.35 4.50
C LYS D 679 2.03 23.32 5.64
N ILE D 680 2.04 24.63 5.40
CA ILE D 680 1.80 25.60 6.47
C ILE D 680 0.51 26.35 6.18
N SER D 681 -0.22 26.64 7.26
CA SER D 681 -1.66 26.90 7.19
C SER D 681 -2.01 28.08 6.28
N THR D 682 -1.12 29.06 6.18
CA THR D 682 -1.38 30.22 5.33
C THR D 682 -1.73 29.79 3.91
N TYR D 683 -0.92 28.88 3.35
CA TYR D 683 -1.05 28.57 1.93
C TYR D 683 -2.29 27.71 1.66
N GLU D 684 -2.58 26.74 2.55
CA GLU D 684 -3.83 26.00 2.37
C GLU D 684 -5.04 26.89 2.58
N LYS D 685 -4.97 27.87 3.48
CA LYS D 685 -6.11 28.76 3.65
C LYS D 685 -6.33 29.61 2.41
N MET D 686 -5.25 30.09 1.80
CA MET D 686 -5.36 30.78 0.52
C MET D 686 -5.98 29.87 -0.55
N TRP D 687 -5.49 28.63 -0.62
CA TRP D 687 -5.99 27.68 -1.61
C TRP D 687 -7.47 27.43 -1.41
N ALA D 688 -7.90 27.26 -0.16
CA ALA D 688 -9.30 27.03 0.13
C ALA D 688 -10.15 28.24 -0.17
N PHE D 689 -9.62 29.44 0.10
CA PHE D 689 -10.39 30.65 -0.19
C PHE D 689 -10.65 30.79 -1.69
N MET D 690 -9.63 30.59 -2.51
CA MET D 690 -9.86 30.64 -3.95
C MET D 690 -10.72 29.46 -4.43
N SER D 691 -10.54 28.27 -3.84
CA SER D 691 -11.33 27.12 -4.26
C SER D 691 -12.79 27.24 -3.81
N SER D 692 -13.04 27.89 -2.68
CA SER D 692 -14.40 28.09 -2.22
C SER D 692 -15.08 29.19 -3.04
N ARG D 693 -16.30 29.53 -2.64
CA ARG D 693 -17.12 30.57 -3.27
C ARG D 693 -17.46 30.25 -4.73
N GLN D 694 -17.37 28.98 -5.12
CA GLN D 694 -17.61 28.55 -6.50
C GLN D 694 -16.75 29.35 -7.48
N GLN D 695 -15.47 29.45 -7.15
CA GLN D 695 -14.42 30.03 -7.98
C GLN D 695 -14.62 31.52 -8.24
N SER D 696 -15.56 32.16 -7.54
CA SER D 696 -15.80 33.59 -7.73
C SER D 696 -14.68 34.45 -7.14
N ALA D 697 -14.01 33.97 -6.11
CA ALA D 697 -12.84 34.66 -5.60
C ALA D 697 -11.66 34.59 -6.55
N LEU D 698 -11.70 33.66 -7.50
CA LEU D 698 -10.69 33.55 -8.54
C LEU D 698 -11.05 34.44 -9.72
N VAL D 699 -10.04 34.85 -10.48
CA VAL D 699 -10.22 35.70 -11.64
C VAL D 699 -9.76 34.94 -12.88
N LYS D 700 -10.61 34.91 -13.91
CA LYS D 700 -10.26 34.19 -15.13
C LYS D 700 -9.10 34.85 -15.85
N ASN D 701 -9.10 36.18 -15.95
CA ASN D 701 -8.10 36.90 -16.72
C ASN D 701 -7.53 38.04 -15.90
N SER D 702 -6.33 38.48 -16.28
CA SER D 702 -5.64 39.52 -15.53
C SER D 702 -6.38 40.86 -15.64
N ASP D 703 -6.98 41.12 -16.80
CA ASP D 703 -7.61 42.43 -17.00
C ASP D 703 -8.79 42.65 -16.06
N GLU D 704 -9.68 41.67 -15.92
CA GLU D 704 -10.82 41.87 -15.04
C GLU D 704 -10.40 41.79 -13.57
N GLY D 705 -9.25 41.17 -13.29
CA GLY D 705 -8.63 41.37 -11.99
C GLY D 705 -8.18 42.81 -11.76
N ILE D 706 -7.64 43.45 -12.81
CA ILE D 706 -7.29 44.86 -12.71
C ILE D 706 -8.54 45.70 -12.49
N GLN D 707 -9.63 45.35 -13.19
CA GLN D 707 -10.90 46.03 -12.95
C GLN D 707 -11.35 45.87 -11.50
N ARG D 708 -11.19 44.67 -10.94
CA ARG D 708 -11.48 44.48 -9.53
C ARG D 708 -10.61 45.38 -8.67
N VAL D 709 -9.34 45.53 -9.03
CA VAL D 709 -8.44 46.39 -8.26
C VAL D 709 -8.91 47.84 -8.30
N LEU D 710 -9.33 48.32 -9.47
CA LEU D 710 -9.76 49.72 -9.57
C LEU D 710 -11.09 49.95 -8.84
N THR D 711 -12.08 49.07 -9.04
CA THR D 711 -13.40 49.35 -8.52
C THR D 711 -13.44 49.28 -6.99
N THR D 712 -12.76 48.30 -6.41
CA THR D 712 -12.72 48.11 -4.97
C THR D 712 -11.33 47.65 -4.57
N ASP D 713 -11.13 47.45 -3.27
CA ASP D 713 -9.84 46.99 -2.76
C ASP D 713 -9.68 45.50 -3.08
N TYR D 714 -8.97 45.20 -4.16
CA TYR D 714 -8.73 43.83 -4.58
C TYR D 714 -7.25 43.53 -4.59
N ALA D 715 -6.89 42.35 -4.13
CA ALA D 715 -5.51 41.88 -4.07
C ALA D 715 -5.35 40.61 -4.89
N LEU D 716 -4.20 40.48 -5.53
CA LEU D 716 -3.88 39.33 -6.36
C LEU D 716 -2.53 38.75 -5.92
N LEU D 717 -2.43 37.42 -5.94
CA LEU D 717 -1.24 36.72 -5.47
C LEU D 717 -0.46 36.19 -6.68
N MET D 718 0.17 37.10 -7.42
CA MET D 718 0.81 36.77 -8.69
C MET D 718 2.27 37.16 -8.63
N GLU D 719 2.94 36.95 -9.76
CA GLU D 719 4.36 37.26 -9.88
C GLU D 719 4.61 38.75 -9.75
N SER D 720 5.80 39.10 -9.25
CA SER D 720 6.08 40.49 -8.89
C SER D 720 6.04 41.42 -10.08
N THR D 721 6.72 41.04 -11.18
CA THR D 721 6.92 41.97 -12.29
C THR D 721 5.59 42.56 -12.76
N SER D 722 4.52 41.77 -12.70
CA SER D 722 3.19 42.33 -12.94
C SER D 722 2.83 43.37 -11.89
N ILE D 723 3.16 43.11 -10.63
CA ILE D 723 2.76 44.01 -9.54
C ILE D 723 3.45 45.36 -9.69
N GLU D 724 4.78 45.37 -9.84
CA GLU D 724 5.40 46.68 -10.04
C GLU D 724 5.19 47.22 -11.46
N TYR D 725 4.78 46.39 -12.42
CA TYR D 725 4.31 46.93 -13.70
C TYR D 725 3.07 47.79 -13.50
N VAL D 726 2.08 47.28 -12.77
CA VAL D 726 0.88 48.06 -12.49
C VAL D 726 1.23 49.26 -11.61
N THR D 727 2.18 49.09 -10.70
CA THR D 727 2.61 50.22 -9.87
C THR D 727 3.21 51.33 -10.72
N GLN D 728 4.07 50.98 -11.68
CA GLN D 728 4.64 51.97 -12.58
C GLN D 728 3.61 52.51 -13.55
N ARG D 729 2.53 51.77 -13.79
CA ARG D 729 1.48 52.20 -14.71
C ARG D 729 0.21 52.65 -14.00
N ASN D 730 0.23 52.74 -12.67
CA ASN D 730 -0.90 53.27 -11.92
C ASN D 730 -0.39 53.79 -10.58
N CYS D 731 -0.63 55.07 -10.30
CA CYS D 731 -0.11 55.72 -9.11
C CYS D 731 -1.01 55.58 -7.89
N ASN D 732 -2.20 54.98 -8.05
CA ASN D 732 -3.10 54.77 -6.93
C ASN D 732 -2.81 53.47 -6.19
N LEU D 733 -1.64 52.87 -6.42
CA LEU D 733 -1.30 51.59 -5.84
C LEU D 733 0.22 51.42 -5.88
N THR D 734 0.72 50.54 -5.02
CA THR D 734 2.15 50.34 -4.88
C THR D 734 2.42 48.90 -4.46
N GLN D 735 3.55 48.37 -4.91
CA GLN D 735 3.98 47.04 -4.50
C GLN D 735 4.18 46.99 -2.99
N ILE D 736 3.66 45.95 -2.35
CA ILE D 736 3.66 45.82 -0.91
C ILE D 736 4.76 44.86 -0.50
N GLY D 737 5.69 45.32 0.33
CA GLY D 737 6.74 44.49 0.87
C GLY D 737 7.68 43.98 -0.21
N GLY D 738 8.25 42.81 0.05
CA GLY D 738 9.12 42.17 -0.92
C GLY D 738 8.58 40.83 -1.39
N LEU D 739 9.44 40.03 -2.03
CA LEU D 739 9.01 38.73 -2.50
C LEU D 739 8.72 37.79 -1.34
N ILE D 740 7.72 36.93 -1.52
CA ILE D 740 7.46 35.88 -0.54
C ILE D 740 8.24 34.61 -0.88
N ASP D 741 8.48 34.34 -2.17
CA ASP D 741 9.32 33.23 -2.59
C ASP D 741 10.10 33.66 -3.83
N SER D 742 10.95 32.76 -4.31
CA SER D 742 11.67 32.96 -5.56
C SER D 742 11.68 31.66 -6.34
N LYS D 743 11.53 31.79 -7.66
CA LYS D 743 11.48 30.62 -8.53
C LYS D 743 12.01 31.00 -9.90
N GLY D 744 12.39 29.98 -10.67
CA GLY D 744 13.05 30.20 -11.93
C GLY D 744 12.13 30.76 -13.00
N TYR D 745 12.74 31.20 -14.09
CA TYR D 745 12.04 31.77 -15.22
C TYR D 745 12.58 31.17 -16.50
N GLY D 746 11.69 30.89 -17.45
CA GLY D 746 12.12 30.22 -18.66
C GLY D 746 11.11 30.38 -19.76
N VAL D 747 11.42 29.75 -20.90
CA VAL D 747 10.57 29.79 -22.08
C VAL D 747 10.18 28.37 -22.45
N GLY D 748 8.92 28.20 -22.86
CA GLY D 748 8.43 26.88 -23.24
C GLY D 748 9.14 26.31 -24.45
N THR D 749 9.76 25.15 -24.28
CA THR D 749 10.45 24.44 -25.35
C THR D 749 10.08 22.98 -25.31
N PRO D 750 10.11 22.29 -26.44
CA PRO D 750 9.81 20.85 -26.44
C PRO D 750 10.82 20.07 -25.61
N ILE D 751 10.35 19.00 -24.99
CA ILE D 751 11.21 18.17 -24.16
C ILE D 751 12.21 17.44 -25.05
N GLY D 752 13.49 17.52 -24.69
CA GLY D 752 14.52 16.89 -25.49
C GLY D 752 14.74 17.52 -26.85
N SER D 753 14.25 18.73 -27.06
CA SER D 753 14.39 19.37 -28.36
C SER D 753 15.83 19.88 -28.52
N PRO D 754 16.53 19.48 -29.59
CA PRO D 754 17.88 20.01 -29.81
C PRO D 754 17.94 21.52 -29.99
N TYR D 755 16.88 22.12 -30.53
CA TYR D 755 16.86 23.57 -30.74
C TYR D 755 16.93 24.33 -29.42
N ARG D 756 16.55 23.69 -28.32
CA ARG D 756 16.57 24.37 -27.02
C ARG D 756 17.99 24.76 -26.63
N ASP D 757 18.97 23.90 -26.89
CA ASP D 757 20.35 24.23 -26.54
C ASP D 757 20.85 25.45 -27.31
N LYS D 758 20.54 25.51 -28.61
CA LYS D 758 20.95 26.66 -29.41
C LYS D 758 20.24 27.93 -28.95
N ILE D 759 18.96 27.83 -28.61
CA ILE D 759 18.23 28.99 -28.12
C ILE D 759 18.83 29.50 -26.82
N THR D 760 19.16 28.57 -25.92
CA THR D 760 19.80 28.96 -24.66
C THR D 760 21.17 29.60 -24.90
N ILE D 761 21.94 29.05 -25.84
CA ILE D 761 23.24 29.65 -26.14
C ILE D 761 23.07 31.08 -26.66
N ALA D 762 22.12 31.28 -27.58
CA ALA D 762 21.89 32.60 -28.12
C ALA D 762 21.43 33.58 -27.04
N ILE D 763 20.51 33.16 -26.18
CA ILE D 763 20.01 34.07 -25.15
C ILE D 763 21.09 34.34 -24.10
N LEU D 764 21.97 33.37 -23.83
CA LEU D 764 23.11 33.62 -22.95
C LEU D 764 24.04 34.66 -23.57
N GLN D 765 24.29 34.54 -24.87
CA GLN D 765 25.13 35.53 -25.55
C GLN D 765 24.52 36.91 -25.48
N LEU D 766 23.19 36.99 -25.63
CA LEU D 766 22.50 38.26 -25.39
C LEU D 766 22.59 38.68 -23.93
N GLN D 767 22.76 37.72 -23.02
CA GLN D 767 22.81 38.05 -21.60
C GLN D 767 24.14 38.70 -21.22
N GLU D 768 25.25 38.20 -21.74
CA GLU D 768 26.54 38.80 -21.37
C GLU D 768 26.61 40.26 -21.80
N GLU D 769 26.13 40.57 -23.00
CA GLU D 769 26.16 41.96 -23.48
C GLU D 769 25.19 42.86 -22.72
N GLY D 770 24.26 42.29 -21.95
CA GLY D 770 23.30 43.11 -21.24
C GLY D 770 22.28 43.79 -22.12
N LYS D 771 22.05 43.28 -23.33
CA LYS D 771 21.06 43.87 -24.21
C LYS D 771 19.65 43.73 -23.65
N LEU D 772 19.36 42.58 -23.04
CA LEU D 772 18.02 42.35 -22.48
C LEU D 772 17.71 43.33 -21.35
N HIS D 773 18.72 43.81 -20.64
CA HIS D 773 18.49 44.78 -19.57
C HIS D 773 17.85 46.05 -20.11
N MET D 774 18.53 46.75 -21.02
CA MET D 774 17.96 47.95 -21.61
C MET D 774 16.73 47.62 -22.45
N MET D 775 16.65 46.40 -22.97
CA MET D 775 15.47 45.96 -23.69
C MET D 775 14.23 46.03 -22.80
N LYS D 776 14.34 45.50 -21.58
CA LYS D 776 13.24 45.60 -20.63
C LYS D 776 13.07 47.02 -20.12
N GLU D 777 14.17 47.77 -19.99
CA GLU D 777 14.08 49.14 -19.48
C GLU D 777 13.30 50.04 -20.42
N LYS D 778 13.48 49.89 -21.73
CA LYS D 778 12.80 50.79 -22.66
C LYS D 778 11.29 50.58 -22.63
N TRP D 779 10.84 49.38 -22.30
CA TRP D 779 9.43 49.15 -21.99
C TRP D 779 9.13 49.23 -20.51
N TRP D 780 10.11 49.60 -19.69
CA TRP D 780 9.88 49.92 -18.28
C TRP D 780 9.57 51.40 -18.09
N ARG D 781 9.43 52.15 -19.17
CA ARG D 781 9.11 53.57 -19.14
C ARG D 781 7.66 53.76 -19.54
N GLY D 782 6.92 54.49 -18.71
CA GLY D 782 5.52 54.70 -18.98
C GLY D 782 4.96 55.83 -18.15
N ASN D 783 3.63 55.96 -18.19
CA ASN D 783 2.92 57.03 -17.48
C ASN D 783 2.37 56.46 -16.18
N GLY D 784 2.98 56.85 -15.06
CA GLY D 784 2.53 56.43 -13.75
C GLY D 784 2.59 57.56 -12.74
N CYS D 785 3.25 57.33 -11.62
CA CYS D 785 3.49 58.40 -10.66
C CYS D 785 4.39 59.45 -11.28
N PRO D 786 4.09 60.75 -11.07
CA PRO D 786 4.90 61.83 -11.64
C PRO D 786 6.32 61.86 -11.10
N GLU D 799 3.35 66.48 6.66
CA GLU D 799 3.13 67.68 7.46
C GLU D 799 1.67 67.73 7.91
N ASN D 800 1.40 68.37 9.04
CA ASN D 800 0.05 68.48 9.55
C ASN D 800 -0.40 69.91 9.83
N ILE D 801 0.49 70.77 10.35
CA ILE D 801 0.12 72.14 10.67
C ILE D 801 0.72 73.13 9.69
N GLY D 802 0.94 72.71 8.44
CA GLY D 802 1.50 73.59 7.43
C GLY D 802 0.64 74.81 7.13
N GLY D 803 -0.68 74.61 7.03
CA GLY D 803 -1.50 75.76 6.72
C GLY D 803 -1.61 76.78 7.80
N ILE D 804 -1.24 76.40 9.03
CA ILE D 804 -1.02 77.30 10.16
C ILE D 804 0.00 78.35 9.74
N PHE D 805 0.94 77.94 8.90
CA PHE D 805 1.97 78.84 8.42
C PHE D 805 1.38 79.91 7.51
N ILE D 806 0.30 79.59 6.80
CA ILE D 806 -0.48 80.60 6.09
C ILE D 806 -1.47 81.28 7.02
N VAL D 807 -2.04 80.45 7.91
CA VAL D 807 -3.07 80.91 8.84
C VAL D 807 -2.47 82.03 9.64
N LEU D 808 -1.16 82.03 9.73
CA LEU D 808 -0.53 83.14 10.42
C LEU D 808 -0.14 84.33 9.51
N ALA D 809 -0.34 84.23 8.20
CA ALA D 809 -0.07 85.40 7.33
C ALA D 809 -0.98 86.53 7.73
N ALA D 810 -2.19 86.22 8.18
CA ALA D 810 -3.06 87.25 8.73
C ALA D 810 -2.29 88.16 9.67
N GLY D 811 -1.22 87.64 10.30
CA GLY D 811 -0.39 88.50 11.12
C GLY D 811 0.39 89.53 10.33
N LEU D 812 1.19 89.09 9.37
CA LEU D 812 1.97 90.04 8.58
C LEU D 812 1.05 90.95 7.76
N VAL D 813 -0.23 90.60 7.63
CA VAL D 813 -1.17 91.51 6.99
C VAL D 813 -1.75 92.50 7.99
N LEU D 814 -2.25 92.00 9.12
CA LEU D 814 -2.97 92.83 10.10
C LEU D 814 -2.05 93.70 10.92
N SER D 815 -0.74 93.51 10.82
CA SER D 815 0.16 94.40 11.56
C SER D 815 0.10 95.87 11.06
N VAL D 816 -0.75 96.21 10.10
CA VAL D 816 -0.77 97.55 9.51
C VAL D 816 -2.02 98.35 9.89
N PHE D 817 -3.13 97.70 10.23
CA PHE D 817 -4.38 98.41 10.47
C PHE D 817 -4.23 99.43 11.60
N VAL D 818 -3.71 98.99 12.74
CA VAL D 818 -3.53 99.89 13.87
C VAL D 818 -2.33 100.81 13.65
N ALA D 819 -1.44 100.43 12.73
CA ALA D 819 -0.23 101.21 12.50
C ALA D 819 -0.55 102.65 12.08
N ILE D 820 -1.47 102.81 11.13
CA ILE D 820 -1.85 104.14 10.68
C ILE D 820 -3.36 104.35 10.88
#